data_7KWI
#
_entry.id   7KWI
#
_entity_poly.entity_id   1
_entity_poly.type   'polypeptide(L)'
_entity_poly.pdbx_seq_one_letter_code
;NNQLTVTNNSGVAQINAKNSGLYTTVYDTKGKTTNQIQRTLSVTKAATLGDKKFYLVGDYNTGTNYGWVKQDEVIYNTAK
SPVKINQTYNVKPGVKLHTVPWGTYNQVAGTVSGKGDQTFKATKQQQIDKATYLYGTVNGKSGWISKYYLTA
;
_entity_poly.pdbx_strand_id   A
#
# COMPACT_ATOMS: atom_id res chain seq x y z
N ASN A 1 21.93 -23.18 11.38
CA ASN A 1 21.34 -23.75 10.14
C ASN A 1 20.25 -22.82 9.61
N ASN A 2 20.21 -22.62 8.27
CA ASN A 2 19.18 -21.79 7.60
C ASN A 2 18.68 -22.49 6.34
N GLN A 3 17.38 -22.30 6.05
CA GLN A 3 16.71 -22.91 4.89
C GLN A 3 15.65 -21.93 4.34
N LEU A 4 15.74 -21.61 3.04
CA LEU A 4 14.74 -20.81 2.35
C LEU A 4 13.42 -21.60 2.21
N THR A 5 12.54 -21.43 3.18
CA THR A 5 11.18 -21.96 3.13
C THR A 5 10.28 -20.92 2.42
N VAL A 6 10.01 -21.20 1.14
CA VAL A 6 9.28 -20.28 0.25
C VAL A 6 7.78 -20.32 0.59
N THR A 7 7.19 -19.13 0.86
CA THR A 7 5.80 -19.01 1.33
C THR A 7 5.08 -17.81 0.66
N ASN A 8 3.77 -17.99 0.39
CA ASN A 8 2.89 -16.95 -0.18
C ASN A 8 2.39 -16.00 0.92
N ASN A 9 1.95 -14.79 0.52
CA ASN A 9 1.33 -13.82 1.45
C ASN A 9 0.53 -12.77 0.65
N SER A 10 -0.68 -12.45 1.14
CA SER A 10 -1.56 -11.43 0.52
C SER A 10 -1.67 -10.22 1.46
N GLY A 11 -1.05 -9.10 1.05
CA GLY A 11 -1.10 -7.85 1.81
C GLY A 11 -0.47 -6.70 1.05
N VAL A 12 -0.17 -5.62 1.77
CA VAL A 12 0.60 -4.47 1.28
C VAL A 12 1.72 -4.16 2.29
N ALA A 13 2.72 -3.37 1.87
CA ALA A 13 3.79 -2.92 2.77
C ALA A 13 4.57 -1.76 2.15
N GLN A 14 5.25 -1.03 3.03
CA GLN A 14 6.19 0.03 2.69
C GLN A 14 7.43 -0.17 3.56
N ILE A 15 8.60 0.05 2.97
CA ILE A 15 9.89 -0.05 3.67
C ILE A 15 10.18 1.36 4.25
N ASN A 16 10.86 1.48 5.40
CA ASN A 16 11.08 2.81 6.04
C ASN A 16 12.12 3.65 5.25
N ALA A 17 12.14 4.97 5.52
CA ALA A 17 13.05 5.92 4.82
C ALA A 17 14.53 5.70 5.19
N LYS A 18 14.73 5.14 6.38
CA LYS A 18 16.07 4.90 6.97
C LYS A 18 16.41 3.39 6.91
N ASN A 19 16.14 2.78 5.75
CA ASN A 19 16.26 1.32 5.55
C ASN A 19 17.69 0.87 5.20
N SER A 20 17.84 -0.44 4.92
CA SER A 20 19.08 -1.01 4.36
C SER A 20 19.00 -0.93 2.83
N GLY A 21 17.86 -1.39 2.27
CA GLY A 21 17.57 -1.32 0.85
C GLY A 21 16.58 -2.39 0.42
N LEU A 22 16.57 -2.70 -0.88
CA LEU A 22 15.70 -3.74 -1.47
C LEU A 22 16.58 -4.88 -1.99
N TYR A 23 16.25 -6.08 -1.49
CA TYR A 23 17.04 -7.29 -1.66
C TYR A 23 16.57 -8.04 -2.90
N THR A 24 17.30 -7.86 -4.01
CA THR A 24 17.00 -8.46 -5.32
C THR A 24 16.97 -10.01 -5.26
N THR A 25 17.74 -10.56 -4.32
CA THR A 25 17.78 -11.99 -4.00
C THR A 25 17.63 -12.17 -2.47
N VAL A 26 17.16 -13.36 -2.04
CA VAL A 26 17.01 -13.68 -0.61
C VAL A 26 18.38 -13.84 0.08
N TYR A 27 19.36 -14.41 -0.65
CA TYR A 27 20.77 -14.49 -0.19
C TYR A 27 21.43 -13.10 -0.15
N ASP A 28 20.78 -12.13 -0.83
CA ASP A 28 21.20 -10.72 -0.95
C ASP A 28 22.45 -10.56 -1.82
N THR A 29 22.58 -9.38 -2.41
CA THR A 29 23.77 -8.96 -3.15
C THR A 29 24.36 -7.72 -2.46
N LYS A 30 23.49 -6.72 -2.21
CA LYS A 30 23.86 -5.42 -1.60
C LYS A 30 22.69 -4.83 -0.78
N GLY A 31 21.46 -5.03 -1.28
CA GLY A 31 20.26 -4.39 -0.71
C GLY A 31 20.27 -2.89 -0.96
N LYS A 32 19.78 -2.48 -2.14
CA LYS A 32 19.92 -1.08 -2.62
C LYS A 32 18.67 -0.22 -2.35
N THR A 33 18.91 1.00 -1.84
CA THR A 33 17.86 2.00 -1.53
C THR A 33 17.15 2.45 -2.82
N THR A 34 15.82 2.61 -2.74
CA THR A 34 14.96 2.88 -3.91
C THR A 34 13.73 3.71 -3.47
N ASN A 35 12.74 3.88 -4.39
CA ASN A 35 11.54 4.73 -4.18
C ASN A 35 10.64 4.26 -3.02
N GLN A 36 10.83 3.00 -2.58
CA GLN A 36 9.93 2.30 -1.62
C GLN A 36 10.20 2.67 -0.14
N ILE A 37 10.82 3.84 0.07
CA ILE A 37 11.31 4.36 1.36
C ILE A 37 10.22 5.08 2.19
N GLN A 38 9.03 4.42 2.29
CA GLN A 38 7.67 4.92 2.67
C GLN A 38 6.87 5.29 1.40
N ARG A 39 6.88 4.28 0.52
CA ARG A 39 6.01 4.16 -0.65
C ARG A 39 5.39 2.76 -0.61
N THR A 40 4.08 2.69 -0.38
CA THR A 40 3.35 1.42 -0.32
C THR A 40 3.07 0.92 -1.74
N LEU A 41 3.35 -0.37 -2.02
CA LEU A 41 3.08 -0.97 -3.35
C LEU A 41 2.07 -2.13 -3.21
N SER A 42 2.59 -3.27 -2.71
CA SER A 42 1.85 -4.52 -2.50
C SER A 42 2.85 -5.62 -2.09
N VAL A 43 2.35 -6.63 -1.34
CA VAL A 43 3.13 -7.85 -0.99
C VAL A 43 2.45 -9.06 -1.63
N THR A 44 3.15 -9.68 -2.59
CA THR A 44 2.64 -10.81 -3.38
C THR A 44 3.08 -12.16 -2.75
N LYS A 45 4.18 -12.11 -1.97
CA LYS A 45 4.85 -13.31 -1.43
C LYS A 45 5.60 -12.93 -0.14
N ALA A 46 5.81 -13.90 0.77
CA ALA A 46 6.67 -13.70 1.95
C ALA A 46 7.24 -15.04 2.44
N ALA A 47 8.51 -15.28 2.12
CA ALA A 47 9.28 -16.46 2.53
C ALA A 47 10.25 -16.11 3.67
N THR A 48 10.84 -17.14 4.30
CA THR A 48 11.85 -16.97 5.37
C THR A 48 13.10 -17.81 5.04
N LEU A 49 14.25 -17.15 4.85
CA LEU A 49 15.56 -17.84 4.72
C LEU A 49 16.09 -18.09 6.15
N GLY A 50 15.63 -19.21 6.73
CA GLY A 50 15.92 -19.56 8.11
C GLY A 50 15.11 -18.69 9.06
N ASP A 51 15.77 -17.70 9.68
CA ASP A 51 15.11 -16.70 10.55
C ASP A 51 14.73 -15.46 9.72
N LYS A 52 15.53 -15.14 8.68
CA LYS A 52 15.38 -13.90 7.88
C LYS A 52 14.05 -13.88 7.10
N LYS A 53 13.07 -13.11 7.60
CA LYS A 53 11.77 -12.94 6.95
C LYS A 53 11.89 -11.92 5.81
N PHE A 54 11.72 -12.40 4.57
CA PHE A 54 11.75 -11.57 3.38
C PHE A 54 10.34 -11.41 2.81
N TYR A 55 9.91 -10.15 2.65
CA TYR A 55 8.62 -9.77 2.06
C TYR A 55 8.88 -9.34 0.62
N LEU A 56 8.34 -10.11 -0.33
CA LEU A 56 8.41 -9.79 -1.75
C LEU A 56 7.41 -8.68 -2.06
N VAL A 57 7.94 -7.56 -2.55
CA VAL A 57 7.15 -6.42 -2.97
C VAL A 57 6.89 -6.51 -4.48
N GLY A 58 5.68 -6.13 -4.88
CA GLY A 58 5.25 -6.23 -6.26
C GLY A 58 4.63 -4.95 -6.76
N ASP A 59 4.09 -4.98 -7.97
CA ASP A 59 3.34 -3.86 -8.55
C ASP A 59 2.11 -3.54 -7.70
N TYR A 60 1.76 -2.25 -7.70
CA TYR A 60 0.67 -1.66 -6.91
C TYR A 60 -0.66 -2.44 -7.09
N ASN A 61 -1.03 -2.70 -8.35
CA ASN A 61 -2.24 -3.45 -8.72
C ASN A 61 -1.94 -4.95 -8.90
N THR A 62 -1.03 -5.27 -9.85
CA THR A 62 -0.87 -6.64 -10.38
C THR A 62 0.02 -7.53 -9.51
N GLY A 63 0.95 -6.93 -8.76
CA GLY A 63 1.90 -7.68 -7.94
C GLY A 63 3.10 -8.21 -8.73
N THR A 64 3.45 -7.51 -9.82
CA THR A 64 4.64 -7.81 -10.64
C THR A 64 5.92 -7.70 -9.78
N ASN A 65 6.68 -8.81 -9.72
CA ASN A 65 7.85 -9.00 -8.82
C ASN A 65 8.90 -7.89 -8.98
N TYR A 66 9.23 -7.18 -7.88
CA TYR A 66 10.31 -6.16 -7.85
C TYR A 66 11.51 -6.63 -6.99
N GLY A 67 11.23 -7.44 -5.96
CA GLY A 67 12.28 -8.03 -5.11
C GLY A 67 11.81 -8.31 -3.69
N TRP A 68 12.71 -8.86 -2.87
CA TRP A 68 12.47 -9.18 -1.44
C TRP A 68 13.01 -8.03 -0.56
N VAL A 69 12.61 -8.00 0.73
CA VAL A 69 13.18 -7.06 1.73
C VAL A 69 13.04 -7.62 3.18
N LYS A 70 13.96 -7.25 4.10
CA LYS A 70 13.96 -7.77 5.50
C LYS A 70 12.77 -7.24 6.31
N GLN A 71 12.32 -8.04 7.30
CA GLN A 71 11.21 -7.68 8.21
C GLN A 71 11.59 -6.51 9.14
N ASP A 72 12.91 -6.38 9.43
CA ASP A 72 13.43 -5.38 10.41
C ASP A 72 13.12 -3.94 9.98
N GLU A 73 13.17 -3.72 8.66
CA GLU A 73 13.15 -2.37 8.06
C GLU A 73 11.80 -2.04 7.40
N VAL A 74 10.84 -2.98 7.40
CA VAL A 74 9.53 -2.75 6.77
C VAL A 74 8.44 -2.48 7.80
N ILE A 75 7.38 -1.82 7.32
CA ILE A 75 6.08 -1.78 7.97
C ILE A 75 5.16 -2.63 7.09
N TYR A 76 4.90 -3.88 7.51
CA TYR A 76 4.00 -4.77 6.79
C TYR A 76 2.58 -4.56 7.31
N ASN A 77 1.63 -4.46 6.37
CA ASN A 77 0.22 -4.25 6.65
C ASN A 77 -0.61 -5.31 5.90
N THR A 78 -1.40 -6.10 6.64
CA THR A 78 -2.26 -7.15 6.08
C THR A 78 -3.38 -6.56 5.19
N ALA A 79 -3.95 -7.40 4.32
CA ALA A 79 -5.10 -7.05 3.48
C ALA A 79 -6.13 -8.19 3.52
N LYS A 80 -7.38 -7.84 3.19
CA LYS A 80 -8.52 -8.77 3.20
C LYS A 80 -9.29 -8.63 1.86
N SER A 81 -10.32 -9.47 1.66
CA SER A 81 -11.27 -9.34 0.55
C SER A 81 -11.86 -7.90 0.50
N PRO A 82 -11.73 -7.16 -0.64
CA PRO A 82 -12.33 -5.81 -0.79
C PRO A 82 -13.88 -5.84 -0.72
N VAL A 83 -14.48 -4.71 -0.30
CA VAL A 83 -15.95 -4.56 -0.21
C VAL A 83 -16.43 -3.67 -1.39
N LYS A 84 -17.68 -3.84 -1.83
CA LYS A 84 -18.27 -2.97 -2.88
C LYS A 84 -19.52 -2.26 -2.33
N ILE A 85 -19.44 -0.92 -2.22
CA ILE A 85 -20.61 -0.05 -2.05
C ILE A 85 -20.53 1.06 -3.13
N ASN A 86 -21.66 1.35 -3.77
CA ASN A 86 -21.76 2.42 -4.80
C ASN A 86 -22.38 3.70 -4.19
N GLN A 87 -22.56 3.68 -2.86
CA GLN A 87 -23.14 4.80 -2.10
C GLN A 87 -22.23 6.05 -2.20
N THR A 88 -22.81 7.12 -2.74
CA THR A 88 -22.12 8.38 -2.97
C THR A 88 -22.23 9.29 -1.73
N TYR A 89 -21.07 9.67 -1.20
CA TYR A 89 -20.94 10.62 -0.09
C TYR A 89 -20.36 11.93 -0.63
N ASN A 90 -20.20 12.93 0.25
CA ASN A 90 -19.36 14.09 -0.04
C ASN A 90 -18.01 13.87 0.65
N VAL A 91 -16.92 14.19 -0.04
CA VAL A 91 -15.58 14.15 0.54
C VAL A 91 -15.29 15.49 1.24
N LYS A 92 -14.70 15.42 2.46
CA LYS A 92 -14.28 16.61 3.20
C LYS A 92 -13.26 17.42 2.36
N PRO A 93 -13.45 18.77 2.24
CA PRO A 93 -12.53 19.62 1.47
C PRO A 93 -11.12 19.69 2.12
N GLY A 94 -10.08 19.62 1.26
CA GLY A 94 -8.68 19.60 1.70
C GLY A 94 -8.09 18.18 1.79
N VAL A 95 -8.95 17.15 1.66
CA VAL A 95 -8.51 15.72 1.73
C VAL A 95 -7.58 15.36 0.57
N LYS A 96 -6.42 14.77 0.90
CA LYS A 96 -5.44 14.29 -0.07
C LYS A 96 -5.72 12.82 -0.41
N LEU A 97 -6.07 12.58 -1.68
CA LEU A 97 -6.29 11.23 -2.23
C LEU A 97 -4.94 10.53 -2.40
N HIS A 98 -4.93 9.22 -2.14
CA HIS A 98 -3.71 8.38 -2.19
C HIS A 98 -3.85 7.32 -3.28
N THR A 99 -2.77 7.08 -4.05
CA THR A 99 -2.80 6.24 -5.27
C THR A 99 -2.92 4.73 -4.94
N VAL A 100 -2.44 4.35 -3.73
CA VAL A 100 -2.37 2.94 -3.27
C VAL A 100 -2.94 2.84 -1.83
N PRO A 101 -3.62 1.68 -1.44
CA PRO A 101 -4.11 1.44 -0.05
C PRO A 101 -3.00 1.66 1.02
N TRP A 102 -3.42 2.15 2.19
CA TRP A 102 -2.57 2.61 3.31
C TRP A 102 -1.98 4.02 3.04
N GLY A 103 -1.60 4.30 1.77
CA GLY A 103 -1.50 5.68 1.29
C GLY A 103 -0.44 6.53 1.96
N THR A 104 0.85 6.25 1.70
CA THR A 104 1.96 6.85 2.45
C THR A 104 2.38 8.16 1.78
N TYR A 105 3.45 8.79 2.32
CA TYR A 105 3.93 10.11 1.88
C TYR A 105 4.40 10.12 0.42
N ASN A 106 4.58 8.92 -0.18
CA ASN A 106 4.97 8.77 -1.59
C ASN A 106 3.89 8.03 -2.39
N GLN A 107 2.62 8.23 -1.99
CA GLN A 107 1.42 7.76 -2.72
C GLN A 107 0.32 8.85 -2.66
N VAL A 108 0.47 9.93 -3.45
CA VAL A 108 -0.58 10.97 -3.59
C VAL A 108 -1.23 10.93 -5.00
N ALA A 109 -2.50 10.49 -5.07
CA ALA A 109 -3.31 10.52 -6.32
C ALA A 109 -3.81 11.95 -6.64
N GLY A 110 -4.17 12.70 -5.59
CA GLY A 110 -4.71 14.06 -5.75
C GLY A 110 -5.02 14.74 -4.43
N THR A 111 -5.76 15.86 -4.50
CA THR A 111 -6.23 16.63 -3.32
C THR A 111 -7.52 17.40 -3.69
N VAL A 112 -8.45 17.51 -2.73
CA VAL A 112 -9.71 18.28 -2.88
C VAL A 112 -9.45 19.75 -2.51
N SER A 113 -10.27 20.68 -3.07
CA SER A 113 -10.26 22.12 -2.73
C SER A 113 -10.35 22.32 -1.20
N GLY A 114 -9.63 23.32 -0.66
CA GLY A 114 -9.56 23.55 0.79
C GLY A 114 -10.92 23.80 1.46
N LYS A 115 -11.75 24.62 0.79
CA LYS A 115 -13.17 24.84 1.16
C LYS A 115 -14.04 24.60 -0.09
N GLY A 116 -14.89 23.54 -0.03
CA GLY A 116 -15.73 23.13 -1.16
C GLY A 116 -15.84 21.62 -1.24
N ASP A 117 -16.96 21.07 -0.69
CA ASP A 117 -17.22 19.62 -0.67
C ASP A 117 -17.46 19.11 -2.09
N GLN A 118 -16.69 18.08 -2.50
CA GLN A 118 -16.80 17.46 -3.83
C GLN A 118 -17.62 16.15 -3.70
N THR A 119 -18.41 15.85 -4.73
CA THR A 119 -19.19 14.61 -4.82
C THR A 119 -18.26 13.39 -5.01
N PHE A 120 -18.04 12.62 -3.93
CA PHE A 120 -17.25 11.39 -3.97
C PHE A 120 -18.18 10.18 -4.10
N LYS A 121 -18.23 9.58 -5.29
CA LYS A 121 -18.89 8.29 -5.50
C LYS A 121 -17.88 7.17 -5.25
N ALA A 122 -18.08 6.42 -4.17
CA ALA A 122 -17.35 5.18 -3.92
C ALA A 122 -17.90 4.09 -4.87
N THR A 123 -17.00 3.31 -5.46
CA THR A 123 -17.37 2.15 -6.31
C THR A 123 -16.75 0.86 -5.73
N LYS A 124 -15.87 1.03 -4.73
CA LYS A 124 -15.08 -0.05 -4.12
C LYS A 124 -14.59 0.41 -2.73
N GLN A 125 -14.17 -0.56 -1.92
CA GLN A 125 -13.53 -0.37 -0.60
C GLN A 125 -12.43 -1.44 -0.47
N GLN A 126 -11.36 -1.13 0.25
CA GLN A 126 -10.29 -2.11 0.56
C GLN A 126 -10.10 -2.15 2.07
N GLN A 127 -10.09 -3.37 2.62
CA GLN A 127 -9.80 -3.60 4.03
C GLN A 127 -8.31 -3.95 4.17
N ILE A 128 -7.51 -2.96 4.59
CA ILE A 128 -6.10 -3.15 4.95
C ILE A 128 -5.98 -3.03 6.47
N ASP A 129 -4.76 -3.35 6.98
CA ASP A 129 -4.43 -3.34 8.42
C ASP A 129 -4.89 -2.04 9.11
N LYS A 130 -5.97 -2.17 9.91
CA LYS A 130 -6.61 -1.10 10.68
C LYS A 130 -7.48 -0.19 9.77
N ALA A 131 -6.81 0.54 8.87
CA ALA A 131 -7.45 1.55 7.99
C ALA A 131 -8.29 0.89 6.88
N THR A 132 -9.44 1.50 6.56
CA THR A 132 -10.29 1.09 5.44
C THR A 132 -10.28 2.19 4.37
N TYR A 133 -9.47 2.01 3.33
CA TYR A 133 -9.39 2.96 2.21
C TYR A 133 -10.44 2.60 1.16
N LEU A 134 -11.42 3.50 0.98
CA LEU A 134 -12.42 3.43 -0.09
C LEU A 134 -11.81 3.91 -1.41
N TYR A 135 -12.42 3.47 -2.50
CA TYR A 135 -12.00 3.83 -3.85
C TYR A 135 -13.18 4.46 -4.59
N GLY A 136 -12.90 5.50 -5.38
CA GLY A 136 -13.90 6.17 -6.20
C GLY A 136 -13.27 7.21 -7.11
N THR A 137 -14.10 8.13 -7.62
CA THR A 137 -13.68 9.15 -8.60
C THR A 137 -14.01 10.58 -8.12
N VAL A 138 -12.98 11.46 -8.13
CA VAL A 138 -13.09 12.90 -7.82
C VAL A 138 -12.52 13.74 -8.99
N ASN A 139 -13.42 14.18 -9.89
CA ASN A 139 -13.10 15.11 -11.02
C ASN A 139 -11.95 14.56 -11.90
N GLY A 140 -12.21 13.41 -12.56
CA GLY A 140 -11.26 12.78 -13.48
C GLY A 140 -10.22 11.89 -12.79
N LYS A 141 -9.85 12.25 -11.54
CA LYS A 141 -8.94 11.45 -10.71
C LYS A 141 -9.69 10.31 -10.04
N SER A 142 -8.98 9.21 -9.80
CA SER A 142 -9.49 8.04 -9.10
C SER A 142 -8.40 7.52 -8.17
N GLY A 143 -8.78 7.16 -6.93
CA GLY A 143 -7.82 6.72 -5.93
C GLY A 143 -8.46 6.33 -4.62
N TRP A 144 -7.59 5.94 -3.68
CA TRP A 144 -7.95 5.45 -2.36
C TRP A 144 -8.00 6.58 -1.33
N ILE A 145 -8.90 6.45 -0.36
CA ILE A 145 -9.20 7.47 0.65
C ILE A 145 -9.77 6.76 1.89
N SER A 146 -9.13 6.94 3.05
CA SER A 146 -9.61 6.32 4.30
C SER A 146 -10.97 6.92 4.68
N LYS A 147 -11.80 6.11 5.34
CA LYS A 147 -13.15 6.53 5.78
C LYS A 147 -13.06 7.69 6.81
N TYR A 148 -11.86 7.84 7.43
CA TYR A 148 -11.56 8.94 8.37
C TYR A 148 -11.40 10.28 7.62
N TYR A 149 -10.97 10.21 6.34
CA TYR A 149 -10.87 11.40 5.47
C TYR A 149 -12.26 11.73 4.86
N LEU A 150 -13.03 10.67 4.55
CA LEU A 150 -14.33 10.80 3.88
C LEU A 150 -15.42 11.22 4.88
N THR A 151 -16.27 12.17 4.48
CA THR A 151 -17.37 12.65 5.32
C THR A 151 -18.55 11.69 5.24
N ALA A 152 -19.24 11.51 6.37
CA ALA A 152 -20.42 10.66 6.49
C ALA A 152 -21.64 11.51 6.86
N ASN A 1 20.93 -21.83 11.33
CA ASN A 1 20.16 -22.52 10.25
C ASN A 1 19.53 -21.46 9.34
N ASN A 2 19.61 -21.67 8.01
CA ASN A 2 18.93 -20.81 7.02
C ASN A 2 18.50 -21.65 5.78
N GLN A 3 17.19 -21.91 5.68
CA GLN A 3 16.57 -22.61 4.53
C GLN A 3 15.43 -21.74 4.00
N LEU A 4 15.50 -21.37 2.71
CA LEU A 4 14.47 -20.54 2.06
C LEU A 4 13.14 -21.31 1.96
N THR A 5 12.27 -21.05 2.92
CA THR A 5 10.89 -21.54 2.92
C THR A 5 9.99 -20.41 2.37
N VAL A 6 9.56 -20.57 1.11
CA VAL A 6 8.73 -19.57 0.40
C VAL A 6 7.31 -19.61 0.99
N THR A 7 6.95 -18.53 1.69
CA THR A 7 5.69 -18.41 2.43
C THR A 7 4.64 -17.75 1.52
N ASN A 8 3.57 -18.49 1.18
CA ASN A 8 2.48 -17.93 0.36
C ASN A 8 1.55 -17.08 1.27
N ASN A 9 1.65 -15.75 1.10
CA ASN A 9 0.83 -14.77 1.83
C ASN A 9 0.80 -13.46 1.04
N SER A 10 -0.31 -12.72 1.13
CA SER A 10 -0.50 -11.46 0.38
C SER A 10 -1.13 -10.41 1.30
N GLY A 11 -0.40 -9.28 1.48
CA GLY A 11 -0.87 -8.15 2.27
C GLY A 11 -0.44 -6.83 1.64
N VAL A 12 -0.34 -5.77 2.46
CA VAL A 12 0.24 -4.47 2.05
C VAL A 12 1.37 -4.11 3.01
N ALA A 13 2.38 -3.41 2.51
CA ALA A 13 3.55 -3.01 3.31
C ALA A 13 4.35 -1.91 2.62
N GLN A 14 5.05 -1.11 3.43
CA GLN A 14 5.99 -0.09 2.96
C GLN A 14 7.35 -0.30 3.64
N ILE A 15 8.40 -0.20 2.84
CA ILE A 15 9.80 -0.19 3.29
C ILE A 15 10.06 1.15 4.03
N ASN A 16 10.95 1.17 5.04
CA ASN A 16 11.35 2.43 5.72
C ASN A 16 12.20 3.32 4.78
N ALA A 17 12.15 4.65 5.02
CA ALA A 17 12.86 5.66 4.19
C ALA A 17 14.37 5.40 4.10
N LYS A 18 14.98 5.07 5.26
CA LYS A 18 16.43 4.85 5.39
C LYS A 18 16.78 3.35 5.51
N ASN A 19 15.87 2.47 5.04
CA ASN A 19 16.11 1.01 4.94
C ASN A 19 17.26 0.75 3.93
N SER A 20 18.01 -0.33 4.17
CA SER A 20 19.07 -0.82 3.27
C SER A 20 18.53 -0.98 1.82
N GLY A 21 17.37 -1.65 1.70
CA GLY A 21 16.62 -1.74 0.45
C GLY A 21 16.16 -3.16 0.16
N LEU A 22 15.96 -3.45 -1.13
CA LEU A 22 15.46 -4.77 -1.59
C LEU A 22 16.63 -5.71 -1.92
N TYR A 23 16.55 -6.91 -1.36
CA TYR A 23 17.41 -8.05 -1.70
C TYR A 23 17.16 -8.45 -3.16
N THR A 24 18.20 -8.25 -4.01
CA THR A 24 18.18 -8.59 -5.44
C THR A 24 17.89 -10.11 -5.62
N THR A 25 18.55 -10.90 -4.76
CA THR A 25 18.34 -12.35 -4.62
C THR A 25 18.14 -12.68 -3.13
N VAL A 26 17.83 -13.95 -2.82
CA VAL A 26 17.74 -14.41 -1.42
C VAL A 26 19.14 -14.41 -0.76
N TYR A 27 20.19 -14.69 -1.56
CA TYR A 27 21.60 -14.66 -1.11
C TYR A 27 22.19 -13.23 -1.05
N ASP A 28 21.38 -12.20 -1.36
CA ASP A 28 21.80 -10.77 -1.21
C ASP A 28 22.10 -10.49 0.28
N THR A 29 22.81 -9.39 0.56
CA THR A 29 23.42 -9.15 1.88
C THR A 29 22.49 -8.34 2.79
N LYS A 30 22.06 -7.17 2.30
CA LYS A 30 21.31 -6.17 3.10
C LYS A 30 20.17 -5.55 2.28
N GLY A 31 20.38 -5.45 0.97
CA GLY A 31 19.41 -4.85 0.05
C GLY A 31 19.92 -3.58 -0.59
N LYS A 32 19.38 -3.27 -1.79
CA LYS A 32 19.77 -2.09 -2.58
C LYS A 32 18.62 -1.07 -2.57
N THR A 33 18.97 0.23 -2.50
CA THR A 33 18.02 1.33 -2.22
C THR A 33 16.81 1.32 -3.18
N THR A 34 15.61 1.15 -2.59
CA THR A 34 14.36 0.88 -3.32
C THR A 34 13.51 2.14 -3.52
N ASN A 35 12.47 2.00 -4.35
CA ASN A 35 11.44 3.02 -4.59
C ASN A 35 10.39 3.00 -3.46
N GLN A 36 10.26 1.85 -2.77
CA GLN A 36 9.23 1.57 -1.73
C GLN A 36 9.56 2.19 -0.33
N ILE A 37 10.43 3.22 -0.32
CA ILE A 37 11.02 3.89 0.90
C ILE A 37 10.02 4.73 1.77
N GLN A 38 8.87 4.11 2.12
CA GLN A 38 7.60 4.71 2.60
C GLN A 38 6.74 5.05 1.40
N ARG A 39 6.76 4.05 0.49
CA ARG A 39 5.86 3.91 -0.63
C ARG A 39 5.25 2.51 -0.55
N THR A 40 4.05 2.41 0.03
CA THR A 40 3.26 1.18 0.01
C THR A 40 2.86 0.85 -1.42
N LEU A 41 3.04 -0.41 -1.81
CA LEU A 41 2.45 -0.97 -3.04
C LEU A 41 1.60 -2.18 -2.65
N SER A 42 2.29 -3.29 -2.31
CA SER A 42 1.69 -4.53 -1.78
C SER A 42 2.78 -5.59 -1.60
N VAL A 43 2.45 -6.62 -0.84
CA VAL A 43 3.25 -7.85 -0.73
C VAL A 43 2.45 -8.99 -1.37
N THR A 44 3.05 -9.71 -2.33
CA THR A 44 2.37 -10.78 -3.11
C THR A 44 2.95 -12.17 -2.78
N LYS A 45 4.15 -12.19 -2.15
CA LYS A 45 4.81 -13.39 -1.60
C LYS A 45 5.62 -13.01 -0.37
N ALA A 46 5.94 -14.03 0.44
CA ALA A 46 6.76 -13.90 1.64
C ALA A 46 7.76 -15.05 1.67
N ALA A 47 8.68 -15.03 2.65
CA ALA A 47 9.71 -16.07 2.81
C ALA A 47 10.31 -16.04 4.22
N THR A 48 11.08 -17.10 4.52
CA THR A 48 11.91 -17.19 5.71
C THR A 48 13.20 -17.94 5.35
N LEU A 49 14.32 -17.21 5.19
CA LEU A 49 15.66 -17.82 5.09
C LEU A 49 16.27 -17.82 6.51
N GLY A 50 15.74 -18.74 7.35
CA GLY A 50 16.14 -18.83 8.76
C GLY A 50 15.90 -17.55 9.55
N ASP A 51 17.01 -16.82 9.79
CA ASP A 51 17.02 -15.57 10.56
C ASP A 51 16.51 -14.39 9.69
N LYS A 52 16.77 -14.47 8.38
CA LYS A 52 16.40 -13.43 7.41
C LYS A 52 15.04 -13.76 6.78
N LYS A 53 13.99 -13.32 7.46
CA LYS A 53 12.59 -13.47 7.03
C LYS A 53 12.26 -12.35 6.04
N PHE A 54 11.83 -12.72 4.82
CA PHE A 54 11.66 -11.77 3.70
C PHE A 54 10.18 -11.55 3.36
N TYR A 55 9.94 -10.41 2.70
CA TYR A 55 8.64 -10.09 2.07
C TYR A 55 8.89 -9.64 0.63
N LEU A 56 8.41 -10.44 -0.33
CA LEU A 56 8.46 -10.12 -1.76
C LEU A 56 7.40 -9.05 -2.04
N VAL A 57 7.87 -7.83 -2.30
CA VAL A 57 7.01 -6.67 -2.54
C VAL A 57 6.81 -6.46 -4.04
N GLY A 58 5.73 -5.77 -4.38
CA GLY A 58 5.31 -5.59 -5.77
C GLY A 58 4.18 -4.58 -5.86
N ASP A 59 3.99 -3.99 -7.05
CA ASP A 59 2.93 -3.01 -7.28
C ASP A 59 1.55 -3.69 -7.15
N TYR A 60 0.60 -3.02 -6.47
CA TYR A 60 -0.73 -3.57 -6.22
C TYR A 60 -1.56 -3.64 -7.50
N ASN A 61 -1.43 -2.60 -8.34
CA ASN A 61 -2.31 -2.38 -9.50
C ASN A 61 -2.02 -3.41 -10.62
N THR A 62 -0.73 -3.79 -10.77
CA THR A 62 -0.29 -4.71 -11.83
C THR A 62 0.09 -6.10 -11.28
N GLY A 63 0.70 -6.10 -10.08
CA GLY A 63 1.20 -7.33 -9.44
C GLY A 63 2.70 -7.56 -9.64
N THR A 64 3.34 -6.68 -10.44
CA THR A 64 4.77 -6.78 -10.80
C THR A 64 5.68 -6.61 -9.57
N ASN A 65 6.48 -7.65 -9.27
CA ASN A 65 7.39 -7.66 -8.10
C ASN A 65 8.66 -6.83 -8.35
N TYR A 66 9.38 -6.52 -7.25
CA TYR A 66 10.60 -5.69 -7.27
C TYR A 66 11.76 -6.40 -6.54
N GLY A 67 11.44 -7.16 -5.48
CA GLY A 67 12.44 -7.96 -4.76
C GLY A 67 12.03 -8.31 -3.34
N TRP A 68 12.88 -9.12 -2.67
CA TRP A 68 12.70 -9.52 -1.26
C TRP A 68 13.22 -8.39 -0.35
N VAL A 69 12.82 -8.37 0.93
CA VAL A 69 13.28 -7.31 1.88
C VAL A 69 13.27 -7.81 3.34
N LYS A 70 14.10 -7.16 4.19
CA LYS A 70 14.09 -7.33 5.66
C LYS A 70 12.71 -6.98 6.24
N GLN A 71 12.12 -7.94 7.00
CA GLN A 71 10.91 -7.67 7.80
C GLN A 71 11.20 -6.61 8.89
N ASP A 72 12.47 -6.60 9.35
CA ASP A 72 12.96 -5.75 10.47
C ASP A 72 12.86 -4.26 10.11
N GLU A 73 12.93 -3.97 8.80
CA GLU A 73 13.01 -2.60 8.26
C GLU A 73 11.80 -2.26 7.37
N VAL A 74 10.69 -3.03 7.49
CA VAL A 74 9.42 -2.72 6.79
C VAL A 74 8.25 -2.75 7.77
N ILE A 75 7.28 -1.84 7.56
CA ILE A 75 5.99 -1.88 8.26
C ILE A 75 5.08 -2.83 7.48
N TYR A 76 4.94 -4.09 7.97
CA TYR A 76 4.11 -5.10 7.35
C TYR A 76 2.69 -5.05 7.91
N ASN A 77 1.70 -5.08 7.01
CA ASN A 77 0.29 -4.86 7.36
C ASN A 77 -0.58 -5.94 6.72
N THR A 78 -1.70 -6.26 7.40
CA THR A 78 -2.71 -7.18 6.89
C THR A 78 -3.56 -6.51 5.78
N ALA A 79 -4.03 -7.32 4.82
CA ALA A 79 -5.02 -6.91 3.81
C ALA A 79 -6.19 -7.91 3.84
N LYS A 80 -7.38 -7.47 3.41
CA LYS A 80 -8.60 -8.29 3.37
C LYS A 80 -9.27 -8.11 2.00
N SER A 81 -10.14 -9.08 1.62
CA SER A 81 -10.86 -9.07 0.33
C SER A 81 -11.63 -7.75 0.10
N PRO A 82 -11.38 -7.02 -1.03
CA PRO A 82 -12.07 -5.74 -1.32
C PRO A 82 -13.59 -5.91 -1.53
N VAL A 83 -14.37 -5.11 -0.81
CA VAL A 83 -15.83 -5.07 -0.90
C VAL A 83 -16.26 -3.98 -1.90
N LYS A 84 -17.15 -4.34 -2.84
CA LYS A 84 -17.70 -3.40 -3.83
C LYS A 84 -18.82 -2.53 -3.21
N ILE A 85 -18.77 -1.22 -3.49
CA ILE A 85 -19.81 -0.25 -3.11
C ILE A 85 -19.79 0.92 -4.11
N ASN A 86 -20.98 1.38 -4.51
CA ASN A 86 -21.15 2.45 -5.53
C ASN A 86 -21.73 3.74 -4.90
N GLN A 87 -21.83 3.76 -3.55
CA GLN A 87 -22.54 4.81 -2.80
C GLN A 87 -21.86 6.19 -2.95
N THR A 88 -22.68 7.22 -3.19
CA THR A 88 -22.23 8.59 -3.43
C THR A 88 -22.18 9.40 -2.10
N TYR A 89 -21.01 10.00 -1.83
CA TYR A 89 -20.76 10.82 -0.63
C TYR A 89 -20.34 12.25 -1.05
N ASN A 90 -20.08 13.08 -0.02
CA ASN A 90 -19.36 14.36 -0.18
C ASN A 90 -17.93 14.19 0.32
N VAL A 91 -17.04 15.11 -0.07
CA VAL A 91 -15.62 15.10 0.36
C VAL A 91 -15.18 16.53 0.71
N LYS A 92 -14.60 16.68 1.91
CA LYS A 92 -14.09 17.95 2.46
C LYS A 92 -12.91 18.50 1.61
N PRO A 93 -12.90 19.82 1.29
CA PRO A 93 -11.69 20.49 0.76
C PRO A 93 -10.50 20.41 1.74
N GLY A 94 -9.40 19.80 1.27
CA GLY A 94 -8.20 19.56 2.07
C GLY A 94 -7.93 18.07 2.31
N VAL A 95 -8.85 17.20 1.88
CA VAL A 95 -8.74 15.73 2.05
C VAL A 95 -7.77 15.12 1.02
N LYS A 96 -6.81 14.30 1.52
CA LYS A 96 -5.80 13.63 0.70
C LYS A 96 -6.33 12.27 0.21
N LEU A 97 -6.59 12.16 -1.10
CA LEU A 97 -6.82 10.86 -1.77
C LEU A 97 -5.45 10.24 -2.09
N HIS A 98 -5.26 8.99 -1.67
CA HIS A 98 -3.99 8.26 -1.81
C HIS A 98 -3.98 7.37 -3.05
N THR A 99 -2.77 7.05 -3.53
CA THR A 99 -2.57 6.34 -4.82
C THR A 99 -3.03 4.87 -4.76
N VAL A 100 -2.60 4.16 -3.69
CA VAL A 100 -2.96 2.73 -3.43
C VAL A 100 -3.42 2.57 -1.95
N PRO A 101 -3.95 1.36 -1.49
CA PRO A 101 -4.27 1.09 -0.06
C PRO A 101 -3.07 1.34 0.89
N TRP A 102 -3.41 1.52 2.18
CA TRP A 102 -2.51 1.95 3.28
C TRP A 102 -2.14 3.44 3.14
N GLY A 103 -1.59 3.86 1.98
CA GLY A 103 -1.61 5.27 1.61
C GLY A 103 -0.60 6.14 2.38
N THR A 104 0.70 6.04 2.08
CA THR A 104 1.76 6.71 2.88
C THR A 104 1.97 8.14 2.31
N TYR A 105 2.97 8.87 2.87
CA TYR A 105 3.34 10.24 2.42
C TYR A 105 3.74 10.28 0.92
N ASN A 106 4.12 9.11 0.36
CA ASN A 106 4.46 8.99 -1.07
C ASN A 106 3.20 8.79 -1.94
N GLN A 107 2.19 8.11 -1.35
CA GLN A 107 0.93 7.79 -2.06
C GLN A 107 -0.01 8.99 -2.01
N VAL A 108 0.28 10.01 -2.81
CA VAL A 108 -0.65 11.13 -3.01
C VAL A 108 -1.18 11.05 -4.45
N ALA A 109 -2.39 10.48 -4.61
CA ALA A 109 -3.11 10.52 -5.90
C ALA A 109 -3.44 11.98 -6.23
N GLY A 110 -4.06 12.66 -5.26
CA GLY A 110 -4.40 14.08 -5.38
C GLY A 110 -5.24 14.53 -4.21
N THR A 111 -4.83 15.63 -3.55
CA THR A 111 -5.59 16.22 -2.45
C THR A 111 -6.74 17.08 -3.03
N VAL A 112 -7.99 16.64 -2.83
CA VAL A 112 -9.18 17.36 -3.29
C VAL A 112 -9.40 18.56 -2.35
N SER A 113 -9.18 19.76 -2.90
CA SER A 113 -9.29 21.03 -2.17
C SER A 113 -9.87 22.11 -3.11
N GLY A 114 -11.13 22.49 -2.87
CA GLY A 114 -11.81 23.55 -3.62
C GLY A 114 -12.65 24.42 -2.70
N LYS A 115 -13.63 25.13 -3.26
CA LYS A 115 -14.58 25.94 -2.49
C LYS A 115 -15.92 25.19 -2.43
N GLY A 116 -16.34 24.83 -1.21
CA GLY A 116 -17.50 23.96 -1.00
C GLY A 116 -17.14 22.47 -1.01
N ASP A 117 -18.09 21.62 -0.65
CA ASP A 117 -17.90 20.14 -0.68
C ASP A 117 -17.99 19.63 -2.12
N GLN A 118 -16.97 18.86 -2.53
CA GLN A 118 -16.98 18.16 -3.83
C GLN A 118 -17.78 16.86 -3.74
N THR A 119 -18.22 16.35 -4.89
CA THR A 119 -19.00 15.11 -4.99
C THR A 119 -18.05 13.91 -5.16
N PHE A 120 -18.01 13.06 -4.13
CA PHE A 120 -17.31 11.77 -4.19
C PHE A 120 -18.32 10.67 -4.56
N LYS A 121 -17.92 9.73 -5.44
CA LYS A 121 -18.69 8.51 -5.72
C LYS A 121 -17.80 7.27 -5.56
N ALA A 122 -18.29 6.29 -4.78
CA ALA A 122 -17.56 5.04 -4.49
C ALA A 122 -17.58 4.07 -5.70
N THR A 123 -16.56 3.18 -5.79
CA THR A 123 -16.51 2.09 -6.79
C THR A 123 -16.13 0.75 -6.12
N LYS A 124 -15.09 0.80 -5.26
CA LYS A 124 -14.59 -0.35 -4.45
C LYS A 124 -14.10 0.17 -3.08
N GLN A 125 -13.80 -0.77 -2.18
CA GLN A 125 -13.29 -0.49 -0.81
C GLN A 125 -12.49 -1.70 -0.34
N GLN A 126 -11.43 -1.47 0.44
CA GLN A 126 -10.57 -2.56 0.96
C GLN A 126 -10.26 -2.31 2.43
N GLN A 127 -10.41 -3.37 3.23
CA GLN A 127 -10.02 -3.36 4.64
C GLN A 127 -8.54 -3.80 4.75
N ILE A 128 -7.68 -2.84 5.08
CA ILE A 128 -6.26 -3.08 5.40
C ILE A 128 -6.06 -2.84 6.91
N ASP A 129 -4.85 -3.18 7.41
CA ASP A 129 -4.54 -3.19 8.86
C ASP A 129 -4.87 -1.83 9.52
N LYS A 130 -6.03 -1.79 10.22
CA LYS A 130 -6.53 -0.64 10.99
C LYS A 130 -6.82 0.60 10.12
N ALA A 131 -7.10 0.36 8.83
CA ALA A 131 -7.47 1.42 7.88
C ALA A 131 -8.48 0.87 6.86
N THR A 132 -9.45 1.69 6.47
CA THR A 132 -10.44 1.32 5.47
C THR A 132 -10.30 2.27 4.28
N TYR A 133 -9.54 1.87 3.25
CA TYR A 133 -9.32 2.71 2.06
C TYR A 133 -10.36 2.38 1.00
N LEU A 134 -11.17 3.39 0.70
CA LEU A 134 -12.28 3.31 -0.22
C LEU A 134 -11.81 3.92 -1.56
N TYR A 135 -11.85 3.11 -2.62
CA TYR A 135 -11.49 3.55 -3.96
C TYR A 135 -12.73 4.11 -4.65
N GLY A 136 -12.62 5.33 -5.16
CA GLY A 136 -13.70 5.98 -5.89
C GLY A 136 -13.18 7.12 -6.72
N THR A 137 -14.08 8.03 -7.12
CA THR A 137 -13.77 9.14 -8.03
C THR A 137 -14.44 10.44 -7.58
N VAL A 138 -13.64 11.52 -7.50
CA VAL A 138 -14.12 12.89 -7.34
C VAL A 138 -13.84 13.66 -8.65
N ASN A 139 -14.90 13.91 -9.46
CA ASN A 139 -14.83 14.76 -10.69
C ASN A 139 -13.74 14.26 -11.68
N GLY A 140 -13.95 13.03 -12.20
CA GLY A 140 -13.05 12.42 -13.19
C GLY A 140 -11.65 12.06 -12.67
N LYS A 141 -11.44 12.14 -11.35
CA LYS A 141 -10.14 11.91 -10.70
C LYS A 141 -10.34 10.83 -9.62
N SER A 142 -9.67 9.67 -9.79
CA SER A 142 -9.84 8.53 -8.87
C SER A 142 -8.71 8.49 -7.83
N GLY A 143 -9.04 7.96 -6.64
CA GLY A 143 -8.08 7.78 -5.56
C GLY A 143 -8.65 6.99 -4.41
N TRP A 144 -7.77 6.27 -3.70
CA TRP A 144 -8.11 5.54 -2.46
C TRP A 144 -8.18 6.55 -1.30
N ILE A 145 -9.40 7.04 -1.03
CA ILE A 145 -9.70 7.91 0.12
C ILE A 145 -10.17 7.02 1.29
N SER A 146 -9.50 7.10 2.44
CA SER A 146 -9.87 6.33 3.63
C SER A 146 -11.19 6.85 4.24
N LYS A 147 -11.85 5.99 5.04
CA LYS A 147 -13.09 6.34 5.77
C LYS A 147 -12.82 7.51 6.74
N TYR A 148 -11.59 7.54 7.30
CA TYR A 148 -11.13 8.59 8.22
C TYR A 148 -11.07 9.95 7.49
N TYR A 149 -10.68 9.91 6.20
CA TYR A 149 -10.65 11.10 5.32
C TYR A 149 -12.07 11.42 4.78
N LEU A 150 -12.90 10.37 4.64
CA LEU A 150 -14.22 10.46 3.98
C LEU A 150 -15.21 11.27 4.83
N THR A 151 -15.83 12.28 4.18
CA THR A 151 -16.80 13.18 4.81
C THR A 151 -18.22 12.57 4.75
N ALA A 152 -19.04 12.88 5.76
CA ALA A 152 -20.43 12.44 5.84
C ALA A 152 -21.27 13.51 6.59
N ASN A 1 20.28 -22.89 9.51
CA ASN A 1 21.21 -22.72 8.35
C ASN A 1 20.63 -21.65 7.41
N ASN A 2 21.47 -20.65 7.03
CA ASN A 2 21.05 -19.52 6.17
C ASN A 2 20.83 -20.01 4.72
N GLN A 3 19.61 -20.50 4.47
CA GLN A 3 19.17 -21.08 3.18
C GLN A 3 17.87 -20.39 2.74
N LEU A 4 17.78 -20.00 1.45
CA LEU A 4 16.58 -19.35 0.90
C LEU A 4 15.43 -20.37 0.73
N THR A 5 14.63 -20.50 1.80
CA THR A 5 13.42 -21.34 1.84
C THR A 5 12.18 -20.44 1.65
N VAL A 6 11.41 -20.71 0.58
CA VAL A 6 10.22 -19.90 0.23
C VAL A 6 9.06 -20.19 1.20
N THR A 7 8.51 -19.12 1.81
CA THR A 7 7.36 -19.19 2.74
C THR A 7 6.11 -18.55 2.08
N ASN A 8 4.93 -18.81 2.66
CA ASN A 8 3.65 -18.26 2.16
C ASN A 8 3.16 -17.16 3.12
N ASN A 9 2.95 -15.93 2.61
CA ASN A 9 2.41 -14.79 3.38
C ASN A 9 1.46 -13.96 2.51
N SER A 10 0.44 -13.40 3.18
CA SER A 10 -0.58 -12.55 2.56
C SER A 10 -0.89 -11.36 3.49
N GLY A 11 -0.84 -10.15 2.93
CA GLY A 11 -1.15 -8.92 3.69
C GLY A 11 -0.94 -7.67 2.86
N VAL A 12 -0.70 -6.53 3.53
CA VAL A 12 -0.32 -5.25 2.90
C VAL A 12 0.79 -4.60 3.74
N ALA A 13 1.79 -3.98 3.08
CA ALA A 13 2.96 -3.39 3.76
C ALA A 13 3.75 -2.47 2.81
N GLN A 14 4.35 -1.40 3.38
CA GLN A 14 5.48 -0.66 2.77
C GLN A 14 6.60 -0.52 3.79
N ILE A 15 7.81 -0.27 3.29
CA ILE A 15 8.98 0.08 4.09
C ILE A 15 8.89 1.55 4.52
N ASN A 16 9.41 1.86 5.72
CA ASN A 16 9.48 3.24 6.21
C ASN A 16 10.44 4.06 5.31
N ALA A 17 10.09 5.34 5.09
CA ALA A 17 10.83 6.24 4.19
C ALA A 17 12.28 6.49 4.64
N LYS A 18 12.58 6.21 5.93
CA LYS A 18 13.93 6.39 6.52
C LYS A 18 14.61 5.04 6.82
N ASN A 19 14.15 3.98 6.13
CA ASN A 19 14.70 2.60 6.25
C ASN A 19 15.15 2.07 4.87
N SER A 20 15.78 0.88 4.87
CA SER A 20 16.31 0.22 3.66
C SER A 20 15.18 -0.21 2.71
N GLY A 21 15.23 0.28 1.46
CA GLY A 21 14.21 0.00 0.44
C GLY A 21 14.24 -1.44 -0.10
N LEU A 22 14.23 -1.59 -1.43
CA LEU A 22 14.05 -2.91 -2.07
C LEU A 22 15.40 -3.62 -2.28
N TYR A 23 15.53 -4.82 -1.68
CA TYR A 23 16.61 -5.78 -2.00
C TYR A 23 16.36 -6.28 -3.44
N THR A 24 17.17 -5.76 -4.39
CA THR A 24 17.05 -6.08 -5.82
C THR A 24 17.23 -7.60 -6.05
N THR A 25 18.15 -8.18 -5.28
CA THR A 25 18.35 -9.64 -5.17
C THR A 25 18.31 -10.05 -3.68
N VAL A 26 18.21 -11.36 -3.41
CA VAL A 26 18.38 -11.88 -2.03
C VAL A 26 19.87 -11.77 -1.60
N TYR A 27 20.78 -11.70 -2.60
CA TYR A 27 22.23 -11.50 -2.38
C TYR A 27 22.60 -10.01 -2.16
N ASP A 28 21.59 -9.13 -1.97
CA ASP A 28 21.80 -7.69 -1.68
C ASP A 28 22.38 -7.55 -0.23
N THR A 29 22.49 -6.31 0.28
CA THR A 29 23.13 -6.04 1.58
C THR A 29 22.12 -5.32 2.49
N LYS A 30 21.75 -4.10 2.10
CA LYS A 30 20.62 -3.35 2.65
C LYS A 30 19.85 -2.80 1.47
N GLY A 31 18.51 -2.81 1.59
CA GLY A 31 17.61 -2.47 0.49
C GLY A 31 17.86 -1.10 -0.11
N LYS A 32 17.85 -1.05 -1.45
CA LYS A 32 18.19 0.15 -2.23
C LYS A 32 17.04 1.16 -2.20
N THR A 33 17.37 2.45 -1.98
CA THR A 33 16.39 3.54 -1.92
C THR A 33 15.94 3.96 -3.35
N THR A 34 15.07 3.13 -3.92
CA THR A 34 14.41 3.42 -5.21
C THR A 34 13.21 4.37 -4.98
N ASN A 35 12.59 4.85 -6.08
CA ASN A 35 11.53 5.89 -6.02
C ASN A 35 10.35 5.45 -5.13
N GLN A 36 9.90 4.20 -5.29
CA GLN A 36 8.86 3.61 -4.44
C GLN A 36 9.50 2.92 -3.24
N ILE A 37 9.07 3.30 -2.03
CA ILE A 37 9.54 2.69 -0.76
C ILE A 37 8.62 1.49 -0.38
N GLN A 38 8.17 0.75 -1.43
CA GLN A 38 7.28 -0.43 -1.36
C GLN A 38 5.80 -0.01 -1.13
N ARG A 39 5.45 1.24 -1.55
CA ARG A 39 4.08 1.86 -1.45
C ARG A 39 2.96 0.81 -1.27
N THR A 40 2.29 0.81 -0.11
CA THR A 40 1.58 -0.37 0.44
C THR A 40 0.65 -1.10 -0.58
N LEU A 41 1.25 -2.10 -1.28
CA LEU A 41 0.60 -2.84 -2.39
C LEU A 41 -0.19 -4.04 -1.86
N SER A 42 0.58 -5.09 -1.49
CA SER A 42 0.08 -6.41 -1.09
C SER A 42 1.28 -7.38 -1.07
N VAL A 43 1.40 -8.18 0.00
CA VAL A 43 2.40 -9.26 0.06
C VAL A 43 1.84 -10.49 -0.68
N THR A 44 2.41 -10.76 -1.87
CA THR A 44 1.91 -11.79 -2.81
C THR A 44 2.54 -13.17 -2.54
N LYS A 45 3.72 -13.16 -1.91
CA LYS A 45 4.51 -14.35 -1.57
C LYS A 45 5.58 -13.96 -0.55
N ALA A 46 6.34 -14.94 -0.03
CA ALA A 46 7.42 -14.68 0.94
C ALA A 46 8.55 -15.72 0.80
N ALA A 47 9.60 -15.49 1.58
CA ALA A 47 10.83 -16.29 1.62
C ALA A 47 11.57 -16.00 2.94
N THR A 48 12.53 -16.86 3.29
CA THR A 48 13.32 -16.73 4.52
C THR A 48 14.74 -17.24 4.24
N LEU A 49 15.76 -16.41 4.53
CA LEU A 49 17.19 -16.76 4.31
C LEU A 49 17.92 -16.45 5.64
N GLY A 50 17.89 -17.42 6.56
CA GLY A 50 18.51 -17.28 7.88
C GLY A 50 17.79 -16.25 8.74
N ASP A 51 18.39 -15.06 8.87
CA ASP A 51 17.83 -13.94 9.65
C ASP A 51 16.95 -13.02 8.78
N LYS A 52 17.15 -13.13 7.45
CA LYS A 52 16.56 -12.19 6.47
C LYS A 52 15.27 -12.76 5.88
N LYS A 53 14.14 -12.45 6.52
CA LYS A 53 12.82 -12.79 5.98
C LYS A 53 12.51 -11.83 4.82
N PHE A 54 12.39 -12.39 3.61
CA PHE A 54 12.10 -11.63 2.39
C PHE A 54 10.64 -11.83 2.00
N TYR A 55 9.85 -10.75 2.02
CA TYR A 55 8.45 -10.81 1.61
C TYR A 55 8.39 -10.34 0.15
N LEU A 56 8.07 -11.29 -0.73
CA LEU A 56 8.00 -11.06 -2.17
C LEU A 56 6.66 -10.36 -2.44
N VAL A 57 6.71 -9.03 -2.49
CA VAL A 57 5.52 -8.16 -2.65
C VAL A 57 5.31 -7.81 -4.13
N GLY A 58 4.06 -7.47 -4.47
CA GLY A 58 3.66 -7.27 -5.86
C GLY A 58 2.56 -6.25 -5.94
N ASP A 59 2.47 -5.56 -7.09
CA ASP A 59 1.57 -4.42 -7.27
C ASP A 59 0.11 -4.83 -7.08
N TYR A 60 -0.67 -3.98 -6.37
CA TYR A 60 -2.05 -4.29 -6.01
C TYR A 60 -2.96 -4.42 -7.25
N ASN A 61 -2.70 -3.58 -8.28
CA ASN A 61 -3.53 -3.54 -9.50
C ASN A 61 -3.04 -4.59 -10.53
N THR A 62 -1.76 -4.50 -10.91
CA THR A 62 -1.19 -5.31 -12.02
C THR A 62 -0.63 -6.65 -11.52
N GLY A 63 0.02 -6.63 -10.33
CA GLY A 63 0.65 -7.82 -9.74
C GLY A 63 2.15 -7.88 -9.97
N THR A 64 2.70 -6.81 -10.59
CA THR A 64 4.14 -6.72 -10.91
C THR A 64 4.98 -6.62 -9.62
N ASN A 65 5.83 -7.63 -9.38
CA ASN A 65 6.74 -7.67 -8.22
C ASN A 65 7.94 -6.76 -8.48
N TYR A 66 8.26 -5.89 -7.51
CA TYR A 66 9.34 -4.88 -7.63
C TYR A 66 10.67 -5.41 -7.04
N GLY A 67 10.57 -6.26 -5.99
CA GLY A 67 11.76 -6.85 -5.37
C GLY A 67 11.47 -7.51 -4.03
N TRP A 68 12.55 -7.97 -3.37
CA TRP A 68 12.51 -8.61 -2.04
C TRP A 68 12.58 -7.52 -0.95
N VAL A 69 11.83 -7.70 0.15
CA VAL A 69 11.76 -6.69 1.25
C VAL A 69 11.99 -7.40 2.60
N LYS A 70 12.46 -6.67 3.63
CA LYS A 70 12.72 -7.26 4.97
C LYS A 70 11.44 -7.38 5.82
N GLN A 71 11.64 -7.93 7.02
CA GLN A 71 10.64 -7.93 8.11
C GLN A 71 10.82 -6.69 9.01
N ASP A 72 12.08 -6.19 9.13
CA ASP A 72 12.43 -5.09 10.04
C ASP A 72 12.15 -3.71 9.43
N GLU A 73 12.32 -3.58 8.10
CA GLU A 73 12.18 -2.29 7.41
C GLU A 73 10.69 -1.94 7.18
N VAL A 74 9.85 -2.99 7.01
CA VAL A 74 8.43 -2.85 6.66
C VAL A 74 7.54 -2.57 7.89
N ILE A 75 6.40 -1.93 7.63
CA ILE A 75 5.26 -1.87 8.54
C ILE A 75 4.24 -2.87 7.99
N TYR A 76 4.22 -4.08 8.57
CA TYR A 76 3.43 -5.20 8.07
C TYR A 76 2.03 -5.18 8.70
N ASN A 77 1.01 -5.19 7.84
CA ASN A 77 -0.41 -5.14 8.23
C ASN A 77 -1.19 -6.26 7.54
N THR A 78 -2.41 -6.51 8.03
CA THR A 78 -3.33 -7.48 7.45
C THR A 78 -4.23 -6.78 6.39
N ALA A 79 -4.61 -7.55 5.36
CA ALA A 79 -5.63 -7.14 4.38
C ALA A 79 -6.76 -8.17 4.39
N LYS A 80 -8.02 -7.70 4.26
CA LYS A 80 -9.22 -8.57 4.22
C LYS A 80 -9.83 -8.48 2.80
N SER A 81 -11.18 -8.56 2.67
CA SER A 81 -11.87 -8.66 1.39
C SER A 81 -12.23 -7.27 0.83
N PRO A 82 -11.95 -7.00 -0.49
CA PRO A 82 -12.44 -5.80 -1.16
C PRO A 82 -13.92 -5.96 -1.59
N VAL A 83 -14.76 -4.99 -1.22
CA VAL A 83 -16.21 -4.98 -1.51
C VAL A 83 -16.53 -3.81 -2.46
N LYS A 84 -17.49 -4.01 -3.39
CA LYS A 84 -17.93 -2.94 -4.31
C LYS A 84 -18.86 -1.94 -3.59
N ILE A 85 -18.64 -0.65 -3.87
CA ILE A 85 -19.51 0.47 -3.44
C ILE A 85 -19.29 1.62 -4.42
N ASN A 86 -20.38 2.24 -4.90
CA ASN A 86 -20.30 3.24 -6.00
C ASN A 86 -20.92 4.59 -5.59
N GLN A 87 -21.39 4.67 -4.32
CA GLN A 87 -22.15 5.81 -3.81
C GLN A 87 -21.29 7.10 -3.83
N THR A 88 -21.90 8.21 -4.28
CA THR A 88 -21.23 9.49 -4.47
C THR A 88 -21.33 10.35 -3.19
N TYR A 89 -20.17 10.73 -2.63
CA TYR A 89 -20.06 11.60 -1.44
C TYR A 89 -19.27 12.87 -1.80
N ASN A 90 -19.11 13.79 -0.85
CA ASN A 90 -18.15 14.90 -0.99
C ASN A 90 -16.94 14.61 -0.08
N VAL A 91 -15.74 14.94 -0.57
CA VAL A 91 -14.50 14.77 0.19
C VAL A 91 -14.09 16.11 0.82
N LYS A 92 -13.50 16.03 2.03
CA LYS A 92 -12.97 17.18 2.76
C LYS A 92 -11.87 17.92 1.93
N PRO A 93 -11.89 19.30 1.91
CA PRO A 93 -10.83 20.11 1.25
C PRO A 93 -9.40 19.74 1.69
N GLY A 94 -8.48 19.66 0.71
CA GLY A 94 -7.04 19.47 0.98
C GLY A 94 -6.63 18.04 1.35
N VAL A 95 -7.55 17.06 1.24
CA VAL A 95 -7.24 15.64 1.55
C VAL A 95 -6.34 15.00 0.48
N LYS A 96 -5.25 14.37 0.92
CA LYS A 96 -4.32 13.66 0.04
C LYS A 96 -4.91 12.28 -0.32
N LEU A 97 -5.13 12.06 -1.63
CA LEU A 97 -5.52 10.75 -2.17
C LEU A 97 -4.32 9.79 -2.06
N HIS A 98 -4.61 8.50 -1.91
CA HIS A 98 -3.60 7.46 -1.70
C HIS A 98 -3.62 6.47 -2.87
N THR A 99 -2.43 6.14 -3.41
CA THR A 99 -2.28 5.31 -4.63
C THR A 99 -2.87 3.89 -4.45
N VAL A 100 -2.48 3.24 -3.34
CA VAL A 100 -2.77 1.82 -3.06
C VAL A 100 -3.20 1.65 -1.57
N PRO A 101 -3.87 0.49 -1.17
CA PRO A 101 -4.52 0.30 0.18
C PRO A 101 -3.66 0.67 1.41
N TRP A 102 -4.38 0.87 2.54
CA TRP A 102 -3.84 1.27 3.86
C TRP A 102 -3.43 2.77 3.89
N GLY A 103 -2.85 3.28 2.79
CA GLY A 103 -2.72 4.73 2.59
C GLY A 103 -1.73 5.41 3.52
N THR A 104 -0.44 5.06 3.36
CA THR A 104 0.61 5.41 4.30
C THR A 104 1.32 6.70 3.79
N TYR A 105 2.41 7.10 4.46
CA TYR A 105 3.19 8.31 4.16
C TYR A 105 3.64 8.41 2.68
N ASN A 106 3.75 7.25 1.98
CA ASN A 106 4.30 7.19 0.62
C ASN A 106 3.21 6.91 -0.46
N GLN A 107 1.92 6.95 -0.06
CA GLN A 107 0.79 6.82 -1.02
C GLN A 107 0.24 8.22 -1.36
N VAL A 108 0.87 8.89 -2.33
CA VAL A 108 0.39 10.17 -2.88
C VAL A 108 -0.15 9.96 -4.31
N ALA A 109 -1.48 9.82 -4.44
CA ALA A 109 -2.17 9.77 -5.75
C ALA A 109 -2.55 11.19 -6.20
N GLY A 110 -2.83 12.06 -5.21
CA GLY A 110 -3.19 13.44 -5.46
C GLY A 110 -3.55 14.17 -4.18
N THR A 111 -4.24 15.30 -4.32
CA THR A 111 -4.71 16.14 -3.20
C THR A 111 -6.01 16.88 -3.66
N VAL A 112 -6.93 17.08 -2.72
CA VAL A 112 -8.22 17.75 -2.95
C VAL A 112 -8.01 19.28 -2.92
N SER A 113 -8.90 20.02 -3.61
CA SER A 113 -8.94 21.50 -3.58
C SER A 113 -9.07 21.99 -2.13
N GLY A 114 -8.04 22.71 -1.63
CA GLY A 114 -8.05 23.29 -0.29
C GLY A 114 -9.17 24.32 -0.09
N LYS A 115 -9.58 24.97 -1.18
CA LYS A 115 -10.73 25.88 -1.21
C LYS A 115 -12.00 25.11 -1.65
N GLY A 116 -12.90 24.84 -0.68
CA GLY A 116 -14.19 24.19 -0.96
C GLY A 116 -14.10 22.67 -1.14
N ASP A 117 -15.18 21.95 -0.73
CA ASP A 117 -15.27 20.48 -0.87
C ASP A 117 -15.36 20.10 -2.36
N GLN A 118 -14.91 18.87 -2.68
CA GLN A 118 -14.76 18.39 -4.07
C GLN A 118 -15.54 17.08 -4.25
N THR A 119 -15.89 16.75 -5.50
CA THR A 119 -16.75 15.59 -5.83
C THR A 119 -15.98 14.27 -5.71
N PHE A 120 -16.49 13.37 -4.87
CA PHE A 120 -15.96 12.00 -4.67
C PHE A 120 -17.04 10.98 -5.11
N LYS A 121 -16.65 10.04 -5.96
CA LYS A 121 -17.48 8.88 -6.31
C LYS A 121 -16.70 7.60 -6.06
N ALA A 122 -17.17 6.77 -5.13
CA ALA A 122 -16.55 5.47 -4.84
C ALA A 122 -16.76 4.50 -6.03
N THR A 123 -15.92 3.46 -6.11
CA THR A 123 -16.03 2.38 -7.13
C THR A 123 -15.85 1.01 -6.43
N LYS A 124 -14.83 0.93 -5.57
CA LYS A 124 -14.54 -0.22 -4.70
C LYS A 124 -14.29 0.26 -3.26
N GLN A 125 -14.07 -0.69 -2.35
CA GLN A 125 -13.57 -0.46 -0.97
C GLN A 125 -12.82 -1.72 -0.53
N GLN A 126 -12.04 -1.63 0.56
CA GLN A 126 -11.38 -2.79 1.19
C GLN A 126 -11.24 -2.56 2.69
N GLN A 127 -11.52 -3.61 3.48
CA GLN A 127 -11.23 -3.63 4.91
C GLN A 127 -9.77 -4.05 5.10
N ILE A 128 -8.95 -3.14 5.63
CA ILE A 128 -7.55 -3.39 6.00
C ILE A 128 -7.42 -3.42 7.53
N ASP A 129 -6.21 -3.79 8.01
CA ASP A 129 -5.89 -3.95 9.44
C ASP A 129 -6.31 -2.70 10.24
N LYS A 130 -7.46 -2.82 10.94
CA LYS A 130 -7.97 -1.82 11.91
C LYS A 130 -8.35 -0.48 11.20
N ALA A 131 -8.71 -0.55 9.90
CA ALA A 131 -9.07 0.64 9.09
C ALA A 131 -9.94 0.24 7.87
N THR A 132 -10.70 1.22 7.35
CA THR A 132 -11.54 1.05 6.14
C THR A 132 -11.17 2.13 5.09
N TYR A 133 -10.55 1.70 3.97
CA TYR A 133 -10.23 2.59 2.81
C TYR A 133 -11.16 2.27 1.63
N LEU A 134 -11.90 3.29 1.17
CA LEU A 134 -12.70 3.23 -0.06
C LEU A 134 -11.84 3.62 -1.26
N TYR A 135 -11.92 2.83 -2.33
CA TYR A 135 -11.28 3.14 -3.61
C TYR A 135 -12.28 3.93 -4.45
N GLY A 136 -12.06 5.24 -4.54
CA GLY A 136 -12.96 6.12 -5.26
C GLY A 136 -12.24 6.96 -6.26
N THR A 137 -12.92 8.04 -6.69
CA THR A 137 -12.42 8.97 -7.69
C THR A 137 -12.84 10.40 -7.31
N VAL A 138 -11.86 11.28 -7.09
CA VAL A 138 -12.08 12.69 -6.77
C VAL A 138 -11.71 13.54 -8.01
N ASN A 139 -12.76 13.94 -8.74
CA ASN A 139 -12.68 14.89 -9.88
C ASN A 139 -11.80 14.32 -11.04
N GLY A 140 -11.82 12.98 -11.20
CA GLY A 140 -11.06 12.31 -12.27
C GLY A 140 -9.78 11.62 -11.79
N LYS A 141 -9.32 11.95 -10.57
CA LYS A 141 -8.18 11.25 -9.93
C LYS A 141 -8.69 10.08 -9.09
N SER A 142 -8.25 8.85 -9.39
CA SER A 142 -8.69 7.65 -8.64
C SER A 142 -7.64 7.29 -7.58
N GLY A 143 -8.12 6.82 -6.43
CA GLY A 143 -7.25 6.48 -5.31
C GLY A 143 -8.04 6.07 -4.07
N TRP A 144 -7.36 5.36 -3.17
CA TRP A 144 -7.88 4.95 -1.86
C TRP A 144 -7.90 6.14 -0.89
N ILE A 145 -8.97 6.19 -0.08
CA ILE A 145 -9.19 7.24 0.92
C ILE A 145 -10.04 6.64 2.06
N SER A 146 -9.66 6.92 3.31
CA SER A 146 -10.40 6.41 4.47
C SER A 146 -11.65 7.27 4.74
N LYS A 147 -12.61 6.68 5.46
CA LYS A 147 -13.85 7.35 5.90
C LYS A 147 -13.53 8.52 6.86
N TYR A 148 -12.37 8.43 7.55
CA TYR A 148 -11.86 9.47 8.46
C TYR A 148 -11.53 10.78 7.70
N TYR A 149 -11.07 10.64 6.44
CA TYR A 149 -10.71 11.79 5.58
C TYR A 149 -11.91 12.25 4.74
N LEU A 150 -12.84 11.32 4.48
CA LEU A 150 -14.06 11.59 3.70
C LEU A 150 -15.09 12.35 4.55
N THR A 151 -15.79 13.34 3.93
CA THR A 151 -16.89 14.08 4.58
C THR A 151 -18.17 13.22 4.56
N ALA A 152 -19.01 13.37 5.60
CA ALA A 152 -20.27 12.64 5.74
C ALA A 152 -21.29 13.53 6.50
N ASN A 1 22.54 -25.86 6.59
CA ASN A 1 22.02 -24.84 7.56
C ASN A 1 21.25 -23.76 6.81
N ASN A 2 20.14 -23.29 7.43
CA ASN A 2 19.30 -22.15 6.94
C ASN A 2 18.60 -22.49 5.61
N GLN A 3 17.36 -22.99 5.70
CA GLN A 3 16.52 -23.29 4.52
C GLN A 3 15.62 -22.09 4.19
N LEU A 4 15.56 -21.72 2.90
CA LEU A 4 14.58 -20.74 2.43
C LEU A 4 13.26 -21.46 2.13
N THR A 5 12.33 -21.39 3.08
CA THR A 5 10.98 -21.91 2.92
C THR A 5 10.10 -20.79 2.34
N VAL A 6 9.39 -21.10 1.24
CA VAL A 6 8.52 -20.13 0.57
C VAL A 6 7.23 -19.92 1.39
N THR A 7 6.79 -18.66 1.51
CA THR A 7 5.64 -18.27 2.34
C THR A 7 4.62 -17.50 1.49
N ASN A 8 3.32 -17.73 1.74
CA ASN A 8 2.23 -17.00 1.07
C ASN A 8 1.80 -15.79 1.93
N ASN A 9 1.86 -14.58 1.35
CA ASN A 9 1.39 -13.34 2.01
C ASN A 9 0.43 -12.58 1.07
N SER A 10 -0.43 -11.74 1.66
CA SER A 10 -1.42 -10.95 0.93
C SER A 10 -1.71 -9.68 1.76
N GLY A 11 -0.94 -8.63 1.45
CA GLY A 11 -1.06 -7.35 2.14
C GLY A 11 -0.51 -6.21 1.33
N VAL A 12 -0.23 -5.09 2.01
CA VAL A 12 0.34 -3.86 1.42
C VAL A 12 1.49 -3.41 2.33
N ALA A 13 2.59 -2.88 1.77
CA ALA A 13 3.77 -2.48 2.57
C ALA A 13 4.72 -1.53 1.83
N GLN A 14 5.60 -0.89 2.62
CA GLN A 14 6.68 0.00 2.13
C GLN A 14 7.93 -0.23 2.99
N ILE A 15 9.07 0.16 2.40
CA ILE A 15 10.39 0.13 3.07
C ILE A 15 10.69 1.56 3.59
N ASN A 16 11.44 1.68 4.68
CA ASN A 16 11.91 3.01 5.15
C ASN A 16 12.92 3.62 4.17
N ALA A 17 12.97 4.97 4.12
CA ALA A 17 13.77 5.72 3.14
C ALA A 17 15.28 5.51 3.33
N LYS A 18 15.71 5.45 4.59
CA LYS A 18 17.14 5.26 4.95
C LYS A 18 17.49 3.78 5.15
N ASN A 19 16.51 2.88 4.89
CA ASN A 19 16.73 1.41 5.00
C ASN A 19 17.48 0.87 3.77
N SER A 20 18.16 -0.26 3.97
CA SER A 20 18.97 -0.99 2.99
C SER A 20 18.30 -1.10 1.60
N GLY A 21 17.07 -1.64 1.59
CA GLY A 21 16.31 -1.85 0.36
C GLY A 21 16.04 -3.32 0.09
N LEU A 22 16.17 -3.73 -1.18
CA LEU A 22 15.70 -5.04 -1.67
C LEU A 22 16.84 -6.02 -2.00
N TYR A 23 16.74 -7.19 -1.36
CA TYR A 23 17.42 -8.42 -1.77
C TYR A 23 16.82 -8.83 -3.15
N THR A 24 17.53 -8.59 -4.27
CA THR A 24 17.04 -9.04 -5.61
C THR A 24 16.87 -10.59 -5.61
N THR A 25 17.84 -11.24 -4.95
CA THR A 25 17.72 -12.62 -4.43
C THR A 25 18.03 -12.58 -2.93
N VAL A 26 17.45 -13.52 -2.17
CA VAL A 26 17.53 -13.56 -0.69
C VAL A 26 18.99 -13.76 -0.18
N TYR A 27 19.88 -14.20 -1.09
CA TYR A 27 21.31 -14.47 -0.81
C TYR A 27 22.11 -13.16 -0.65
N ASP A 28 21.47 -12.01 -0.92
CA ASP A 28 22.04 -10.67 -0.65
C ASP A 28 22.17 -10.47 0.89
N THR A 29 22.74 -9.35 1.32
CA THR A 29 23.20 -9.19 2.72
C THR A 29 22.18 -8.43 3.56
N LYS A 30 21.73 -7.27 3.03
CA LYS A 30 20.76 -6.38 3.69
C LYS A 30 19.74 -5.84 2.69
N GLY A 31 20.16 -5.75 1.41
CA GLY A 31 19.33 -5.17 0.35
C GLY A 31 20.03 -4.02 -0.36
N LYS A 32 19.52 -3.64 -1.53
CA LYS A 32 20.06 -2.51 -2.33
C LYS A 32 19.00 -1.42 -2.50
N THR A 33 19.46 -0.16 -2.46
CA THR A 33 18.60 1.04 -2.46
C THR A 33 17.63 1.05 -3.66
N THR A 34 16.34 1.18 -3.35
CA THR A 34 15.24 0.94 -4.29
C THR A 34 14.31 2.17 -4.36
N ASN A 35 13.25 2.08 -5.17
CA ASN A 35 12.20 3.11 -5.26
C ASN A 35 11.12 2.88 -4.16
N GLN A 36 11.18 1.70 -3.50
CA GLN A 36 10.24 1.28 -2.44
C GLN A 36 10.57 1.93 -1.07
N ILE A 37 11.49 2.91 -1.09
CA ILE A 37 12.00 3.70 0.06
C ILE A 37 10.95 4.64 0.70
N GLN A 38 9.76 4.08 0.95
CA GLN A 38 8.46 4.75 1.13
C GLN A 38 7.80 4.92 -0.24
N ARG A 39 7.51 3.75 -0.84
CA ARG A 39 6.49 3.61 -1.90
C ARG A 39 5.68 2.35 -1.57
N THR A 40 4.51 2.57 -0.97
CA THR A 40 3.59 1.52 -0.52
C THR A 40 2.88 0.91 -1.74
N LEU A 41 3.07 -0.38 -2.05
CA LEU A 41 2.43 -1.02 -3.23
C LEU A 41 1.60 -2.24 -2.82
N SER A 42 2.30 -3.34 -2.50
CA SER A 42 1.68 -4.63 -2.15
C SER A 42 2.77 -5.65 -1.79
N VAL A 43 2.40 -6.63 -0.94
CA VAL A 43 3.18 -7.84 -0.68
C VAL A 43 2.40 -9.02 -1.27
N THR A 44 2.81 -9.42 -2.47
CA THR A 44 2.14 -10.46 -3.27
C THR A 44 2.74 -11.85 -2.98
N LYS A 45 3.87 -11.90 -2.24
CA LYS A 45 4.55 -13.15 -1.85
C LYS A 45 5.50 -12.90 -0.67
N ALA A 46 5.98 -13.98 -0.04
CA ALA A 46 6.93 -13.92 1.09
C ALA A 46 7.86 -15.14 1.10
N ALA A 47 8.83 -15.13 2.01
CA ALA A 47 9.84 -16.18 2.16
C ALA A 47 10.35 -16.17 3.62
N THR A 48 10.97 -17.26 4.06
CA THR A 48 11.45 -17.44 5.45
C THR A 48 12.79 -18.21 5.46
N LEU A 49 13.88 -17.50 5.77
CA LEU A 49 15.24 -18.06 5.88
C LEU A 49 15.68 -17.92 7.35
N GLY A 50 15.34 -18.92 8.17
CA GLY A 50 15.53 -18.86 9.63
C GLY A 50 14.64 -17.80 10.26
N ASP A 51 15.25 -16.77 10.88
CA ASP A 51 14.55 -15.58 11.42
C ASP A 51 14.54 -14.44 10.39
N LYS A 52 15.39 -14.55 9.35
CA LYS A 52 15.45 -13.58 8.25
C LYS A 52 14.31 -13.89 7.25
N LYS A 53 13.14 -13.30 7.50
CA LYS A 53 11.93 -13.53 6.71
C LYS A 53 11.71 -12.32 5.77
N PHE A 54 11.55 -12.61 4.48
CA PHE A 54 11.58 -11.60 3.41
C PHE A 54 10.20 -11.45 2.77
N TYR A 55 9.80 -10.19 2.48
CA TYR A 55 8.56 -9.88 1.78
C TYR A 55 8.86 -9.46 0.33
N LEU A 56 8.27 -10.19 -0.61
CA LEU A 56 8.29 -9.84 -2.03
C LEU A 56 7.29 -8.70 -2.25
N VAL A 57 7.81 -7.51 -2.62
CA VAL A 57 6.99 -6.35 -2.96
C VAL A 57 6.83 -6.27 -4.48
N GLY A 58 5.65 -5.82 -4.92
CA GLY A 58 5.31 -5.75 -6.34
C GLY A 58 4.45 -4.54 -6.64
N ASP A 59 4.45 -4.08 -7.90
CA ASP A 59 3.72 -2.86 -8.32
C ASP A 59 2.21 -3.06 -8.13
N TYR A 60 1.53 -2.04 -7.59
CA TYR A 60 0.10 -2.11 -7.30
C TYR A 60 -0.75 -2.35 -8.58
N ASN A 61 -0.34 -1.72 -9.70
CA ASN A 61 -1.12 -1.75 -10.96
C ASN A 61 -0.76 -3.00 -11.80
N THR A 62 0.53 -3.12 -12.15
CA THR A 62 1.02 -4.14 -13.09
C THR A 62 1.31 -5.47 -12.38
N GLY A 63 1.68 -5.41 -11.09
CA GLY A 63 2.04 -6.60 -10.31
C GLY A 63 3.51 -6.96 -10.44
N THR A 64 4.28 -6.13 -11.18
CA THR A 64 5.71 -6.37 -11.46
C THR A 64 6.54 -6.34 -10.16
N ASN A 65 7.17 -7.47 -9.82
CA ASN A 65 7.94 -7.61 -8.57
C ASN A 65 9.25 -6.80 -8.63
N TYR A 66 9.67 -6.27 -7.48
CA TYR A 66 10.89 -5.48 -7.34
C TYR A 66 11.97 -6.29 -6.60
N GLY A 67 11.57 -6.96 -5.50
CA GLY A 67 12.49 -7.82 -4.74
C GLY A 67 11.97 -8.19 -3.36
N TRP A 68 12.86 -8.82 -2.59
CA TRP A 68 12.60 -9.32 -1.22
C TRP A 68 13.17 -8.31 -0.21
N VAL A 69 12.51 -8.13 0.96
CA VAL A 69 12.99 -7.17 1.99
C VAL A 69 12.80 -7.72 3.41
N LYS A 70 13.66 -7.26 4.33
CA LYS A 70 13.62 -7.59 5.76
C LYS A 70 12.28 -7.15 6.37
N GLN A 71 11.51 -8.12 6.93
CA GLN A 71 10.32 -7.80 7.78
C GLN A 71 10.77 -6.98 9.01
N ASP A 72 12.02 -7.24 9.41
CA ASP A 72 12.69 -6.66 10.57
C ASP A 72 12.68 -5.13 10.56
N GLU A 73 12.74 -4.54 9.35
CA GLU A 73 12.90 -3.09 9.15
C GLU A 73 11.86 -2.51 8.16
N VAL A 74 10.72 -3.22 7.97
CA VAL A 74 9.56 -2.69 7.21
C VAL A 74 8.26 -2.89 8.00
N ILE A 75 7.20 -2.20 7.57
CA ILE A 75 5.85 -2.33 8.14
C ILE A 75 4.99 -3.11 7.14
N TYR A 76 4.63 -4.35 7.49
CA TYR A 76 3.68 -5.16 6.73
C TYR A 76 2.27 -4.85 7.24
N ASN A 77 1.39 -4.49 6.30
CA ASN A 77 -0.03 -4.22 6.55
C ASN A 77 -0.87 -5.32 5.88
N THR A 78 -2.08 -5.54 6.39
CA THR A 78 -2.98 -6.58 5.89
C THR A 78 -4.00 -5.97 4.93
N ALA A 79 -4.21 -6.64 3.78
CA ALA A 79 -5.25 -6.26 2.81
C ALA A 79 -6.34 -7.33 2.84
N LYS A 80 -7.31 -7.16 3.76
CA LYS A 80 -8.43 -8.11 3.98
C LYS A 80 -9.35 -8.18 2.74
N SER A 81 -10.24 -9.20 2.68
CA SER A 81 -11.27 -9.35 1.63
C SER A 81 -12.06 -8.03 1.42
N PRO A 82 -12.06 -7.46 0.17
CA PRO A 82 -12.79 -6.20 -0.14
C PRO A 82 -14.32 -6.39 -0.20
N VAL A 83 -15.04 -5.27 -0.14
CA VAL A 83 -16.51 -5.24 -0.27
C VAL A 83 -16.87 -4.36 -1.50
N LYS A 84 -17.78 -4.87 -2.34
CA LYS A 84 -18.20 -4.18 -3.57
C LYS A 84 -19.30 -3.17 -3.22
N ILE A 85 -18.95 -1.87 -3.26
CA ILE A 85 -19.90 -0.76 -3.01
C ILE A 85 -19.63 0.38 -4.01
N ASN A 86 -20.71 0.91 -4.59
CA ASN A 86 -20.67 2.07 -5.51
C ASN A 86 -21.47 3.25 -4.93
N GLN A 87 -21.80 3.15 -3.62
CA GLN A 87 -22.69 4.09 -2.91
C GLN A 87 -22.10 5.52 -2.90
N THR A 88 -22.98 6.52 -2.99
CA THR A 88 -22.58 7.94 -3.15
C THR A 88 -22.42 8.61 -1.77
N TYR A 89 -21.20 9.05 -1.47
CA TYR A 89 -20.86 9.86 -0.28
C TYR A 89 -20.47 11.25 -0.78
N ASN A 90 -20.08 12.15 0.13
CA ASN A 90 -19.51 13.46 -0.26
C ASN A 90 -18.07 13.54 0.25
N VAL A 91 -17.32 14.55 -0.22
CA VAL A 91 -15.91 14.74 0.12
C VAL A 91 -15.65 16.22 0.41
N LYS A 92 -15.12 16.50 1.61
CA LYS A 92 -14.77 17.87 2.02
C LYS A 92 -13.39 18.30 1.46
N PRO A 93 -13.09 19.64 1.39
CA PRO A 93 -11.72 20.14 1.13
C PRO A 93 -10.73 19.77 2.26
N GLY A 94 -9.42 19.81 1.94
CA GLY A 94 -8.37 19.39 2.87
C GLY A 94 -8.20 17.86 2.93
N VAL A 95 -8.93 17.14 2.06
CA VAL A 95 -8.86 15.68 1.95
C VAL A 95 -7.78 15.29 0.95
N LYS A 96 -6.97 14.28 1.31
CA LYS A 96 -5.92 13.73 0.44
C LYS A 96 -6.27 12.28 0.10
N LEU A 97 -6.65 12.04 -1.17
CA LEU A 97 -6.80 10.69 -1.72
C LEU A 97 -5.41 10.07 -1.90
N HIS A 98 -5.34 8.74 -1.75
CA HIS A 98 -4.08 7.98 -1.87
C HIS A 98 -4.19 7.01 -3.05
N THR A 99 -3.06 6.81 -3.75
CA THR A 99 -3.00 5.96 -4.95
C THR A 99 -3.28 4.48 -4.60
N VAL A 100 -2.65 4.04 -3.51
CA VAL A 100 -2.68 2.66 -3.04
C VAL A 100 -3.42 2.55 -1.69
N PRO A 101 -3.78 1.30 -1.23
CA PRO A 101 -4.23 1.06 0.16
C PRO A 101 -3.12 1.34 1.20
N TRP A 102 -3.55 1.61 2.43
CA TRP A 102 -2.73 2.11 3.57
C TRP A 102 -2.26 3.56 3.37
N GLY A 103 -1.74 3.91 2.17
CA GLY A 103 -1.69 5.31 1.74
C GLY A 103 -0.76 6.21 2.55
N THR A 104 0.57 6.07 2.40
CA THR A 104 1.54 6.64 3.35
C THR A 104 1.86 8.09 2.86
N TYR A 105 2.79 8.78 3.53
CA TYR A 105 3.10 10.21 3.29
C TYR A 105 3.63 10.48 1.85
N ASN A 106 3.81 9.42 1.04
CA ASN A 106 4.30 9.54 -0.35
C ASN A 106 3.17 9.34 -1.37
N GLN A 107 2.14 8.55 -1.01
CA GLN A 107 1.09 8.12 -1.95
C GLN A 107 -0.08 9.09 -1.94
N VAL A 108 0.05 10.18 -2.72
CA VAL A 108 -1.04 11.14 -2.94
C VAL A 108 -1.59 10.98 -4.37
N ALA A 109 -2.83 10.46 -4.47
CA ALA A 109 -3.58 10.40 -5.74
C ALA A 109 -4.08 11.80 -6.13
N GLY A 110 -4.46 12.58 -5.11
CA GLY A 110 -4.92 13.95 -5.29
C GLY A 110 -5.27 14.58 -3.95
N THR A 111 -5.34 15.91 -3.92
CA THR A 111 -5.72 16.69 -2.73
C THR A 111 -6.85 17.66 -3.11
N VAL A 112 -8.03 17.46 -2.51
CA VAL A 112 -9.21 18.31 -2.68
C VAL A 112 -8.91 19.70 -2.08
N SER A 113 -8.84 20.72 -2.96
CA SER A 113 -8.49 22.09 -2.59
C SER A 113 -9.55 23.08 -3.12
N GLY A 114 -9.73 24.19 -2.39
CA GLY A 114 -10.82 25.12 -2.66
C GLY A 114 -12.07 24.76 -1.89
N LYS A 115 -12.64 25.73 -1.15
CA LYS A 115 -13.80 25.50 -0.26
C LYS A 115 -15.04 25.24 -1.14
N GLY A 116 -15.44 23.97 -1.18
CA GLY A 116 -16.57 23.49 -1.94
C GLY A 116 -16.62 21.97 -1.86
N ASP A 117 -17.58 21.45 -1.09
CA ASP A 117 -17.74 20.00 -0.88
C ASP A 117 -18.29 19.36 -2.17
N GLN A 118 -17.61 18.32 -2.67
CA GLN A 118 -17.91 17.72 -3.98
C GLN A 118 -18.54 16.31 -3.80
N THR A 119 -19.18 15.82 -4.87
CA THR A 119 -19.73 14.46 -4.93
C THR A 119 -18.59 13.42 -5.02
N PHE A 120 -18.48 12.57 -3.98
CA PHE A 120 -17.66 11.36 -4.03
C PHE A 120 -18.52 10.20 -4.52
N LYS A 121 -18.05 9.50 -5.55
CA LYS A 121 -18.70 8.28 -6.07
C LYS A 121 -17.79 7.10 -5.78
N ALA A 122 -18.25 6.18 -4.91
CA ALA A 122 -17.50 4.97 -4.55
C ALA A 122 -17.47 3.97 -5.73
N THR A 123 -16.47 3.08 -5.70
CA THR A 123 -16.26 2.05 -6.73
C THR A 123 -15.98 0.68 -6.07
N LYS A 124 -15.44 0.73 -4.82
CA LYS A 124 -14.93 -0.43 -4.09
C LYS A 124 -14.49 0.04 -2.67
N GLN A 125 -14.29 -0.92 -1.74
CA GLN A 125 -13.64 -0.66 -0.44
C GLN A 125 -12.85 -1.90 -0.03
N GLN A 126 -11.94 -1.73 0.94
CA GLN A 126 -11.12 -2.82 1.48
C GLN A 126 -10.63 -2.45 2.89
N GLN A 127 -10.73 -3.42 3.82
CA GLN A 127 -10.25 -3.25 5.20
C GLN A 127 -8.74 -3.48 5.24
N ILE A 128 -7.98 -2.40 5.45
CA ILE A 128 -6.51 -2.46 5.58
C ILE A 128 -6.15 -2.36 7.07
N ASP A 129 -4.91 -2.75 7.42
CA ASP A 129 -4.36 -2.63 8.78
C ASP A 129 -4.54 -1.20 9.35
N LYS A 130 -5.52 -1.09 10.28
CA LYS A 130 -5.80 0.12 11.09
C LYS A 130 -6.47 1.26 10.26
N ALA A 131 -6.89 0.95 9.01
CA ALA A 131 -7.45 1.96 8.10
C ALA A 131 -8.37 1.32 7.05
N THR A 132 -9.66 1.68 7.08
CA THR A 132 -10.62 1.23 6.07
C THR A 132 -10.58 2.21 4.88
N TYR A 133 -9.95 1.77 3.79
CA TYR A 133 -9.79 2.58 2.56
C TYR A 133 -10.88 2.22 1.53
N LEU A 134 -11.60 3.24 1.07
CA LEU A 134 -12.56 3.14 -0.05
C LEU A 134 -11.91 3.61 -1.35
N TYR A 135 -12.03 2.80 -2.39
CA TYR A 135 -11.60 3.15 -3.74
C TYR A 135 -12.78 3.83 -4.44
N GLY A 136 -12.58 5.07 -4.87
CA GLY A 136 -13.60 5.84 -5.57
C GLY A 136 -13.01 7.02 -6.31
N THR A 137 -13.86 7.99 -6.68
CA THR A 137 -13.48 9.08 -7.59
C THR A 137 -13.88 10.46 -7.03
N VAL A 138 -12.89 11.38 -7.02
CA VAL A 138 -13.08 12.82 -6.74
C VAL A 138 -12.33 13.62 -7.83
N ASN A 139 -13.04 14.58 -8.45
CA ASN A 139 -12.46 15.59 -9.39
C ASN A 139 -11.89 14.91 -10.67
N GLY A 140 -12.43 13.71 -10.99
CA GLY A 140 -11.96 12.91 -12.14
C GLY A 140 -10.95 11.84 -11.74
N LYS A 141 -10.15 12.13 -10.70
CA LYS A 141 -9.08 11.24 -10.21
C LYS A 141 -9.67 10.15 -9.30
N SER A 142 -9.16 8.91 -9.50
CA SER A 142 -9.67 7.73 -8.78
C SER A 142 -8.55 7.12 -7.92
N GLY A 143 -8.88 6.79 -6.67
CA GLY A 143 -7.91 6.24 -5.73
C GLY A 143 -8.55 5.90 -4.40
N TRP A 144 -7.73 5.30 -3.52
CA TRP A 144 -8.14 4.89 -2.18
C TRP A 144 -8.13 6.09 -1.22
N ILE A 145 -9.32 6.63 -0.96
CA ILE A 145 -9.57 7.63 0.08
C ILE A 145 -9.92 6.90 1.39
N SER A 146 -9.26 7.26 2.50
CA SER A 146 -9.53 6.66 3.82
C SER A 146 -10.84 7.23 4.39
N LYS A 147 -11.49 6.46 5.31
CA LYS A 147 -12.66 6.97 6.06
C LYS A 147 -12.25 8.05 7.08
N TYR A 148 -10.94 8.10 7.40
CA TYR A 148 -10.31 9.18 8.17
C TYR A 148 -10.34 10.53 7.39
N TYR A 149 -10.68 10.49 6.09
CA TYR A 149 -10.81 11.69 5.23
C TYR A 149 -12.23 11.81 4.64
N LEU A 150 -12.86 10.64 4.34
CA LEU A 150 -14.15 10.56 3.65
C LEU A 150 -15.25 11.20 4.50
N THR A 151 -16.04 12.09 3.86
CA THR A 151 -17.13 12.80 4.53
C THR A 151 -18.44 12.02 4.37
N ALA A 152 -19.25 12.01 5.45
CA ALA A 152 -20.56 11.34 5.44
C ALA A 152 -21.59 12.27 4.76
N ASN A 1 21.65 -22.91 7.76
CA ASN A 1 21.92 -23.08 6.32
C ASN A 1 21.06 -22.09 5.51
N ASN A 2 21.52 -21.78 4.28
CA ASN A 2 20.78 -20.92 3.33
C ASN A 2 19.65 -21.72 2.67
N GLN A 3 18.60 -21.97 3.45
CA GLN A 3 17.45 -22.78 3.02
C GLN A 3 16.32 -21.85 2.59
N LEU A 4 16.20 -21.63 1.27
CA LEU A 4 15.12 -20.82 0.69
C LEU A 4 13.80 -21.62 0.68
N THR A 5 12.92 -21.28 1.63
CA THR A 5 11.58 -21.84 1.76
C THR A 5 10.55 -20.76 1.38
N VAL A 6 9.72 -21.05 0.37
CA VAL A 6 8.66 -20.12 -0.08
C VAL A 6 7.50 -20.15 0.94
N THR A 7 7.00 -18.95 1.29
CA THR A 7 5.89 -18.77 2.24
C THR A 7 4.76 -17.96 1.57
N ASN A 8 3.50 -18.23 1.95
CA ASN A 8 2.34 -17.45 1.48
C ASN A 8 1.95 -16.39 2.52
N ASN A 9 1.97 -15.11 2.12
CA ASN A 9 1.58 -13.98 2.98
C ASN A 9 0.87 -12.92 2.13
N SER A 10 -0.11 -12.23 2.74
CA SER A 10 -0.81 -11.11 2.13
C SER A 10 -0.98 -10.00 3.18
N GLY A 11 -0.79 -8.75 2.74
CA GLY A 11 -0.95 -7.59 3.61
C GLY A 11 -0.59 -6.30 2.89
N VAL A 12 -0.17 -5.29 3.65
CA VAL A 12 0.38 -4.03 3.11
C VAL A 12 1.72 -3.75 3.80
N ALA A 13 2.69 -3.23 3.02
CA ALA A 13 4.05 -2.94 3.53
C ALA A 13 4.79 -2.01 2.59
N GLN A 14 5.83 -1.37 3.14
CA GLN A 14 6.74 -0.49 2.40
C GLN A 14 8.16 -0.62 2.93
N ILE A 15 9.13 -0.45 2.02
CA ILE A 15 10.55 -0.30 2.36
C ILE A 15 10.73 1.13 2.90
N ASN A 16 11.55 1.34 3.93
CA ASN A 16 11.89 2.71 4.37
C ASN A 16 13.04 3.25 3.50
N ALA A 17 12.93 4.52 3.08
CA ALA A 17 13.93 5.22 2.24
C ALA A 17 15.34 5.21 2.86
N LYS A 18 15.37 5.17 4.20
CA LYS A 18 16.59 5.36 5.02
C LYS A 18 17.30 4.03 5.35
N ASN A 19 16.89 2.89 4.74
CA ASN A 19 17.49 1.56 5.02
C ASN A 19 17.52 0.66 3.77
N SER A 20 17.72 -0.67 4.01
CA SER A 20 17.86 -1.69 2.95
C SER A 20 16.65 -1.69 2.01
N GLY A 21 16.94 -1.56 0.70
CA GLY A 21 15.92 -1.49 -0.35
C GLY A 21 15.43 -2.85 -0.82
N LEU A 22 14.90 -2.88 -2.04
CA LEU A 22 14.37 -4.11 -2.66
C LEU A 22 15.52 -5.08 -2.99
N TYR A 23 15.57 -6.20 -2.27
CA TYR A 23 16.51 -7.30 -2.52
C TYR A 23 16.17 -7.93 -3.89
N THR A 24 17.10 -7.79 -4.86
CA THR A 24 16.89 -8.22 -6.25
C THR A 24 16.50 -9.71 -6.31
N THR A 25 17.28 -10.53 -5.59
CA THR A 25 16.89 -11.90 -5.22
C THR A 25 16.98 -12.02 -3.69
N VAL A 26 16.64 -13.18 -3.14
CA VAL A 26 16.82 -13.46 -1.70
C VAL A 26 18.32 -13.59 -1.34
N TYR A 27 19.16 -13.84 -2.37
CA TYR A 27 20.64 -13.93 -2.26
C TYR A 27 21.30 -12.53 -2.33
N ASP A 28 20.49 -11.46 -2.30
CA ASP A 28 21.00 -10.06 -2.28
C ASP A 28 21.51 -9.71 -0.86
N THR A 29 22.17 -8.54 -0.72
CA THR A 29 22.93 -8.20 0.49
C THR A 29 22.24 -7.10 1.31
N LYS A 30 21.99 -5.94 0.67
CA LYS A 30 21.44 -4.73 1.36
C LYS A 30 20.32 -4.06 0.53
N GLY A 31 19.86 -4.76 -0.52
CA GLY A 31 18.78 -4.27 -1.38
C GLY A 31 19.21 -3.18 -2.35
N LYS A 32 18.24 -2.73 -3.18
CA LYS A 32 18.43 -1.67 -4.17
C LYS A 32 17.33 -0.61 -3.97
N THR A 33 17.69 0.69 -4.12
CA THR A 33 16.76 1.81 -3.85
C THR A 33 15.58 1.79 -4.86
N THR A 34 14.48 1.19 -4.40
CA THR A 34 13.23 1.00 -5.16
C THR A 34 12.37 2.29 -5.18
N ASN A 35 11.27 2.25 -5.94
CA ASN A 35 10.22 3.29 -5.90
C ASN A 35 9.43 3.19 -4.58
N GLN A 36 9.38 1.95 -4.00
CA GLN A 36 8.64 1.66 -2.74
C GLN A 36 9.43 2.09 -1.47
N ILE A 37 10.15 3.22 -1.57
CA ILE A 37 10.93 3.85 -0.48
C ILE A 37 10.01 4.61 0.53
N GLN A 38 8.93 3.89 0.97
CA GLN A 38 7.73 4.36 1.70
C GLN A 38 6.57 4.68 0.73
N ARG A 39 6.40 3.76 -0.25
CA ARG A 39 5.12 3.52 -0.96
C ARG A 39 4.51 2.24 -0.38
N THR A 40 3.50 2.37 0.50
CA THR A 40 2.83 1.20 1.11
C THR A 40 1.85 0.59 0.10
N LEU A 41 2.34 -0.36 -0.70
CA LEU A 41 1.52 -0.95 -1.76
C LEU A 41 0.82 -2.21 -1.22
N SER A 42 1.59 -3.29 -1.07
CA SER A 42 1.05 -4.59 -0.63
C SER A 42 2.19 -5.59 -0.39
N VAL A 43 1.88 -6.67 0.35
CA VAL A 43 2.67 -7.89 0.37
C VAL A 43 1.89 -8.94 -0.43
N THR A 44 2.48 -9.41 -1.53
CA THR A 44 1.87 -10.40 -2.42
C THR A 44 2.30 -11.83 -2.03
N LYS A 45 3.53 -11.97 -1.52
CA LYS A 45 4.13 -13.28 -1.19
C LYS A 45 5.18 -13.10 -0.08
N ALA A 46 5.72 -14.22 0.43
CA ALA A 46 6.79 -14.23 1.44
C ALA A 46 7.77 -15.40 1.20
N ALA A 47 8.83 -15.43 1.99
CA ALA A 47 9.89 -16.44 1.94
C ALA A 47 10.58 -16.49 3.31
N THR A 48 11.42 -17.51 3.50
CA THR A 48 12.20 -17.71 4.72
C THR A 48 13.55 -18.35 4.33
N LEU A 49 14.62 -17.59 4.48
CA LEU A 49 15.99 -18.06 4.17
C LEU A 49 16.76 -18.10 5.51
N GLY A 50 16.76 -19.29 6.14
CA GLY A 50 17.47 -19.51 7.38
C GLY A 50 16.89 -18.71 8.55
N ASP A 51 17.56 -17.61 8.89
CA ASP A 51 17.19 -16.69 9.99
C ASP A 51 16.37 -15.49 9.46
N LYS A 52 16.62 -15.11 8.19
CA LYS A 52 16.02 -13.92 7.55
C LYS A 52 14.86 -14.30 6.63
N LYS A 53 13.64 -13.90 7.01
CA LYS A 53 12.45 -13.99 6.16
C LYS A 53 12.40 -12.77 5.23
N PHE A 54 11.91 -12.99 4.01
CA PHE A 54 11.71 -11.94 3.00
C PHE A 54 10.22 -11.84 2.64
N TYR A 55 9.75 -10.63 2.39
CA TYR A 55 8.40 -10.37 1.85
C TYR A 55 8.53 -9.91 0.40
N LEU A 56 7.82 -10.59 -0.50
CA LEU A 56 7.63 -10.13 -1.86
C LEU A 56 6.54 -9.04 -1.82
N VAL A 57 6.93 -7.81 -2.13
CA VAL A 57 6.02 -6.66 -2.14
C VAL A 57 5.55 -6.40 -3.58
N GLY A 58 4.37 -5.77 -3.71
CA GLY A 58 3.74 -5.54 -5.00
C GLY A 58 2.67 -4.49 -4.92
N ASP A 59 2.30 -3.91 -6.08
CA ASP A 59 1.29 -2.84 -6.16
C ASP A 59 -0.10 -3.37 -5.78
N TYR A 60 -0.83 -2.61 -4.94
CA TYR A 60 -2.18 -3.00 -4.46
C TYR A 60 -3.22 -2.84 -5.58
N ASN A 61 -3.03 -1.78 -6.40
CA ASN A 61 -4.00 -1.37 -7.45
C ASN A 61 -4.09 -2.45 -8.56
N THR A 62 -2.94 -2.84 -9.12
CA THR A 62 -2.87 -3.80 -10.26
C THR A 62 -2.53 -5.22 -9.79
N GLY A 63 -1.94 -5.33 -8.58
CA GLY A 63 -1.56 -6.63 -8.00
C GLY A 63 -0.25 -7.19 -8.55
N THR A 64 0.57 -6.34 -9.19
CA THR A 64 1.81 -6.77 -9.86
C THR A 64 3.00 -6.78 -8.88
N ASN A 65 3.81 -7.85 -8.95
CA ASN A 65 4.95 -8.08 -8.05
C ASN A 65 6.17 -7.21 -8.43
N TYR A 66 6.94 -6.80 -7.40
CA TYR A 66 8.19 -6.02 -7.57
C TYR A 66 9.43 -6.86 -7.20
N GLY A 67 9.34 -7.58 -6.07
CA GLY A 67 10.42 -8.49 -5.65
C GLY A 67 10.53 -8.63 -4.15
N TRP A 68 11.60 -9.33 -3.71
CA TRP A 68 11.83 -9.69 -2.31
C TRP A 68 12.49 -8.54 -1.54
N VAL A 69 12.21 -8.44 -0.23
CA VAL A 69 12.87 -7.47 0.68
C VAL A 69 12.85 -8.01 2.13
N LYS A 70 13.80 -7.54 2.96
CA LYS A 70 13.87 -7.88 4.41
C LYS A 70 12.53 -7.69 5.16
N GLN A 71 12.32 -8.57 6.14
CA GLN A 71 11.16 -8.52 7.05
C GLN A 71 11.27 -7.38 8.06
N ASP A 72 12.50 -6.99 8.44
CA ASP A 72 12.74 -6.03 9.54
C ASP A 72 12.76 -4.59 9.03
N GLU A 73 13.27 -4.38 7.79
CA GLU A 73 13.42 -3.02 7.19
C GLU A 73 12.12 -2.51 6.54
N VAL A 74 11.06 -3.35 6.55
CA VAL A 74 9.72 -2.97 6.07
C VAL A 74 8.72 -2.94 7.23
N ILE A 75 7.68 -2.09 7.13
CA ILE A 75 6.58 -2.06 8.11
C ILE A 75 5.36 -2.76 7.49
N TYR A 76 5.12 -4.00 7.95
CA TYR A 76 4.00 -4.84 7.50
C TYR A 76 2.78 -4.62 8.42
N ASN A 77 1.72 -4.02 7.86
CA ASN A 77 0.42 -3.84 8.54
C ASN A 77 -0.61 -4.85 7.96
N THR A 78 -1.75 -5.04 8.65
CA THR A 78 -2.70 -6.13 8.36
C THR A 78 -3.68 -5.70 7.27
N ALA A 79 -3.84 -6.51 6.21
CA ALA A 79 -4.79 -6.24 5.13
C ALA A 79 -5.61 -7.50 4.82
N LYS A 80 -6.87 -7.28 4.42
CA LYS A 80 -7.82 -8.35 4.02
C LYS A 80 -8.13 -8.22 2.53
N SER A 81 -9.03 -9.10 2.04
CA SER A 81 -9.46 -9.09 0.63
C SER A 81 -10.24 -7.78 0.30
N PRO A 82 -9.80 -7.01 -0.76
CA PRO A 82 -10.48 -5.77 -1.17
C PRO A 82 -11.89 -6.05 -1.75
N VAL A 83 -12.89 -5.35 -1.23
CA VAL A 83 -14.29 -5.46 -1.66
C VAL A 83 -14.59 -4.34 -2.67
N LYS A 84 -15.25 -4.69 -3.79
CA LYS A 84 -15.60 -3.74 -4.84
C LYS A 84 -16.95 -3.06 -4.55
N ILE A 85 -16.90 -1.73 -4.47
CA ILE A 85 -18.09 -0.86 -4.44
C ILE A 85 -17.85 0.28 -5.43
N ASN A 86 -18.88 0.63 -6.22
CA ASN A 86 -18.77 1.66 -7.29
C ASN A 86 -19.65 2.89 -6.99
N GLN A 87 -20.23 2.92 -5.79
CA GLN A 87 -21.19 3.98 -5.37
C GLN A 87 -20.48 5.34 -5.27
N THR A 88 -21.07 6.36 -5.92
CA THR A 88 -20.48 7.68 -5.99
C THR A 88 -20.91 8.51 -4.77
N TYR A 89 -19.91 8.93 -3.99
CA TYR A 89 -20.08 9.81 -2.83
C TYR A 89 -19.55 11.21 -3.16
N ASN A 90 -19.81 12.14 -2.26
CA ASN A 90 -19.18 13.47 -2.28
C ASN A 90 -18.24 13.56 -1.07
N VAL A 91 -17.29 14.50 -1.09
CA VAL A 91 -16.25 14.58 -0.06
C VAL A 91 -15.87 16.05 0.20
N LYS A 92 -15.79 16.42 1.49
CA LYS A 92 -15.47 17.80 1.95
C LYS A 92 -14.13 18.33 1.38
N PRO A 93 -14.05 19.68 1.08
CA PRO A 93 -12.77 20.35 0.75
C PRO A 93 -11.83 20.38 1.98
N GLY A 94 -10.51 20.36 1.74
CA GLY A 94 -9.51 20.19 2.80
C GLY A 94 -9.03 18.75 2.89
N VAL A 95 -9.96 17.80 2.63
CA VAL A 95 -9.66 16.35 2.60
C VAL A 95 -8.74 16.05 1.40
N LYS A 96 -7.64 15.34 1.67
CA LYS A 96 -6.65 14.97 0.65
C LYS A 96 -6.84 13.53 0.19
N LEU A 97 -6.32 13.24 -1.01
CA LEU A 97 -6.30 11.88 -1.59
C LEU A 97 -4.93 11.27 -1.37
N HIS A 98 -4.91 9.94 -1.25
CA HIS A 98 -3.69 9.17 -0.95
C HIS A 98 -3.59 8.00 -1.95
N THR A 99 -2.39 7.64 -2.38
CA THR A 99 -2.21 6.52 -3.33
C THR A 99 -2.10 5.17 -2.58
N VAL A 100 -1.38 5.18 -1.46
CA VAL A 100 -0.84 3.96 -0.83
C VAL A 100 -1.62 3.60 0.46
N PRO A 101 -2.32 2.40 0.50
CA PRO A 101 -3.07 1.91 1.70
C PRO A 101 -2.28 2.12 3.03
N TRP A 102 -2.99 2.54 4.09
CA TRP A 102 -2.44 2.85 5.44
C TRP A 102 -1.86 4.29 5.50
N GLY A 103 -1.29 4.79 4.38
CA GLY A 103 -0.96 6.20 4.24
C GLY A 103 0.35 6.59 4.91
N THR A 104 1.47 6.09 4.36
CA THR A 104 2.83 6.42 4.82
C THR A 104 3.33 7.59 3.93
N TYR A 105 4.61 7.96 3.98
CA TYR A 105 5.16 9.17 3.33
C TYR A 105 4.87 9.33 1.80
N ASN A 106 4.17 8.35 1.17
CA ASN A 106 3.63 8.50 -0.21
C ASN A 106 2.11 8.78 -0.17
N GLN A 107 1.66 9.48 0.89
CA GLN A 107 0.22 9.73 1.16
C GLN A 107 -0.34 10.89 0.30
N VAL A 108 0.50 11.62 -0.45
CA VAL A 108 0.01 12.70 -1.33
C VAL A 108 -0.31 12.13 -2.74
N ALA A 109 -1.59 12.18 -3.11
CA ALA A 109 -2.07 11.84 -4.47
C ALA A 109 -2.76 13.07 -5.06
N GLY A 110 -3.52 13.77 -4.21
CA GLY A 110 -4.22 15.00 -4.57
C GLY A 110 -4.82 15.66 -3.35
N THR A 111 -5.65 16.70 -3.56
CA THR A 111 -6.40 17.38 -2.50
C THR A 111 -7.74 17.86 -3.07
N VAL A 112 -8.84 17.41 -2.46
CA VAL A 112 -10.18 17.97 -2.69
C VAL A 112 -10.16 19.43 -2.21
N SER A 113 -10.29 20.36 -3.16
CA SER A 113 -10.16 21.80 -2.88
C SER A 113 -10.96 22.62 -3.90
N GLY A 114 -11.06 23.92 -3.63
CA GLY A 114 -11.81 24.85 -4.46
C GLY A 114 -13.07 25.32 -3.77
N LYS A 115 -14.24 24.84 -4.25
CA LYS A 115 -15.57 25.22 -3.71
C LYS A 115 -16.48 23.98 -3.60
N GLY A 116 -16.97 23.73 -2.36
CA GLY A 116 -17.94 22.68 -2.08
C GLY A 116 -17.34 21.27 -2.11
N ASP A 117 -18.23 20.26 -2.02
CA ASP A 117 -17.84 18.85 -2.08
C ASP A 117 -17.48 18.46 -3.52
N GLN A 118 -16.40 17.69 -3.68
CA GLN A 118 -15.95 17.17 -4.99
C GLN A 118 -16.46 15.73 -5.17
N THR A 119 -16.70 15.33 -6.43
CA THR A 119 -17.31 14.03 -6.75
C THR A 119 -16.30 12.88 -6.58
N PHE A 120 -16.39 12.16 -5.45
CA PHE A 120 -15.55 10.99 -5.18
C PHE A 120 -16.34 9.73 -5.55
N LYS A 121 -16.02 9.14 -6.71
CA LYS A 121 -16.62 7.87 -7.13
C LYS A 121 -15.82 6.72 -6.53
N ALA A 122 -16.51 5.71 -6.00
CA ALA A 122 -15.87 4.54 -5.40
C ALA A 122 -15.44 3.54 -6.49
N THR A 123 -14.34 2.82 -6.25
CA THR A 123 -13.89 1.70 -7.13
C THR A 123 -13.55 0.45 -6.28
N LYS A 124 -13.26 0.67 -4.99
CA LYS A 124 -12.72 -0.36 -4.08
C LYS A 124 -12.84 0.12 -2.63
N GLN A 125 -12.87 -0.83 -1.69
CA GLN A 125 -12.70 -0.57 -0.26
C GLN A 125 -11.82 -1.70 0.29
N GLN A 126 -10.74 -1.33 0.95
CA GLN A 126 -9.70 -2.26 1.43
C GLN A 126 -9.69 -2.23 2.95
N GLN A 127 -10.10 -3.35 3.57
CA GLN A 127 -10.16 -3.47 5.03
C GLN A 127 -8.74 -3.75 5.56
N ILE A 128 -8.11 -2.68 6.06
CA ILE A 128 -6.76 -2.74 6.67
C ILE A 128 -6.96 -2.66 8.20
N ASP A 129 -5.88 -2.91 8.97
CA ASP A 129 -5.91 -2.96 10.45
C ASP A 129 -6.56 -1.69 11.05
N LYS A 130 -7.82 -1.88 11.53
CA LYS A 130 -8.58 -0.92 12.33
C LYS A 130 -9.19 0.24 11.49
N ALA A 131 -9.07 0.17 10.15
CA ALA A 131 -9.64 1.20 9.26
C ALA A 131 -9.85 0.70 7.83
N THR A 132 -11.11 0.83 7.35
CA THR A 132 -11.46 0.57 5.94
C THR A 132 -11.11 1.82 5.11
N TYR A 133 -10.12 1.69 4.22
CA TYR A 133 -9.70 2.77 3.32
C TYR A 133 -10.48 2.61 2.01
N LEU A 134 -11.31 3.60 1.68
CA LEU A 134 -12.16 3.53 0.47
C LEU A 134 -11.36 4.09 -0.71
N TYR A 135 -10.91 3.18 -1.58
CA TYR A 135 -10.08 3.49 -2.73
C TYR A 135 -10.99 3.79 -3.93
N GLY A 136 -10.88 5.00 -4.48
CA GLY A 136 -11.74 5.43 -5.57
C GLY A 136 -11.06 6.39 -6.52
N THR A 137 -11.87 7.00 -7.39
CA THR A 137 -11.44 8.01 -8.34
C THR A 137 -12.35 9.26 -8.19
N VAL A 138 -11.73 10.39 -7.83
CA VAL A 138 -12.41 11.66 -7.57
C VAL A 138 -12.13 12.67 -8.71
N ASN A 139 -13.19 13.07 -9.45
CA ASN A 139 -13.14 14.14 -10.48
C ASN A 139 -12.14 13.79 -11.63
N GLY A 140 -11.88 12.48 -11.82
CA GLY A 140 -10.91 12.01 -12.82
C GLY A 140 -9.56 11.64 -12.20
N LYS A 141 -9.21 12.28 -11.08
CA LYS A 141 -7.97 12.02 -10.33
C LYS A 141 -8.20 10.79 -9.43
N SER A 142 -7.18 9.95 -9.24
CA SER A 142 -7.29 8.72 -8.41
C SER A 142 -6.73 8.95 -6.99
N GLY A 143 -7.23 8.15 -6.03
CA GLY A 143 -6.77 8.20 -4.65
C GLY A 143 -7.83 7.70 -3.68
N TRP A 144 -7.38 7.10 -2.56
CA TRP A 144 -8.27 6.68 -1.48
C TRP A 144 -8.40 7.77 -0.41
N ILE A 145 -9.51 7.66 0.32
CA ILE A 145 -9.72 8.29 1.62
C ILE A 145 -10.51 7.29 2.47
N SER A 146 -10.17 7.18 3.77
CA SER A 146 -10.85 6.26 4.70
C SER A 146 -12.37 6.54 4.72
N LYS A 147 -13.15 5.45 4.82
CA LYS A 147 -14.62 5.44 4.60
C LYS A 147 -15.37 6.39 5.57
N TYR A 148 -14.72 6.73 6.69
CA TYR A 148 -15.26 7.58 7.76
C TYR A 148 -15.41 9.05 7.29
N TYR A 149 -14.51 9.49 6.38
CA TYR A 149 -14.37 10.90 5.96
C TYR A 149 -15.17 11.24 4.69
N LEU A 150 -15.89 10.26 4.10
CA LEU A 150 -16.78 10.52 2.96
C LEU A 150 -18.04 11.25 3.43
N THR A 151 -18.35 12.40 2.78
CA THR A 151 -19.57 13.16 3.03
C THR A 151 -20.79 12.32 2.56
N ALA A 152 -21.91 12.42 3.29
CA ALA A 152 -23.12 11.61 3.01
C ALA A 152 -24.36 12.30 3.61
N ASN A 1 23.61 -22.79 9.16
CA ASN A 1 22.88 -23.00 7.88
C ASN A 1 22.24 -21.68 7.40
N ASN A 2 21.94 -21.62 6.09
CA ASN A 2 21.37 -20.42 5.45
C ASN A 2 20.51 -20.83 4.23
N GLN A 3 19.50 -21.67 4.48
CA GLN A 3 18.60 -22.19 3.45
C GLN A 3 17.47 -21.17 3.15
N LEU A 4 17.12 -21.01 1.86
CA LEU A 4 15.98 -20.21 1.44
C LEU A 4 14.69 -21.04 1.62
N THR A 5 14.10 -20.94 2.82
CA THR A 5 12.83 -21.58 3.15
C THR A 5 11.68 -20.64 2.72
N VAL A 6 11.04 -20.98 1.59
CA VAL A 6 9.95 -20.18 0.99
C VAL A 6 8.68 -20.34 1.85
N THR A 7 7.95 -19.22 2.03
CA THR A 7 6.81 -19.11 2.94
C THR A 7 5.57 -18.56 2.20
N ASN A 8 4.35 -18.99 2.60
CA ASN A 8 3.10 -18.36 2.16
C ASN A 8 2.71 -17.26 3.16
N ASN A 9 2.45 -16.05 2.65
CA ASN A 9 2.04 -14.90 3.47
C ASN A 9 1.38 -13.86 2.55
N SER A 10 0.23 -13.32 2.98
CA SER A 10 -0.51 -12.31 2.22
C SER A 10 -1.05 -11.24 3.18
N GLY A 11 -0.90 -9.97 2.77
CA GLY A 11 -1.23 -8.80 3.59
C GLY A 11 -0.88 -7.52 2.87
N VAL A 12 -0.55 -6.48 3.62
CA VAL A 12 -0.07 -5.18 3.07
C VAL A 12 1.19 -4.73 3.84
N ALA A 13 2.07 -3.98 3.15
CA ALA A 13 3.34 -3.49 3.74
C ALA A 13 4.02 -2.45 2.83
N GLN A 14 4.76 -1.51 3.44
CA GLN A 14 5.73 -0.63 2.75
C GLN A 14 6.96 -0.45 3.61
N ILE A 15 8.12 -0.28 2.98
CA ILE A 15 9.36 0.09 3.66
C ILE A 15 9.28 1.57 4.04
N ASN A 16 9.65 1.93 5.30
CA ASN A 16 9.72 3.34 5.73
C ASN A 16 10.72 4.10 4.82
N ALA A 17 10.41 5.37 4.52
CA ALA A 17 11.16 6.20 3.55
C ALA A 17 12.66 6.36 3.92
N LYS A 18 13.01 6.12 5.20
CA LYS A 18 14.38 6.28 5.71
C LYS A 18 15.00 4.90 6.09
N ASN A 19 14.51 3.83 5.46
CA ASN A 19 14.99 2.44 5.69
C ASN A 19 15.53 1.82 4.38
N SER A 20 16.00 0.56 4.50
CA SER A 20 16.68 -0.17 3.41
C SER A 20 15.75 -0.44 2.24
N GLY A 21 16.24 -0.20 1.00
CA GLY A 21 15.45 -0.39 -0.22
C GLY A 21 15.21 -1.86 -0.57
N LEU A 22 15.17 -2.15 -1.88
CA LEU A 22 14.75 -3.47 -2.40
C LEU A 22 15.94 -4.37 -2.68
N TYR A 23 15.87 -5.59 -2.13
CA TYR A 23 16.80 -6.66 -2.47
C TYR A 23 16.55 -7.08 -3.93
N THR A 24 17.48 -6.66 -4.81
CA THR A 24 17.43 -6.92 -6.26
C THR A 24 17.39 -8.44 -6.53
N THR A 25 18.10 -9.19 -5.66
CA THR A 25 18.07 -10.65 -5.60
C THR A 25 17.86 -11.09 -4.14
N VAL A 26 17.64 -12.39 -3.94
CA VAL A 26 17.64 -13.02 -2.62
C VAL A 26 19.04 -12.87 -1.95
N TYR A 27 20.08 -12.98 -2.78
CA TYR A 27 21.50 -12.91 -2.32
C TYR A 27 22.03 -11.47 -2.24
N ASP A 28 21.13 -10.47 -2.43
CA ASP A 28 21.46 -9.02 -2.29
C ASP A 28 21.84 -8.69 -0.82
N THR A 29 22.45 -7.53 -0.58
CA THR A 29 23.15 -7.24 0.69
C THR A 29 22.24 -6.56 1.72
N LYS A 30 21.80 -5.33 1.41
CA LYS A 30 21.05 -4.48 2.36
C LYS A 30 19.96 -3.67 1.62
N GLY A 31 19.52 -4.17 0.45
CA GLY A 31 18.45 -3.56 -0.32
C GLY A 31 18.83 -2.22 -0.96
N LYS A 32 18.86 -2.18 -2.30
CA LYS A 32 19.15 -0.96 -3.06
C LYS A 32 17.95 0.01 -3.02
N THR A 33 18.16 1.20 -2.43
CA THR A 33 17.14 2.26 -2.34
C THR A 33 16.83 2.82 -3.74
N THR A 34 15.79 2.25 -4.37
CA THR A 34 15.32 2.64 -5.71
C THR A 34 14.39 3.88 -5.62
N ASN A 35 13.80 4.29 -6.77
CA ASN A 35 12.92 5.47 -6.89
C ASN A 35 11.75 5.43 -5.90
N GLN A 36 11.14 4.24 -5.74
CA GLN A 36 10.07 4.02 -4.73
C GLN A 36 10.64 3.29 -3.51
N ILE A 37 10.10 3.60 -2.31
CA ILE A 37 10.46 2.89 -1.06
C ILE A 37 9.37 1.81 -0.75
N GLN A 38 8.79 1.26 -1.83
CA GLN A 38 7.90 0.09 -1.83
C GLN A 38 6.59 0.33 -1.07
N ARG A 39 6.00 1.50 -1.36
CA ARG A 39 4.68 1.97 -0.88
C ARG A 39 3.62 0.86 -0.88
N THR A 40 2.64 0.97 0.05
CA THR A 40 1.73 -0.13 0.40
C THR A 40 0.94 -0.67 -0.81
N LEU A 41 1.48 -1.73 -1.42
CA LEU A 41 0.85 -2.40 -2.58
C LEU A 41 0.09 -3.65 -2.10
N SER A 42 0.85 -4.70 -1.74
CA SER A 42 0.35 -5.97 -1.17
C SER A 42 1.49 -7.00 -1.07
N VAL A 43 1.41 -7.87 -0.06
CA VAL A 43 2.26 -9.06 0.08
C VAL A 43 1.50 -10.25 -0.56
N THR A 44 2.18 -11.03 -1.42
CA THR A 44 1.56 -12.21 -2.09
C THR A 44 2.29 -13.51 -1.71
N LYS A 45 3.64 -13.42 -1.64
CA LYS A 45 4.52 -14.54 -1.22
C LYS A 45 5.45 -14.06 -0.10
N ALA A 46 6.21 -14.99 0.47
CA ALA A 46 7.25 -14.72 1.46
C ALA A 46 8.38 -15.76 1.36
N ALA A 47 9.46 -15.53 2.13
CA ALA A 47 10.67 -16.37 2.13
C ALA A 47 11.51 -16.07 3.39
N THR A 48 12.54 -16.89 3.63
CA THR A 48 13.51 -16.71 4.73
C THR A 48 14.86 -17.28 4.32
N LEU A 49 15.93 -16.52 4.54
CA LEU A 49 17.32 -16.98 4.36
C LEU A 49 18.17 -16.27 5.44
N GLY A 50 18.22 -16.90 6.64
CA GLY A 50 18.83 -16.31 7.82
C GLY A 50 17.92 -15.25 8.46
N ASP A 51 18.50 -14.08 8.81
CA ASP A 51 17.73 -12.92 9.33
C ASP A 51 17.03 -12.19 8.17
N LYS A 52 17.54 -12.42 6.95
CA LYS A 52 17.00 -11.86 5.71
C LYS A 52 15.71 -12.61 5.31
N LYS A 53 14.58 -12.20 5.89
CA LYS A 53 13.24 -12.69 5.50
C LYS A 53 12.67 -11.80 4.40
N PHE A 54 12.33 -12.42 3.27
CA PHE A 54 11.93 -11.72 2.04
C PHE A 54 10.43 -11.88 1.84
N TYR A 55 9.69 -10.77 1.87
CA TYR A 55 8.27 -10.77 1.58
C TYR A 55 8.12 -10.28 0.14
N LEU A 56 7.68 -11.20 -0.72
CA LEU A 56 7.53 -10.92 -2.15
C LEU A 56 6.28 -10.06 -2.33
N VAL A 57 6.52 -8.75 -2.34
CA VAL A 57 5.49 -7.73 -2.51
C VAL A 57 5.43 -7.25 -3.98
N GLY A 58 4.26 -6.74 -4.35
CA GLY A 58 3.99 -6.27 -5.70
C GLY A 58 2.65 -5.58 -5.78
N ASP A 59 2.41 -4.85 -6.88
CA ASP A 59 1.22 -3.99 -7.03
C ASP A 59 -0.08 -4.80 -7.00
N TYR A 60 -1.06 -4.30 -6.22
CA TYR A 60 -2.35 -4.97 -6.00
C TYR A 60 -3.23 -4.89 -7.27
N ASN A 61 -3.07 -3.80 -8.02
CA ASN A 61 -3.90 -3.49 -9.21
C ASN A 61 -3.50 -4.38 -10.40
N THR A 62 -2.19 -4.42 -10.70
CA THR A 62 -1.64 -5.18 -11.85
C THR A 62 -1.38 -6.65 -11.49
N GLY A 63 -0.99 -6.89 -10.22
CA GLY A 63 -0.54 -8.21 -9.76
C GLY A 63 0.93 -8.47 -10.06
N THR A 64 1.66 -7.40 -10.41
CA THR A 64 3.09 -7.48 -10.80
C THR A 64 4.00 -7.38 -9.55
N ASN A 65 4.72 -8.49 -9.28
CA ASN A 65 5.75 -8.56 -8.20
C ASN A 65 6.89 -7.56 -8.49
N TYR A 66 7.11 -6.61 -7.57
CA TYR A 66 8.06 -5.51 -7.78
C TYR A 66 9.45 -5.85 -7.19
N GLY A 67 9.50 -6.55 -6.03
CA GLY A 67 10.79 -6.93 -5.42
C GLY A 67 10.69 -7.64 -4.07
N TRP A 68 11.85 -8.15 -3.60
CA TRP A 68 12.01 -8.80 -2.28
C TRP A 68 12.31 -7.73 -1.22
N VAL A 69 11.59 -7.76 -0.08
CA VAL A 69 11.73 -6.76 1.01
C VAL A 69 11.89 -7.45 2.38
N LYS A 70 12.50 -6.77 3.37
CA LYS A 70 12.60 -7.30 4.74
C LYS A 70 11.39 -6.89 5.57
N GLN A 71 10.94 -7.81 6.45
CA GLN A 71 9.93 -7.51 7.49
C GLN A 71 10.47 -6.43 8.46
N ASP A 72 11.81 -6.45 8.62
CA ASP A 72 12.57 -5.54 9.48
C ASP A 72 12.43 -4.08 9.02
N GLU A 73 12.28 -3.89 7.70
CA GLU A 73 12.29 -2.56 7.06
C GLU A 73 10.87 -2.11 6.67
N VAL A 74 9.93 -3.07 6.48
CA VAL A 74 8.51 -2.75 6.18
C VAL A 74 7.70 -2.60 7.48
N ILE A 75 6.57 -1.89 7.38
CA ILE A 75 5.54 -1.87 8.41
C ILE A 75 4.37 -2.72 7.88
N TYR A 76 4.26 -3.96 8.37
CA TYR A 76 3.30 -4.95 7.90
C TYR A 76 1.97 -4.82 8.69
N ASN A 77 0.86 -5.02 7.97
CA ASN A 77 -0.49 -5.03 8.53
C ASN A 77 -1.33 -6.07 7.76
N THR A 78 -2.35 -6.63 8.42
CA THR A 78 -3.21 -7.67 7.83
C THR A 78 -4.29 -7.03 6.91
N ALA A 79 -4.50 -7.65 5.74
CA ALA A 79 -5.52 -7.22 4.76
C ALA A 79 -6.54 -8.34 4.54
N LYS A 80 -7.82 -7.95 4.48
CA LYS A 80 -8.96 -8.84 4.18
C LYS A 80 -9.47 -8.61 2.75
N SER A 81 -10.53 -9.36 2.37
CA SER A 81 -11.13 -9.31 1.04
C SER A 81 -11.73 -7.91 0.72
N PRO A 82 -11.45 -7.34 -0.50
CA PRO A 82 -12.03 -6.04 -0.94
C PRO A 82 -13.58 -6.08 -1.05
N VAL A 83 -14.23 -5.06 -0.46
CA VAL A 83 -15.67 -4.82 -0.61
C VAL A 83 -15.88 -3.72 -1.66
N LYS A 84 -16.83 -3.91 -2.58
CA LYS A 84 -17.14 -2.89 -3.61
C LYS A 84 -18.41 -2.11 -3.25
N ILE A 85 -18.34 -0.77 -3.34
CA ILE A 85 -19.53 0.10 -3.40
C ILE A 85 -19.36 1.00 -4.63
N ASN A 86 -20.42 1.16 -5.42
CA ASN A 86 -20.37 2.02 -6.62
C ASN A 86 -21.16 3.32 -6.39
N GLN A 87 -21.34 3.67 -5.10
CA GLN A 87 -22.03 4.89 -4.69
C GLN A 87 -21.06 6.09 -4.78
N THR A 88 -21.56 7.20 -5.35
CA THR A 88 -20.79 8.45 -5.46
C THR A 88 -21.02 9.30 -4.21
N TYR A 89 -19.95 9.60 -3.50
CA TYR A 89 -19.95 10.47 -2.30
C TYR A 89 -19.28 11.82 -2.62
N ASN A 90 -19.23 12.71 -1.62
CA ASN A 90 -18.47 13.98 -1.68
C ASN A 90 -17.33 13.93 -0.65
N VAL A 91 -16.34 14.82 -0.79
CA VAL A 91 -15.10 14.77 0.03
C VAL A 91 -14.71 16.19 0.54
N LYS A 92 -14.42 16.26 1.86
CA LYS A 92 -14.13 17.50 2.61
C LYS A 92 -12.86 18.22 2.07
N PRO A 93 -12.80 19.59 2.10
CA PRO A 93 -11.55 20.36 1.85
C PRO A 93 -10.48 20.08 2.93
N GLY A 94 -9.21 19.92 2.50
CA GLY A 94 -8.09 19.61 3.40
C GLY A 94 -7.79 18.12 3.53
N VAL A 95 -8.55 17.28 2.81
CA VAL A 95 -8.41 15.81 2.83
C VAL A 95 -7.29 15.35 1.89
N LYS A 96 -6.39 14.50 2.42
CA LYS A 96 -5.26 13.93 1.66
C LYS A 96 -5.72 12.62 1.00
N LEU A 97 -5.85 12.64 -0.34
CA LEU A 97 -6.02 11.44 -1.16
C LEU A 97 -4.69 10.67 -1.17
N HIS A 98 -4.76 9.34 -1.11
CA HIS A 98 -3.58 8.47 -0.97
C HIS A 98 -3.33 7.73 -2.28
N THR A 99 -2.04 7.58 -2.64
CA THR A 99 -1.62 7.00 -3.93
C THR A 99 -2.01 5.51 -4.02
N VAL A 100 -1.67 4.77 -2.96
CA VAL A 100 -1.87 3.31 -2.84
C VAL A 100 -2.61 3.03 -1.48
N PRO A 101 -3.22 1.79 -1.27
CA PRO A 101 -4.03 1.47 -0.05
C PRO A 101 -3.23 1.67 1.26
N TRP A 102 -3.97 1.86 2.39
CA TRP A 102 -3.43 2.13 3.73
C TRP A 102 -2.84 3.56 3.87
N GLY A 103 -2.11 4.04 2.83
CA GLY A 103 -1.94 5.48 2.62
C GLY A 103 -1.12 6.20 3.70
N THR A 104 0.19 5.96 3.76
CA THR A 104 1.02 6.35 4.91
C THR A 104 1.54 7.79 4.68
N TYR A 105 2.44 8.29 5.54
CA TYR A 105 2.95 9.69 5.51
C TYR A 105 3.63 10.05 4.17
N ASN A 106 3.98 9.04 3.36
CA ASN A 106 4.62 9.21 2.05
C ASN A 106 3.57 9.16 0.90
N GLN A 107 2.47 8.44 1.15
CA GLN A 107 1.47 8.08 0.12
C GLN A 107 0.32 9.10 0.06
N VAL A 108 0.65 10.31 -0.43
CA VAL A 108 -0.34 11.35 -0.76
C VAL A 108 -0.40 11.53 -2.29
N ALA A 109 -1.48 11.02 -2.94
CA ALA A 109 -1.75 11.24 -4.38
C ALA A 109 -2.10 12.71 -4.66
N GLY A 110 -2.84 13.31 -3.71
CA GLY A 110 -3.29 14.69 -3.82
C GLY A 110 -4.00 15.14 -2.57
N THR A 111 -4.51 16.38 -2.58
CA THR A 111 -5.26 16.95 -1.46
C THR A 111 -6.42 17.80 -2.02
N VAL A 112 -7.62 17.66 -1.42
CA VAL A 112 -8.78 18.51 -1.74
C VAL A 112 -8.49 19.95 -1.28
N SER A 113 -8.75 20.91 -2.17
CA SER A 113 -8.44 22.33 -1.93
C SER A 113 -9.48 23.22 -2.60
N GLY A 114 -9.45 24.52 -2.26
CA GLY A 114 -10.44 25.49 -2.71
C GLY A 114 -11.65 25.56 -1.78
N LYS A 115 -12.55 26.50 -2.07
CA LYS A 115 -13.77 26.71 -1.28
C LYS A 115 -14.88 25.77 -1.81
N GLY A 116 -15.20 24.73 -1.03
CA GLY A 116 -16.25 23.76 -1.39
C GLY A 116 -15.73 22.34 -1.45
N ASP A 117 -16.57 21.39 -1.02
CA ASP A 117 -16.28 19.94 -1.06
C ASP A 117 -16.27 19.43 -2.51
N GLN A 118 -15.29 18.57 -2.85
CA GLN A 118 -15.20 17.92 -4.18
C GLN A 118 -16.09 16.66 -4.23
N THR A 119 -15.99 15.89 -5.33
CA THR A 119 -16.80 14.70 -5.58
C THR A 119 -15.91 13.45 -5.66
N PHE A 120 -16.13 12.50 -4.73
CA PHE A 120 -15.43 11.21 -4.71
C PHE A 120 -16.38 10.10 -5.21
N LYS A 121 -16.19 9.65 -6.45
CA LYS A 121 -16.97 8.54 -7.03
C LYS A 121 -16.30 7.20 -6.65
N ALA A 122 -16.83 6.55 -5.59
CA ALA A 122 -16.29 5.28 -5.06
C ALA A 122 -16.63 4.11 -5.99
N THR A 123 -15.71 3.13 -6.09
CA THR A 123 -15.89 1.92 -6.92
C THR A 123 -15.50 0.65 -6.12
N LYS A 124 -14.37 0.70 -5.41
CA LYS A 124 -13.90 -0.40 -4.54
C LYS A 124 -13.59 0.13 -3.14
N GLN A 125 -13.32 -0.82 -2.23
CA GLN A 125 -12.69 -0.61 -0.91
C GLN A 125 -11.68 -1.74 -0.70
N GLN A 126 -10.69 -1.51 0.15
CA GLN A 126 -9.83 -2.59 0.68
C GLN A 126 -9.94 -2.54 2.20
N GLN A 127 -10.26 -3.68 2.82
CA GLN A 127 -10.44 -3.76 4.26
C GLN A 127 -9.10 -4.03 4.95
N ILE A 128 -8.51 -2.98 5.50
CA ILE A 128 -7.36 -3.09 6.41
C ILE A 128 -7.83 -2.76 7.84
N ASP A 129 -6.97 -3.04 8.84
CA ASP A 129 -7.30 -2.95 10.28
C ASP A 129 -7.89 -1.57 10.65
N LYS A 130 -9.18 -1.57 11.06
CA LYS A 130 -9.93 -0.38 11.53
C LYS A 130 -10.21 0.62 10.38
N ALA A 131 -9.14 1.30 9.93
CA ALA A 131 -9.17 2.23 8.81
C ALA A 131 -9.44 1.49 7.48
N THR A 132 -10.56 1.80 6.83
CA THR A 132 -10.92 1.24 5.52
C THR A 132 -10.68 2.29 4.44
N TYR A 133 -9.87 1.94 3.42
CA TYR A 133 -9.54 2.87 2.32
C TYR A 133 -10.36 2.54 1.07
N LEU A 134 -11.18 3.53 0.65
CA LEU A 134 -12.03 3.44 -0.53
C LEU A 134 -11.25 3.85 -1.78
N TYR A 135 -11.28 2.99 -2.79
CA TYR A 135 -10.73 3.26 -4.10
C TYR A 135 -11.83 3.90 -4.97
N GLY A 136 -11.61 5.14 -5.38
CA GLY A 136 -12.54 5.85 -6.23
C GLY A 136 -11.83 6.90 -7.07
N THR A 137 -12.59 7.85 -7.63
CA THR A 137 -12.07 8.82 -8.59
C THR A 137 -12.60 10.24 -8.28
N VAL A 138 -11.65 11.19 -8.08
CA VAL A 138 -11.91 12.63 -7.96
C VAL A 138 -11.19 13.35 -9.13
N ASN A 139 -11.97 14.07 -9.98
CA ASN A 139 -11.43 14.95 -11.05
C ASN A 139 -10.67 14.15 -12.14
N GLY A 140 -11.00 12.86 -12.29
CA GLY A 140 -10.38 11.99 -13.30
C GLY A 140 -9.24 11.13 -12.73
N LYS A 141 -8.65 11.58 -11.61
CA LYS A 141 -7.58 10.84 -10.91
C LYS A 141 -8.18 9.88 -9.87
N SER A 142 -7.63 8.66 -9.80
CA SER A 142 -8.07 7.63 -8.85
C SER A 142 -7.15 7.60 -7.64
N GLY A 143 -7.75 7.48 -6.44
CA GLY A 143 -7.02 7.47 -5.18
C GLY A 143 -7.80 6.80 -4.06
N TRP A 144 -7.06 6.37 -3.03
CA TRP A 144 -7.61 5.71 -1.82
C TRP A 144 -7.82 6.75 -0.72
N ILE A 145 -9.02 6.77 -0.11
CA ILE A 145 -9.36 7.74 0.94
C ILE A 145 -9.76 7.00 2.24
N SER A 146 -9.42 7.58 3.40
CA SER A 146 -9.90 7.11 4.70
C SER A 146 -11.39 7.52 4.84
N LYS A 147 -12.24 6.63 5.39
CA LYS A 147 -13.68 6.91 5.60
C LYS A 147 -13.87 8.12 6.53
N TYR A 148 -12.91 8.29 7.47
CA TYR A 148 -12.88 9.39 8.45
C TYR A 148 -12.77 10.75 7.73
N TYR A 149 -11.99 10.74 6.63
CA TYR A 149 -11.73 11.93 5.79
C TYR A 149 -12.92 12.20 4.86
N LEU A 150 -13.60 11.12 4.43
CA LEU A 150 -14.74 11.17 3.50
C LEU A 150 -15.96 11.85 4.17
N THR A 151 -16.71 12.64 3.39
CA THR A 151 -17.93 13.32 3.86
C THR A 151 -19.12 12.34 3.79
N ALA A 152 -20.08 12.49 4.72
CA ALA A 152 -21.29 11.66 4.79
C ALA A 152 -22.39 12.42 5.57
N ASN A 1 19.93 -26.09 8.58
CA ASN A 1 20.77 -24.88 8.47
C ASN A 1 19.92 -23.70 7.91
N ASN A 2 20.58 -22.56 7.64
CA ASN A 2 19.93 -21.40 7.00
C ASN A 2 19.73 -21.70 5.49
N GLN A 3 18.65 -22.44 5.20
CA GLN A 3 18.27 -22.86 3.84
C GLN A 3 17.16 -21.93 3.32
N LEU A 4 17.17 -21.61 2.02
CA LEU A 4 16.08 -20.85 1.39
C LEU A 4 14.84 -21.75 1.25
N THR A 5 13.92 -21.60 2.19
CA THR A 5 12.60 -22.21 2.13
C THR A 5 11.58 -21.10 1.84
N VAL A 6 11.04 -21.07 0.61
CA VAL A 6 10.10 -20.00 0.19
C VAL A 6 8.75 -20.19 0.90
N THR A 7 8.06 -19.07 1.12
CA THR A 7 6.85 -19.00 1.95
C THR A 7 5.76 -18.22 1.19
N ASN A 8 4.49 -18.60 1.36
CA ASN A 8 3.36 -17.84 0.77
C ASN A 8 2.90 -16.74 1.74
N ASN A 9 2.47 -15.60 1.20
CA ASN A 9 1.91 -14.49 1.98
C ASN A 9 0.85 -13.74 1.15
N SER A 10 -0.16 -13.21 1.84
CA SER A 10 -1.20 -12.37 1.25
C SER A 10 -1.56 -11.25 2.25
N GLY A 11 -0.98 -10.07 2.04
CA GLY A 11 -1.22 -8.90 2.88
C GLY A 11 -0.74 -7.62 2.22
N VAL A 12 -0.54 -6.57 3.03
CA VAL A 12 0.02 -5.27 2.58
C VAL A 12 1.08 -4.79 3.59
N ALA A 13 2.04 -3.98 3.12
CA ALA A 13 3.13 -3.43 3.96
C ALA A 13 3.89 -2.32 3.22
N GLN A 14 4.16 -1.20 3.92
CA GLN A 14 5.10 -0.17 3.43
C GLN A 14 6.52 -0.50 3.87
N ILE A 15 7.49 -0.15 3.02
CA ILE A 15 8.91 -0.31 3.31
C ILE A 15 9.46 1.02 3.86
N ASN A 16 10.27 0.95 4.93
CA ASN A 16 10.95 2.12 5.51
C ASN A 16 12.00 2.63 4.51
N ALA A 17 12.03 3.96 4.31
CA ALA A 17 12.92 4.62 3.35
C ALA A 17 14.41 4.37 3.69
N LYS A 18 14.69 4.29 4.99
CA LYS A 18 16.05 4.16 5.55
C LYS A 18 16.42 2.67 5.74
N ASN A 19 15.92 1.81 4.84
CA ASN A 19 16.12 0.34 4.89
C ASN A 19 17.62 -0.05 4.72
N SER A 20 17.92 -1.35 4.92
CA SER A 20 19.30 -1.87 4.81
C SER A 20 19.71 -2.16 3.34
N GLY A 21 18.79 -1.94 2.38
CA GLY A 21 19.01 -2.32 0.99
C GLY A 21 17.96 -3.29 0.51
N LEU A 22 17.13 -2.83 -0.44
CA LEU A 22 16.14 -3.68 -1.13
C LEU A 22 16.86 -4.76 -1.94
N TYR A 23 16.54 -6.02 -1.64
CA TYR A 23 17.15 -7.18 -2.26
C TYR A 23 16.48 -7.50 -3.60
N THR A 24 17.23 -7.28 -4.69
CA THR A 24 16.83 -7.68 -6.04
C THR A 24 16.69 -9.23 -6.13
N THR A 25 17.55 -9.93 -5.39
CA THR A 25 17.45 -11.38 -5.13
C THR A 25 17.54 -11.63 -3.62
N VAL A 26 16.91 -12.71 -3.14
CA VAL A 26 17.02 -13.16 -1.72
C VAL A 26 18.48 -13.46 -1.32
N TYR A 27 19.27 -13.93 -2.32
CA TYR A 27 20.71 -14.20 -2.15
C TYR A 27 21.52 -12.91 -1.95
N ASP A 28 20.95 -11.77 -2.43
CA ASP A 28 21.54 -10.42 -2.38
C ASP A 28 22.77 -10.27 -3.29
N THR A 29 22.91 -9.08 -3.89
CA THR A 29 24.11 -8.69 -4.64
C THR A 29 24.87 -7.62 -3.84
N LYS A 30 24.18 -6.50 -3.56
CA LYS A 30 24.71 -5.38 -2.72
C LYS A 30 23.57 -4.72 -1.91
N GLY A 31 22.32 -4.83 -2.43
CA GLY A 31 21.14 -4.18 -1.84
C GLY A 31 21.02 -2.72 -2.24
N LYS A 32 19.80 -2.25 -2.53
CA LYS A 32 19.55 -0.84 -2.92
C LYS A 32 18.60 -0.14 -1.93
N THR A 33 19.18 0.61 -0.98
CA THR A 33 18.42 1.54 -0.14
C THR A 33 18.08 2.78 -0.99
N THR A 34 16.96 2.71 -1.72
CA THR A 34 16.49 3.83 -2.54
C THR A 34 15.94 4.95 -1.62
N ASN A 35 15.89 6.18 -2.18
CA ASN A 35 15.63 7.42 -1.43
C ASN A 35 14.33 7.35 -0.60
N GLN A 36 13.25 6.89 -1.23
CA GLN A 36 11.91 6.77 -0.58
C GLN A 36 11.19 5.54 -1.17
N ILE A 37 10.63 4.68 -0.30
CA ILE A 37 9.82 3.52 -0.77
C ILE A 37 8.38 3.69 -0.25
N GLN A 38 8.26 4.09 1.04
CA GLN A 38 7.16 4.87 1.65
C GLN A 38 5.73 4.67 1.08
N ARG A 39 5.38 3.44 0.63
CA ARG A 39 4.08 3.12 -0.01
C ARG A 39 3.67 1.72 0.44
N THR A 40 2.47 1.59 1.03
CA THR A 40 1.94 0.28 1.43
C THR A 40 1.36 -0.43 0.19
N LEU A 41 2.22 -1.22 -0.47
CA LEU A 41 1.91 -1.83 -1.75
C LEU A 41 1.07 -3.11 -1.56
N SER A 42 1.77 -4.18 -1.14
CA SER A 42 1.25 -5.54 -0.99
C SER A 42 2.43 -6.47 -0.77
N VAL A 43 2.21 -7.58 -0.06
CA VAL A 43 3.20 -8.66 0.09
C VAL A 43 2.61 -9.92 -0.55
N THR A 44 3.06 -10.22 -1.78
CA THR A 44 2.51 -11.31 -2.61
C THR A 44 3.27 -12.64 -2.39
N LYS A 45 4.49 -12.54 -1.85
CA LYS A 45 5.35 -13.72 -1.55
C LYS A 45 6.22 -13.44 -0.32
N ALA A 46 6.86 -14.50 0.14
CA ALA A 46 7.80 -14.49 1.26
C ALA A 46 8.86 -15.58 1.04
N ALA A 47 9.88 -15.60 1.89
CA ALA A 47 10.97 -16.58 1.85
C ALA A 47 11.74 -16.56 3.17
N THR A 48 11.72 -17.66 3.91
CA THR A 48 12.44 -17.79 5.18
C THR A 48 13.80 -18.51 4.94
N LEU A 49 14.91 -17.82 5.30
CA LEU A 49 16.27 -18.31 5.10
C LEU A 49 17.02 -18.15 6.43
N GLY A 50 16.73 -19.06 7.37
CA GLY A 50 17.38 -19.10 8.68
C GLY A 50 17.12 -17.85 9.52
N ASP A 51 18.12 -16.95 9.56
CA ASP A 51 18.06 -15.71 10.38
C ASP A 51 17.28 -14.59 9.67
N LYS A 52 17.29 -14.61 8.32
CA LYS A 52 16.70 -13.55 7.48
C LYS A 52 15.36 -14.01 6.88
N LYS A 53 14.36 -13.13 6.96
CA LYS A 53 13.05 -13.31 6.33
C LYS A 53 12.88 -12.26 5.23
N PHE A 54 12.70 -12.73 4.00
CA PHE A 54 12.54 -11.89 2.81
C PHE A 54 11.07 -11.91 2.40
N TYR A 55 10.54 -10.74 2.04
CA TYR A 55 9.13 -10.57 1.65
C TYR A 55 9.07 -9.84 0.31
N LEU A 56 8.51 -10.52 -0.70
CA LEU A 56 8.30 -9.93 -2.03
C LEU A 56 7.16 -8.92 -1.92
N VAL A 57 7.51 -7.64 -2.00
CA VAL A 57 6.56 -6.54 -2.06
C VAL A 57 6.32 -6.16 -3.53
N GLY A 58 5.09 -5.74 -3.84
CA GLY A 58 4.70 -5.39 -5.19
C GLY A 58 3.44 -4.55 -5.19
N ASP A 59 3.34 -3.61 -6.15
CA ASP A 59 2.21 -2.64 -6.23
C ASP A 59 0.87 -3.38 -6.32
N TYR A 60 -0.12 -2.94 -5.54
CA TYR A 60 -1.41 -3.62 -5.38
C TYR A 60 -2.22 -3.63 -6.69
N ASN A 61 -2.24 -2.49 -7.40
CA ASN A 61 -3.12 -2.29 -8.57
C ASN A 61 -2.58 -3.00 -9.81
N THR A 62 -1.29 -2.76 -10.12
CA THR A 62 -0.64 -3.30 -11.32
C THR A 62 -0.20 -4.76 -11.10
N GLY A 63 0.23 -5.06 -9.86
CA GLY A 63 0.80 -6.36 -9.52
C GLY A 63 2.29 -6.46 -9.83
N THR A 64 2.91 -5.29 -10.12
CA THR A 64 4.34 -5.19 -10.46
C THR A 64 5.21 -5.56 -9.24
N ASN A 65 5.93 -6.70 -9.35
CA ASN A 65 6.90 -7.13 -8.34
C ASN A 65 7.98 -6.05 -8.16
N TYR A 66 7.97 -5.41 -7.00
CA TYR A 66 8.88 -4.31 -6.67
C TYR A 66 10.26 -4.88 -6.26
N GLY A 67 10.22 -5.99 -5.50
CA GLY A 67 11.43 -6.72 -5.10
C GLY A 67 11.28 -7.38 -3.74
N TRP A 68 12.37 -7.99 -3.26
CA TRP A 68 12.43 -8.62 -1.93
C TRP A 68 13.00 -7.61 -0.93
N VAL A 69 12.57 -7.73 0.33
CA VAL A 69 13.00 -6.85 1.42
C VAL A 69 12.93 -7.61 2.77
N LYS A 70 13.78 -7.22 3.74
CA LYS A 70 13.78 -7.81 5.09
C LYS A 70 12.47 -7.52 5.83
N GLN A 71 12.10 -8.44 6.74
CA GLN A 71 10.97 -8.24 7.66
C GLN A 71 11.22 -7.02 8.56
N ASP A 72 12.49 -6.88 8.99
CA ASP A 72 12.94 -5.79 9.88
C ASP A 72 12.72 -4.42 9.22
N GLU A 73 12.92 -4.35 7.90
CA GLU A 73 12.94 -3.08 7.15
C GLU A 73 11.53 -2.68 6.64
N VAL A 74 10.52 -3.52 6.93
CA VAL A 74 9.11 -3.20 6.63
C VAL A 74 8.25 -3.23 7.90
N ILE A 75 7.17 -2.45 7.88
CA ILE A 75 6.08 -2.53 8.87
C ILE A 75 4.93 -3.29 8.19
N TYR A 76 4.54 -4.45 8.74
CA TYR A 76 3.52 -5.30 8.13
C TYR A 76 2.12 -4.86 8.59
N ASN A 77 1.26 -4.57 7.60
CA ASN A 77 -0.14 -4.13 7.81
C ASN A 77 -1.09 -5.25 7.36
N THR A 78 -2.39 -5.11 7.69
CA THR A 78 -3.43 -6.10 7.31
C THR A 78 -4.37 -5.50 6.26
N ALA A 79 -4.95 -6.35 5.39
CA ALA A 79 -5.90 -5.92 4.35
C ALA A 79 -6.93 -7.04 4.09
N LYS A 80 -8.20 -6.67 4.16
CA LYS A 80 -9.34 -7.54 3.79
C LYS A 80 -9.56 -7.46 2.27
N SER A 81 -10.30 -8.45 1.71
CA SER A 81 -10.71 -8.42 0.29
C SER A 81 -11.60 -7.17 0.02
N PRO A 82 -11.26 -6.31 -1.02
CA PRO A 82 -12.09 -5.13 -1.35
C PRO A 82 -13.54 -5.52 -1.67
N VAL A 83 -14.48 -4.87 -0.99
CA VAL A 83 -15.91 -5.00 -1.24
C VAL A 83 -16.30 -3.94 -2.29
N LYS A 84 -17.19 -4.31 -3.23
CA LYS A 84 -17.70 -3.35 -4.23
C LYS A 84 -18.80 -2.48 -3.62
N ILE A 85 -18.74 -1.18 -3.93
CA ILE A 85 -19.72 -0.17 -3.50
C ILE A 85 -19.86 0.85 -4.64
N ASN A 86 -21.08 1.30 -4.93
CA ASN A 86 -21.34 2.31 -5.99
C ASN A 86 -21.92 3.60 -5.40
N GLN A 87 -22.05 3.63 -4.06
CA GLN A 87 -22.70 4.73 -3.33
C GLN A 87 -21.92 6.05 -3.49
N THR A 88 -22.67 7.14 -3.62
CA THR A 88 -22.11 8.49 -3.72
C THR A 88 -21.95 9.09 -2.31
N TYR A 89 -20.88 9.87 -2.15
CA TYR A 89 -20.48 10.55 -0.92
C TYR A 89 -19.81 11.87 -1.31
N ASN A 90 -19.31 12.61 -0.33
CA ASN A 90 -18.39 13.74 -0.57
C ASN A 90 -17.03 13.43 0.06
N VAL A 91 -16.02 14.22 -0.33
CA VAL A 91 -14.68 14.15 0.25
C VAL A 91 -14.36 15.50 0.91
N LYS A 92 -13.86 15.44 2.17
CA LYS A 92 -13.44 16.62 2.94
C LYS A 92 -12.42 17.48 2.15
N PRO A 93 -12.60 18.85 2.12
CA PRO A 93 -11.66 19.77 1.43
C PRO A 93 -10.22 19.68 1.99
N GLY A 94 -9.23 19.58 1.09
CA GLY A 94 -7.81 19.55 1.45
C GLY A 94 -7.23 18.16 1.70
N VAL A 95 -8.01 17.09 1.39
CA VAL A 95 -7.57 15.69 1.60
C VAL A 95 -6.78 15.15 0.38
N LYS A 96 -5.62 14.53 0.67
CA LYS A 96 -4.75 13.91 -0.34
C LYS A 96 -5.23 12.47 -0.61
N LEU A 97 -5.55 12.17 -1.89
CA LEU A 97 -5.91 10.82 -2.34
C LEU A 97 -4.65 9.95 -2.43
N HIS A 98 -4.79 8.65 -2.15
CA HIS A 98 -3.70 7.67 -2.20
C HIS A 98 -4.06 6.58 -3.22
N THR A 99 -3.24 6.37 -4.26
CA THR A 99 -3.45 5.28 -5.26
C THR A 99 -2.90 3.91 -4.77
N VAL A 100 -2.79 3.73 -3.42
CA VAL A 100 -2.38 2.44 -2.82
C VAL A 100 -3.14 2.27 -1.45
N PRO A 101 -3.59 1.01 -1.10
CA PRO A 101 -4.24 0.69 0.22
C PRO A 101 -3.37 1.05 1.43
N TRP A 102 -4.05 1.29 2.59
CA TRP A 102 -3.48 1.80 3.87
C TRP A 102 -3.13 3.28 3.79
N GLY A 103 -2.71 3.74 2.60
CA GLY A 103 -2.67 5.15 2.30
C GLY A 103 -1.52 5.87 2.97
N THR A 104 -0.29 5.59 2.51
CA THR A 104 0.92 6.07 3.18
C THR A 104 1.21 7.50 2.66
N TYR A 105 1.79 8.32 3.55
CA TYR A 105 1.96 9.78 3.39
C TYR A 105 2.59 10.18 2.02
N ASN A 106 3.54 9.35 1.54
CA ASN A 106 4.25 9.59 0.26
C ASN A 106 3.33 9.39 -0.96
N GLN A 107 2.42 8.42 -0.88
CA GLN A 107 1.48 8.08 -1.97
C GLN A 107 0.42 9.20 -2.12
N VAL A 108 0.76 10.27 -2.84
CA VAL A 108 -0.17 11.36 -3.17
C VAL A 108 -0.55 11.25 -4.65
N ALA A 109 -1.72 10.67 -4.93
CA ALA A 109 -2.33 10.62 -6.27
C ALA A 109 -2.80 12.03 -6.71
N GLY A 110 -3.24 12.80 -5.71
CA GLY A 110 -3.72 14.16 -5.90
C GLY A 110 -4.21 14.74 -4.59
N THR A 111 -4.82 15.92 -4.64
CA THR A 111 -5.37 16.62 -3.46
C THR A 111 -6.71 17.28 -3.84
N VAL A 112 -7.69 17.21 -2.93
CA VAL A 112 -8.97 17.93 -3.04
C VAL A 112 -8.74 19.40 -2.63
N SER A 113 -9.47 20.31 -3.30
CA SER A 113 -9.41 21.76 -3.04
C SER A 113 -9.54 22.08 -1.54
N GLY A 114 -8.58 22.89 -1.00
CA GLY A 114 -8.60 23.31 0.41
C GLY A 114 -9.91 23.96 0.83
N LYS A 115 -10.51 24.70 -0.12
CA LYS A 115 -11.90 25.13 -0.06
C LYS A 115 -12.63 24.53 -1.26
N GLY A 116 -13.53 23.58 -1.00
CA GLY A 116 -14.34 22.95 -2.04
C GLY A 116 -14.33 21.44 -1.94
N ASP A 117 -15.32 20.88 -1.22
CA ASP A 117 -15.55 19.43 -1.16
C ASP A 117 -16.05 18.94 -2.52
N GLN A 118 -15.53 17.81 -2.98
CA GLN A 118 -15.90 17.23 -4.29
C GLN A 118 -16.81 16.01 -4.08
N THR A 119 -17.71 15.76 -5.05
CA THR A 119 -18.65 14.64 -5.00
C THR A 119 -17.90 13.31 -5.26
N PHE A 120 -17.62 12.58 -4.18
CA PHE A 120 -16.86 11.32 -4.23
C PHE A 120 -17.80 10.12 -4.38
N LYS A 121 -17.92 9.57 -5.60
CA LYS A 121 -18.61 8.30 -5.82
C LYS A 121 -17.62 7.15 -5.65
N ALA A 122 -17.89 6.27 -4.68
CA ALA A 122 -17.09 5.08 -4.42
C ALA A 122 -17.31 4.02 -5.51
N THR A 123 -16.25 3.26 -5.83
CA THR A 123 -16.29 2.10 -6.75
C THR A 123 -15.76 0.82 -6.04
N LYS A 124 -14.97 1.04 -4.97
CA LYS A 124 -14.43 -0.01 -4.07
C LYS A 124 -14.39 0.52 -2.63
N GLN A 125 -14.32 -0.42 -1.69
CA GLN A 125 -14.03 -0.16 -0.28
C GLN A 125 -13.23 -1.37 0.24
N GLN A 126 -11.98 -1.14 0.61
CA GLN A 126 -11.13 -2.18 1.19
C GLN A 126 -10.81 -1.79 2.62
N GLN A 127 -11.27 -2.63 3.56
CA GLN A 127 -10.96 -2.46 4.97
C GLN A 127 -9.50 -2.82 5.21
N ILE A 128 -8.69 -1.83 5.57
CA ILE A 128 -7.26 -2.01 5.89
C ILE A 128 -7.11 -1.98 7.42
N ASP A 129 -5.90 -2.30 7.89
CA ASP A 129 -5.45 -2.17 9.29
C ASP A 129 -5.97 -0.87 9.94
N LYS A 130 -7.10 -1.02 10.69
CA LYS A 130 -7.85 0.05 11.40
C LYS A 130 -8.72 0.90 10.43
N ALA A 131 -8.08 1.64 9.50
CA ALA A 131 -8.77 2.58 8.60
C ALA A 131 -9.25 1.88 7.30
N THR A 132 -10.54 2.05 6.97
CA THR A 132 -11.15 1.52 5.74
C THR A 132 -10.97 2.54 4.61
N TYR A 133 -10.24 2.17 3.55
CA TYR A 133 -9.97 3.04 2.39
C TYR A 133 -10.93 2.72 1.24
N LEU A 134 -11.78 3.70 0.90
CA LEU A 134 -12.70 3.65 -0.25
C LEU A 134 -12.00 4.19 -1.50
N TYR A 135 -12.03 3.40 -2.56
CA TYR A 135 -11.46 3.77 -3.85
C TYR A 135 -12.59 4.23 -4.76
N GLY A 136 -12.61 5.51 -5.13
CA GLY A 136 -13.65 6.07 -5.97
C GLY A 136 -13.11 7.08 -6.96
N THR A 137 -13.99 7.93 -7.51
CA THR A 137 -13.63 8.85 -8.59
C THR A 137 -14.16 10.28 -8.30
N VAL A 138 -13.25 11.27 -8.41
CA VAL A 138 -13.54 12.70 -8.31
C VAL A 138 -12.95 13.44 -9.53
N ASN A 139 -13.85 13.99 -10.39
CA ASN A 139 -13.48 14.80 -11.58
C ASN A 139 -12.61 14.03 -12.60
N GLY A 140 -12.72 12.69 -12.58
CA GLY A 140 -11.94 11.82 -13.49
C GLY A 140 -10.75 11.16 -12.79
N LYS A 141 -10.26 11.75 -11.70
CA LYS A 141 -9.16 11.18 -10.88
C LYS A 141 -9.71 10.11 -9.93
N SER A 142 -8.86 9.14 -9.55
CA SER A 142 -9.26 8.02 -8.69
C SER A 142 -8.19 7.75 -7.62
N GLY A 143 -8.63 7.41 -6.39
CA GLY A 143 -7.72 7.13 -5.28
C GLY A 143 -8.43 6.57 -4.06
N TRP A 144 -7.71 5.70 -3.32
CA TRP A 144 -8.12 5.19 -1.99
C TRP A 144 -8.08 6.36 -0.98
N ILE A 145 -9.16 6.50 -0.20
CA ILE A 145 -9.27 7.52 0.86
C ILE A 145 -9.92 6.87 2.08
N SER A 146 -9.38 7.15 3.28
CA SER A 146 -9.95 6.69 4.54
C SER A 146 -11.33 7.32 4.77
N LYS A 147 -12.25 6.54 5.35
CA LYS A 147 -13.61 7.01 5.66
C LYS A 147 -13.59 8.18 6.67
N TYR A 148 -12.50 8.25 7.48
CA TYR A 148 -12.27 9.33 8.47
C TYR A 148 -12.00 10.70 7.77
N TYR A 149 -11.56 10.63 6.49
CA TYR A 149 -11.30 11.82 5.64
C TYR A 149 -12.43 12.05 4.61
N LEU A 150 -13.36 11.08 4.55
CA LEU A 150 -14.54 11.14 3.66
C LEU A 150 -15.69 11.81 4.42
N THR A 151 -16.28 12.87 3.82
CA THR A 151 -17.42 13.59 4.42
C THR A 151 -18.77 13.03 3.90
N ALA A 152 -19.79 13.04 4.77
CA ALA A 152 -21.16 12.65 4.42
C ALA A 152 -21.88 13.86 3.77
N ASN A 1 23.56 -23.30 9.50
CA ASN A 1 23.10 -21.91 9.74
C ASN A 1 22.25 -21.42 8.57
N ASN A 2 21.20 -20.63 8.90
CA ASN A 2 20.29 -20.00 7.94
C ASN A 2 19.51 -21.03 7.11
N GLN A 3 18.31 -21.40 7.57
CA GLN A 3 17.41 -22.31 6.85
C GLN A 3 16.47 -21.48 5.97
N LEU A 4 16.57 -21.67 4.65
CA LEU A 4 15.71 -20.97 3.67
C LEU A 4 14.43 -21.81 3.42
N THR A 5 13.27 -21.18 3.64
CA THR A 5 11.95 -21.78 3.40
C THR A 5 11.07 -20.72 2.71
N VAL A 6 10.57 -21.04 1.51
CA VAL A 6 9.74 -20.11 0.73
C VAL A 6 8.33 -20.03 1.35
N THR A 7 7.95 -18.81 1.76
CA THR A 7 6.69 -18.53 2.46
C THR A 7 5.66 -17.90 1.47
N ASN A 8 4.40 -18.34 1.56
CA ASN A 8 3.26 -17.71 0.84
C ASN A 8 2.44 -16.87 1.83
N ASN A 9 1.79 -15.79 1.35
CA ASN A 9 0.98 -14.89 2.20
C ASN A 9 0.01 -14.04 1.34
N SER A 10 -0.94 -13.35 1.99
CA SER A 10 -1.91 -12.47 1.34
C SER A 10 -2.10 -11.18 2.18
N GLY A 11 -1.22 -10.19 1.95
CA GLY A 11 -1.25 -8.94 2.72
C GLY A 11 -0.71 -7.75 1.95
N VAL A 12 -0.37 -6.68 2.68
CA VAL A 12 0.26 -5.45 2.12
C VAL A 12 1.33 -4.93 3.09
N ALA A 13 2.37 -4.30 2.54
CA ALA A 13 3.45 -3.67 3.32
C ALA A 13 4.21 -2.66 2.46
N GLN A 14 4.72 -1.60 3.10
CA GLN A 14 5.58 -0.59 2.46
C GLN A 14 6.94 -0.57 3.14
N ILE A 15 7.96 -0.25 2.35
CA ILE A 15 9.35 -0.12 2.82
C ILE A 15 9.55 1.28 3.40
N ASN A 16 10.44 1.46 4.39
CA ASN A 16 10.77 2.80 4.95
C ASN A 16 11.38 3.75 3.89
N ALA A 17 11.49 5.04 4.23
CA ALA A 17 12.03 6.08 3.33
C ALA A 17 13.56 5.94 3.17
N LYS A 18 14.26 5.99 4.31
CA LYS A 18 15.74 5.86 4.36
C LYS A 18 16.14 4.39 4.59
N ASN A 19 15.48 3.52 3.83
CA ASN A 19 15.58 2.06 3.95
C ASN A 19 16.91 1.51 3.41
N SER A 20 17.20 0.24 3.77
CA SER A 20 18.39 -0.50 3.30
C SER A 20 18.12 -1.16 1.92
N GLY A 21 17.38 -0.48 1.04
CA GLY A 21 17.11 -0.96 -0.33
C GLY A 21 16.35 -2.29 -0.42
N LEU A 22 16.65 -3.06 -1.48
CA LEU A 22 16.07 -4.40 -1.74
C LEU A 22 17.16 -5.43 -1.99
N TYR A 23 17.03 -6.59 -1.33
CA TYR A 23 17.78 -7.80 -1.67
C TYR A 23 17.27 -8.29 -3.04
N THR A 24 18.05 -8.05 -4.11
CA THR A 24 17.68 -8.46 -5.49
C THR A 24 17.49 -9.98 -5.57
N THR A 25 18.29 -10.70 -4.79
CA THR A 25 18.08 -12.11 -4.45
C THR A 25 18.16 -12.25 -2.92
N VAL A 26 17.59 -13.34 -2.36
CA VAL A 26 17.69 -13.61 -0.90
C VAL A 26 19.17 -13.79 -0.45
N TYR A 27 20.06 -14.07 -1.43
CA TYR A 27 21.52 -14.24 -1.22
C TYR A 27 22.27 -12.89 -1.10
N ASP A 28 21.54 -11.77 -1.12
CA ASP A 28 22.13 -10.41 -0.98
C ASP A 28 22.48 -10.13 0.50
N THR A 29 23.09 -8.97 0.82
CA THR A 29 23.65 -8.70 2.16
C THR A 29 22.90 -7.56 2.88
N LYS A 30 22.82 -6.37 2.25
CA LYS A 30 22.29 -5.14 2.91
C LYS A 30 21.32 -4.38 1.99
N GLY A 31 21.05 -4.92 0.78
CA GLY A 31 20.07 -4.34 -0.15
C GLY A 31 20.62 -3.22 -1.05
N LYS A 32 19.88 -2.92 -2.13
CA LYS A 32 20.23 -1.86 -3.12
C LYS A 32 19.06 -0.86 -3.22
N THR A 33 19.35 0.45 -3.09
CA THR A 33 18.35 1.55 -2.96
C THR A 33 17.21 1.46 -4.00
N THR A 34 15.95 1.66 -3.54
CA THR A 34 14.73 1.49 -4.35
C THR A 34 13.80 2.72 -4.22
N ASN A 35 12.83 2.83 -5.16
CA ASN A 35 11.84 3.94 -5.22
C ASN A 35 10.60 3.65 -4.32
N GLN A 36 10.58 2.47 -3.69
CA GLN A 36 9.44 1.97 -2.89
C GLN A 36 9.52 2.48 -1.42
N ILE A 37 9.79 3.78 -1.30
CA ILE A 37 10.16 4.49 -0.07
C ILE A 37 8.95 4.92 0.78
N GLN A 38 8.05 3.93 1.04
CA GLN A 38 6.67 4.04 1.58
C GLN A 38 5.64 4.16 0.47
N ARG A 39 5.90 3.35 -0.57
CA ARG A 39 4.88 2.92 -1.52
C ARG A 39 4.25 1.66 -0.93
N THR A 40 2.93 1.66 -0.68
CA THR A 40 2.22 0.46 -0.26
C THR A 40 2.18 -0.53 -1.43
N LEU A 41 2.82 -1.70 -1.27
CA LEU A 41 3.02 -2.64 -2.39
C LEU A 41 2.14 -3.89 -2.22
N SER A 42 2.58 -4.84 -1.39
CA SER A 42 1.93 -6.17 -1.21
C SER A 42 2.86 -7.09 -0.43
N VAL A 43 2.27 -8.12 0.18
CA VAL A 43 2.97 -9.32 0.65
C VAL A 43 2.19 -10.52 0.11
N THR A 44 2.42 -10.83 -1.17
CA THR A 44 1.83 -11.98 -1.85
C THR A 44 2.79 -13.19 -1.78
N LYS A 45 4.08 -12.88 -1.58
CA LYS A 45 5.17 -13.84 -1.64
C LYS A 45 6.25 -13.47 -0.59
N ALA A 46 6.98 -14.49 -0.11
CA ALA A 46 7.99 -14.33 0.95
C ALA A 46 8.94 -15.54 0.96
N ALA A 47 10.01 -15.44 1.77
CA ALA A 47 11.00 -16.50 1.99
C ALA A 47 11.79 -16.20 3.27
N THR A 48 11.69 -17.09 4.26
CA THR A 48 12.38 -16.97 5.55
C THR A 48 13.78 -17.62 5.46
N LEU A 49 14.85 -16.79 5.45
CA LEU A 49 16.24 -17.28 5.37
C LEU A 49 16.90 -17.13 6.76
N GLY A 50 16.57 -18.10 7.64
CA GLY A 50 17.15 -18.19 8.98
C GLY A 50 16.70 -17.06 9.91
N ASP A 51 17.64 -16.15 10.21
CA ASP A 51 17.42 -15.04 11.16
C ASP A 51 16.62 -13.89 10.51
N LYS A 52 16.75 -13.75 9.18
CA LYS A 52 16.09 -12.67 8.40
C LYS A 52 14.96 -13.26 7.56
N LYS A 53 13.72 -12.79 7.83
CA LYS A 53 12.55 -13.11 7.01
C LYS A 53 12.43 -12.07 5.90
N PHE A 54 12.35 -12.55 4.65
CA PHE A 54 12.26 -11.68 3.46
C PHE A 54 10.85 -11.75 2.88
N TYR A 55 10.39 -10.62 2.31
CA TYR A 55 9.08 -10.51 1.67
C TYR A 55 9.27 -9.97 0.25
N LEU A 56 8.86 -10.75 -0.77
CA LEU A 56 8.90 -10.30 -2.16
C LEU A 56 7.77 -9.28 -2.37
N VAL A 57 8.15 -8.00 -2.32
CA VAL A 57 7.22 -6.88 -2.43
C VAL A 57 7.21 -6.34 -3.87
N GLY A 58 6.03 -5.89 -4.32
CA GLY A 58 5.85 -5.38 -5.66
C GLY A 58 4.64 -4.48 -5.78
N ASP A 59 4.73 -3.50 -6.70
CA ASP A 59 3.71 -2.43 -6.85
C ASP A 59 2.29 -3.02 -7.02
N TYR A 60 1.37 -2.56 -6.16
CA TYR A 60 0.00 -3.08 -6.06
C TYR A 60 -0.80 -2.87 -7.36
N ASN A 61 -0.59 -1.70 -8.00
CA ASN A 61 -1.40 -1.24 -9.13
C ASN A 61 -1.02 -2.00 -10.42
N THR A 62 0.29 -2.19 -10.63
CA THR A 62 0.82 -2.79 -11.87
C THR A 62 1.10 -4.30 -11.71
N GLY A 63 1.32 -4.74 -10.45
CA GLY A 63 1.66 -6.13 -10.13
C GLY A 63 3.14 -6.46 -10.34
N THR A 64 3.97 -5.44 -10.59
CA THR A 64 5.41 -5.60 -10.86
C THR A 64 6.19 -5.75 -9.55
N ASN A 65 6.76 -6.96 -9.30
CA ASN A 65 7.64 -7.20 -8.14
C ASN A 65 9.10 -6.91 -8.53
N TYR A 66 9.86 -6.35 -7.57
CA TYR A 66 11.23 -5.84 -7.83
C TYR A 66 12.28 -6.66 -7.05
N GLY A 67 12.00 -6.93 -5.76
CA GLY A 67 12.97 -7.62 -4.91
C GLY A 67 12.44 -7.98 -3.52
N TRP A 68 13.29 -8.67 -2.76
CA TRP A 68 13.01 -9.15 -1.40
C TRP A 68 13.38 -8.06 -0.38
N VAL A 69 12.53 -7.86 0.62
CA VAL A 69 12.73 -6.83 1.65
C VAL A 69 12.86 -7.48 3.03
N LYS A 70 13.49 -6.76 3.96
CA LYS A 70 13.69 -7.21 5.34
C LYS A 70 12.36 -7.10 6.12
N GLN A 71 12.15 -8.02 7.07
CA GLN A 71 11.00 -7.98 8.02
C GLN A 71 10.98 -6.66 8.84
N ASP A 72 12.19 -6.17 9.17
CA ASP A 72 12.38 -4.92 9.96
C ASP A 72 12.07 -3.68 9.12
N GLU A 73 12.23 -3.80 7.80
CA GLU A 73 12.22 -2.66 6.88
C GLU A 73 10.79 -2.26 6.44
N VAL A 74 9.84 -3.16 6.65
CA VAL A 74 8.43 -2.94 6.29
C VAL A 74 7.55 -2.91 7.53
N ILE A 75 6.47 -2.13 7.46
CA ILE A 75 5.36 -2.20 8.42
C ILE A 75 4.38 -3.23 7.86
N TYR A 76 4.24 -4.36 8.56
CA TYR A 76 3.57 -5.55 8.05
C TYR A 76 2.05 -5.48 8.34
N ASN A 77 1.25 -5.44 7.27
CA ASN A 77 -0.22 -5.21 7.34
C ASN A 77 -0.94 -6.27 6.46
N THR A 78 -2.30 -6.27 6.45
CA THR A 78 -3.09 -7.32 5.77
C THR A 78 -4.20 -6.70 4.91
N ALA A 79 -4.14 -6.96 3.60
CA ALA A 79 -5.22 -6.66 2.66
C ALA A 79 -6.29 -7.78 2.73
N LYS A 80 -7.56 -7.40 2.80
CA LYS A 80 -8.71 -8.33 2.96
C LYS A 80 -9.68 -8.18 1.76
N SER A 81 -10.83 -8.87 1.83
CA SER A 81 -11.81 -8.92 0.73
C SER A 81 -12.44 -7.52 0.44
N PRO A 82 -12.64 -7.16 -0.87
CA PRO A 82 -13.25 -5.87 -1.26
C PRO A 82 -14.77 -5.86 -1.00
N VAL A 83 -15.27 -4.77 -0.41
CA VAL A 83 -16.70 -4.56 -0.14
C VAL A 83 -17.25 -3.54 -1.15
N LYS A 84 -18.44 -3.79 -1.69
CA LYS A 84 -19.05 -2.96 -2.76
C LYS A 84 -20.01 -1.92 -2.15
N ILE A 85 -19.60 -0.64 -2.22
CA ILE A 85 -20.47 0.51 -1.94
C ILE A 85 -20.36 1.49 -3.11
N ASN A 86 -21.52 2.02 -3.55
CA ASN A 86 -21.59 2.97 -4.69
C ASN A 86 -22.25 4.30 -4.25
N GLN A 87 -22.44 4.46 -2.93
CA GLN A 87 -23.15 5.62 -2.34
C GLN A 87 -22.34 6.91 -2.51
N THR A 88 -23.02 7.99 -2.93
CA THR A 88 -22.38 9.27 -3.23
C THR A 88 -22.35 10.16 -1.96
N TYR A 89 -21.14 10.51 -1.53
CA TYR A 89 -20.88 11.41 -0.39
C TYR A 89 -20.15 12.66 -0.89
N ASN A 90 -19.82 13.55 0.04
CA ASN A 90 -18.84 14.62 -0.21
C ASN A 90 -17.62 14.38 0.70
N VAL A 91 -16.43 14.57 0.14
CA VAL A 91 -15.16 14.43 0.87
C VAL A 91 -14.79 15.77 1.54
N LYS A 92 -14.15 15.65 2.72
CA LYS A 92 -13.60 16.78 3.49
C LYS A 92 -12.65 17.63 2.62
N PRO A 93 -12.79 19.00 2.61
CA PRO A 93 -11.94 19.89 1.78
C PRO A 93 -10.43 19.80 2.16
N GLY A 94 -9.57 19.66 1.13
CA GLY A 94 -8.11 19.62 1.31
C GLY A 94 -7.54 18.25 1.67
N VAL A 95 -8.35 17.19 1.54
CA VAL A 95 -7.90 15.80 1.83
C VAL A 95 -6.97 15.26 0.72
N LYS A 96 -5.89 14.57 1.13
CA LYS A 96 -4.95 13.93 0.21
C LYS A 96 -5.45 12.52 -0.20
N LEU A 97 -5.55 12.30 -1.50
CA LEU A 97 -5.87 10.99 -2.07
C LEU A 97 -4.58 10.14 -2.16
N HIS A 98 -4.76 8.83 -2.30
CA HIS A 98 -3.63 7.86 -2.42
C HIS A 98 -3.86 6.99 -3.68
N THR A 99 -2.76 6.51 -4.28
CA THR A 99 -2.82 5.69 -5.52
C THR A 99 -3.07 4.19 -5.20
N VAL A 100 -2.81 3.81 -3.94
CA VAL A 100 -2.90 2.41 -3.47
C VAL A 100 -3.66 2.41 -2.11
N PRO A 101 -4.48 1.33 -1.81
CA PRO A 101 -5.11 1.16 -0.46
C PRO A 101 -4.06 1.03 0.67
N TRP A 102 -4.52 1.18 1.92
CA TRP A 102 -3.69 1.34 3.14
C TRP A 102 -3.05 2.76 3.16
N GLY A 103 -2.50 3.22 2.01
CA GLY A 103 -2.38 4.66 1.75
C GLY A 103 -1.43 5.40 2.67
N THR A 104 -0.13 5.14 2.54
CA THR A 104 0.88 5.68 3.47
C THR A 104 1.28 7.09 3.00
N TYR A 105 1.95 7.86 3.88
CA TYR A 105 2.19 9.31 3.70
C TYR A 105 2.93 9.67 2.40
N ASN A 106 3.73 8.71 1.87
CA ASN A 106 4.44 8.89 0.58
C ASN A 106 3.50 8.59 -0.62
N GLN A 107 2.60 7.61 -0.44
CA GLN A 107 1.71 7.13 -1.50
C GLN A 107 0.58 8.16 -1.80
N VAL A 108 0.88 9.23 -2.56
CA VAL A 108 -0.09 10.30 -2.88
C VAL A 108 -0.57 10.21 -4.34
N ALA A 109 -1.87 10.47 -4.56
CA ALA A 109 -2.46 10.61 -5.90
C ALA A 109 -2.66 12.09 -6.23
N GLY A 110 -3.39 12.78 -5.33
CA GLY A 110 -3.70 14.20 -5.50
C GLY A 110 -4.25 14.81 -4.22
N THR A 111 -4.96 15.94 -4.33
CA THR A 111 -5.57 16.64 -3.17
C THR A 111 -6.94 17.26 -3.57
N VAL A 112 -7.89 17.20 -2.63
CA VAL A 112 -9.23 17.76 -2.76
C VAL A 112 -9.19 19.30 -2.67
N SER A 113 -10.18 19.97 -3.27
CA SER A 113 -10.37 21.44 -3.19
C SER A 113 -10.31 21.92 -1.72
N GLY A 114 -9.30 22.76 -1.40
CA GLY A 114 -9.05 23.23 -0.03
C GLY A 114 -10.21 24.03 0.55
N LYS A 115 -10.82 24.89 -0.28
CA LYS A 115 -12.00 25.69 0.10
C LYS A 115 -13.24 25.01 -0.49
N GLY A 116 -14.10 24.46 0.40
CA GLY A 116 -15.33 23.81 -0.02
C GLY A 116 -15.15 22.32 -0.30
N ASP A 117 -16.03 21.51 0.32
CA ASP A 117 -16.07 20.05 0.13
C ASP A 117 -16.42 19.69 -1.33
N GLN A 118 -15.90 18.55 -1.80
CA GLN A 118 -15.98 18.14 -3.22
C GLN A 118 -16.84 16.86 -3.32
N THR A 119 -17.69 16.78 -4.38
CA THR A 119 -18.61 15.65 -4.58
C THR A 119 -17.81 14.37 -4.93
N PHE A 120 -17.84 13.40 -4.03
CA PHE A 120 -17.07 12.15 -4.14
C PHE A 120 -18.01 10.93 -4.05
N LYS A 121 -18.21 10.23 -5.19
CA LYS A 121 -19.00 8.99 -5.21
C LYS A 121 -18.07 7.79 -4.93
N ALA A 122 -18.59 6.84 -4.16
CA ALA A 122 -17.95 5.54 -3.96
C ALA A 122 -18.12 4.67 -5.22
N THR A 123 -17.05 4.03 -5.66
CA THR A 123 -17.11 3.02 -6.73
C THR A 123 -17.07 1.62 -6.08
N LYS A 124 -16.28 1.54 -5.01
CA LYS A 124 -15.91 0.29 -4.32
C LYS A 124 -15.19 0.67 -3.01
N GLN A 125 -14.85 -0.32 -2.19
CA GLN A 125 -13.84 -0.19 -1.14
C GLN A 125 -13.15 -1.53 -0.94
N GLN A 126 -11.92 -1.51 -0.42
CA GLN A 126 -11.20 -2.71 0.01
C GLN A 126 -10.91 -2.60 1.50
N GLN A 127 -11.31 -3.63 2.25
CA GLN A 127 -11.06 -3.70 3.68
C GLN A 127 -9.58 -4.01 3.93
N ILE A 128 -8.86 -3.07 4.54
CA ILE A 128 -7.44 -3.25 4.90
C ILE A 128 -7.36 -3.24 6.44
N ASP A 129 -6.31 -3.88 6.99
CA ASP A 129 -6.06 -3.89 8.44
C ASP A 129 -5.82 -2.45 8.95
N LYS A 130 -6.48 -2.13 10.07
CA LYS A 130 -6.45 -0.81 10.75
C LYS A 130 -7.29 0.25 10.00
N ALA A 131 -6.96 0.55 8.73
CA ALA A 131 -7.63 1.61 7.95
C ALA A 131 -8.42 1.02 6.76
N THR A 132 -9.76 1.18 6.80
CA THR A 132 -10.64 0.80 5.68
C THR A 132 -10.51 1.85 4.55
N TYR A 133 -10.05 1.42 3.36
CA TYR A 133 -9.81 2.33 2.22
C TYR A 133 -10.87 2.16 1.13
N LEU A 134 -11.46 3.30 0.77
CA LEU A 134 -12.56 3.41 -0.20
C LEU A 134 -11.98 3.82 -1.57
N TYR A 135 -12.33 3.04 -2.61
CA TYR A 135 -11.99 3.35 -4.00
C TYR A 135 -13.15 4.13 -4.64
N GLY A 136 -12.88 5.36 -5.10
CA GLY A 136 -13.92 6.17 -5.74
C GLY A 136 -13.36 7.06 -6.83
N THR A 137 -14.21 7.96 -7.35
CA THR A 137 -13.85 8.87 -8.46
C THR A 137 -13.67 10.30 -7.93
N VAL A 138 -12.45 10.86 -8.11
CA VAL A 138 -12.11 12.22 -7.68
C VAL A 138 -11.75 13.07 -8.92
N ASN A 139 -12.76 13.78 -9.46
CA ASN A 139 -12.61 14.74 -10.59
C ASN A 139 -11.93 14.05 -11.81
N GLY A 140 -12.61 13.05 -12.37
CA GLY A 140 -12.11 12.29 -13.52
C GLY A 140 -11.11 11.18 -13.16
N LYS A 141 -10.30 11.41 -12.10
CA LYS A 141 -9.28 10.48 -11.62
C LYS A 141 -9.88 9.43 -10.67
N SER A 142 -9.05 8.46 -10.30
CA SER A 142 -9.36 7.45 -9.29
C SER A 142 -8.61 7.77 -7.99
N GLY A 143 -9.28 7.64 -6.84
CA GLY A 143 -8.70 7.97 -5.56
C GLY A 143 -8.99 6.92 -4.49
N TRP A 144 -7.92 6.25 -4.02
CA TRP A 144 -7.98 5.41 -2.83
C TRP A 144 -7.82 6.30 -1.59
N ILE A 145 -8.88 6.35 -0.80
CA ILE A 145 -9.05 7.32 0.28
C ILE A 145 -9.79 6.64 1.44
N SER A 146 -9.22 6.72 2.65
CA SER A 146 -9.84 6.09 3.83
C SER A 146 -11.17 6.77 4.18
N LYS A 147 -12.10 6.00 4.74
CA LYS A 147 -13.42 6.50 5.20
C LYS A 147 -13.25 7.56 6.32
N TYR A 148 -12.10 7.49 7.01
CA TYR A 148 -11.69 8.46 8.05
C TYR A 148 -11.53 9.89 7.47
N TYR A 149 -11.28 10.01 6.16
CA TYR A 149 -11.11 11.30 5.48
C TYR A 149 -12.46 11.92 5.06
N LEU A 150 -13.45 11.08 4.67
CA LEU A 150 -14.75 11.56 4.14
C LEU A 150 -15.57 12.27 5.24
N THR A 151 -16.14 13.44 4.90
CA THR A 151 -17.13 14.10 5.76
C THR A 151 -18.49 13.41 5.57
N ALA A 152 -18.87 12.56 6.55
CA ALA A 152 -20.14 11.85 6.57
C ALA A 152 -21.19 12.72 7.29
N ASN A 1 22.69 -24.86 10.22
CA ASN A 1 22.59 -24.88 8.75
C ASN A 1 21.35 -24.07 8.31
N ASN A 2 21.59 -22.80 7.95
CA ASN A 2 20.55 -21.89 7.43
C ASN A 2 20.22 -22.23 5.96
N GLN A 3 18.92 -22.26 5.63
CA GLN A 3 18.44 -22.59 4.27
C GLN A 3 17.29 -21.66 3.88
N LEU A 4 17.20 -21.34 2.58
CA LEU A 4 16.11 -20.55 2.01
C LEU A 4 14.89 -21.43 1.76
N THR A 5 13.85 -21.24 2.59
CA THR A 5 12.54 -21.86 2.42
C THR A 5 11.52 -20.78 2.01
N VAL A 6 10.84 -20.99 0.86
CA VAL A 6 9.93 -19.99 0.27
C VAL A 6 8.54 -20.07 0.92
N THR A 7 8.05 -18.92 1.40
CA THR A 7 6.79 -18.77 2.15
C THR A 7 5.77 -17.94 1.31
N ASN A 8 4.47 -18.02 1.63
CA ASN A 8 3.45 -17.17 0.97
C ASN A 8 2.95 -16.08 1.94
N ASN A 9 2.69 -14.87 1.39
CA ASN A 9 2.14 -13.71 2.15
C ASN A 9 1.56 -12.71 1.12
N SER A 10 0.40 -12.12 1.45
CA SER A 10 -0.26 -11.12 0.60
C SER A 10 -0.90 -10.03 1.48
N GLY A 11 -0.57 -8.76 1.17
CA GLY A 11 -1.09 -7.61 1.90
C GLY A 11 -0.53 -6.31 1.35
N VAL A 12 -0.43 -5.27 2.20
CA VAL A 12 0.22 -3.98 1.86
C VAL A 12 1.28 -3.65 2.93
N ALA A 13 2.42 -3.10 2.49
CA ALA A 13 3.54 -2.76 3.37
C ALA A 13 4.52 -1.82 2.62
N GLN A 14 4.92 -0.73 3.28
CA GLN A 14 5.94 0.19 2.75
C GLN A 14 7.31 -0.12 3.35
N ILE A 15 8.34 0.17 2.57
CA ILE A 15 9.73 0.20 3.02
C ILE A 15 10.01 1.65 3.50
N ASN A 16 10.92 1.86 4.44
CA ASN A 16 11.34 3.22 4.85
C ASN A 16 12.53 3.68 3.99
N ALA A 17 12.73 5.00 3.90
CA ALA A 17 13.89 5.60 3.19
C ALA A 17 15.21 5.43 3.96
N LYS A 18 15.10 4.98 5.23
CA LYS A 18 16.21 4.98 6.21
C LYS A 18 16.80 3.56 6.44
N ASN A 19 16.09 2.50 6.03
CA ASN A 19 16.50 1.09 6.29
C ASN A 19 17.37 0.54 5.13
N SER A 20 17.57 -0.80 5.12
CA SER A 20 18.36 -1.50 4.08
C SER A 20 17.52 -1.74 2.78
N GLY A 21 16.79 -0.68 2.36
CA GLY A 21 16.05 -0.63 1.08
C GLY A 21 15.28 -1.90 0.71
N LEU A 22 15.65 -2.46 -0.44
CA LEU A 22 14.97 -3.60 -1.06
C LEU A 22 16.02 -4.54 -1.70
N TYR A 23 16.15 -5.75 -1.13
CA TYR A 23 17.03 -6.80 -1.67
C TYR A 23 16.50 -7.24 -3.04
N THR A 24 17.26 -6.93 -4.11
CA THR A 24 16.83 -7.15 -5.51
C THR A 24 16.53 -8.66 -5.74
N THR A 25 17.43 -9.51 -5.24
CA THR A 25 17.16 -10.94 -5.03
C THR A 25 17.37 -11.29 -3.55
N VAL A 26 17.14 -12.55 -3.16
CA VAL A 26 17.46 -13.03 -1.80
C VAL A 26 18.99 -12.92 -1.55
N TYR A 27 19.77 -13.10 -2.64
CA TYR A 27 21.24 -13.08 -2.61
C TYR A 27 21.83 -11.64 -2.68
N ASP A 28 21.00 -10.62 -2.38
CA ASP A 28 21.47 -9.22 -2.23
C ASP A 28 22.07 -9.04 -0.82
N THR A 29 22.77 -7.93 -0.58
CA THR A 29 23.60 -7.74 0.64
C THR A 29 22.87 -6.88 1.68
N LYS A 30 22.54 -5.64 1.28
CA LYS A 30 21.96 -4.60 2.16
C LYS A 30 20.87 -3.82 1.43
N GLY A 31 20.30 -4.44 0.38
CA GLY A 31 19.20 -3.86 -0.39
C GLY A 31 19.60 -2.65 -1.22
N LYS A 32 18.61 -2.09 -1.94
CA LYS A 32 18.76 -0.87 -2.73
C LYS A 32 17.59 0.08 -2.41
N THR A 33 17.87 1.39 -2.28
CA THR A 33 16.83 2.40 -2.01
C THR A 33 15.86 2.51 -3.22
N THR A 34 14.78 1.73 -3.12
CA THR A 34 13.74 1.58 -4.15
C THR A 34 12.78 2.80 -4.18
N ASN A 35 11.70 2.70 -4.98
CA ASN A 35 10.64 3.73 -5.03
C ASN A 35 9.70 3.61 -3.81
N GLN A 36 9.67 2.40 -3.18
CA GLN A 36 8.77 2.07 -2.05
C GLN A 36 9.24 2.62 -0.68
N ILE A 37 9.92 3.75 -0.70
CA ILE A 37 10.59 4.38 0.48
C ILE A 37 9.59 5.17 1.39
N GLN A 38 8.41 4.55 1.65
CA GLN A 38 7.11 5.14 2.08
C GLN A 38 6.19 5.38 0.86
N ARG A 39 6.28 4.43 -0.09
CA ARG A 39 5.39 4.38 -1.25
C ARG A 39 5.00 2.91 -1.52
N THR A 40 4.03 2.42 -0.73
CA THR A 40 3.52 1.04 -0.79
C THR A 40 2.96 0.68 -2.18
N LEU A 41 3.31 -0.53 -2.63
CA LEU A 41 2.73 -1.15 -3.82
C LEU A 41 1.86 -2.35 -3.37
N SER A 42 2.49 -3.44 -2.92
CA SER A 42 1.80 -4.65 -2.44
C SER A 42 2.82 -5.69 -1.95
N VAL A 43 2.35 -6.69 -1.18
CA VAL A 43 3.12 -7.89 -0.81
C VAL A 43 2.54 -9.06 -1.62
N THR A 44 3.40 -9.78 -2.34
CA THR A 44 3.00 -10.85 -3.29
C THR A 44 3.43 -12.24 -2.80
N LYS A 45 4.51 -12.30 -1.98
CA LYS A 45 5.15 -13.57 -1.54
C LYS A 45 6.07 -13.29 -0.32
N ALA A 46 6.64 -14.36 0.26
CA ALA A 46 7.55 -14.30 1.43
C ALA A 46 8.63 -15.38 1.33
N ALA A 47 9.60 -15.36 2.27
CA ALA A 47 10.71 -16.34 2.35
C ALA A 47 11.35 -16.29 3.74
N THR A 48 12.27 -17.25 4.00
CA THR A 48 13.07 -17.31 5.24
C THR A 48 14.41 -18.03 4.94
N LEU A 49 15.51 -17.26 4.87
CA LEU A 49 16.87 -17.81 4.77
C LEU A 49 17.48 -17.80 6.18
N GLY A 50 17.22 -18.87 6.93
CA GLY A 50 17.69 -19.00 8.31
C GLY A 50 16.95 -18.08 9.26
N ASP A 51 17.59 -16.97 9.66
CA ASP A 51 16.98 -15.92 10.50
C ASP A 51 16.42 -14.79 9.62
N LYS A 52 16.99 -14.66 8.42
CA LYS A 52 16.65 -13.58 7.47
C LYS A 52 15.29 -13.87 6.80
N LYS A 53 14.20 -13.48 7.46
CA LYS A 53 12.85 -13.58 6.90
C LYS A 53 12.63 -12.45 5.89
N PHE A 54 12.43 -12.83 4.61
CA PHE A 54 12.20 -11.90 3.51
C PHE A 54 10.74 -11.89 3.11
N TYR A 55 10.33 -10.81 2.44
CA TYR A 55 8.98 -10.62 1.91
C TYR A 55 9.10 -10.04 0.50
N LEU A 56 8.66 -10.80 -0.49
CA LEU A 56 8.64 -10.36 -1.88
C LEU A 56 7.48 -9.38 -2.05
N VAL A 57 7.82 -8.13 -2.31
CA VAL A 57 6.85 -7.08 -2.59
C VAL A 57 6.70 -6.94 -4.12
N GLY A 58 5.77 -6.08 -4.55
CA GLY A 58 5.49 -5.90 -5.98
C GLY A 58 4.34 -4.94 -6.21
N ASP A 59 4.16 -4.52 -7.47
CA ASP A 59 3.15 -3.52 -7.87
C ASP A 59 1.72 -3.99 -7.55
N TYR A 60 0.86 -3.03 -7.15
CA TYR A 60 -0.52 -3.30 -6.71
C TYR A 60 -1.41 -3.77 -7.88
N ASN A 61 -1.27 -3.11 -9.04
CA ASN A 61 -2.16 -3.31 -10.20
C ASN A 61 -1.80 -4.63 -10.93
N THR A 62 -0.54 -4.72 -11.36
CA THR A 62 -0.05 -5.83 -12.20
C THR A 62 0.34 -7.04 -11.33
N GLY A 63 0.94 -6.78 -10.16
CA GLY A 63 1.49 -7.83 -9.31
C GLY A 63 2.98 -8.07 -9.57
N THR A 64 3.59 -7.23 -10.45
CA THR A 64 5.01 -7.34 -10.84
C THR A 64 5.93 -7.21 -9.62
N ASN A 65 6.64 -8.30 -9.27
CA ASN A 65 7.48 -8.37 -8.07
C ASN A 65 8.68 -7.40 -8.19
N TYR A 66 8.88 -6.58 -7.14
CA TYR A 66 9.91 -5.54 -7.07
C TYR A 66 11.20 -6.10 -6.44
N GLY A 67 11.06 -6.95 -5.40
CA GLY A 67 12.19 -7.55 -4.70
C GLY A 67 11.83 -8.05 -3.31
N TRP A 68 12.79 -8.69 -2.65
CA TRP A 68 12.64 -9.25 -1.28
C TRP A 68 13.06 -8.19 -0.26
N VAL A 69 12.42 -8.18 0.92
CA VAL A 69 12.70 -7.19 1.97
C VAL A 69 12.62 -7.86 3.36
N LYS A 70 13.52 -7.49 4.28
CA LYS A 70 13.59 -8.11 5.61
C LYS A 70 12.32 -7.78 6.44
N GLN A 71 11.98 -8.69 7.37
CA GLN A 71 10.85 -8.57 8.31
C GLN A 71 10.86 -7.24 9.09
N ASP A 72 12.07 -6.74 9.37
CA ASP A 72 12.32 -5.58 10.25
C ASP A 72 12.05 -4.25 9.53
N GLU A 73 12.24 -4.26 8.19
CA GLU A 73 12.24 -3.03 7.38
C GLU A 73 10.81 -2.48 7.23
N VAL A 74 9.92 -3.33 6.72
CA VAL A 74 8.53 -2.94 6.37
C VAL A 74 7.61 -2.93 7.59
N ILE A 75 6.72 -1.92 7.64
CA ILE A 75 5.55 -1.92 8.53
C ILE A 75 4.42 -2.58 7.74
N TYR A 76 4.08 -3.83 8.10
CA TYR A 76 3.10 -4.62 7.37
C TYR A 76 1.69 -4.33 7.91
N ASN A 77 0.74 -4.24 6.96
CA ASN A 77 -0.69 -4.03 7.20
C ASN A 77 -1.46 -5.10 6.42
N THR A 78 -2.38 -5.82 7.09
CA THR A 78 -3.18 -6.87 6.47
C THR A 78 -4.24 -6.25 5.53
N ALA A 79 -4.06 -6.43 4.22
CA ALA A 79 -5.03 -6.00 3.20
C ALA A 79 -6.02 -7.16 2.94
N LYS A 80 -7.22 -7.04 3.52
CA LYS A 80 -8.26 -8.10 3.49
C LYS A 80 -9.17 -7.94 2.24
N SER A 81 -10.34 -8.62 2.27
CA SER A 81 -11.30 -8.66 1.15
C SER A 81 -11.92 -7.26 0.87
N PRO A 82 -12.04 -6.85 -0.44
CA PRO A 82 -12.78 -5.64 -0.84
C PRO A 82 -14.31 -5.89 -0.93
N VAL A 83 -15.07 -4.79 -0.99
CA VAL A 83 -16.54 -4.77 -1.12
C VAL A 83 -16.87 -3.74 -2.21
N LYS A 84 -17.86 -4.00 -3.06
CA LYS A 84 -18.29 -3.04 -4.10
C LYS A 84 -19.49 -2.23 -3.57
N ILE A 85 -19.29 -0.91 -3.46
CA ILE A 85 -20.38 0.05 -3.18
C ILE A 85 -20.14 1.32 -4.02
N ASN A 86 -21.20 1.82 -4.65
CA ASN A 86 -21.17 3.04 -5.50
C ASN A 86 -21.82 4.23 -4.76
N GLN A 87 -21.82 4.16 -3.42
CA GLN A 87 -22.45 5.17 -2.55
C GLN A 87 -21.73 6.53 -2.67
N THR A 88 -22.51 7.58 -2.98
CA THR A 88 -22.00 8.92 -3.28
C THR A 88 -22.01 9.81 -2.01
N TYR A 89 -20.89 10.49 -1.80
CA TYR A 89 -20.70 11.50 -0.73
C TYR A 89 -20.02 12.75 -1.32
N ASN A 90 -19.81 13.75 -0.46
CA ASN A 90 -18.88 14.87 -0.73
C ASN A 90 -17.61 14.63 0.10
N VAL A 91 -16.48 15.19 -0.35
CA VAL A 91 -15.15 14.96 0.28
C VAL A 91 -14.63 16.25 0.91
N LYS A 92 -13.92 16.10 2.05
CA LYS A 92 -13.22 17.20 2.71
C LYS A 92 -12.14 17.77 1.75
N PRO A 93 -12.11 19.13 1.53
CA PRO A 93 -11.17 19.77 0.59
C PRO A 93 -9.69 19.62 1.02
N GLY A 94 -8.82 19.17 0.08
CA GLY A 94 -7.37 19.05 0.34
C GLY A 94 -6.92 17.68 0.83
N VAL A 95 -7.85 16.70 0.94
CA VAL A 95 -7.52 15.32 1.35
C VAL A 95 -6.87 14.54 0.19
N LYS A 96 -5.83 13.76 0.51
CA LYS A 96 -5.06 12.98 -0.47
C LYS A 96 -5.68 11.59 -0.66
N LEU A 97 -5.86 11.22 -1.94
CA LEU A 97 -6.26 9.87 -2.35
C LEU A 97 -5.01 8.99 -2.36
N HIS A 98 -5.17 7.72 -1.97
CA HIS A 98 -4.06 6.77 -1.81
C HIS A 98 -4.04 5.80 -2.99
N THR A 99 -2.83 5.37 -3.40
CA THR A 99 -2.64 4.48 -4.56
C THR A 99 -3.10 3.06 -4.22
N VAL A 100 -2.77 2.64 -2.99
CA VAL A 100 -3.23 1.38 -2.37
C VAL A 100 -4.17 1.76 -1.21
N PRO A 101 -5.00 0.84 -0.63
CA PRO A 101 -5.77 1.18 0.58
C PRO A 101 -4.80 1.51 1.72
N TRP A 102 -4.77 2.82 2.10
CA TRP A 102 -3.72 3.42 2.94
C TRP A 102 -2.29 3.02 2.46
N GLY A 103 -1.80 1.90 3.01
CA GLY A 103 -0.39 1.40 2.99
C GLY A 103 0.72 2.37 3.44
N THR A 104 0.53 3.70 3.30
CA THR A 104 1.38 4.73 3.91
C THR A 104 0.48 5.91 4.27
N TYR A 105 0.85 6.66 5.32
CA TYR A 105 0.19 7.95 5.65
C TYR A 105 0.34 8.95 4.46
N ASN A 106 1.50 8.86 3.78
CA ASN A 106 1.89 9.76 2.67
C ASN A 106 1.77 9.04 1.29
N GLN A 107 0.85 8.07 1.19
CA GLN A 107 0.58 7.39 -0.09
C GLN A 107 -0.35 8.30 -0.93
N VAL A 108 0.23 9.11 -1.83
CA VAL A 108 -0.53 10.10 -2.64
C VAL A 108 -0.64 9.67 -4.12
N ALA A 109 -1.80 9.08 -4.49
CA ALA A 109 -2.22 8.90 -5.90
C ALA A 109 -2.80 10.19 -6.49
N GLY A 110 -3.29 11.07 -5.60
CA GLY A 110 -3.87 12.35 -5.98
C GLY A 110 -4.25 13.16 -4.76
N THR A 111 -4.76 14.39 -4.99
CA THR A 111 -5.19 15.30 -3.93
C THR A 111 -6.45 16.05 -4.39
N VAL A 112 -7.47 16.09 -3.51
CA VAL A 112 -8.71 16.88 -3.70
C VAL A 112 -8.38 18.38 -3.63
N SER A 113 -9.19 19.18 -4.35
CA SER A 113 -9.12 20.65 -4.36
C SER A 113 -9.17 21.21 -2.92
N GLY A 114 -8.09 21.89 -2.49
CA GLY A 114 -7.99 22.49 -1.15
C GLY A 114 -9.06 23.54 -0.88
N LYS A 115 -9.45 24.26 -1.94
CA LYS A 115 -10.62 25.16 -1.93
C LYS A 115 -11.74 24.52 -2.75
N GLY A 116 -12.90 24.31 -2.11
CA GLY A 116 -14.06 23.71 -2.75
C GLY A 116 -14.12 22.20 -2.52
N ASP A 117 -15.08 21.76 -1.68
CA ASP A 117 -15.39 20.33 -1.49
C ASP A 117 -15.96 19.76 -2.80
N GLN A 118 -15.65 18.50 -3.09
CA GLN A 118 -15.99 17.88 -4.40
C GLN A 118 -16.84 16.61 -4.17
N THR A 119 -17.46 16.10 -5.24
CA THR A 119 -18.36 14.93 -5.16
C THR A 119 -17.56 13.62 -5.30
N PHE A 120 -17.34 12.94 -4.16
CA PHE A 120 -16.69 11.62 -4.12
C PHE A 120 -17.74 10.54 -4.31
N LYS A 121 -17.79 9.94 -5.50
CA LYS A 121 -18.63 8.76 -5.76
C LYS A 121 -17.76 7.50 -5.65
N ALA A 122 -18.11 6.63 -4.69
CA ALA A 122 -17.35 5.39 -4.43
C ALA A 122 -17.54 4.37 -5.57
N THR A 123 -16.68 3.33 -5.56
CA THR A 123 -16.72 2.22 -6.52
C THR A 123 -16.51 0.92 -5.73
N LYS A 124 -15.53 0.95 -4.81
CA LYS A 124 -15.14 -0.17 -3.94
C LYS A 124 -14.82 0.35 -2.53
N GLN A 125 -14.54 -0.61 -1.63
CA GLN A 125 -14.23 -0.36 -0.21
C GLN A 125 -13.52 -1.60 0.34
N GLN A 126 -12.24 -1.48 0.70
CA GLN A 126 -11.44 -2.60 1.17
C GLN A 126 -11.09 -2.43 2.64
N GLN A 127 -11.46 -3.44 3.44
CA GLN A 127 -11.08 -3.51 4.84
C GLN A 127 -9.59 -3.89 4.93
N ILE A 128 -8.81 -3.00 5.53
CA ILE A 128 -7.39 -3.22 5.84
C ILE A 128 -7.24 -3.21 7.36
N ASP A 129 -6.04 -3.58 7.84
CA ASP A 129 -5.79 -3.72 9.29
C ASP A 129 -5.98 -2.38 10.02
N LYS A 130 -7.09 -2.31 10.78
CA LYS A 130 -7.44 -1.18 11.67
C LYS A 130 -7.83 0.11 10.90
N ALA A 131 -8.31 -0.05 9.65
CA ALA A 131 -8.84 1.07 8.84
C ALA A 131 -9.74 0.53 7.71
N THR A 132 -10.62 1.38 7.20
CA THR A 132 -11.45 1.08 6.01
C THR A 132 -11.26 2.19 4.97
N TYR A 133 -10.65 1.87 3.82
CA TYR A 133 -10.42 2.82 2.73
C TYR A 133 -11.33 2.50 1.53
N LEU A 134 -12.05 3.53 1.06
CA LEU A 134 -12.97 3.46 -0.08
C LEU A 134 -12.27 3.92 -1.35
N TYR A 135 -12.39 3.11 -2.39
CA TYR A 135 -11.90 3.43 -3.72
C TYR A 135 -13.01 4.12 -4.49
N GLY A 136 -12.75 5.32 -5.01
CA GLY A 136 -13.74 6.04 -5.79
C GLY A 136 -13.16 7.21 -6.56
N THR A 137 -13.99 7.79 -7.42
CA THR A 137 -13.61 8.89 -8.33
C THR A 137 -14.13 10.23 -7.78
N VAL A 138 -13.26 11.26 -7.75
CA VAL A 138 -13.61 12.61 -7.33
C VAL A 138 -12.73 13.67 -8.04
N ASN A 139 -13.38 14.65 -8.73
CA ASN A 139 -12.73 15.83 -9.36
C ASN A 139 -11.67 15.40 -10.42
N GLY A 140 -11.96 14.28 -11.10
CA GLY A 140 -11.06 13.71 -12.12
C GLY A 140 -10.03 12.74 -11.55
N LYS A 141 -9.83 12.77 -10.23
CA LYS A 141 -8.93 11.86 -9.50
C LYS A 141 -9.67 10.54 -9.19
N SER A 142 -8.91 9.50 -8.85
CA SER A 142 -9.47 8.23 -8.36
C SER A 142 -8.43 7.53 -7.46
N GLY A 143 -8.89 7.03 -6.31
CA GLY A 143 -8.02 6.41 -5.32
C GLY A 143 -8.75 6.08 -4.02
N TRP A 144 -7.95 5.69 -3.01
CA TRP A 144 -8.46 5.18 -1.73
C TRP A 144 -8.43 6.28 -0.66
N ILE A 145 -9.58 6.55 -0.05
CA ILE A 145 -9.74 7.53 1.04
C ILE A 145 -10.66 6.91 2.12
N SER A 146 -10.27 7.06 3.39
CA SER A 146 -11.06 6.58 4.53
C SER A 146 -12.24 7.53 4.80
N LYS A 147 -13.31 7.00 5.41
CA LYS A 147 -14.50 7.78 5.79
C LYS A 147 -14.20 8.74 6.97
N TYR A 148 -13.04 8.53 7.64
CA TYR A 148 -12.52 9.44 8.67
C TYR A 148 -11.97 10.74 8.06
N TYR A 149 -11.62 10.68 6.75
CA TYR A 149 -11.10 11.83 5.96
C TYR A 149 -12.16 12.34 4.97
N LEU A 150 -13.32 11.69 4.98
CA LEU A 150 -14.45 11.97 4.06
C LEU A 150 -15.56 12.72 4.82
N THR A 151 -16.00 13.88 4.30
CA THR A 151 -17.08 14.66 4.92
C THR A 151 -18.45 13.99 4.65
N ALA A 152 -18.98 13.32 5.67
CA ALA A 152 -20.28 12.64 5.63
C ALA A 152 -21.28 13.38 6.56
N ASN A 1 20.96 -24.89 8.60
CA ASN A 1 19.95 -23.91 9.07
C ASN A 1 19.71 -22.81 8.01
N ASN A 2 20.75 -22.47 7.22
CA ASN A 2 20.66 -21.47 6.14
C ASN A 2 19.96 -22.05 4.89
N GLN A 3 18.63 -22.22 5.00
CA GLN A 3 17.78 -22.84 3.96
C GLN A 3 16.63 -21.90 3.59
N LEU A 4 16.38 -21.76 2.28
CA LEU A 4 15.30 -20.94 1.74
C LEU A 4 13.97 -21.74 1.70
N THR A 5 13.18 -21.63 2.79
CA THR A 5 11.83 -22.19 2.85
C THR A 5 10.80 -21.09 2.47
N VAL A 6 10.09 -21.32 1.36
CA VAL A 6 9.17 -20.33 0.75
C VAL A 6 7.85 -20.24 1.56
N THR A 7 7.22 -19.06 1.55
CA THR A 7 6.00 -18.76 2.35
C THR A 7 4.96 -17.99 1.50
N ASN A 8 3.67 -18.23 1.74
CA ASN A 8 2.59 -17.46 1.10
C ASN A 8 1.99 -16.50 2.14
N ASN A 9 2.30 -15.19 2.00
CA ASN A 9 1.78 -14.14 2.89
C ASN A 9 0.97 -13.14 2.07
N SER A 10 -0.22 -12.76 2.58
CA SER A 10 -1.16 -11.87 1.90
C SER A 10 -1.54 -10.72 2.85
N GLY A 11 -0.95 -9.53 2.61
CA GLY A 11 -1.19 -8.35 3.42
C GLY A 11 -0.63 -7.10 2.76
N VAL A 12 -0.26 -6.09 3.58
CA VAL A 12 0.31 -4.81 3.11
C VAL A 12 1.51 -4.42 3.99
N ALA A 13 2.49 -3.69 3.40
CA ALA A 13 3.72 -3.26 4.10
C ALA A 13 4.46 -2.18 3.30
N GLN A 14 5.32 -1.40 4.00
CA GLN A 14 6.20 -0.39 3.37
C GLN A 14 7.60 -0.38 4.00
N ILE A 15 8.61 -0.12 3.16
CA ILE A 15 9.99 0.14 3.58
C ILE A 15 10.04 1.56 4.19
N ASN A 16 10.79 1.77 5.27
CA ASN A 16 10.94 3.10 5.91
C ASN A 16 11.71 4.08 4.97
N ALA A 17 11.50 5.40 5.17
CA ALA A 17 12.08 6.47 4.32
C ALA A 17 13.62 6.47 4.30
N LYS A 18 14.20 6.01 5.41
CA LYS A 18 15.66 6.03 5.67
C LYS A 18 16.25 4.60 5.61
N ASN A 19 15.50 3.65 5.04
CA ASN A 19 15.78 2.20 5.13
C ASN A 19 16.35 1.66 3.79
N SER A 20 16.92 0.43 3.83
CA SER A 20 17.66 -0.21 2.70
C SER A 20 16.84 -0.25 1.39
N GLY A 21 15.76 -1.06 1.36
CA GLY A 21 14.86 -1.16 0.20
C GLY A 21 14.79 -2.57 -0.37
N LEU A 22 14.59 -2.64 -1.71
CA LEU A 22 14.31 -3.89 -2.43
C LEU A 22 15.57 -4.74 -2.68
N TYR A 23 15.61 -5.87 -2.00
CA TYR A 23 16.45 -7.00 -2.37
C TYR A 23 15.91 -7.57 -3.70
N THR A 24 16.59 -7.26 -4.81
CA THR A 24 16.16 -7.66 -6.18
C THR A 24 16.02 -9.20 -6.28
N THR A 25 16.91 -9.89 -5.56
CA THR A 25 16.82 -11.36 -5.34
C THR A 25 16.82 -11.65 -3.83
N VAL A 26 16.53 -12.90 -3.46
CA VAL A 26 16.68 -13.37 -2.07
C VAL A 26 18.18 -13.34 -1.63
N TYR A 27 19.07 -13.78 -2.52
CA TYR A 27 20.54 -13.69 -2.32
C TYR A 27 21.13 -12.31 -2.74
N ASP A 28 20.32 -11.22 -2.68
CA ASP A 28 20.78 -9.82 -2.96
C ASP A 28 21.81 -9.34 -1.89
N THR A 29 22.45 -8.20 -2.15
CA THR A 29 23.56 -7.68 -1.34
C THR A 29 23.04 -7.05 -0.03
N LYS A 30 22.28 -5.95 -0.14
CA LYS A 30 21.90 -5.12 1.03
C LYS A 30 20.50 -4.48 0.85
N GLY A 31 19.93 -4.57 -0.37
CA GLY A 31 18.62 -3.97 -0.66
C GLY A 31 18.76 -2.56 -1.21
N LYS A 32 17.99 -2.26 -2.27
CA LYS A 32 18.17 -1.06 -3.09
C LYS A 32 16.96 -0.13 -2.95
N THR A 33 17.21 1.13 -2.58
CA THR A 33 16.19 2.15 -2.29
C THR A 33 15.21 2.33 -3.48
N THR A 34 13.91 2.50 -3.15
CA THR A 34 12.82 2.38 -4.11
C THR A 34 11.72 3.45 -3.84
N ASN A 35 10.58 3.33 -4.54
CA ASN A 35 9.41 4.22 -4.38
C ASN A 35 8.64 3.86 -3.09
N GLN A 36 8.80 2.60 -2.61
CA GLN A 36 8.11 2.06 -1.40
C GLN A 36 8.82 2.52 -0.08
N ILE A 37 9.47 3.70 -0.13
CA ILE A 37 10.15 4.36 1.01
C ILE A 37 9.16 5.06 1.98
N GLN A 38 8.06 4.34 2.33
CA GLN A 38 6.76 4.79 2.92
C GLN A 38 5.68 5.02 1.83
N ARG A 39 5.65 4.09 0.85
CA ARG A 39 4.52 3.87 -0.06
C ARG A 39 4.08 2.40 0.03
N THR A 40 3.06 2.12 0.88
CA THR A 40 2.58 0.75 1.13
C THR A 40 1.95 0.12 -0.13
N LEU A 41 2.72 -0.73 -0.83
CA LEU A 41 2.26 -1.38 -2.07
C LEU A 41 1.36 -2.59 -1.71
N SER A 42 1.99 -3.68 -1.23
CA SER A 42 1.35 -4.87 -0.63
C SER A 42 2.38 -6.00 -0.54
N VAL A 43 2.13 -7.00 0.33
CA VAL A 43 2.87 -8.26 0.34
C VAL A 43 2.00 -9.33 -0.33
N THR A 44 2.45 -9.85 -1.48
CA THR A 44 1.70 -10.84 -2.27
C THR A 44 2.30 -12.25 -2.13
N LYS A 45 3.57 -12.31 -1.67
CA LYS A 45 4.32 -13.57 -1.51
C LYS A 45 5.45 -13.35 -0.48
N ALA A 46 6.05 -14.45 0.02
CA ALA A 46 7.12 -14.41 1.03
C ALA A 46 8.08 -15.60 0.86
N ALA A 47 9.17 -15.56 1.63
CA ALA A 47 10.23 -16.59 1.67
C ALA A 47 11.08 -16.37 2.93
N THR A 48 11.78 -17.41 3.40
CA THR A 48 12.66 -17.29 4.59
C THR A 48 13.99 -18.02 4.34
N LEU A 49 15.05 -17.24 4.07
CA LEU A 49 16.42 -17.74 3.96
C LEU A 49 17.05 -17.78 5.37
N GLY A 50 16.82 -18.89 6.10
CA GLY A 50 17.22 -18.99 7.50
C GLY A 50 16.35 -18.11 8.39
N ASP A 51 16.89 -16.94 8.80
CA ASP A 51 16.15 -15.91 9.57
C ASP A 51 15.79 -14.70 8.69
N LYS A 52 16.44 -14.61 7.50
CA LYS A 52 16.15 -13.54 6.52
C LYS A 52 14.78 -13.77 5.88
N LYS A 53 13.73 -13.18 6.48
CA LYS A 53 12.36 -13.27 5.96
C LYS A 53 12.15 -12.18 4.91
N PHE A 54 12.02 -12.61 3.65
CA PHE A 54 11.85 -11.71 2.50
C PHE A 54 10.39 -11.76 2.02
N TYR A 55 9.79 -10.58 1.91
CA TYR A 55 8.44 -10.40 1.39
C TYR A 55 8.52 -9.88 -0.05
N LEU A 56 8.04 -10.70 -1.00
CA LEU A 56 7.85 -10.29 -2.40
C LEU A 56 6.70 -9.28 -2.42
N VAL A 57 7.07 -8.02 -2.52
CA VAL A 57 6.14 -6.90 -2.54
C VAL A 57 5.83 -6.49 -3.98
N GLY A 58 4.68 -5.83 -4.14
CA GLY A 58 4.22 -5.37 -5.43
C GLY A 58 3.05 -4.44 -5.28
N ASP A 59 2.86 -3.51 -6.24
CA ASP A 59 1.73 -2.57 -6.22
C ASP A 59 0.39 -3.34 -6.30
N TYR A 60 -0.46 -3.15 -5.29
CA TYR A 60 -1.73 -3.88 -5.14
C TYR A 60 -2.70 -3.58 -6.30
N ASN A 61 -2.66 -2.34 -6.82
CA ASN A 61 -3.62 -1.86 -7.84
C ASN A 61 -3.39 -2.56 -9.19
N THR A 62 -2.13 -2.51 -9.69
CA THR A 62 -1.76 -3.04 -11.03
C THR A 62 -1.26 -4.49 -10.96
N GLY A 63 -0.89 -4.95 -9.76
CA GLY A 63 -0.32 -6.29 -9.57
C GLY A 63 1.12 -6.41 -10.10
N THR A 64 1.84 -5.28 -10.12
CA THR A 64 3.24 -5.21 -10.59
C THR A 64 4.20 -5.56 -9.43
N ASN A 65 4.91 -6.71 -9.52
CA ASN A 65 5.93 -7.08 -8.50
C ASN A 65 7.18 -6.19 -8.63
N TYR A 66 7.81 -5.90 -7.48
CA TYR A 66 8.99 -5.00 -7.39
C TYR A 66 10.24 -5.77 -6.94
N GLY A 67 10.09 -6.62 -5.91
CA GLY A 67 11.20 -7.45 -5.41
C GLY A 67 10.97 -7.90 -3.98
N TRP A 68 12.01 -8.52 -3.41
CA TRP A 68 12.03 -9.02 -2.01
C TRP A 68 12.51 -7.92 -1.05
N VAL A 69 12.12 -8.00 0.23
CA VAL A 69 12.61 -7.11 1.29
C VAL A 69 12.51 -7.79 2.68
N LYS A 70 13.45 -7.51 3.62
CA LYS A 70 13.46 -8.15 4.97
C LYS A 70 12.21 -7.74 5.79
N GLN A 71 11.87 -8.60 6.76
CA GLN A 71 10.79 -8.32 7.72
C GLN A 71 11.18 -7.16 8.67
N ASP A 72 12.50 -7.02 8.92
CA ASP A 72 13.07 -5.91 9.72
C ASP A 72 12.75 -4.55 9.09
N GLU A 73 12.76 -4.54 7.76
CA GLU A 73 12.80 -3.32 6.96
C GLU A 73 11.39 -2.79 6.66
N VAL A 74 10.37 -3.65 6.82
CA VAL A 74 8.96 -3.28 6.53
C VAL A 74 8.16 -3.04 7.80
N ILE A 75 7.18 -2.13 7.69
CA ILE A 75 6.12 -1.91 8.67
C ILE A 75 4.85 -2.55 8.09
N TYR A 76 4.52 -3.75 8.59
CA TYR A 76 3.48 -4.62 8.04
C TYR A 76 2.15 -4.44 8.82
N ASN A 77 1.05 -4.39 8.06
CA ASN A 77 -0.33 -4.36 8.59
C ASN A 77 -1.19 -5.40 7.85
N THR A 78 -2.35 -5.72 8.44
CA THR A 78 -3.19 -6.85 8.01
C THR A 78 -4.30 -6.40 7.04
N ALA A 79 -4.20 -6.81 5.76
CA ALA A 79 -5.17 -6.46 4.72
C ALA A 79 -6.22 -7.58 4.56
N LYS A 80 -7.51 -7.23 4.77
CA LYS A 80 -8.66 -8.11 4.49
C LYS A 80 -9.02 -8.07 2.99
N SER A 81 -10.07 -8.84 2.62
CA SER A 81 -10.58 -8.91 1.23
C SER A 81 -11.12 -7.54 0.75
N PRO A 82 -10.93 -7.18 -0.57
CA PRO A 82 -11.49 -5.96 -1.16
C PRO A 82 -13.04 -5.93 -1.15
N VAL A 83 -13.60 -4.80 -0.71
CA VAL A 83 -15.07 -4.59 -0.63
C VAL A 83 -15.57 -3.90 -1.92
N LYS A 84 -16.53 -4.55 -2.61
CA LYS A 84 -17.18 -3.97 -3.79
C LYS A 84 -18.31 -3.01 -3.35
N ILE A 85 -18.07 -1.71 -3.57
CA ILE A 85 -19.08 -0.67 -3.40
C ILE A 85 -18.97 0.34 -4.56
N ASN A 86 -20.11 0.72 -5.12
CA ASN A 86 -20.21 1.67 -6.26
C ASN A 86 -21.09 2.87 -5.85
N GLN A 87 -21.30 3.02 -4.53
CA GLN A 87 -22.15 4.09 -3.97
C GLN A 87 -21.44 5.46 -4.05
N THR A 88 -22.20 6.51 -4.36
CA THR A 88 -21.66 7.87 -4.47
C THR A 88 -21.71 8.57 -3.08
N TYR A 89 -20.60 9.23 -2.75
CA TYR A 89 -20.40 10.03 -1.53
C TYR A 89 -19.90 11.43 -1.93
N ASN A 90 -19.65 12.25 -0.91
CA ASN A 90 -18.95 13.53 -1.04
C ASN A 90 -17.62 13.46 -0.28
N VAL A 91 -16.70 14.41 -0.53
CA VAL A 91 -15.36 14.41 0.08
C VAL A 91 -14.94 15.84 0.42
N LYS A 92 -14.36 16.02 1.64
CA LYS A 92 -13.84 17.31 2.12
C LYS A 92 -12.83 17.94 1.13
N PRO A 93 -12.88 19.29 0.89
CA PRO A 93 -11.88 19.98 0.07
C PRO A 93 -10.53 20.06 0.82
N GLY A 94 -9.49 19.45 0.25
CA GLY A 94 -8.18 19.37 0.89
C GLY A 94 -7.74 17.94 1.18
N VAL A 95 -8.69 16.98 1.18
CA VAL A 95 -8.38 15.54 1.31
C VAL A 95 -7.70 15.06 0.01
N LYS A 96 -6.59 14.34 0.16
CA LYS A 96 -5.74 13.92 -0.97
C LYS A 96 -6.09 12.48 -1.40
N LEU A 97 -5.96 12.21 -2.71
CA LEU A 97 -6.05 10.85 -3.26
C LEU A 97 -4.74 10.10 -2.98
N HIS A 98 -4.80 8.76 -2.88
CA HIS A 98 -3.62 7.94 -2.52
C HIS A 98 -3.35 6.87 -3.59
N THR A 99 -2.10 6.81 -4.09
CA THR A 99 -1.65 5.76 -5.02
C THR A 99 -1.63 4.38 -4.33
N VAL A 100 -1.27 4.41 -3.04
CA VAL A 100 -0.98 3.20 -2.25
C VAL A 100 -2.03 2.97 -1.14
N PRO A 101 -2.48 1.68 -0.90
CA PRO A 101 -3.35 1.32 0.25
C PRO A 101 -2.60 1.47 1.59
N TRP A 102 -3.37 1.59 2.69
CA TRP A 102 -2.88 1.89 4.08
C TRP A 102 -2.39 3.36 4.21
N GLY A 103 -1.84 3.97 3.14
CA GLY A 103 -1.73 5.43 3.02
C GLY A 103 -0.67 6.05 3.92
N THR A 104 0.63 5.81 3.62
CA THR A 104 1.74 6.24 4.49
C THR A 104 2.20 7.62 4.00
N TYR A 105 3.10 8.30 4.72
CA TYR A 105 3.42 9.74 4.48
C TYR A 105 3.86 10.10 3.02
N ASN A 106 4.05 9.09 2.14
CA ASN A 106 4.33 9.32 0.68
C ASN A 106 3.09 8.89 -0.17
N GLN A 107 1.89 9.07 0.39
CA GLN A 107 0.60 8.63 -0.20
C GLN A 107 0.01 9.61 -1.25
N VAL A 108 0.77 10.59 -1.74
CA VAL A 108 0.22 11.61 -2.65
C VAL A 108 0.00 11.04 -4.07
N ALA A 109 -1.26 11.12 -4.54
CA ALA A 109 -1.67 10.77 -5.92
C ALA A 109 -2.29 12.00 -6.58
N GLY A 110 -3.15 12.67 -5.81
CA GLY A 110 -3.82 13.91 -6.20
C GLY A 110 -4.39 14.58 -4.96
N THR A 111 -5.18 15.65 -5.15
CA THR A 111 -5.84 16.37 -4.03
C THR A 111 -7.17 16.98 -4.49
N VAL A 112 -8.21 16.83 -3.64
CA VAL A 112 -9.51 17.49 -3.82
C VAL A 112 -9.41 18.97 -3.40
N SER A 113 -10.12 19.85 -4.12
CA SER A 113 -10.22 21.28 -3.80
C SER A 113 -11.45 21.88 -4.51
N GLY A 114 -11.82 23.11 -4.11
CA GLY A 114 -12.95 23.82 -4.71
C GLY A 114 -13.89 24.39 -3.67
N LYS A 115 -14.92 25.10 -4.12
CA LYS A 115 -15.93 25.71 -3.23
C LYS A 115 -16.86 24.60 -2.71
N GLY A 116 -16.69 24.24 -1.43
CA GLY A 116 -17.47 23.15 -0.81
C GLY A 116 -16.99 21.75 -1.21
N ASP A 117 -17.55 20.73 -0.53
CA ASP A 117 -17.19 19.31 -0.76
C ASP A 117 -17.57 18.85 -2.19
N GLN A 118 -16.66 18.06 -2.81
CA GLN A 118 -16.83 17.58 -4.21
C GLN A 118 -17.40 16.14 -4.24
N THR A 119 -17.88 15.75 -5.43
CA THR A 119 -18.52 14.44 -5.68
C THR A 119 -17.47 13.32 -5.78
N PHE A 120 -17.39 12.48 -4.73
CA PHE A 120 -16.53 11.28 -4.71
C PHE A 120 -17.36 10.04 -5.06
N LYS A 121 -17.05 9.41 -6.19
CA LYS A 121 -17.70 8.13 -6.58
C LYS A 121 -16.86 6.95 -6.07
N ALA A 122 -17.52 5.96 -5.45
CA ALA A 122 -16.84 4.71 -5.02
C ALA A 122 -16.70 3.73 -6.20
N THR A 123 -15.65 2.90 -6.16
CA THR A 123 -15.37 1.86 -7.18
C THR A 123 -15.03 0.52 -6.49
N LYS A 124 -14.15 0.60 -5.49
CA LYS A 124 -13.56 -0.54 -4.77
C LYS A 124 -13.18 -0.06 -3.35
N GLN A 125 -12.71 -0.99 -2.52
CA GLN A 125 -12.30 -0.72 -1.13
C GLN A 125 -11.40 -1.87 -0.66
N GLN A 126 -10.67 -1.62 0.43
CA GLN A 126 -9.88 -2.64 1.16
C GLN A 126 -9.95 -2.30 2.64
N GLN A 127 -10.26 -3.30 3.48
CA GLN A 127 -10.27 -3.14 4.93
C GLN A 127 -8.88 -3.52 5.49
N ILE A 128 -8.05 -2.51 5.81
CA ILE A 128 -6.72 -2.74 6.41
C ILE A 128 -6.84 -2.63 7.93
N ASP A 129 -5.87 -3.21 8.65
CA ASP A 129 -5.71 -3.08 10.11
C ASP A 129 -5.70 -1.59 10.51
N LYS A 130 -6.66 -1.24 11.40
CA LYS A 130 -6.80 0.10 12.04
C LYS A 130 -7.53 1.13 11.11
N ALA A 131 -7.30 1.05 9.78
CA ALA A 131 -7.79 2.05 8.81
C ALA A 131 -8.33 1.38 7.53
N THR A 132 -9.57 1.74 7.14
CA THR A 132 -10.21 1.27 5.90
C THR A 132 -9.92 2.28 4.78
N TYR A 133 -9.44 1.80 3.60
CA TYR A 133 -9.17 2.66 2.43
C TYR A 133 -10.05 2.26 1.24
N LEU A 134 -10.92 3.20 0.83
CA LEU A 134 -11.85 3.05 -0.28
C LEU A 134 -11.15 3.57 -1.56
N TYR A 135 -11.06 2.72 -2.59
CA TYR A 135 -10.49 3.09 -3.89
C TYR A 135 -11.61 3.66 -4.78
N GLY A 136 -11.63 4.99 -4.95
CA GLY A 136 -12.64 5.67 -5.77
C GLY A 136 -12.03 6.74 -6.67
N THR A 137 -12.85 7.68 -7.15
CA THR A 137 -12.43 8.73 -8.10
C THR A 137 -13.16 10.07 -7.80
N VAL A 138 -12.37 11.16 -7.69
CA VAL A 138 -12.86 12.54 -7.55
C VAL A 138 -11.84 13.55 -8.12
N ASN A 139 -12.36 14.65 -8.71
CA ASN A 139 -11.55 15.81 -9.18
C ASN A 139 -10.60 15.40 -10.35
N GLY A 140 -10.99 14.32 -11.06
CA GLY A 140 -10.21 13.77 -12.17
C GLY A 140 -9.25 12.67 -11.73
N LYS A 141 -8.71 12.78 -10.51
CA LYS A 141 -7.76 11.80 -9.92
C LYS A 141 -8.52 10.63 -9.28
N SER A 142 -7.84 9.47 -9.24
CA SER A 142 -8.36 8.26 -8.63
C SER A 142 -7.35 7.72 -7.62
N GLY A 143 -7.85 7.01 -6.60
CA GLY A 143 -7.00 6.40 -5.60
C GLY A 143 -7.75 6.05 -4.33
N TRP A 144 -7.00 5.54 -3.35
CA TRP A 144 -7.49 5.14 -2.03
C TRP A 144 -7.78 6.41 -1.17
N ILE A 145 -8.69 6.28 -0.21
CA ILE A 145 -9.04 7.34 0.76
C ILE A 145 -9.46 6.68 2.07
N SER A 146 -9.03 7.22 3.20
CA SER A 146 -9.48 6.75 4.52
C SER A 146 -10.97 7.09 4.69
N LYS A 147 -11.79 6.04 4.94
CA LYS A 147 -13.25 6.15 5.14
C LYS A 147 -13.61 7.16 6.26
N TYR A 148 -12.71 7.24 7.24
CA TYR A 148 -12.86 8.10 8.43
C TYR A 148 -12.79 9.60 8.05
N TYR A 149 -12.02 9.91 6.98
CA TYR A 149 -11.87 11.30 6.45
C TYR A 149 -12.86 11.55 5.29
N LEU A 150 -13.43 10.47 4.71
CA LEU A 150 -14.46 10.56 3.67
C LEU A 150 -15.76 11.15 4.25
N THR A 151 -16.35 12.13 3.55
CA THR A 151 -17.52 12.86 4.03
C THR A 151 -18.82 12.05 3.75
N ALA A 152 -19.77 12.14 4.71
CA ALA A 152 -21.08 11.49 4.62
C ALA A 152 -22.02 12.14 5.65
N ASN A 1 21.09 -23.45 9.19
CA ASN A 1 21.21 -23.91 7.78
C ASN A 1 21.18 -22.73 6.80
N ASN A 2 20.59 -21.58 7.22
CA ASN A 2 20.28 -20.44 6.33
C ASN A 2 19.37 -20.89 5.16
N GLN A 3 18.46 -21.83 5.48
CA GLN A 3 17.62 -22.50 4.50
C GLN A 3 16.47 -21.58 4.07
N LEU A 4 16.45 -21.20 2.79
CA LEU A 4 15.39 -20.40 2.21
C LEU A 4 14.15 -21.30 1.97
N THR A 5 13.19 -21.24 2.89
CA THR A 5 11.89 -21.90 2.72
C THR A 5 10.84 -20.87 2.27
N VAL A 6 10.14 -21.19 1.18
CA VAL A 6 9.23 -20.27 0.47
C VAL A 6 7.90 -20.10 1.26
N THR A 7 7.44 -18.86 1.39
CA THR A 7 6.23 -18.49 2.15
C THR A 7 5.20 -17.82 1.20
N ASN A 8 3.90 -18.05 1.44
CA ASN A 8 2.82 -17.33 0.71
C ASN A 8 2.18 -16.27 1.62
N ASN A 9 1.60 -15.23 1.00
CA ASN A 9 0.87 -14.17 1.72
C ASN A 9 -0.05 -13.42 0.75
N SER A 10 -1.10 -12.82 1.31
CA SER A 10 -1.92 -11.82 0.62
C SER A 10 -2.06 -10.63 1.57
N GLY A 11 -1.22 -9.61 1.35
CA GLY A 11 -1.21 -8.41 2.18
C GLY A 11 -0.48 -7.27 1.50
N VAL A 12 0.05 -6.33 2.30
CA VAL A 12 0.84 -5.19 1.83
C VAL A 12 1.97 -4.87 2.84
N ALA A 13 2.96 -4.08 2.39
CA ALA A 13 4.03 -3.55 3.26
C ALA A 13 4.76 -2.40 2.56
N GLN A 14 5.39 -1.54 3.37
CA GLN A 14 6.24 -0.44 2.89
C GLN A 14 7.39 -0.20 3.87
N ILE A 15 8.56 0.13 3.32
CA ILE A 15 9.79 0.38 4.09
C ILE A 15 9.68 1.75 4.78
N ASN A 16 10.22 1.87 6.00
CA ASN A 16 10.29 3.15 6.72
C ASN A 16 11.28 4.09 5.99
N ALA A 17 10.98 5.40 5.99
CA ALA A 17 11.63 6.42 5.12
C ALA A 17 13.18 6.49 5.22
N LYS A 18 13.73 6.02 6.34
CA LYS A 18 15.19 6.10 6.65
C LYS A 18 15.85 4.69 6.77
N ASN A 19 15.18 3.64 6.26
CA ASN A 19 15.64 2.23 6.45
C ASN A 19 15.90 1.52 5.11
N SER A 20 16.42 0.27 5.20
CA SER A 20 16.83 -0.56 4.05
C SER A 20 15.63 -0.90 3.15
N GLY A 21 15.74 -0.53 1.86
CA GLY A 21 14.71 -0.80 0.87
C GLY A 21 14.72 -2.26 0.40
N LEU A 22 14.93 -2.48 -0.91
CA LEU A 22 14.72 -3.81 -1.52
C LEU A 22 16.04 -4.56 -1.77
N TYR A 23 16.14 -5.75 -1.15
CA TYR A 23 17.13 -6.78 -1.49
C TYR A 23 16.83 -7.27 -2.92
N THR A 24 17.80 -7.07 -3.83
CA THR A 24 17.67 -7.46 -5.25
C THR A 24 17.44 -9.00 -5.39
N THR A 25 17.96 -9.74 -4.41
CA THR A 25 17.87 -11.21 -4.30
C THR A 25 17.81 -11.57 -2.79
N VAL A 26 17.53 -12.84 -2.45
CA VAL A 26 17.62 -13.32 -1.05
C VAL A 26 19.10 -13.40 -0.59
N TYR A 27 20.00 -13.74 -1.55
CA TYR A 27 21.47 -13.75 -1.32
C TYR A 27 22.11 -12.34 -1.40
N ASP A 28 21.25 -11.29 -1.47
CA ASP A 28 21.69 -9.87 -1.54
C ASP A 28 22.32 -9.42 -0.19
N THR A 29 22.95 -8.25 -0.18
CA THR A 29 23.75 -7.77 0.95
C THR A 29 22.85 -6.99 1.93
N LYS A 30 22.24 -5.91 1.41
CA LYS A 30 21.37 -5.03 2.19
C LYS A 30 20.43 -4.28 1.25
N GLY A 31 19.22 -3.98 1.75
CA GLY A 31 18.13 -3.44 0.95
C GLY A 31 18.41 -2.04 0.41
N LYS A 32 18.28 -1.89 -0.92
CA LYS A 32 18.56 -0.61 -1.61
C LYS A 32 17.41 0.35 -1.30
N THR A 33 17.70 1.39 -0.49
CA THR A 33 16.72 2.40 -0.08
C THR A 33 16.16 3.18 -1.31
N THR A 34 15.13 2.56 -1.91
CA THR A 34 14.52 3.01 -3.17
C THR A 34 13.23 3.82 -2.85
N ASN A 35 12.35 4.02 -3.87
CA ASN A 35 11.11 4.82 -3.73
C ASN A 35 10.10 4.22 -2.71
N GLN A 36 10.38 3.01 -2.18
CA GLN A 36 9.48 2.29 -1.24
C GLN A 36 9.66 2.76 0.22
N ILE A 37 10.21 3.97 0.36
CA ILE A 37 10.47 4.70 1.61
C ILE A 37 9.20 5.28 2.29
N GLN A 38 8.19 4.40 2.43
CA GLN A 38 6.76 4.67 2.70
C GLN A 38 6.01 4.88 1.39
N ARG A 39 6.13 3.82 0.57
CA ARG A 39 5.35 3.60 -0.65
C ARG A 39 4.87 2.14 -0.62
N THR A 40 3.58 1.95 -0.29
CA THR A 40 2.96 0.62 -0.31
C THR A 40 2.87 0.08 -1.74
N LEU A 41 3.20 -1.21 -1.90
CA LEU A 41 3.03 -1.92 -3.16
C LEU A 41 1.99 -3.04 -2.95
N SER A 42 2.46 -4.11 -2.27
CA SER A 42 1.72 -5.34 -1.94
C SER A 42 2.75 -6.40 -1.52
N VAL A 43 2.36 -7.34 -0.65
CA VAL A 43 3.13 -8.56 -0.36
C VAL A 43 2.26 -9.75 -0.73
N THR A 44 2.37 -10.17 -2.00
CA THR A 44 1.68 -11.35 -2.52
C THR A 44 2.56 -12.61 -2.36
N LYS A 45 3.82 -12.42 -1.94
CA LYS A 45 4.79 -13.50 -1.81
C LYS A 45 5.81 -13.17 -0.72
N ALA A 46 6.41 -14.22 -0.13
CA ALA A 46 7.38 -14.11 0.95
C ALA A 46 8.31 -15.34 0.94
N ALA A 47 9.30 -15.32 1.84
CA ALA A 47 10.25 -16.40 2.04
C ALA A 47 10.95 -16.19 3.39
N THR A 48 11.67 -17.21 3.86
CA THR A 48 12.37 -17.18 5.16
C THR A 48 13.74 -17.87 5.02
N LEU A 49 14.81 -17.06 4.97
CA LEU A 49 16.20 -17.54 4.89
C LEU A 49 16.76 -17.63 6.32
N GLY A 50 16.48 -18.77 6.98
CA GLY A 50 16.80 -18.96 8.40
C GLY A 50 15.97 -18.04 9.28
N ASP A 51 16.59 -16.95 9.77
CA ASP A 51 15.91 -15.92 10.58
C ASP A 51 15.47 -14.73 9.72
N LYS A 52 16.19 -14.49 8.61
CA LYS A 52 15.94 -13.32 7.74
C LYS A 52 14.68 -13.56 6.87
N LYS A 53 13.54 -13.04 7.35
CA LYS A 53 12.25 -13.14 6.64
C LYS A 53 12.19 -12.09 5.51
N PHE A 54 12.15 -12.58 4.27
CA PHE A 54 12.14 -11.76 3.07
C PHE A 54 10.73 -11.74 2.46
N TYR A 55 10.14 -10.54 2.36
CA TYR A 55 8.82 -10.32 1.76
C TYR A 55 9.02 -9.80 0.35
N LEU A 56 8.59 -10.59 -0.64
CA LEU A 56 8.65 -10.19 -2.04
C LEU A 56 7.52 -9.18 -2.31
N VAL A 57 7.90 -7.91 -2.43
CA VAL A 57 6.96 -6.82 -2.65
C VAL A 57 6.88 -6.48 -4.14
N GLY A 58 5.69 -6.04 -4.56
CA GLY A 58 5.45 -5.71 -5.95
C GLY A 58 4.18 -4.92 -6.10
N ASP A 59 4.18 -3.96 -7.07
CA ASP A 59 3.05 -3.05 -7.32
C ASP A 59 1.78 -3.87 -7.57
N TYR A 60 0.75 -3.63 -6.73
CA TYR A 60 -0.48 -4.43 -6.73
C TYR A 60 -1.24 -4.32 -8.07
N ASN A 61 -1.21 -3.11 -8.67
CA ASN A 61 -2.02 -2.78 -9.85
C ASN A 61 -1.58 -3.63 -11.07
N THR A 62 -0.27 -3.71 -11.29
CA THR A 62 0.33 -4.49 -12.37
C THR A 62 0.56 -5.95 -11.95
N GLY A 63 0.82 -6.13 -10.64
CA GLY A 63 1.21 -7.43 -10.09
C GLY A 63 2.68 -7.75 -10.33
N THR A 64 3.49 -6.71 -10.66
CA THR A 64 4.92 -6.88 -10.96
C THR A 64 5.77 -6.71 -9.69
N ASN A 65 6.50 -7.77 -9.29
CA ASN A 65 7.42 -7.72 -8.15
C ASN A 65 8.74 -7.05 -8.55
N TYR A 66 9.46 -6.50 -7.56
CA TYR A 66 10.73 -5.79 -7.79
C TYR A 66 11.88 -6.48 -7.03
N GLY A 67 11.62 -6.80 -5.76
CA GLY A 67 12.64 -7.41 -4.90
C GLY A 67 12.11 -7.77 -3.53
N TRP A 68 12.97 -8.45 -2.76
CA TRP A 68 12.68 -8.91 -1.39
C TRP A 68 12.98 -7.79 -0.39
N VAL A 69 12.45 -7.91 0.84
CA VAL A 69 12.72 -6.94 1.92
C VAL A 69 12.62 -7.63 3.30
N LYS A 70 13.28 -7.06 4.32
CA LYS A 70 13.26 -7.59 5.69
C LYS A 70 11.92 -7.30 6.40
N GLN A 71 11.77 -7.90 7.60
CA GLN A 71 10.58 -7.77 8.46
C GLN A 71 10.58 -6.43 9.23
N ASP A 72 11.74 -6.07 9.84
CA ASP A 72 11.84 -4.95 10.80
C ASP A 72 11.77 -3.59 10.09
N GLU A 73 12.30 -3.55 8.86
CA GLU A 73 12.43 -2.33 8.04
C GLU A 73 11.07 -1.92 7.42
N VAL A 74 10.12 -2.86 7.33
CA VAL A 74 8.77 -2.59 6.79
C VAL A 74 7.72 -2.56 7.89
N ILE A 75 6.59 -1.91 7.58
CA ILE A 75 5.35 -2.03 8.33
C ILE A 75 4.49 -3.06 7.59
N TYR A 76 4.35 -4.25 8.18
CA TYR A 76 3.63 -5.38 7.59
C TYR A 76 2.14 -5.30 7.96
N ASN A 77 1.29 -5.39 6.94
CA ASN A 77 -0.18 -5.47 7.09
C ASN A 77 -0.70 -6.61 6.19
N THR A 78 -1.88 -7.14 6.52
CA THR A 78 -2.47 -8.30 5.82
C THR A 78 -3.83 -7.90 5.21
N ALA A 79 -4.10 -8.39 3.99
CA ALA A 79 -5.36 -8.11 3.27
C ALA A 79 -6.53 -8.85 3.93
N LYS A 80 -7.73 -8.29 3.76
CA LYS A 80 -8.97 -8.86 4.31
C LYS A 80 -10.08 -8.74 3.25
N SER A 81 -11.24 -9.36 3.54
CA SER A 81 -12.45 -9.34 2.70
C SER A 81 -12.85 -7.88 2.30
N PRO A 82 -13.02 -7.59 0.97
CA PRO A 82 -13.46 -6.26 0.49
C PRO A 82 -14.99 -6.05 0.63
N VAL A 83 -15.43 -4.80 0.44
CA VAL A 83 -16.85 -4.42 0.48
C VAL A 83 -17.17 -3.59 -0.77
N LYS A 84 -18.29 -3.91 -1.44
CA LYS A 84 -18.80 -3.14 -2.58
C LYS A 84 -19.71 -2.02 -2.07
N ILE A 85 -19.29 -0.76 -2.27
CA ILE A 85 -20.14 0.42 -2.02
C ILE A 85 -20.09 1.34 -3.25
N ASN A 86 -21.27 1.84 -3.65
CA ASN A 86 -21.40 2.87 -4.69
C ASN A 86 -21.98 4.17 -4.07
N GLN A 87 -22.19 4.14 -2.73
CA GLN A 87 -22.84 5.23 -1.98
C GLN A 87 -22.03 6.52 -2.09
N THR A 88 -22.70 7.60 -2.50
CA THR A 88 -22.05 8.88 -2.80
C THR A 88 -22.05 9.78 -1.54
N TYR A 89 -20.84 10.05 -1.02
CA TYR A 89 -20.59 10.86 0.19
C TYR A 89 -20.02 12.23 -0.22
N ASN A 90 -19.69 13.05 0.79
CA ASN A 90 -18.92 14.29 0.61
C ASN A 90 -17.48 14.05 1.10
N VAL A 91 -16.54 14.85 0.58
CA VAL A 91 -15.14 14.82 1.01
C VAL A 91 -14.68 16.26 1.33
N LYS A 92 -14.00 16.40 2.49
CA LYS A 92 -13.44 17.68 2.94
C LYS A 92 -12.49 18.32 1.90
N PRO A 93 -12.58 19.67 1.68
CA PRO A 93 -11.66 20.40 0.79
C PRO A 93 -10.20 20.33 1.29
N GLY A 94 -9.27 19.94 0.39
CA GLY A 94 -7.86 19.81 0.73
C GLY A 94 -7.41 18.38 1.06
N VAL A 95 -8.35 17.41 1.12
CA VAL A 95 -8.01 15.99 1.40
C VAL A 95 -7.27 15.36 0.21
N LYS A 96 -6.18 14.65 0.51
CA LYS A 96 -5.28 14.07 -0.50
C LYS A 96 -5.61 12.59 -0.74
N LEU A 97 -5.73 12.25 -2.02
CA LEU A 97 -6.06 10.90 -2.49
C LEU A 97 -4.78 10.08 -2.70
N HIS A 98 -4.92 8.74 -2.79
CA HIS A 98 -3.79 7.80 -2.82
C HIS A 98 -3.82 6.95 -4.10
N THR A 99 -2.65 6.74 -4.71
CA THR A 99 -2.52 6.08 -6.03
C THR A 99 -2.62 4.54 -5.92
N VAL A 100 -2.03 4.00 -4.85
CA VAL A 100 -1.91 2.55 -4.59
C VAL A 100 -2.62 2.21 -3.25
N PRO A 101 -3.26 0.99 -3.11
CA PRO A 101 -3.81 0.46 -1.82
C PRO A 101 -2.99 0.78 -0.54
N TRP A 102 -3.69 0.74 0.61
CA TRP A 102 -3.20 1.16 1.96
C TRP A 102 -3.09 2.71 2.00
N GLY A 103 -2.22 3.29 1.13
CA GLY A 103 -2.23 4.73 0.89
C GLY A 103 -1.27 5.53 1.77
N THR A 104 0.04 5.37 1.54
CA THR A 104 1.08 5.98 2.40
C THR A 104 1.47 7.37 1.84
N TYR A 105 2.51 8.01 2.44
CA TYR A 105 2.98 9.37 2.09
C TYR A 105 3.30 9.54 0.59
N ASN A 106 3.79 8.46 -0.05
CA ASN A 106 4.18 8.51 -1.48
C ASN A 106 2.93 8.51 -2.39
N GLN A 107 1.87 7.83 -1.92
CA GLN A 107 0.63 7.64 -2.69
C GLN A 107 -0.18 8.95 -2.76
N VAL A 108 0.20 9.84 -3.70
CA VAL A 108 -0.58 11.03 -4.07
C VAL A 108 -1.18 10.81 -5.48
N ALA A 109 -2.45 10.40 -5.54
CA ALA A 109 -3.23 10.32 -6.80
C ALA A 109 -3.77 11.71 -7.17
N GLY A 110 -4.00 12.52 -6.15
CA GLY A 110 -4.51 13.87 -6.32
C GLY A 110 -4.79 14.54 -4.99
N THR A 111 -5.47 15.68 -5.06
CA THR A 111 -5.89 16.46 -3.89
C THR A 111 -7.19 17.19 -4.24
N VAL A 112 -8.21 17.03 -3.37
CA VAL A 112 -9.46 17.83 -3.43
C VAL A 112 -9.09 19.32 -3.24
N SER A 113 -9.74 20.21 -4.01
CA SER A 113 -9.49 21.67 -3.97
C SER A 113 -9.46 22.21 -2.52
N GLY A 114 -8.34 22.91 -2.16
CA GLY A 114 -8.08 23.36 -0.78
C GLY A 114 -9.26 24.09 -0.14
N LYS A 115 -9.92 24.92 -0.94
CA LYS A 115 -11.21 25.51 -0.60
C LYS A 115 -12.17 25.20 -1.77
N GLY A 116 -13.10 24.27 -1.52
CA GLY A 116 -13.98 23.74 -2.54
C GLY A 116 -14.25 22.27 -2.31
N ASP A 117 -15.22 21.99 -1.41
CA ASP A 117 -15.62 20.60 -1.07
C ASP A 117 -16.19 19.91 -2.31
N GLN A 118 -15.97 18.59 -2.40
CA GLN A 118 -16.41 17.82 -3.57
C GLN A 118 -17.32 16.67 -3.14
N THR A 119 -18.27 16.33 -4.03
CA THR A 119 -19.12 15.16 -3.87
C THR A 119 -18.32 13.90 -4.23
N PHE A 120 -17.89 13.16 -3.21
CA PHE A 120 -17.10 11.93 -3.36
C PHE A 120 -18.03 10.75 -3.70
N LYS A 121 -17.88 10.16 -4.88
CA LYS A 121 -18.72 9.00 -5.29
C LYS A 121 -17.90 7.71 -5.21
N ALA A 122 -18.35 6.78 -4.35
CA ALA A 122 -17.70 5.48 -4.14
C ALA A 122 -17.95 4.52 -5.33
N THR A 123 -17.06 3.53 -5.48
CA THR A 123 -17.14 2.46 -6.49
C THR A 123 -16.84 1.10 -5.82
N LYS A 124 -15.88 1.10 -4.89
CA LYS A 124 -15.44 -0.11 -4.15
C LYS A 124 -14.71 0.33 -2.86
N GLN A 125 -14.36 -0.65 -2.01
CA GLN A 125 -13.39 -0.47 -0.91
C GLN A 125 -12.84 -1.86 -0.52
N GLN A 126 -11.71 -1.89 0.20
CA GLN A 126 -11.18 -3.12 0.79
C GLN A 126 -10.51 -2.82 2.14
N GLN A 127 -10.74 -3.72 3.10
CA GLN A 127 -10.13 -3.66 4.41
C GLN A 127 -8.74 -4.33 4.35
N ILE A 128 -7.71 -3.56 4.71
CA ILE A 128 -6.38 -4.09 5.07
C ILE A 128 -6.24 -3.95 6.59
N ASP A 129 -5.35 -4.74 7.20
CA ASP A 129 -4.98 -4.58 8.61
C ASP A 129 -4.57 -3.12 8.89
N LYS A 130 -5.35 -2.45 9.76
CA LYS A 130 -5.11 -1.08 10.27
C LYS A 130 -5.53 0.05 9.27
N ALA A 131 -5.90 -0.30 8.01
CA ALA A 131 -6.24 0.72 6.98
C ALA A 131 -7.32 0.23 5.99
N THR A 132 -8.50 0.91 5.98
CA THR A 132 -9.57 0.66 4.99
C THR A 132 -9.49 1.73 3.90
N TYR A 133 -8.85 1.41 2.76
CA TYR A 133 -8.84 2.31 1.59
C TYR A 133 -10.13 2.11 0.78
N LEU A 134 -10.51 3.15 0.04
CA LEU A 134 -11.83 3.26 -0.58
C LEU A 134 -11.63 3.79 -2.02
N TYR A 135 -12.21 3.09 -3.00
CA TYR A 135 -12.14 3.47 -4.41
C TYR A 135 -13.26 4.46 -4.69
N GLY A 136 -12.87 5.67 -5.11
CA GLY A 136 -13.82 6.73 -5.45
C GLY A 136 -13.33 7.62 -6.56
N THR A 137 -14.26 8.15 -7.35
CA THR A 137 -13.96 9.06 -8.45
C THR A 137 -13.93 10.51 -7.94
N VAL A 138 -12.76 11.16 -8.10
CA VAL A 138 -12.52 12.54 -7.66
C VAL A 138 -12.13 13.41 -8.89
N ASN A 139 -13.14 14.13 -9.41
CA ASN A 139 -13.00 15.13 -10.50
C ASN A 139 -12.32 14.53 -11.76
N GLY A 140 -12.99 13.51 -12.34
CA GLY A 140 -12.49 12.83 -13.54
C GLY A 140 -11.43 11.76 -13.26
N LYS A 141 -10.57 12.02 -12.25
CA LYS A 141 -9.56 11.06 -11.79
C LYS A 141 -10.15 10.10 -10.76
N SER A 142 -9.33 9.11 -10.36
CA SER A 142 -9.67 8.13 -9.33
C SER A 142 -8.60 8.20 -8.23
N GLY A 143 -9.04 8.15 -6.97
CA GLY A 143 -8.14 8.26 -5.84
C GLY A 143 -8.62 7.45 -4.66
N TRP A 144 -7.79 6.48 -4.23
CA TRP A 144 -8.10 5.60 -3.11
C TRP A 144 -7.90 6.40 -1.81
N ILE A 145 -8.88 6.39 -0.92
CA ILE A 145 -8.85 7.21 0.30
C ILE A 145 -9.15 6.31 1.52
N SER A 146 -8.42 6.50 2.62
CA SER A 146 -8.78 5.83 3.89
C SER A 146 -10.00 6.53 4.47
N LYS A 147 -10.90 5.76 5.10
CA LYS A 147 -12.16 6.28 5.65
C LYS A 147 -11.92 7.37 6.72
N TYR A 148 -10.74 7.34 7.35
CA TYR A 148 -10.32 8.33 8.37
C TYR A 148 -10.12 9.73 7.77
N TYR A 149 -9.72 9.79 6.47
CA TYR A 149 -9.57 11.04 5.72
C TYR A 149 -10.92 11.53 5.16
N LEU A 150 -11.80 10.56 4.80
CA LEU A 150 -13.12 10.85 4.24
C LEU A 150 -14.05 11.43 5.34
N THR A 151 -14.63 12.61 5.06
CA THR A 151 -15.51 13.29 6.02
C THR A 151 -16.98 12.93 5.73
N ALA A 152 -17.55 12.07 6.59
CA ALA A 152 -18.96 11.66 6.50
C ALA A 152 -19.88 12.77 7.05
N ASN A 1 20.96 -21.81 11.98
CA ASN A 1 20.40 -22.29 10.70
C ASN A 1 19.97 -21.10 9.84
N ASN A 2 20.31 -21.12 8.55
CA ASN A 2 19.98 -20.05 7.59
C ASN A 2 19.50 -20.67 6.26
N GLN A 3 18.57 -21.64 6.38
CA GLN A 3 17.97 -22.36 5.25
C GLN A 3 16.99 -21.44 4.49
N LEU A 4 17.18 -21.30 3.17
CA LEU A 4 16.23 -20.56 2.32
C LEU A 4 14.97 -21.41 2.11
N THR A 5 13.82 -20.86 2.52
CA THR A 5 12.51 -21.51 2.42
C THR A 5 11.49 -20.45 1.95
N VAL A 6 10.81 -20.71 0.81
CA VAL A 6 9.76 -19.82 0.30
C VAL A 6 8.51 -19.96 1.19
N THR A 7 8.06 -18.84 1.74
CA THR A 7 6.90 -18.77 2.62
C THR A 7 5.68 -18.25 1.84
N ASN A 8 4.59 -19.05 1.81
CA ASN A 8 3.32 -18.60 1.22
C ASN A 8 2.62 -17.63 2.20
N ASN A 9 2.64 -16.34 1.85
CA ASN A 9 2.11 -15.26 2.70
C ASN A 9 1.77 -14.05 1.83
N SER A 10 0.53 -13.56 1.94
CA SER A 10 0.04 -12.40 1.20
C SER A 10 -0.55 -11.37 2.19
N GLY A 11 -0.53 -10.09 1.78
CA GLY A 11 -1.02 -8.99 2.60
C GLY A 11 -0.80 -7.66 1.90
N VAL A 12 -0.65 -6.59 2.67
CA VAL A 12 -0.21 -5.26 2.18
C VAL A 12 0.91 -4.75 3.09
N ALA A 13 1.89 -4.05 2.50
CA ALA A 13 3.02 -3.47 3.24
C ALA A 13 3.71 -2.38 2.42
N GLN A 14 4.29 -1.42 3.15
CA GLN A 14 5.09 -0.34 2.57
C GLN A 14 6.46 -0.35 3.23
N ILE A 15 7.53 -0.22 2.45
CA ILE A 15 8.90 -0.17 3.00
C ILE A 15 9.14 1.25 3.59
N ASN A 16 9.91 1.34 4.68
CA ASN A 16 10.25 2.65 5.31
C ASN A 16 11.12 3.51 4.38
N ALA A 17 11.17 4.83 4.65
CA ALA A 17 11.93 5.80 3.84
C ALA A 17 13.45 5.52 3.93
N LYS A 18 13.90 5.34 5.19
CA LYS A 18 15.32 5.09 5.54
C LYS A 18 15.61 3.58 5.60
N ASN A 19 15.16 2.85 4.57
CA ASN A 19 15.30 1.38 4.47
C ASN A 19 16.76 0.91 4.34
N SER A 20 16.98 -0.37 4.68
CA SER A 20 18.30 -1.06 4.55
C SER A 20 18.61 -1.44 3.08
N GLY A 21 17.74 -1.03 2.14
CA GLY A 21 17.89 -1.33 0.73
C GLY A 21 17.05 -2.54 0.30
N LEU A 22 16.55 -2.48 -0.94
CA LEU A 22 15.84 -3.61 -1.58
C LEU A 22 16.89 -4.65 -1.99
N TYR A 23 16.74 -5.85 -1.46
CA TYR A 23 17.67 -6.95 -1.69
C TYR A 23 17.32 -7.66 -3.00
N THR A 24 18.21 -7.49 -4.00
CA THR A 24 18.13 -8.19 -5.30
C THR A 24 18.12 -9.72 -5.09
N THR A 25 19.03 -10.16 -4.21
CA THR A 25 19.16 -11.56 -3.78
C THR A 25 18.74 -11.69 -2.31
N VAL A 26 18.22 -12.87 -1.95
CA VAL A 26 17.85 -13.22 -0.56
C VAL A 26 19.10 -13.31 0.36
N TYR A 27 20.28 -13.56 -0.26
CA TYR A 27 21.59 -13.56 0.45
C TYR A 27 22.06 -12.12 0.77
N ASP A 28 21.29 -11.12 0.30
CA ASP A 28 21.51 -9.66 0.50
C ASP A 28 22.97 -9.22 0.29
N THR A 29 23.29 -8.88 -0.97
CA THR A 29 24.66 -8.48 -1.38
C THR A 29 25.02 -7.09 -0.79
N LYS A 30 24.08 -6.14 -0.93
CA LYS A 30 24.14 -4.81 -0.26
C LYS A 30 22.71 -4.30 -0.06
N GLY A 31 21.97 -4.19 -1.18
CA GLY A 31 20.62 -3.62 -1.19
C GLY A 31 20.66 -2.12 -1.40
N LYS A 32 20.02 -1.64 -2.47
CA LYS A 32 20.07 -0.20 -2.85
C LYS A 32 18.73 0.50 -2.54
N THR A 33 18.79 1.85 -2.54
CA THR A 33 17.65 2.71 -2.15
C THR A 33 16.41 2.44 -3.04
N THR A 34 15.45 1.67 -2.49
CA THR A 34 14.21 1.34 -3.20
C THR A 34 13.31 2.56 -3.33
N ASN A 35 12.53 2.61 -4.43
CA ASN A 35 11.52 3.65 -4.68
C ASN A 35 10.36 3.52 -3.67
N GLN A 36 10.21 2.30 -3.10
CA GLN A 36 9.18 2.02 -2.09
C GLN A 36 9.65 2.58 -0.75
N ILE A 37 9.25 3.82 -0.49
CA ILE A 37 9.65 4.60 0.70
C ILE A 37 8.40 5.09 1.43
N GLN A 38 7.48 4.10 1.62
CA GLN A 38 6.10 4.19 2.11
C GLN A 38 5.11 4.33 0.93
N ARG A 39 5.30 3.41 -0.03
CA ARG A 39 4.40 3.18 -1.17
C ARG A 39 3.83 1.75 -1.02
N THR A 40 2.65 1.67 -0.38
CA THR A 40 1.98 0.39 -0.09
C THR A 40 1.35 -0.21 -1.35
N LEU A 41 2.01 -1.24 -1.89
CA LEU A 41 1.51 -1.97 -3.05
C LEU A 41 0.73 -3.20 -2.56
N SER A 42 1.49 -4.21 -2.12
CA SER A 42 0.97 -5.50 -1.66
C SER A 42 2.17 -6.43 -1.35
N VAL A 43 1.94 -7.39 -0.47
CA VAL A 43 2.85 -8.54 -0.29
C VAL A 43 2.21 -9.72 -1.03
N THR A 44 2.95 -10.29 -1.99
CA THR A 44 2.47 -11.45 -2.78
C THR A 44 3.06 -12.75 -2.22
N LYS A 45 4.33 -12.71 -1.82
CA LYS A 45 5.09 -13.88 -1.31
C LYS A 45 5.99 -13.44 -0.15
N ALA A 46 6.63 -14.43 0.47
CA ALA A 46 7.62 -14.25 1.52
C ALA A 46 8.68 -15.37 1.43
N ALA A 47 9.72 -15.28 2.26
CA ALA A 47 10.78 -16.29 2.35
C ALA A 47 11.44 -16.21 3.73
N THR A 48 11.34 -17.30 4.49
CA THR A 48 12.03 -17.46 5.76
C THR A 48 13.42 -18.07 5.50
N LEU A 49 14.46 -17.22 5.58
CA LEU A 49 15.87 -17.65 5.46
C LEU A 49 16.46 -17.69 6.87
N GLY A 50 16.18 -18.81 7.56
CA GLY A 50 16.57 -19.01 8.95
C GLY A 50 15.81 -18.09 9.91
N ASP A 51 16.52 -17.08 10.44
CA ASP A 51 15.93 -16.04 11.30
C ASP A 51 15.41 -14.86 10.45
N LYS A 52 16.03 -14.67 9.27
CA LYS A 52 15.82 -13.48 8.41
C LYS A 52 14.60 -13.68 7.49
N LYS A 53 13.47 -13.05 7.87
CA LYS A 53 12.23 -13.07 7.07
C LYS A 53 12.26 -11.94 6.03
N PHE A 54 12.21 -12.31 4.75
CA PHE A 54 12.08 -11.39 3.62
C PHE A 54 10.67 -11.49 3.04
N TYR A 55 10.04 -10.34 2.75
CA TYR A 55 8.74 -10.27 2.07
C TYR A 55 8.95 -9.83 0.62
N LEU A 56 8.40 -10.61 -0.32
CA LEU A 56 8.32 -10.23 -1.74
C LEU A 56 7.15 -9.25 -1.90
N VAL A 57 7.48 -7.99 -2.15
CA VAL A 57 6.48 -6.95 -2.38
C VAL A 57 6.27 -6.81 -3.90
N GLY A 58 5.01 -6.58 -4.30
CA GLY A 58 4.62 -6.63 -5.71
C GLY A 58 3.75 -5.46 -6.08
N ASP A 59 4.00 -4.87 -7.26
CA ASP A 59 3.31 -3.67 -7.74
C ASP A 59 1.82 -3.96 -7.94
N TYR A 60 0.97 -3.22 -7.21
CA TYR A 60 -0.49 -3.45 -7.18
C TYR A 60 -1.13 -3.14 -8.56
N ASN A 61 -0.55 -2.17 -9.29
CA ASN A 61 -1.09 -1.70 -10.57
C ASN A 61 -0.80 -2.71 -11.71
N THR A 62 0.47 -3.08 -11.88
CA THR A 62 0.93 -3.92 -13.01
C THR A 62 0.91 -5.41 -12.63
N GLY A 63 1.30 -5.70 -11.37
CA GLY A 63 1.45 -7.08 -10.88
C GLY A 63 2.90 -7.55 -10.85
N THR A 64 3.84 -6.67 -11.26
CA THR A 64 5.27 -6.98 -11.33
C THR A 64 5.90 -6.93 -9.93
N ASN A 65 6.47 -8.06 -9.46
CA ASN A 65 7.15 -8.10 -8.15
C ASN A 65 8.41 -7.20 -8.17
N TYR A 66 8.54 -6.33 -7.14
CA TYR A 66 9.64 -5.38 -7.03
C TYR A 66 10.90 -6.10 -6.50
N GLY A 67 10.71 -6.98 -5.50
CA GLY A 67 11.81 -7.80 -4.96
C GLY A 67 11.69 -8.06 -3.47
N TRP A 68 12.80 -8.58 -2.91
CA TRP A 68 12.88 -9.04 -1.51
C TRP A 68 13.34 -7.90 -0.59
N VAL A 69 12.73 -7.82 0.60
CA VAL A 69 13.02 -6.79 1.61
C VAL A 69 12.76 -7.35 3.02
N LYS A 70 13.50 -6.85 4.01
CA LYS A 70 13.36 -7.26 5.43
C LYS A 70 11.94 -7.03 5.99
N GLN A 71 11.59 -7.88 6.95
CA GLN A 71 10.39 -7.71 7.80
C GLN A 71 10.45 -6.38 8.58
N ASP A 72 11.68 -6.03 9.01
CA ASP A 72 11.94 -4.86 9.88
C ASP A 72 11.67 -3.54 9.15
N GLU A 73 11.91 -3.54 7.83
CA GLU A 73 11.80 -2.34 7.00
C GLU A 73 10.34 -2.08 6.57
N VAL A 74 9.60 -3.15 6.22
CA VAL A 74 8.19 -3.01 5.80
C VAL A 74 7.26 -2.84 7.02
N ILE A 75 6.32 -1.89 6.90
CA ILE A 75 5.19 -1.77 7.80
C ILE A 75 4.14 -2.76 7.30
N TYR A 76 4.09 -3.93 7.94
CA TYR A 76 3.31 -5.08 7.49
C TYR A 76 1.90 -5.01 8.10
N ASN A 77 0.88 -4.91 7.23
CA ASN A 77 -0.54 -4.89 7.62
C ASN A 77 -1.28 -6.10 7.02
N THR A 78 -2.31 -6.54 7.75
CA THR A 78 -3.20 -7.63 7.32
C THR A 78 -4.17 -7.13 6.23
N ALA A 79 -4.22 -7.82 5.08
CA ALA A 79 -5.21 -7.56 4.01
C ALA A 79 -6.45 -8.46 4.24
N LYS A 80 -7.64 -7.94 3.89
CA LYS A 80 -8.92 -8.62 4.11
C LYS A 80 -9.86 -8.38 2.90
N SER A 81 -10.94 -9.19 2.84
CA SER A 81 -11.94 -9.21 1.75
C SER A 81 -12.46 -7.80 1.31
N PRO A 82 -12.61 -7.58 -0.04
CA PRO A 82 -13.19 -6.33 -0.59
C PRO A 82 -14.74 -6.29 -0.47
N VAL A 83 -15.27 -5.07 -0.27
CA VAL A 83 -16.72 -4.77 -0.25
C VAL A 83 -17.01 -3.72 -1.33
N LYS A 84 -18.13 -3.84 -2.04
CA LYS A 84 -18.54 -2.90 -3.10
C LYS A 84 -19.66 -2.00 -2.58
N ILE A 85 -19.36 -0.69 -2.48
CA ILE A 85 -20.36 0.36 -2.16
C ILE A 85 -20.32 1.43 -3.28
N ASN A 86 -21.52 1.84 -3.75
CA ASN A 86 -21.66 2.93 -4.77
C ASN A 86 -22.18 4.22 -4.12
N GLN A 87 -22.21 4.23 -2.76
CA GLN A 87 -22.76 5.33 -1.95
C GLN A 87 -21.91 6.61 -2.13
N THR A 88 -22.60 7.73 -2.43
CA THR A 88 -21.95 9.02 -2.70
C THR A 88 -21.83 9.86 -1.40
N TYR A 89 -20.58 10.19 -1.05
CA TYR A 89 -20.22 11.05 0.08
C TYR A 89 -19.70 12.39 -0.44
N ASN A 90 -19.24 13.24 0.47
CA ASN A 90 -18.44 14.43 0.12
C ASN A 90 -17.04 14.30 0.73
N VAL A 91 -16.11 15.15 0.30
CA VAL A 91 -14.70 15.07 0.73
C VAL A 91 -14.14 16.49 0.97
N LYS A 92 -13.78 16.75 2.24
CA LYS A 92 -13.28 18.06 2.71
C LYS A 92 -11.91 18.42 2.09
N PRO A 93 -11.69 19.72 1.67
CA PRO A 93 -10.36 20.22 1.26
C PRO A 93 -9.29 20.03 2.37
N GLY A 94 -8.16 19.43 2.00
CA GLY A 94 -7.11 19.02 2.95
C GLY A 94 -6.92 17.51 2.95
N VAL A 95 -7.84 16.79 2.28
CA VAL A 95 -7.74 15.32 2.08
C VAL A 95 -6.96 15.02 0.80
N LYS A 96 -6.02 14.05 0.90
CA LYS A 96 -5.19 13.61 -0.23
C LYS A 96 -5.76 12.29 -0.81
N LEU A 97 -5.95 12.28 -2.15
CA LEU A 97 -6.20 11.03 -2.92
C LEU A 97 -4.85 10.32 -3.11
N HIS A 98 -4.86 8.98 -3.09
CA HIS A 98 -3.64 8.16 -3.06
C HIS A 98 -3.55 7.26 -4.30
N THR A 99 -2.30 7.00 -4.73
CA THR A 99 -1.98 6.26 -5.97
C THR A 99 -2.27 4.74 -5.84
N VAL A 100 -1.99 4.19 -4.66
CA VAL A 100 -2.10 2.72 -4.38
C VAL A 100 -2.74 2.49 -2.96
N PRO A 101 -3.12 1.19 -2.59
CA PRO A 101 -3.64 0.80 -1.24
C PRO A 101 -2.99 1.47 0.01
N TRP A 102 -3.78 1.51 1.12
CA TRP A 102 -3.40 2.08 2.43
C TRP A 102 -3.32 3.62 2.35
N GLY A 103 -2.33 4.13 1.59
CA GLY A 103 -2.23 5.55 1.29
C GLY A 103 -1.33 6.31 2.27
N THR A 104 -0.02 6.01 2.21
CA THR A 104 0.97 6.50 3.17
C THR A 104 1.62 7.78 2.59
N TYR A 105 2.66 8.29 3.26
CA TYR A 105 3.31 9.59 2.95
C TYR A 105 3.90 9.64 1.51
N ASN A 106 4.14 8.46 0.89
CA ASN A 106 4.74 8.37 -0.45
C ASN A 106 3.71 7.91 -1.50
N GLN A 107 2.44 8.30 -1.31
CA GLN A 107 1.35 7.93 -2.24
C GLN A 107 0.44 9.14 -2.51
N VAL A 108 0.97 10.14 -3.22
CA VAL A 108 0.22 11.36 -3.55
C VAL A 108 -0.26 11.30 -5.02
N ALA A 109 -1.57 11.03 -5.22
CA ALA A 109 -2.22 11.09 -6.53
C ALA A 109 -2.79 12.50 -6.76
N GLY A 110 -3.47 12.99 -5.73
CA GLY A 110 -4.07 14.32 -5.75
C GLY A 110 -4.41 14.79 -4.35
N THR A 111 -4.96 16.00 -4.24
CA THR A 111 -5.44 16.57 -2.98
C THR A 111 -6.61 17.51 -3.28
N VAL A 112 -7.77 17.26 -2.63
CA VAL A 112 -8.92 18.17 -2.67
C VAL A 112 -8.50 19.50 -2.02
N SER A 113 -8.65 20.61 -2.75
CA SER A 113 -8.15 21.92 -2.32
C SER A 113 -9.06 23.05 -2.86
N GLY A 114 -9.18 24.12 -2.06
CA GLY A 114 -10.10 25.23 -2.33
C GLY A 114 -11.07 25.40 -1.19
N LYS A 115 -12.19 26.09 -1.45
CA LYS A 115 -13.25 26.33 -0.45
C LYS A 115 -14.49 25.49 -0.81
N GLY A 116 -15.01 24.74 0.17
CA GLY A 116 -16.18 23.88 -0.03
C GLY A 116 -15.79 22.44 -0.37
N ASP A 117 -16.47 21.47 0.26
CA ASP A 117 -16.24 20.02 0.04
C ASP A 117 -16.60 19.61 -1.40
N GLN A 118 -15.78 18.73 -2.00
CA GLN A 118 -16.00 18.22 -3.36
C GLN A 118 -16.90 16.96 -3.28
N THR A 119 -17.70 16.71 -4.31
CA THR A 119 -18.55 15.51 -4.40
C THR A 119 -17.68 14.25 -4.62
N PHE A 120 -17.78 13.29 -3.71
CA PHE A 120 -17.06 12.00 -3.77
C PHE A 120 -18.07 10.86 -4.02
N LYS A 121 -17.89 10.10 -5.09
CA LYS A 121 -18.68 8.86 -5.29
C LYS A 121 -17.78 7.65 -5.02
N ALA A 122 -18.24 6.77 -4.12
CA ALA A 122 -17.58 5.49 -3.84
C ALA A 122 -17.88 4.48 -4.96
N THR A 123 -16.91 3.60 -5.28
CA THR A 123 -17.11 2.51 -6.26
C THR A 123 -16.79 1.14 -5.61
N LYS A 124 -15.67 1.09 -4.84
CA LYS A 124 -15.25 -0.14 -4.12
C LYS A 124 -14.35 0.24 -2.92
N GLN A 125 -14.44 -0.54 -1.83
CA GLN A 125 -13.51 -0.48 -0.69
C GLN A 125 -12.87 -1.86 -0.48
N GLN A 126 -11.70 -1.90 0.16
CA GLN A 126 -11.04 -3.15 0.60
C GLN A 126 -10.49 -2.94 2.02
N GLN A 127 -10.73 -3.93 2.90
CA GLN A 127 -10.37 -3.82 4.32
C GLN A 127 -8.88 -4.19 4.53
N ILE A 128 -8.20 -3.36 5.33
CA ILE A 128 -6.80 -3.57 5.76
C ILE A 128 -6.72 -3.39 7.29
N ASP A 129 -5.56 -3.72 7.86
CA ASP A 129 -5.30 -3.51 9.29
C ASP A 129 -5.34 -2.00 9.63
N LYS A 130 -6.28 -1.63 10.54
CA LYS A 130 -6.39 -0.29 11.16
C LYS A 130 -7.10 0.76 10.25
N ALA A 131 -7.25 0.45 8.95
CA ALA A 131 -7.90 1.36 7.97
C ALA A 131 -8.76 0.57 6.97
N THR A 132 -9.57 1.30 6.20
CA THR A 132 -10.28 0.74 5.03
C THR A 132 -10.04 1.66 3.82
N TYR A 133 -9.12 1.28 2.89
CA TYR A 133 -8.85 2.11 1.69
C TYR A 133 -9.97 1.90 0.66
N LEU A 134 -10.40 2.99 0.03
CA LEU A 134 -11.61 3.02 -0.81
C LEU A 134 -11.26 3.69 -2.16
N TYR A 135 -11.56 3.01 -3.26
CA TYR A 135 -11.40 3.55 -4.61
C TYR A 135 -12.70 4.28 -4.99
N GLY A 136 -12.59 5.58 -5.26
CA GLY A 136 -13.75 6.40 -5.60
C GLY A 136 -13.41 7.57 -6.51
N THR A 137 -14.43 8.04 -7.26
CA THR A 137 -14.28 9.11 -8.24
C THR A 137 -14.46 10.51 -7.58
N VAL A 138 -13.40 11.34 -7.72
CA VAL A 138 -13.39 12.75 -7.26
C VAL A 138 -13.06 13.67 -8.46
N ASN A 139 -14.05 14.45 -8.91
CA ASN A 139 -13.86 15.59 -9.87
C ASN A 139 -13.42 15.11 -11.28
N GLY A 140 -13.70 13.83 -11.60
CA GLY A 140 -13.29 13.22 -12.88
C GLY A 140 -12.06 12.33 -12.72
N LYS A 141 -11.26 12.59 -11.67
CA LYS A 141 -10.18 11.68 -11.23
C LYS A 141 -10.77 10.56 -10.38
N SER A 142 -9.95 9.55 -10.08
CA SER A 142 -10.35 8.44 -9.20
C SER A 142 -9.09 7.90 -8.51
N GLY A 143 -9.20 7.64 -7.20
CA GLY A 143 -8.06 7.21 -6.41
C GLY A 143 -8.47 6.54 -5.12
N TRP A 144 -7.47 5.95 -4.44
CA TRP A 144 -7.66 5.22 -3.18
C TRP A 144 -7.62 6.23 -2.02
N ILE A 145 -8.57 6.12 -1.10
CA ILE A 145 -8.80 7.10 -0.04
C ILE A 145 -9.49 6.36 1.12
N SER A 146 -8.84 6.32 2.29
CA SER A 146 -9.38 5.64 3.48
C SER A 146 -10.70 6.29 3.92
N LYS A 147 -11.59 5.48 4.52
CA LYS A 147 -12.91 5.94 5.01
C LYS A 147 -12.78 7.05 6.08
N TYR A 148 -11.61 7.08 6.75
CA TYR A 148 -11.30 8.08 7.79
C TYR A 148 -10.98 9.47 7.19
N TYR A 149 -10.89 9.55 5.86
CA TYR A 149 -10.80 10.82 5.10
C TYR A 149 -12.19 11.31 4.66
N LEU A 150 -13.10 10.34 4.37
CA LEU A 150 -14.47 10.61 3.88
C LEU A 150 -15.24 11.54 4.83
N THR A 151 -15.77 12.64 4.27
CA THR A 151 -16.51 13.65 5.02
C THR A 151 -18.03 13.46 4.82
N ALA A 152 -18.80 13.76 5.87
CA ALA A 152 -20.27 13.72 5.84
C ALA A 152 -20.80 15.13 6.23
N ASN A 1 24.76 -22.31 8.17
CA ASN A 1 24.03 -21.20 8.83
C ASN A 1 22.79 -20.80 8.02
N ASN A 2 21.62 -20.77 8.70
CA ASN A 2 20.31 -20.39 8.09
C ASN A 2 19.85 -21.41 7.02
N GLN A 3 18.59 -21.27 6.59
CA GLN A 3 18.00 -22.10 5.52
C GLN A 3 16.97 -21.28 4.76
N LEU A 4 17.11 -21.24 3.43
CA LEU A 4 16.16 -20.55 2.55
C LEU A 4 14.85 -21.38 2.44
N THR A 5 13.91 -21.08 3.33
CA THR A 5 12.58 -21.68 3.32
C THR A 5 11.60 -20.72 2.66
N VAL A 6 10.83 -21.23 1.68
CA VAL A 6 9.84 -20.46 0.93
C VAL A 6 8.61 -20.21 1.83
N THR A 7 8.09 -18.97 1.80
CA THR A 7 7.00 -18.52 2.68
C THR A 7 5.87 -17.88 1.85
N ASN A 8 4.63 -18.32 2.08
CA ASN A 8 3.44 -17.70 1.44
C ASN A 8 2.93 -16.54 2.32
N ASN A 9 2.63 -15.41 1.68
CA ASN A 9 2.05 -14.23 2.34
C ASN A 9 1.17 -13.47 1.34
N SER A 10 0.05 -12.92 1.83
CA SER A 10 -0.89 -12.12 1.03
C SER A 10 -1.41 -10.95 1.90
N GLY A 11 -1.06 -9.72 1.50
CA GLY A 11 -1.48 -8.52 2.20
C GLY A 11 -0.89 -7.28 1.54
N VAL A 12 -0.73 -6.20 2.34
CA VAL A 12 -0.09 -4.95 1.90
C VAL A 12 0.96 -4.53 2.94
N ALA A 13 1.98 -3.76 2.52
CA ALA A 13 3.01 -3.25 3.43
C ALA A 13 3.80 -2.12 2.75
N GLN A 14 4.07 -1.06 3.52
CA GLN A 14 5.02 -0.02 3.14
C GLN A 14 6.38 -0.33 3.79
N ILE A 15 7.44 -0.21 3.00
CA ILE A 15 8.82 -0.39 3.48
C ILE A 15 9.27 0.98 4.01
N ASN A 16 10.02 1.01 5.13
CA ASN A 16 10.58 2.28 5.69
C ASN A 16 11.34 3.05 4.59
N ALA A 17 11.19 4.39 4.56
CA ALA A 17 11.70 5.25 3.47
C ALA A 17 13.21 5.13 3.29
N LYS A 18 13.92 5.24 4.41
CA LYS A 18 15.40 5.17 4.48
C LYS A 18 15.85 3.72 4.76
N ASN A 19 15.24 2.74 4.03
CA ASN A 19 15.46 1.30 4.25
C ASN A 19 16.86 0.84 3.78
N SER A 20 17.14 -0.46 4.03
CA SER A 20 18.43 -1.10 3.70
C SER A 20 18.47 -1.65 2.25
N GLY A 21 17.51 -1.19 1.39
CA GLY A 21 17.45 -1.58 0.01
C GLY A 21 16.58 -2.81 -0.22
N LEU A 22 15.75 -2.75 -1.26
CA LEU A 22 14.98 -3.90 -1.74
C LEU A 22 15.96 -4.86 -2.45
N TYR A 23 16.24 -5.98 -1.78
CA TYR A 23 17.23 -6.97 -2.21
C TYR A 23 16.74 -7.70 -3.48
N THR A 24 17.55 -7.58 -4.54
CA THR A 24 17.27 -8.17 -5.86
C THR A 24 17.09 -9.70 -5.77
N THR A 25 17.89 -10.33 -4.88
CA THR A 25 17.80 -11.77 -4.56
C THR A 25 17.52 -11.95 -3.06
N VAL A 26 17.01 -13.13 -2.68
CA VAL A 26 16.83 -13.54 -1.27
C VAL A 26 18.20 -13.65 -0.56
N TYR A 27 19.24 -14.03 -1.32
CA TYR A 27 20.62 -14.20 -0.81
C TYR A 27 21.19 -12.85 -0.36
N ASP A 28 20.63 -11.75 -0.92
CA ASP A 28 20.94 -10.36 -0.54
C ASP A 28 22.38 -9.96 -0.94
N THR A 29 22.51 -8.79 -1.58
CA THR A 29 23.82 -8.23 -1.95
C THR A 29 23.97 -6.84 -1.30
N LYS A 30 23.14 -5.89 -1.76
CA LYS A 30 23.15 -4.49 -1.26
C LYS A 30 21.69 -3.99 -1.14
N GLY A 31 20.90 -4.29 -2.18
CA GLY A 31 19.51 -3.83 -2.28
C GLY A 31 19.40 -2.47 -2.98
N LYS A 32 18.18 -2.11 -3.40
CA LYS A 32 17.90 -0.82 -4.06
C LYS A 32 16.71 -0.13 -3.35
N THR A 33 16.94 1.06 -2.75
CA THR A 33 15.86 1.87 -2.15
C THR A 33 15.00 2.47 -3.29
N THR A 34 14.05 1.65 -3.76
CA THR A 34 13.25 1.88 -4.97
C THR A 34 11.85 2.46 -4.60
N ASN A 35 10.88 2.39 -5.54
CA ASN A 35 9.49 2.90 -5.39
C ASN A 35 8.76 2.45 -4.07
N GLN A 36 9.28 1.43 -3.39
CA GLN A 36 8.68 0.87 -2.15
C GLN A 36 9.03 1.65 -0.85
N ILE A 37 9.56 2.86 -1.00
CA ILE A 37 10.10 3.71 0.12
C ILE A 37 9.03 4.41 1.01
N GLN A 38 8.04 3.62 1.46
CA GLN A 38 6.78 4.05 2.11
C GLN A 38 5.73 4.31 1.06
N ARG A 39 5.47 3.24 0.31
CA ARG A 39 4.38 3.12 -0.63
C ARG A 39 3.75 1.72 -0.44
N THR A 40 2.63 1.69 0.31
CA THR A 40 1.92 0.45 0.68
C THR A 40 1.21 -0.19 -0.54
N LEU A 41 1.90 -1.13 -1.20
CA LEU A 41 1.44 -1.70 -2.47
C LEU A 41 0.83 -3.09 -2.27
N SER A 42 1.67 -4.11 -2.02
CA SER A 42 1.24 -5.50 -1.75
C SER A 42 2.44 -6.40 -1.44
N VAL A 43 2.24 -7.33 -0.51
CA VAL A 43 3.14 -8.46 -0.28
C VAL A 43 2.43 -9.72 -0.80
N THR A 44 2.83 -10.19 -1.98
CA THR A 44 2.16 -11.31 -2.65
C THR A 44 2.97 -12.62 -2.53
N LYS A 45 4.11 -12.55 -1.81
CA LYS A 45 4.98 -13.71 -1.55
C LYS A 45 6.02 -13.34 -0.45
N ALA A 46 6.75 -14.35 0.05
CA ALA A 46 7.84 -14.18 1.01
C ALA A 46 8.81 -15.38 0.93
N ALA A 47 9.93 -15.27 1.65
CA ALA A 47 10.93 -16.35 1.78
C ALA A 47 11.80 -16.05 3.00
N THR A 48 11.75 -16.96 3.99
CA THR A 48 12.48 -16.81 5.25
C THR A 48 13.81 -17.58 5.18
N LEU A 49 14.91 -16.84 5.00
CA LEU A 49 16.28 -17.41 4.98
C LEU A 49 16.79 -17.46 6.44
N GLY A 50 16.28 -18.47 7.20
CA GLY A 50 16.56 -18.60 8.62
C GLY A 50 15.92 -17.49 9.45
N ASP A 51 16.74 -16.72 10.17
CA ASP A 51 16.31 -15.54 10.94
C ASP A 51 16.15 -14.33 10.01
N LYS A 52 16.85 -14.36 8.85
CA LYS A 52 16.76 -13.30 7.83
C LYS A 52 15.50 -13.51 6.98
N LYS A 53 14.39 -12.99 7.48
CA LYS A 53 13.07 -13.18 6.87
C LYS A 53 12.80 -12.08 5.84
N PHE A 54 12.65 -12.50 4.57
CA PHE A 54 12.39 -11.58 3.44
C PHE A 54 10.93 -11.71 2.98
N TYR A 55 10.42 -10.60 2.42
CA TYR A 55 9.05 -10.50 1.88
C TYR A 55 9.12 -9.95 0.46
N LEU A 56 8.49 -10.67 -0.49
CA LEU A 56 8.34 -10.19 -1.87
C LEU A 56 7.23 -9.14 -1.90
N VAL A 57 7.65 -7.89 -1.96
CA VAL A 57 6.76 -6.73 -2.10
C VAL A 57 6.77 -6.26 -3.56
N GLY A 58 5.68 -5.63 -4.00
CA GLY A 58 5.57 -5.15 -5.37
C GLY A 58 4.31 -4.35 -5.59
N ASP A 59 4.24 -3.65 -6.75
CA ASP A 59 3.09 -2.77 -7.09
C ASP A 59 1.86 -3.62 -7.40
N TYR A 60 0.79 -3.38 -6.61
CA TYR A 60 -0.42 -4.22 -6.51
C TYR A 60 -0.85 -4.89 -7.85
N ASN A 61 -1.32 -4.06 -8.80
CA ASN A 61 -1.83 -4.53 -10.10
C ASN A 61 -0.72 -4.50 -11.19
N THR A 62 0.32 -3.67 -10.98
CA THR A 62 1.26 -3.26 -12.05
C THR A 62 2.57 -4.10 -12.06
N GLY A 63 2.46 -5.42 -11.79
CA GLY A 63 3.61 -6.33 -11.94
C GLY A 63 4.30 -6.65 -10.62
N THR A 64 3.49 -6.79 -9.54
CA THR A 64 3.97 -6.89 -8.14
C THR A 64 5.19 -7.83 -7.95
N ASN A 65 6.39 -7.19 -7.88
CA ASN A 65 7.69 -7.78 -7.57
C ASN A 65 8.81 -6.75 -7.86
N TYR A 66 9.11 -5.88 -6.86
CA TYR A 66 10.30 -5.00 -6.89
C TYR A 66 11.50 -5.80 -6.36
N GLY A 67 11.28 -6.49 -5.23
CA GLY A 67 12.32 -7.31 -4.62
C GLY A 67 11.93 -7.82 -3.25
N TRP A 68 12.90 -8.48 -2.62
CA TRP A 68 12.79 -9.08 -1.28
C TRP A 68 13.27 -8.07 -0.24
N VAL A 69 12.66 -8.06 0.94
CA VAL A 69 12.96 -7.05 1.98
C VAL A 69 12.82 -7.67 3.38
N LYS A 70 13.72 -7.26 4.29
CA LYS A 70 13.74 -7.74 5.70
C LYS A 70 12.37 -7.46 6.39
N GLN A 71 11.99 -8.38 7.28
CA GLN A 71 10.76 -8.31 8.11
C GLN A 71 10.69 -7.01 8.93
N ASP A 72 11.86 -6.56 9.40
CA ASP A 72 12.00 -5.37 10.26
C ASP A 72 12.14 -4.08 9.43
N GLU A 73 12.26 -4.21 8.09
CA GLU A 73 12.28 -3.06 7.17
C GLU A 73 10.89 -2.74 6.61
N VAL A 74 9.89 -3.58 6.90
CA VAL A 74 8.49 -3.31 6.52
C VAL A 74 7.63 -3.00 7.75
N ILE A 75 6.60 -2.18 7.53
CA ILE A 75 5.43 -2.10 8.40
C ILE A 75 4.35 -2.92 7.69
N TYR A 76 4.05 -4.13 8.19
CA TYR A 76 3.13 -5.02 7.52
C TYR A 76 1.69 -4.75 7.99
N ASN A 77 0.76 -4.83 7.03
CA ASN A 77 -0.67 -4.61 7.25
C ASN A 77 -1.46 -5.73 6.55
N THR A 78 -2.26 -6.49 7.31
CA THR A 78 -3.10 -7.56 6.76
C THR A 78 -4.23 -6.96 5.90
N ALA A 79 -4.22 -7.26 4.59
CA ALA A 79 -5.25 -6.82 3.63
C ALA A 79 -6.24 -7.97 3.39
N LYS A 80 -7.53 -7.62 3.27
CA LYS A 80 -8.63 -8.59 3.03
C LYS A 80 -9.18 -8.40 1.60
N SER A 81 -10.27 -9.14 1.30
CA SER A 81 -10.97 -9.07 0.01
C SER A 81 -11.57 -7.67 -0.24
N PRO A 82 -11.42 -7.11 -1.48
CA PRO A 82 -12.06 -5.83 -1.86
C PRO A 82 -13.58 -5.99 -2.08
N VAL A 83 -14.37 -5.10 -1.47
CA VAL A 83 -15.84 -5.11 -1.54
C VAL A 83 -16.32 -3.85 -2.28
N LYS A 84 -17.29 -3.97 -3.19
CA LYS A 84 -17.80 -2.81 -3.95
C LYS A 84 -18.78 -1.97 -3.09
N ILE A 85 -18.88 -0.70 -3.45
CA ILE A 85 -19.78 0.28 -2.81
C ILE A 85 -20.09 1.37 -3.85
N ASN A 86 -21.35 1.79 -3.93
CA ASN A 86 -21.80 2.79 -4.94
C ASN A 86 -22.43 4.04 -4.29
N GLN A 87 -22.42 4.06 -2.93
CA GLN A 87 -23.00 5.17 -2.14
C GLN A 87 -22.20 6.47 -2.37
N THR A 88 -22.93 7.59 -2.52
CA THR A 88 -22.34 8.90 -2.79
C THR A 88 -22.04 9.64 -1.47
N TYR A 89 -20.81 10.15 -1.37
CA TYR A 89 -20.29 10.87 -0.20
C TYR A 89 -19.63 12.17 -0.69
N ASN A 90 -19.03 12.92 0.24
CA ASN A 90 -18.26 14.13 -0.07
C ASN A 90 -16.92 14.11 0.67
N VAL A 91 -16.01 15.04 0.31
CA VAL A 91 -14.66 15.12 0.86
C VAL A 91 -14.22 16.59 0.98
N LYS A 92 -13.80 16.99 2.20
CA LYS A 92 -13.30 18.36 2.48
C LYS A 92 -12.00 18.66 1.70
N PRO A 93 -11.81 19.93 1.21
CA PRO A 93 -10.51 20.40 0.68
C PRO A 93 -9.40 20.36 1.76
N GLY A 94 -8.28 19.71 1.43
CA GLY A 94 -7.19 19.47 2.37
C GLY A 94 -6.93 17.99 2.60
N VAL A 95 -7.96 17.16 2.32
CA VAL A 95 -7.84 15.69 2.40
C VAL A 95 -7.11 15.15 1.16
N LYS A 96 -6.16 14.22 1.38
CA LYS A 96 -5.34 13.63 0.31
C LYS A 96 -5.91 12.25 -0.08
N LEU A 97 -6.33 12.11 -1.35
CA LEU A 97 -6.65 10.79 -1.96
C LEU A 97 -5.35 10.15 -2.48
N HIS A 98 -5.37 8.81 -2.61
CA HIS A 98 -4.17 8.02 -2.87
C HIS A 98 -4.36 7.07 -4.05
N THR A 99 -3.31 6.88 -4.86
CA THR A 99 -3.33 6.00 -6.05
C THR A 99 -3.48 4.52 -5.65
N VAL A 100 -2.99 4.18 -4.44
CA VAL A 100 -2.93 2.81 -3.91
C VAL A 100 -3.23 2.82 -2.38
N PRO A 101 -3.83 1.71 -1.80
CA PRO A 101 -4.43 1.70 -0.42
C PRO A 101 -3.44 1.97 0.72
N TRP A 102 -4.02 2.31 1.90
CA TRP A 102 -3.32 2.69 3.15
C TRP A 102 -2.78 4.14 3.07
N GLY A 103 -2.09 4.48 1.97
CA GLY A 103 -1.90 5.88 1.60
C GLY A 103 -0.77 6.62 2.35
N THR A 104 0.49 6.24 2.10
CA THR A 104 1.66 6.80 2.78
C THR A 104 2.24 7.98 1.96
N TYR A 105 3.41 8.49 2.40
CA TYR A 105 4.09 9.65 1.79
C TYR A 105 4.38 9.48 0.29
N ASN A 106 4.41 8.22 -0.21
CA ASN A 106 4.73 7.92 -1.62
C ASN A 106 3.50 7.31 -2.36
N GLN A 107 2.29 7.58 -1.83
CA GLN A 107 1.01 7.11 -2.45
C GLN A 107 0.06 8.27 -2.73
N VAL A 108 0.46 9.51 -2.37
CA VAL A 108 -0.41 10.70 -2.48
C VAL A 108 -0.72 11.00 -3.96
N ALA A 109 -1.96 10.68 -4.38
CA ALA A 109 -2.47 10.95 -5.74
C ALA A 109 -2.65 12.46 -5.93
N GLY A 110 -3.33 13.08 -4.96
CA GLY A 110 -3.59 14.51 -4.99
C GLY A 110 -4.38 14.96 -3.77
N THR A 111 -4.16 16.22 -3.38
CA THR A 111 -4.89 16.87 -2.28
C THR A 111 -6.13 17.56 -2.88
N VAL A 112 -7.32 17.22 -2.35
CA VAL A 112 -8.59 17.88 -2.72
C VAL A 112 -8.47 19.39 -2.43
N SER A 113 -8.88 20.22 -3.38
CA SER A 113 -8.73 21.67 -3.31
C SER A 113 -9.89 22.36 -4.04
N GLY A 114 -10.11 23.63 -3.71
CA GLY A 114 -11.21 24.43 -4.28
C GLY A 114 -12.14 24.96 -3.21
N LYS A 115 -13.16 25.70 -3.65
CA LYS A 115 -14.18 26.28 -2.76
C LYS A 115 -15.33 25.29 -2.56
N GLY A 116 -15.51 24.82 -1.32
CA GLY A 116 -16.55 23.82 -0.99
C GLY A 116 -16.05 22.40 -1.14
N ASP A 117 -16.67 21.46 -0.40
CA ASP A 117 -16.31 20.03 -0.44
C ASP A 117 -16.65 19.43 -1.83
N GLN A 118 -15.81 18.50 -2.31
CA GLN A 118 -16.00 17.85 -3.61
C GLN A 118 -16.77 16.53 -3.40
N THR A 119 -17.67 16.19 -4.34
CA THR A 119 -18.46 14.96 -4.31
C THR A 119 -17.57 13.71 -4.56
N PHE A 120 -17.44 12.87 -3.52
CA PHE A 120 -16.76 11.57 -3.62
C PHE A 120 -17.76 10.49 -4.06
N LYS A 121 -17.66 10.05 -5.31
CA LYS A 121 -18.44 8.90 -5.82
C LYS A 121 -17.68 7.60 -5.52
N ALA A 122 -18.15 6.84 -4.51
CA ALA A 122 -17.55 5.55 -4.15
C ALA A 122 -17.75 4.51 -5.26
N THR A 123 -16.74 3.66 -5.48
CA THR A 123 -16.75 2.62 -6.53
C THR A 123 -16.50 1.22 -5.89
N LYS A 124 -15.61 1.20 -4.89
CA LYS A 124 -15.14 -0.02 -4.22
C LYS A 124 -14.45 0.37 -2.88
N GLN A 125 -14.05 -0.63 -2.09
CA GLN A 125 -13.25 -0.47 -0.86
C GLN A 125 -12.41 -1.74 -0.64
N GLN A 126 -11.40 -1.66 0.21
CA GLN A 126 -10.60 -2.84 0.64
C GLN A 126 -10.25 -2.69 2.11
N GLN A 127 -10.52 -3.74 2.90
CA GLN A 127 -10.27 -3.73 4.34
C GLN A 127 -8.81 -4.06 4.63
N ILE A 128 -8.00 -3.03 4.91
CA ILE A 128 -6.59 -3.17 5.30
C ILE A 128 -6.46 -2.96 6.80
N ASP A 129 -5.29 -3.33 7.37
CA ASP A 129 -5.07 -3.32 8.84
C ASP A 129 -5.33 -1.94 9.47
N LYS A 130 -6.41 -1.90 10.30
CA LYS A 130 -6.82 -0.74 11.11
C LYS A 130 -7.18 0.50 10.24
N ALA A 131 -7.71 0.24 9.03
CA ALA A 131 -8.18 1.29 8.11
C ALA A 131 -9.12 0.68 7.05
N THR A 132 -10.11 1.48 6.59
CA THR A 132 -10.99 1.09 5.49
C THR A 132 -10.89 2.16 4.40
N TYR A 133 -10.03 1.90 3.39
CA TYR A 133 -9.85 2.81 2.24
C TYR A 133 -10.86 2.45 1.14
N LEU A 134 -11.72 3.43 0.83
CA LEU A 134 -12.69 3.39 -0.27
C LEU A 134 -12.07 3.95 -1.55
N TYR A 135 -12.13 3.15 -2.61
CA TYR A 135 -11.69 3.52 -3.94
C TYR A 135 -12.88 4.15 -4.67
N GLY A 136 -12.74 5.40 -5.12
CA GLY A 136 -13.82 6.09 -5.84
C GLY A 136 -13.31 7.14 -6.80
N THR A 137 -14.19 7.57 -7.71
CA THR A 137 -13.83 8.46 -8.81
C THR A 137 -14.35 9.90 -8.55
N VAL A 138 -13.41 10.86 -8.51
CA VAL A 138 -13.67 12.29 -8.30
C VAL A 138 -13.09 13.12 -9.49
N ASN A 139 -13.99 13.81 -10.24
CA ASN A 139 -13.61 14.80 -11.30
C ASN A 139 -12.69 14.17 -12.38
N GLY A 140 -12.95 12.89 -12.71
CA GLY A 140 -12.17 12.16 -13.72
C GLY A 140 -11.04 11.32 -13.12
N LYS A 141 -10.51 11.78 -11.98
CA LYS A 141 -9.48 11.06 -11.21
C LYS A 141 -10.13 9.98 -10.36
N SER A 142 -9.35 9.02 -9.86
CA SER A 142 -9.87 7.95 -8.99
C SER A 142 -8.79 7.53 -7.98
N GLY A 143 -9.19 7.34 -6.71
CA GLY A 143 -8.24 7.00 -5.66
C GLY A 143 -8.90 6.53 -4.36
N TRP A 144 -8.06 5.92 -3.52
CA TRP A 144 -8.42 5.41 -2.19
C TRP A 144 -8.43 6.55 -1.15
N ILE A 145 -9.43 6.52 -0.26
CA ILE A 145 -9.58 7.46 0.85
C ILE A 145 -10.23 6.73 2.03
N SER A 146 -9.64 6.83 3.24
CA SER A 146 -10.19 6.16 4.44
C SER A 146 -11.48 6.84 4.89
N LYS A 147 -12.32 6.09 5.63
CA LYS A 147 -13.58 6.59 6.20
C LYS A 147 -13.33 7.71 7.24
N TYR A 148 -12.12 7.70 7.84
CA TYR A 148 -11.67 8.76 8.78
C TYR A 148 -11.49 10.10 8.04
N TYR A 149 -10.98 10.01 6.80
CA TYR A 149 -10.68 11.17 5.93
C TYR A 149 -11.92 11.59 5.12
N LEU A 150 -12.78 10.61 4.85
CA LEU A 150 -14.03 10.78 4.09
C LEU A 150 -15.01 11.61 4.93
N THR A 151 -15.53 12.69 4.33
CA THR A 151 -16.44 13.62 5.02
C THR A 151 -17.89 13.13 4.87
N ALA A 152 -18.63 13.16 5.98
CA ALA A 152 -20.00 12.63 6.08
C ALA A 152 -20.75 13.37 7.19
N ASN A 1 20.53 -25.02 9.44
CA ASN A 1 21.03 -24.37 8.21
C ASN A 1 20.04 -23.30 7.73
N ASN A 2 20.53 -22.32 6.95
CA ASN A 2 19.68 -21.35 6.24
C ASN A 2 18.98 -22.07 5.05
N GLN A 3 17.72 -22.47 5.28
CA GLN A 3 16.91 -23.22 4.30
C GLN A 3 15.92 -22.26 3.62
N LEU A 4 15.97 -22.19 2.27
CA LEU A 4 15.08 -21.35 1.48
C LEU A 4 13.68 -22.00 1.40
N THR A 5 12.82 -21.67 2.37
CA THR A 5 11.42 -22.10 2.40
C THR A 5 10.53 -20.94 1.95
N VAL A 6 9.81 -21.16 0.84
CA VAL A 6 8.97 -20.14 0.20
C VAL A 6 7.70 -19.90 1.05
N THR A 7 7.50 -18.64 1.44
CA THR A 7 6.40 -18.21 2.30
C THR A 7 5.33 -17.50 1.45
N ASN A 8 4.07 -17.95 1.56
CA ASN A 8 2.93 -17.26 0.94
C ASN A 8 2.52 -16.09 1.86
N ASN A 9 2.17 -14.94 1.26
CA ASN A 9 1.72 -13.75 2.01
C ASN A 9 1.05 -12.77 1.04
N SER A 10 -0.06 -12.18 1.49
CA SER A 10 -0.87 -11.22 0.73
C SER A 10 -1.33 -10.09 1.68
N GLY A 11 -0.73 -8.91 1.53
CA GLY A 11 -1.05 -7.75 2.34
C GLY A 11 -0.40 -6.50 1.78
N VAL A 12 -0.44 -5.40 2.55
CA VAL A 12 0.22 -4.13 2.18
C VAL A 12 1.40 -3.85 3.16
N ALA A 13 2.51 -3.32 2.62
CA ALA A 13 3.73 -3.04 3.42
C ALA A 13 4.65 -2.03 2.69
N GLN A 14 5.35 -1.19 3.48
CA GLN A 14 6.37 -0.24 2.97
C GLN A 14 7.74 -0.55 3.58
N ILE A 15 8.78 -0.16 2.84
CA ILE A 15 10.17 -0.27 3.28
C ILE A 15 10.57 1.11 3.82
N ASN A 16 10.88 1.23 5.12
CA ASN A 16 11.22 2.54 5.74
C ASN A 16 12.43 3.19 5.05
N ALA A 17 12.39 4.54 4.91
CA ALA A 17 13.31 5.33 4.06
C ALA A 17 14.80 5.04 4.28
N LYS A 18 15.18 4.97 5.55
CA LYS A 18 16.57 4.71 6.01
C LYS A 18 16.85 3.19 6.12
N ASN A 19 16.44 2.44 5.09
CA ASN A 19 16.63 0.98 5.02
C ASN A 19 18.06 0.63 4.58
N SER A 20 18.41 -0.67 4.70
CA SER A 20 19.71 -1.21 4.26
C SER A 20 19.81 -1.20 2.73
N GLY A 21 18.66 -1.45 2.09
CA GLY A 21 18.54 -1.54 0.66
C GLY A 21 17.50 -2.57 0.26
N LEU A 22 16.89 -2.37 -0.91
CA LEU A 22 16.03 -3.38 -1.53
C LEU A 22 16.96 -4.42 -2.20
N TYR A 23 16.83 -5.67 -1.78
CA TYR A 23 17.63 -6.79 -2.28
C TYR A 23 16.97 -7.32 -3.56
N THR A 24 17.71 -7.26 -4.68
CA THR A 24 17.23 -7.77 -5.98
C THR A 24 16.94 -9.28 -5.89
N THR A 25 17.95 -10.04 -5.44
CA THR A 25 17.83 -11.49 -5.16
C THR A 25 17.75 -11.71 -3.64
N VAL A 26 17.43 -12.95 -3.22
CA VAL A 26 17.47 -13.34 -1.78
C VAL A 26 18.92 -13.32 -1.25
N TYR A 27 19.89 -13.65 -2.14
CA TYR A 27 21.33 -13.61 -1.78
C TYR A 27 21.84 -12.16 -1.70
N ASP A 28 21.18 -11.27 -2.48
CA ASP A 28 21.52 -9.84 -2.61
C ASP A 28 22.94 -9.60 -3.21
N THR A 29 23.13 -8.40 -3.81
CA THR A 29 24.44 -7.92 -4.27
C THR A 29 25.01 -6.92 -3.24
N LYS A 30 24.20 -5.87 -2.96
CA LYS A 30 24.60 -4.72 -2.11
C LYS A 30 23.37 -4.11 -1.40
N GLY A 31 22.18 -4.29 -2.00
CA GLY A 31 20.96 -3.70 -1.51
C GLY A 31 20.85 -2.24 -1.91
N LYS A 32 19.91 -1.91 -2.80
CA LYS A 32 19.70 -0.54 -3.29
C LYS A 32 18.30 -0.06 -2.92
N THR A 33 18.22 1.04 -2.15
CA THR A 33 16.96 1.61 -1.63
C THR A 33 15.90 1.79 -2.75
N THR A 34 14.75 1.13 -2.58
CA THR A 34 13.64 1.14 -3.56
C THR A 34 12.89 2.49 -3.57
N ASN A 35 11.86 2.60 -4.43
CA ASN A 35 10.96 3.78 -4.48
C ASN A 35 9.94 3.73 -3.31
N GLN A 36 9.81 2.54 -2.70
CA GLN A 36 8.81 2.25 -1.64
C GLN A 36 9.35 2.63 -0.24
N ILE A 37 10.06 3.77 -0.16
CA ILE A 37 10.83 4.29 1.00
C ILE A 37 9.94 4.94 2.10
N GLN A 38 8.84 4.23 2.47
CA GLN A 38 7.64 4.73 3.18
C GLN A 38 6.63 5.24 2.15
N ARG A 39 6.53 4.43 1.07
CA ARG A 39 5.44 4.49 0.09
C ARG A 39 5.01 3.05 -0.20
N THR A 40 3.97 2.59 0.51
CA THR A 40 3.46 1.21 0.43
C THR A 40 2.91 0.85 -0.95
N LEU A 41 3.24 -0.35 -1.41
CA LEU A 41 2.59 -0.97 -2.57
C LEU A 41 1.85 -2.24 -2.10
N SER A 42 2.60 -3.31 -1.79
CA SER A 42 2.05 -4.55 -1.20
C SER A 42 3.15 -5.61 -1.02
N VAL A 43 2.86 -6.60 -0.18
CA VAL A 43 3.58 -7.88 -0.17
C VAL A 43 2.93 -8.80 -1.22
N THR A 44 3.68 -9.09 -2.29
CA THR A 44 3.22 -9.97 -3.38
C THR A 44 3.61 -11.43 -3.07
N LYS A 45 4.71 -11.60 -2.32
CA LYS A 45 5.23 -12.91 -1.91
C LYS A 45 6.20 -12.72 -0.72
N ALA A 46 6.66 -13.83 -0.14
CA ALA A 46 7.70 -13.84 0.88
C ALA A 46 8.52 -15.15 0.77
N ALA A 47 9.62 -15.23 1.52
CA ALA A 47 10.46 -16.44 1.60
C ALA A 47 11.34 -16.35 2.84
N THR A 48 11.16 -17.30 3.77
CA THR A 48 11.97 -17.41 4.97
C THR A 48 13.19 -18.29 4.64
N LEU A 49 14.34 -17.63 4.42
CA LEU A 49 15.62 -18.32 4.10
C LEU A 49 16.38 -18.53 5.42
N GLY A 50 15.90 -19.49 6.23
CA GLY A 50 16.50 -19.80 7.53
C GLY A 50 16.55 -18.60 8.48
N ASP A 51 17.74 -17.98 8.54
CA ASP A 51 18.04 -16.82 9.42
C ASP A 51 17.43 -15.52 8.88
N LYS A 52 17.32 -15.42 7.54
CA LYS A 52 16.93 -14.18 6.85
C LYS A 52 15.53 -14.33 6.21
N LYS A 53 14.55 -13.59 6.74
CA LYS A 53 13.19 -13.57 6.22
C LYS A 53 13.03 -12.39 5.24
N PHE A 54 12.63 -12.71 4.01
CA PHE A 54 12.48 -11.75 2.90
C PHE A 54 11.01 -11.58 2.53
N TYR A 55 10.67 -10.36 2.07
CA TYR A 55 9.35 -10.01 1.53
C TYR A 55 9.52 -9.48 0.11
N LEU A 56 8.95 -10.21 -0.86
CA LEU A 56 8.88 -9.76 -2.26
C LEU A 56 7.80 -8.68 -2.36
N VAL A 57 8.24 -7.43 -2.45
CA VAL A 57 7.36 -6.26 -2.47
C VAL A 57 7.15 -5.75 -3.91
N GLY A 58 5.92 -5.28 -4.18
CA GLY A 58 5.51 -4.78 -5.50
C GLY A 58 4.09 -4.24 -5.44
N ASP A 59 3.56 -3.69 -6.56
CA ASP A 59 2.26 -2.97 -6.53
C ASP A 59 1.08 -3.95 -6.34
N TYR A 60 0.02 -3.47 -5.65
CA TYR A 60 -1.11 -4.28 -5.19
C TYR A 60 -1.99 -4.80 -6.35
N ASN A 61 -2.00 -4.07 -7.47
CA ASN A 61 -2.91 -4.36 -8.60
C ASN A 61 -2.28 -5.38 -9.58
N THR A 62 -1.12 -5.04 -10.13
CA THR A 62 -0.45 -5.82 -11.19
C THR A 62 0.48 -6.90 -10.58
N GLY A 63 1.01 -6.60 -9.39
CA GLY A 63 1.91 -7.52 -8.69
C GLY A 63 3.34 -7.50 -9.23
N THR A 64 3.70 -6.39 -9.90
CA THR A 64 5.05 -6.20 -10.44
C THR A 64 6.01 -5.85 -9.30
N ASN A 65 6.90 -6.80 -8.99
CA ASN A 65 7.78 -6.71 -7.80
C ASN A 65 9.07 -5.94 -8.12
N TYR A 66 9.56 -5.20 -7.12
CA TYR A 66 10.90 -4.60 -7.15
C TYR A 66 11.95 -5.62 -6.69
N GLY A 67 11.59 -6.42 -5.67
CA GLY A 67 12.48 -7.46 -5.15
C GLY A 67 12.24 -7.77 -3.67
N TRP A 68 13.18 -8.50 -3.08
CA TRP A 68 13.12 -8.99 -1.69
C TRP A 68 13.64 -7.91 -0.71
N VAL A 69 13.13 -7.91 0.53
CA VAL A 69 13.56 -6.96 1.59
C VAL A 69 13.41 -7.59 2.99
N LYS A 70 14.19 -7.10 3.96
CA LYS A 70 14.18 -7.59 5.36
C LYS A 70 12.88 -7.19 6.09
N GLN A 71 12.40 -8.11 6.94
CA GLN A 71 11.22 -7.89 7.83
C GLN A 71 11.44 -6.73 8.83
N ASP A 72 12.70 -6.53 9.23
CA ASP A 72 13.08 -5.59 10.31
C ASP A 72 12.89 -4.13 9.89
N GLU A 73 13.07 -3.86 8.60
CA GLU A 73 13.04 -2.48 8.04
C GLU A 73 11.76 -2.22 7.23
N VAL A 74 10.72 -3.06 7.45
CA VAL A 74 9.38 -2.87 6.82
C VAL A 74 8.26 -2.91 7.88
N ILE A 75 7.19 -2.13 7.63
CA ILE A 75 5.94 -2.18 8.45
C ILE A 75 4.86 -2.87 7.61
N TYR A 76 4.41 -4.05 8.07
CA TYR A 76 3.42 -4.87 7.39
C TYR A 76 2.01 -4.62 7.96
N ASN A 77 0.99 -4.80 7.10
CA ASN A 77 -0.44 -4.69 7.43
C ASN A 77 -1.21 -5.68 6.53
N THR A 78 -2.26 -6.31 7.08
CA THR A 78 -3.00 -7.37 6.36
C THR A 78 -4.14 -6.79 5.50
N ALA A 79 -4.18 -7.18 4.21
CA ALA A 79 -5.27 -6.84 3.29
C ALA A 79 -6.29 -7.99 3.27
N LYS A 80 -7.58 -7.66 3.51
CA LYS A 80 -8.69 -8.66 3.59
C LYS A 80 -9.47 -8.70 2.26
N SER A 81 -10.74 -9.16 2.32
CA SER A 81 -11.66 -9.15 1.17
C SER A 81 -12.29 -7.75 0.99
N PRO A 82 -12.47 -7.28 -0.29
CA PRO A 82 -13.15 -5.98 -0.58
C PRO A 82 -14.68 -6.04 -0.37
N VAL A 83 -15.28 -4.87 -0.12
CA VAL A 83 -16.74 -4.70 0.07
C VAL A 83 -17.28 -3.78 -1.04
N LYS A 84 -18.43 -4.13 -1.63
CA LYS A 84 -19.04 -3.37 -2.73
C LYS A 84 -20.14 -2.42 -2.18
N ILE A 85 -19.94 -1.10 -2.35
CA ILE A 85 -20.97 -0.07 -2.12
C ILE A 85 -20.98 0.90 -3.32
N ASN A 86 -22.16 1.44 -3.65
CA ASN A 86 -22.33 2.40 -4.77
C ASN A 86 -22.89 3.75 -4.28
N GLN A 87 -22.68 4.04 -2.98
CA GLN A 87 -23.20 5.26 -2.34
C GLN A 87 -22.41 6.51 -2.80
N THR A 88 -23.13 7.62 -3.00
CA THR A 88 -22.56 8.90 -3.47
C THR A 88 -22.39 9.86 -2.27
N TYR A 89 -21.25 10.58 -2.24
CA TYR A 89 -20.92 11.59 -1.20
C TYR A 89 -20.29 12.81 -1.86
N ASN A 90 -19.91 13.78 -1.02
CA ASN A 90 -19.03 14.90 -1.41
C ASN A 90 -17.75 14.83 -0.57
N VAL A 91 -16.70 15.51 -1.02
CA VAL A 91 -15.38 15.47 -0.38
C VAL A 91 -14.75 16.87 -0.41
N LYS A 92 -14.19 17.30 0.74
CA LYS A 92 -13.69 18.68 0.91
C LYS A 92 -12.24 18.81 0.41
N PRO A 93 -11.81 20.01 -0.11
CA PRO A 93 -10.40 20.30 -0.43
C PRO A 93 -9.45 20.10 0.77
N GLY A 94 -8.27 19.49 0.51
CA GLY A 94 -7.31 19.15 1.56
C GLY A 94 -7.35 17.67 1.95
N VAL A 95 -8.09 16.87 1.16
CA VAL A 95 -8.13 15.40 1.30
C VAL A 95 -7.09 14.78 0.36
N LYS A 96 -6.21 13.94 0.91
CA LYS A 96 -5.15 13.25 0.15
C LYS A 96 -5.64 11.85 -0.26
N LEU A 97 -5.71 11.61 -1.58
CA LEU A 97 -5.97 10.29 -2.16
C LEU A 97 -4.73 9.40 -1.99
N HIS A 98 -4.91 8.07 -2.04
CA HIS A 98 -3.82 7.08 -1.81
C HIS A 98 -3.72 6.13 -3.03
N THR A 99 -2.50 5.66 -3.33
CA THR A 99 -2.24 4.76 -4.48
C THR A 99 -2.78 3.35 -4.19
N VAL A 100 -2.54 2.88 -2.95
CA VAL A 100 -3.03 1.60 -2.41
C VAL A 100 -3.98 1.94 -1.24
N PRO A 101 -4.83 0.97 -0.73
CA PRO A 101 -5.69 1.29 0.43
C PRO A 101 -4.80 1.60 1.65
N TRP A 102 -4.80 2.90 2.04
CA TRP A 102 -3.86 3.46 3.02
C TRP A 102 -2.38 3.06 2.73
N GLY A 103 -2.01 1.91 3.30
CA GLY A 103 -0.65 1.42 3.51
C GLY A 103 0.40 2.37 4.16
N THR A 104 0.25 3.69 4.05
CA THR A 104 1.12 4.67 4.69
C THR A 104 0.23 5.86 5.07
N TYR A 105 0.51 6.51 6.21
CA TYR A 105 -0.23 7.73 6.63
C TYR A 105 -0.03 8.86 5.60
N ASN A 106 1.12 8.80 4.88
CA ASN A 106 1.48 9.80 3.85
C ASN A 106 1.63 9.15 2.46
N GLN A 107 0.82 8.11 2.17
CA GLN A 107 0.73 7.54 0.82
C GLN A 107 -0.13 8.46 -0.06
N VAL A 108 0.48 9.50 -0.65
CA VAL A 108 -0.26 10.51 -1.44
C VAL A 108 -0.26 10.13 -2.95
N ALA A 109 -1.44 10.23 -3.56
CA ALA A 109 -1.65 9.99 -5.01
C ALA A 109 -2.28 11.23 -5.66
N GLY A 110 -2.64 12.21 -4.82
CA GLY A 110 -3.30 13.42 -5.23
C GLY A 110 -3.97 14.10 -4.07
N THR A 111 -4.57 15.27 -4.31
CA THR A 111 -5.30 16.04 -3.30
C THR A 111 -6.53 16.70 -3.95
N VAL A 112 -7.69 16.55 -3.29
CA VAL A 112 -8.93 17.24 -3.67
C VAL A 112 -8.69 18.77 -3.58
N SER A 113 -8.92 19.45 -4.70
CA SER A 113 -8.64 20.87 -4.85
C SER A 113 -9.53 21.45 -5.96
N GLY A 114 -10.24 22.54 -5.66
CA GLY A 114 -11.15 23.17 -6.61
C GLY A 114 -11.83 24.38 -6.00
N LYS A 115 -13.18 24.39 -6.05
CA LYS A 115 -14.00 25.40 -5.36
C LYS A 115 -15.11 24.66 -4.59
N GLY A 116 -14.96 24.58 -3.25
CA GLY A 116 -15.90 23.83 -2.41
C GLY A 116 -15.72 22.31 -2.54
N ASP A 117 -16.71 21.56 -2.03
CA ASP A 117 -16.72 20.09 -2.06
C ASP A 117 -16.93 19.57 -3.48
N GLN A 118 -16.19 18.51 -3.85
CA GLN A 118 -16.37 17.80 -5.13
C GLN A 118 -17.18 16.51 -4.90
N THR A 119 -18.02 16.12 -5.87
CA THR A 119 -18.86 14.94 -5.76
C THR A 119 -18.01 13.65 -5.82
N PHE A 120 -17.90 12.99 -4.67
CA PHE A 120 -17.25 11.67 -4.54
C PHE A 120 -18.25 10.56 -4.90
N LYS A 121 -17.76 9.51 -5.58
CA LYS A 121 -18.53 8.31 -5.85
C LYS A 121 -17.81 7.11 -5.25
N ALA A 122 -18.39 6.52 -4.19
CA ALA A 122 -17.90 5.25 -3.66
C ALA A 122 -18.35 4.13 -4.60
N THR A 123 -17.36 3.43 -5.19
CA THR A 123 -17.61 2.33 -6.14
C THR A 123 -17.18 0.99 -5.52
N LYS A 124 -16.14 1.05 -4.67
CA LYS A 124 -15.58 -0.11 -3.99
C LYS A 124 -15.09 0.31 -2.59
N GLN A 125 -14.84 -0.69 -1.74
CA GLN A 125 -14.11 -0.56 -0.47
C GLN A 125 -13.11 -1.72 -0.41
N GLN A 126 -11.96 -1.50 0.23
CA GLN A 126 -11.03 -2.59 0.58
C GLN A 126 -10.79 -2.53 2.08
N GLN A 127 -11.24 -3.57 2.79
CA GLN A 127 -11.01 -3.70 4.21
C GLN A 127 -9.57 -4.15 4.44
N ILE A 128 -8.76 -3.26 5.00
CA ILE A 128 -7.39 -3.54 5.46
C ILE A 128 -7.43 -3.68 6.99
N ASP A 129 -6.32 -4.14 7.57
CA ASP A 129 -6.25 -4.37 9.03
C ASP A 129 -6.30 -3.03 9.78
N LYS A 130 -7.24 -2.95 10.75
CA LYS A 130 -7.40 -1.80 11.67
C LYS A 130 -8.04 -0.54 10.99
N ALA A 131 -8.35 -0.61 9.67
CA ALA A 131 -8.84 0.56 8.91
C ALA A 131 -9.78 0.18 7.75
N THR A 132 -10.69 1.12 7.38
CA THR A 132 -11.63 0.97 6.26
C THR A 132 -11.35 2.06 5.21
N TYR A 133 -10.65 1.68 4.11
CA TYR A 133 -10.34 2.63 3.02
C TYR A 133 -11.13 2.28 1.75
N LEU A 134 -11.95 3.26 1.32
CA LEU A 134 -12.83 3.18 0.13
C LEU A 134 -12.04 3.47 -1.15
N TYR A 135 -12.62 3.10 -2.28
CA TYR A 135 -12.14 3.48 -3.60
C TYR A 135 -13.24 4.29 -4.31
N GLY A 136 -12.82 5.31 -5.05
CA GLY A 136 -13.73 6.08 -5.87
C GLY A 136 -12.99 7.00 -6.82
N THR A 137 -13.73 7.92 -7.45
CA THR A 137 -13.18 8.88 -8.41
C THR A 137 -13.84 10.26 -8.21
N VAL A 138 -13.00 11.32 -8.17
CA VAL A 138 -13.43 12.72 -8.06
C VAL A 138 -12.82 13.54 -9.22
N ASN A 139 -13.65 13.73 -10.28
CA ASN A 139 -13.30 14.53 -11.48
C ASN A 139 -11.98 14.02 -12.12
N GLY A 140 -12.03 12.77 -12.63
CA GLY A 140 -10.88 12.15 -13.31
C GLY A 140 -9.82 11.57 -12.38
N LYS A 141 -9.79 12.01 -11.10
CA LYS A 141 -8.83 11.53 -10.09
C LYS A 141 -9.39 10.28 -9.40
N SER A 142 -8.78 9.12 -9.64
CA SER A 142 -9.17 7.86 -9.00
C SER A 142 -8.12 7.48 -7.94
N GLY A 143 -8.59 7.05 -6.77
CA GLY A 143 -7.71 6.73 -5.65
C GLY A 143 -8.47 6.24 -4.43
N TRP A 144 -7.69 5.86 -3.40
CA TRP A 144 -8.21 5.30 -2.15
C TRP A 144 -8.30 6.40 -1.08
N ILE A 145 -9.45 6.44 -0.41
CA ILE A 145 -9.83 7.49 0.54
C ILE A 145 -10.70 6.86 1.64
N SER A 146 -10.38 7.12 2.91
CA SER A 146 -11.19 6.63 4.04
C SER A 146 -12.36 7.56 4.32
N LYS A 147 -13.30 7.08 5.13
CA LYS A 147 -14.48 7.84 5.59
C LYS A 147 -14.05 8.97 6.58
N TYR A 148 -12.82 8.84 7.12
CA TYR A 148 -12.19 9.84 8.01
C TYR A 148 -11.68 11.05 7.20
N TYR A 149 -11.26 10.80 5.93
CA TYR A 149 -10.90 11.88 4.99
C TYR A 149 -12.17 12.48 4.36
N LEU A 150 -13.14 11.61 4.11
CA LEU A 150 -14.38 11.94 3.37
C LEU A 150 -15.29 12.90 4.17
N THR A 151 -16.03 13.76 3.45
CA THR A 151 -16.99 14.70 4.05
C THR A 151 -18.35 14.01 4.20
N ALA A 152 -19.06 14.32 5.30
CA ALA A 152 -20.40 13.78 5.58
C ALA A 152 -21.13 14.72 6.57
N ASN A 1 22.04 -25.03 7.97
CA ASN A 1 22.16 -23.55 8.13
C ASN A 1 21.02 -22.88 7.35
N ASN A 2 19.96 -22.46 8.09
CA ASN A 2 18.74 -21.82 7.52
C ASN A 2 17.98 -22.77 6.56
N GLN A 3 16.96 -22.22 5.87
CA GLN A 3 16.18 -22.93 4.83
C GLN A 3 15.24 -21.91 4.16
N LEU A 4 15.49 -21.61 2.88
CA LEU A 4 14.65 -20.67 2.10
C LEU A 4 13.31 -21.34 1.74
N THR A 5 12.31 -21.15 2.62
CA THR A 5 10.96 -21.66 2.44
C THR A 5 10.04 -20.52 2.00
N VAL A 6 9.50 -20.63 0.77
CA VAL A 6 8.64 -19.59 0.18
C VAL A 6 7.26 -19.58 0.88
N THR A 7 6.99 -18.48 1.60
CA THR A 7 5.80 -18.31 2.43
C THR A 7 4.68 -17.60 1.64
N ASN A 8 3.45 -18.15 1.70
CA ASN A 8 2.26 -17.54 1.06
C ASN A 8 1.72 -16.42 1.96
N ASN A 9 1.74 -15.18 1.44
CA ASN A 9 1.40 -13.96 2.20
C ASN A 9 0.67 -12.98 1.27
N SER A 10 -0.39 -12.36 1.78
CA SER A 10 -1.19 -11.36 1.05
C SER A 10 -1.51 -10.16 1.97
N GLY A 11 -0.77 -9.07 1.75
CA GLY A 11 -0.96 -7.82 2.49
C GLY A 11 -0.54 -6.61 1.68
N VAL A 12 -0.40 -5.45 2.33
CA VAL A 12 0.19 -4.23 1.74
C VAL A 12 1.18 -3.64 2.75
N ALA A 13 2.28 -3.09 2.24
CA ALA A 13 3.35 -2.53 3.06
C ALA A 13 4.23 -1.58 2.23
N GLN A 14 5.05 -0.82 2.94
CA GLN A 14 6.12 0.00 2.34
C GLN A 14 7.43 -0.20 3.09
N ILE A 15 8.51 -0.15 2.33
CA ILE A 15 9.88 -0.10 2.81
C ILE A 15 10.13 1.28 3.43
N ASN A 16 10.98 1.38 4.46
CA ASN A 16 11.37 2.68 5.04
C ASN A 16 12.43 3.35 4.16
N ALA A 17 12.43 4.70 4.11
CA ALA A 17 13.47 5.49 3.42
C ALA A 17 14.83 5.38 4.15
N LYS A 18 14.75 5.05 5.44
CA LYS A 18 15.91 5.02 6.37
C LYS A 18 16.35 3.57 6.67
N ASN A 19 16.07 2.62 5.77
CA ASN A 19 16.31 1.18 6.00
C ASN A 19 17.57 0.67 5.24
N SER A 20 17.72 -0.68 5.21
CA SER A 20 18.75 -1.38 4.43
C SER A 20 18.23 -1.70 2.98
N GLY A 21 17.72 -0.64 2.29
CA GLY A 21 17.30 -0.73 0.88
C GLY A 21 16.32 -1.87 0.51
N LEU A 22 16.33 -2.24 -0.79
CA LEU A 22 15.54 -3.34 -1.34
C LEU A 22 16.48 -4.46 -1.81
N TYR A 23 16.44 -5.59 -1.11
CA TYR A 23 17.18 -6.79 -1.49
C TYR A 23 16.62 -7.33 -2.83
N THR A 24 17.41 -7.23 -3.92
CA THR A 24 16.98 -7.65 -5.27
C THR A 24 16.56 -9.14 -5.27
N THR A 25 17.41 -9.96 -4.63
CA THR A 25 17.09 -11.34 -4.24
C THR A 25 17.27 -11.46 -2.72
N VAL A 26 16.92 -12.61 -2.13
CA VAL A 26 17.22 -12.89 -0.71
C VAL A 26 18.76 -13.02 -0.50
N TYR A 27 19.50 -13.35 -1.60
CA TYR A 27 20.97 -13.44 -1.62
C TYR A 27 21.65 -12.06 -1.76
N ASP A 28 20.86 -10.97 -1.83
CA ASP A 28 21.39 -9.58 -1.90
C ASP A 28 22.07 -9.22 -0.55
N THR A 29 22.92 -8.19 -0.56
CA THR A 29 23.86 -7.92 0.54
C THR A 29 23.26 -6.95 1.58
N LYS A 30 22.95 -5.73 1.13
CA LYS A 30 22.52 -4.62 2.01
C LYS A 30 21.40 -3.80 1.36
N GLY A 31 20.77 -4.34 0.31
CA GLY A 31 19.65 -3.69 -0.36
C GLY A 31 20.04 -2.46 -1.19
N LYS A 32 19.17 -2.10 -2.16
CA LYS A 32 19.39 -0.94 -3.06
C LYS A 32 18.26 0.07 -2.89
N THR A 33 18.58 1.37 -2.82
CA THR A 33 17.59 2.44 -2.65
C THR A 33 16.63 2.47 -3.86
N THR A 34 15.35 2.16 -3.61
CA THR A 34 14.33 1.98 -4.65
C THR A 34 13.21 3.03 -4.45
N ASN A 35 12.10 2.92 -5.22
CA ASN A 35 10.96 3.84 -5.11
C ASN A 35 10.05 3.47 -3.91
N GLN A 36 10.10 2.21 -3.46
CA GLN A 36 9.20 1.65 -2.40
C GLN A 36 9.53 2.21 -0.96
N ILE A 37 10.32 3.29 -0.90
CA ILE A 37 10.89 3.92 0.33
C ILE A 37 9.87 4.72 1.19
N GLN A 38 8.67 4.15 1.38
CA GLN A 38 7.38 4.78 1.84
C GLN A 38 6.52 5.22 0.65
N ARG A 39 6.67 4.45 -0.44
CA ARG A 39 5.68 4.31 -1.50
C ARG A 39 5.09 2.90 -1.41
N THR A 40 3.94 2.76 -0.71
CA THR A 40 3.21 1.49 -0.59
C THR A 40 2.79 0.98 -1.97
N LEU A 41 2.99 -0.33 -2.22
CA LEU A 41 2.48 -1.00 -3.41
C LEU A 41 1.60 -2.18 -2.97
N SER A 42 2.25 -3.26 -2.48
CA SER A 42 1.61 -4.45 -1.91
C SER A 42 2.68 -5.49 -1.53
N VAL A 43 2.29 -6.46 -0.68
CA VAL A 43 3.09 -7.67 -0.39
C VAL A 43 2.33 -8.88 -0.98
N THR A 44 2.78 -9.33 -2.17
CA THR A 44 2.09 -10.39 -2.93
C THR A 44 2.63 -11.79 -2.59
N LYS A 45 3.75 -11.84 -1.82
CA LYS A 45 4.38 -13.12 -1.43
C LYS A 45 5.42 -12.86 -0.30
N ALA A 46 5.98 -13.94 0.25
CA ALA A 46 7.06 -13.90 1.25
C ALA A 46 7.94 -15.16 1.11
N ALA A 47 9.05 -15.20 1.86
CA ALA A 47 9.95 -16.36 1.95
C ALA A 47 10.82 -16.22 3.19
N THR A 48 10.71 -17.17 4.11
CA THR A 48 11.53 -17.23 5.31
C THR A 48 12.85 -17.97 5.00
N LEU A 49 13.97 -17.22 4.93
CA LEU A 49 15.30 -17.83 4.77
C LEU A 49 15.80 -18.21 6.18
N GLY A 50 15.24 -19.33 6.68
CA GLY A 50 15.54 -19.84 8.02
C GLY A 50 15.14 -18.89 9.13
N ASP A 51 16.14 -18.19 9.69
CA ASP A 51 15.95 -17.30 10.84
C ASP A 51 15.34 -15.94 10.42
N LYS A 52 15.65 -15.48 9.18
CA LYS A 52 15.16 -14.19 8.67
C LYS A 52 13.94 -14.38 7.77
N LYS A 53 12.91 -13.58 8.04
CA LYS A 53 11.69 -13.50 7.24
C LYS A 53 11.82 -12.36 6.22
N PHE A 54 11.76 -12.71 4.93
CA PHE A 54 11.73 -11.73 3.83
C PHE A 54 10.32 -11.66 3.25
N TYR A 55 9.89 -10.45 2.94
CA TYR A 55 8.61 -10.19 2.26
C TYR A 55 8.89 -9.80 0.82
N LEU A 56 8.26 -10.51 -0.13
CA LEU A 56 8.24 -10.11 -1.53
C LEU A 56 7.23 -8.98 -1.66
N VAL A 57 7.73 -7.77 -1.87
CA VAL A 57 6.92 -6.60 -2.17
C VAL A 57 6.81 -6.48 -3.69
N GLY A 58 5.70 -5.93 -4.15
CA GLY A 58 5.38 -5.90 -5.57
C GLY A 58 4.39 -4.81 -5.88
N ASP A 59 4.44 -4.28 -7.11
CA ASP A 59 3.50 -3.26 -7.56
C ASP A 59 2.07 -3.81 -7.57
N TYR A 60 1.13 -3.04 -7.00
CA TYR A 60 -0.28 -3.43 -6.93
C TYR A 60 -0.93 -3.39 -8.33
N ASN A 61 -0.55 -2.38 -9.12
CA ASN A 61 -1.22 -2.05 -10.40
C ASN A 61 -1.05 -3.19 -11.45
N THR A 62 0.20 -3.61 -11.68
CA THR A 62 0.54 -4.65 -12.67
C THR A 62 0.72 -6.02 -12.00
N GLY A 63 1.21 -6.01 -10.74
CA GLY A 63 1.54 -7.23 -10.00
C GLY A 63 3.02 -7.58 -10.04
N THR A 64 3.85 -6.67 -10.58
CA THR A 64 5.29 -6.90 -10.80
C THR A 64 6.02 -7.10 -9.46
N ASN A 65 6.67 -8.28 -9.31
CA ASN A 65 7.58 -8.56 -8.19
C ASN A 65 8.69 -7.49 -8.11
N TYR A 66 8.59 -6.60 -7.12
CA TYR A 66 9.46 -5.43 -7.00
C TYR A 66 10.81 -5.84 -6.39
N GLY A 67 10.74 -6.74 -5.41
CA GLY A 67 11.93 -7.34 -4.80
C GLY A 67 11.65 -7.86 -3.40
N TRP A 68 12.69 -8.42 -2.77
CA TRP A 68 12.62 -8.96 -1.41
C TRP A 68 13.10 -7.90 -0.40
N VAL A 69 12.57 -7.94 0.81
CA VAL A 69 12.96 -6.98 1.87
C VAL A 69 12.88 -7.68 3.23
N LYS A 70 13.74 -7.25 4.17
CA LYS A 70 13.77 -7.83 5.53
C LYS A 70 12.46 -7.52 6.29
N GLN A 71 12.15 -8.39 7.28
CA GLN A 71 10.97 -8.28 8.15
C GLN A 71 10.84 -6.87 8.77
N ASP A 72 11.91 -6.44 9.43
CA ASP A 72 11.94 -5.24 10.27
C ASP A 72 12.00 -3.94 9.46
N GLU A 73 12.20 -4.06 8.13
CA GLU A 73 12.46 -2.90 7.26
C GLU A 73 11.21 -2.42 6.53
N VAL A 74 10.04 -3.02 6.85
CA VAL A 74 8.72 -2.59 6.33
C VAL A 74 7.72 -2.40 7.48
N ILE A 75 6.71 -1.54 7.25
CA ILE A 75 5.48 -1.52 8.05
C ILE A 75 4.48 -2.44 7.33
N TYR A 76 4.35 -3.67 7.83
CA TYR A 76 3.53 -4.70 7.22
C TYR A 76 2.10 -4.62 7.78
N ASN A 77 1.16 -4.45 6.86
CA ASN A 77 -0.29 -4.44 7.15
C ASN A 77 -0.93 -5.59 6.36
N THR A 78 -1.99 -6.21 6.90
CA THR A 78 -2.61 -7.41 6.28
C THR A 78 -3.84 -7.00 5.44
N ALA A 79 -3.95 -7.58 4.23
CA ALA A 79 -5.09 -7.36 3.34
C ALA A 79 -6.22 -8.34 3.71
N LYS A 80 -7.32 -7.81 4.25
CA LYS A 80 -8.48 -8.61 4.69
C LYS A 80 -9.59 -8.55 3.62
N SER A 81 -10.81 -9.00 3.98
CA SER A 81 -11.95 -9.08 3.04
C SER A 81 -12.30 -7.71 2.41
N PRO A 82 -12.30 -7.59 1.04
CA PRO A 82 -12.80 -6.39 0.33
C PRO A 82 -14.35 -6.38 0.25
N VAL A 83 -14.93 -5.24 0.62
CA VAL A 83 -16.38 -4.97 0.52
C VAL A 83 -16.67 -4.19 -0.79
N LYS A 84 -17.60 -4.70 -1.60
CA LYS A 84 -18.07 -4.05 -2.83
C LYS A 84 -19.14 -3.00 -2.49
N ILE A 85 -18.91 -1.76 -2.94
CA ILE A 85 -19.84 -0.64 -2.72
C ILE A 85 -19.58 0.42 -3.81
N ASN A 86 -20.64 0.90 -4.46
CA ASN A 86 -20.54 1.89 -5.56
C ASN A 86 -21.36 3.16 -5.25
N GLN A 87 -21.87 3.27 -4.01
CA GLN A 87 -22.65 4.42 -3.54
C GLN A 87 -21.76 5.68 -3.47
N THR A 88 -22.32 6.82 -3.91
CA THR A 88 -21.60 8.09 -3.99
C THR A 88 -21.74 8.89 -2.68
N TYR A 89 -20.59 9.24 -2.09
CA TYR A 89 -20.50 10.08 -0.88
C TYR A 89 -19.91 11.45 -1.23
N ASN A 90 -19.77 12.30 -0.20
CA ASN A 90 -19.03 13.58 -0.30
C ASN A 90 -17.63 13.43 0.30
N VAL A 91 -16.76 14.41 0.03
CA VAL A 91 -15.37 14.41 0.52
C VAL A 91 -14.90 15.85 0.82
N LYS A 92 -14.48 16.10 2.08
CA LYS A 92 -14.01 17.44 2.54
C LYS A 92 -12.75 17.92 1.76
N PRO A 93 -12.63 19.26 1.45
CA PRO A 93 -11.37 19.85 0.94
C PRO A 93 -10.23 19.78 2.01
N GLY A 94 -9.01 19.47 1.57
CA GLY A 94 -7.87 19.22 2.45
C GLY A 94 -7.55 17.73 2.58
N VAL A 95 -8.47 16.88 2.08
CA VAL A 95 -8.30 15.41 2.02
C VAL A 95 -7.43 15.03 0.81
N LYS A 96 -6.50 14.07 1.00
CA LYS A 96 -5.55 13.65 -0.04
C LYS A 96 -6.05 12.37 -0.75
N LEU A 97 -6.10 12.43 -2.09
CA LEU A 97 -6.28 11.25 -2.96
C LEU A 97 -4.95 10.47 -3.02
N HIS A 98 -5.04 9.16 -3.28
CA HIS A 98 -3.85 8.27 -3.36
C HIS A 98 -3.96 7.38 -4.60
N THR A 99 -2.85 6.71 -4.99
CA THR A 99 -2.83 5.78 -6.14
C THR A 99 -2.79 4.30 -5.70
N VAL A 100 -2.63 4.06 -4.38
CA VAL A 100 -2.54 2.69 -3.82
C VAL A 100 -3.34 2.59 -2.48
N PRO A 101 -3.65 1.34 -2.00
CA PRO A 101 -4.14 1.08 -0.62
C PRO A 101 -3.25 1.73 0.49
N TRP A 102 -3.90 2.03 1.62
CA TRP A 102 -3.29 2.63 2.83
C TRP A 102 -3.00 4.15 2.61
N GLY A 103 -2.14 4.50 1.63
CA GLY A 103 -1.98 5.91 1.21
C GLY A 103 -0.94 6.69 2.01
N THR A 104 0.35 6.38 1.79
CA THR A 104 1.45 6.88 2.63
C THR A 104 1.95 8.25 2.07
N TYR A 105 2.90 8.89 2.79
CA TYR A 105 3.40 10.26 2.51
C TYR A 105 3.80 10.48 1.03
N ASN A 106 4.44 9.46 0.43
CA ASN A 106 4.93 9.54 -0.96
C ASN A 106 4.01 8.74 -1.91
N GLN A 107 2.70 8.70 -1.58
CA GLN A 107 1.67 8.00 -2.38
C GLN A 107 0.42 8.88 -2.52
N VAL A 108 0.65 10.20 -2.60
CA VAL A 108 -0.43 11.19 -2.76
C VAL A 108 -0.67 11.47 -4.27
N ALA A 109 -1.84 11.02 -4.79
CA ALA A 109 -2.27 11.29 -6.18
C ALA A 109 -2.67 12.76 -6.35
N GLY A 110 -3.25 13.32 -5.29
CA GLY A 110 -3.70 14.71 -5.28
C GLY A 110 -4.36 15.09 -3.97
N THR A 111 -5.05 16.24 -3.96
CA THR A 111 -5.78 16.72 -2.78
C THR A 111 -7.08 17.42 -3.24
N VAL A 112 -8.21 17.01 -2.62
CA VAL A 112 -9.52 17.65 -2.81
C VAL A 112 -9.41 19.14 -2.44
N SER A 113 -9.85 20.01 -3.35
CA SER A 113 -9.76 21.47 -3.18
C SER A 113 -11.04 22.15 -3.71
N GLY A 114 -11.10 23.47 -3.57
CA GLY A 114 -12.29 24.25 -3.94
C GLY A 114 -13.17 24.55 -2.74
N LYS A 115 -14.33 25.14 -2.99
CA LYS A 115 -15.27 25.56 -1.94
C LYS A 115 -16.29 24.44 -1.66
N GLY A 116 -16.35 24.01 -0.39
CA GLY A 116 -17.31 22.99 0.07
C GLY A 116 -16.82 21.57 -0.19
N ASP A 117 -17.55 20.60 0.37
CA ASP A 117 -17.24 19.17 0.20
C ASP A 117 -17.64 18.70 -1.21
N GLN A 118 -16.67 18.10 -1.92
CA GLN A 118 -16.83 17.69 -3.34
C GLN A 118 -17.44 16.29 -3.44
N THR A 119 -17.68 15.83 -4.69
CA THR A 119 -18.33 14.54 -4.96
C THR A 119 -17.30 13.39 -5.11
N PHE A 120 -17.39 12.41 -4.20
CA PHE A 120 -16.61 11.17 -4.24
C PHE A 120 -17.55 9.99 -4.61
N LYS A 121 -17.43 9.47 -5.83
CA LYS A 121 -18.17 8.25 -6.23
C LYS A 121 -17.31 7.02 -5.90
N ALA A 122 -17.71 6.27 -4.85
CA ALA A 122 -17.00 5.04 -4.44
C ALA A 122 -17.26 3.91 -5.46
N THR A 123 -16.32 2.96 -5.50
CA THR A 123 -16.37 1.77 -6.37
C THR A 123 -15.97 0.51 -5.57
N LYS A 124 -15.06 0.70 -4.59
CA LYS A 124 -14.59 -0.36 -3.68
C LYS A 124 -14.31 0.20 -2.28
N GLN A 125 -14.11 -0.74 -1.34
CA GLN A 125 -13.42 -0.50 -0.06
C GLN A 125 -12.90 -1.83 0.46
N GLN A 126 -11.63 -1.89 0.85
CA GLN A 126 -11.03 -3.10 1.45
C GLN A 126 -10.50 -2.76 2.84
N GLN A 127 -10.83 -3.64 3.80
CA GLN A 127 -10.32 -3.55 5.16
C GLN A 127 -8.85 -4.00 5.17
N ILE A 128 -7.92 -3.04 5.27
CA ILE A 128 -6.53 -3.32 5.63
C ILE A 128 -6.45 -3.19 7.15
N ASP A 129 -5.88 -4.19 7.84
CA ASP A 129 -5.81 -4.19 9.32
C ASP A 129 -4.89 -3.04 9.81
N LYS A 130 -5.53 -1.86 9.95
CA LYS A 130 -4.92 -0.57 10.25
C LYS A 130 -5.97 0.51 9.95
N ALA A 131 -6.48 0.48 8.72
CA ALA A 131 -7.46 1.44 8.21
C ALA A 131 -8.19 0.87 6.99
N THR A 132 -9.53 0.98 6.98
CA THR A 132 -10.34 0.70 5.79
C THR A 132 -10.14 1.86 4.80
N TYR A 133 -9.72 1.56 3.56
CA TYR A 133 -9.64 2.56 2.50
C TYR A 133 -10.81 2.35 1.53
N LEU A 134 -11.42 3.44 1.07
CA LEU A 134 -12.34 3.42 -0.08
C LEU A 134 -11.58 3.78 -1.35
N TYR A 135 -11.95 3.15 -2.45
CA TYR A 135 -11.44 3.46 -3.78
C TYR A 135 -12.58 4.06 -4.60
N GLY A 136 -12.30 5.18 -5.30
CA GLY A 136 -13.32 5.87 -6.10
C GLY A 136 -12.74 7.01 -6.90
N THR A 137 -13.61 7.96 -7.31
CA THR A 137 -13.23 9.07 -8.20
C THR A 137 -13.84 10.41 -7.72
N VAL A 138 -12.99 11.45 -7.61
CA VAL A 138 -13.39 12.84 -7.33
C VAL A 138 -13.02 13.74 -8.54
N ASN A 139 -14.06 14.20 -9.28
CA ASN A 139 -13.95 15.22 -10.36
C ASN A 139 -13.02 14.73 -11.51
N GLY A 140 -13.06 13.43 -11.80
CA GLY A 140 -12.25 12.83 -12.87
C GLY A 140 -10.94 12.22 -12.37
N LYS A 141 -10.44 12.73 -11.22
CA LYS A 141 -9.24 12.19 -10.56
C LYS A 141 -9.61 10.96 -9.73
N SER A 142 -8.81 9.89 -9.83
CA SER A 142 -9.04 8.64 -9.09
C SER A 142 -8.19 8.66 -7.82
N GLY A 143 -8.80 8.22 -6.70
CA GLY A 143 -8.18 8.31 -5.39
C GLY A 143 -8.57 7.16 -4.48
N TRP A 144 -7.55 6.43 -4.02
CA TRP A 144 -7.69 5.40 -3.00
C TRP A 144 -7.59 6.12 -1.64
N ILE A 145 -8.75 6.60 -1.16
CA ILE A 145 -8.87 7.44 0.05
C ILE A 145 -9.07 6.54 1.28
N SER A 146 -8.68 6.99 2.47
CA SER A 146 -9.00 6.28 3.72
C SER A 146 -10.39 6.75 4.22
N LYS A 147 -11.10 5.84 4.91
CA LYS A 147 -12.43 6.09 5.49
C LYS A 147 -12.40 7.20 6.55
N TYR A 148 -11.22 7.36 7.19
CA TYR A 148 -10.95 8.40 8.20
C TYR A 148 -10.94 9.80 7.56
N TYR A 149 -10.42 9.89 6.31
CA TYR A 149 -10.42 11.14 5.54
C TYR A 149 -11.82 11.45 4.99
N LEU A 150 -12.55 10.39 4.63
CA LEU A 150 -13.87 10.47 3.99
C LEU A 150 -14.90 11.13 4.92
N THR A 151 -15.66 12.11 4.37
CA THR A 151 -16.81 12.68 5.07
C THR A 151 -18.05 11.83 4.77
N ALA A 152 -18.48 11.04 5.77
CA ALA A 152 -19.67 10.18 5.67
C ALA A 152 -20.79 10.76 6.57
N ASN A 1 21.80 -23.54 9.80
CA ASN A 1 21.33 -22.16 10.12
C ASN A 1 20.74 -21.52 8.85
N ASN A 2 21.59 -21.31 7.84
CA ASN A 2 21.22 -20.58 6.61
C ASN A 2 20.62 -21.53 5.56
N GLN A 3 19.38 -21.97 5.82
CA GLN A 3 18.57 -22.76 4.88
C GLN A 3 17.52 -21.84 4.25
N LEU A 4 17.59 -21.63 2.92
CA LEU A 4 16.62 -20.80 2.19
C LEU A 4 15.32 -21.59 1.95
N THR A 5 14.39 -21.45 2.90
CA THR A 5 13.06 -22.04 2.82
C THR A 5 12.12 -21.08 2.07
N VAL A 6 11.57 -21.55 0.93
CA VAL A 6 10.66 -20.75 0.10
C VAL A 6 9.29 -20.62 0.80
N THR A 7 8.86 -19.37 1.03
CA THR A 7 7.66 -19.07 1.84
C THR A 7 6.59 -18.37 0.97
N ASN A 8 5.32 -18.76 1.13
CA ASN A 8 4.19 -18.07 0.48
C ASN A 8 3.41 -17.26 1.52
N ASN A 9 3.54 -15.92 1.47
CA ASN A 9 2.86 -15.00 2.40
C ASN A 9 1.86 -14.13 1.65
N SER A 10 0.76 -13.77 2.33
CA SER A 10 -0.33 -12.97 1.75
C SER A 10 -0.66 -11.81 2.70
N GLY A 11 -0.49 -10.58 2.20
CA GLY A 11 -0.81 -9.37 2.93
C GLY A 11 -0.39 -8.14 2.15
N VAL A 12 -0.10 -7.04 2.85
CA VAL A 12 0.45 -5.81 2.23
C VAL A 12 1.61 -5.28 3.09
N ALA A 13 2.57 -4.58 2.47
CA ALA A 13 3.72 -4.01 3.18
C ALA A 13 4.29 -2.79 2.43
N GLN A 14 4.89 -1.87 3.19
CA GLN A 14 5.54 -0.67 2.67
C GLN A 14 6.96 -0.54 3.24
N ILE A 15 7.94 -0.28 2.36
CA ILE A 15 9.36 -0.04 2.72
C ILE A 15 9.45 1.20 3.63
N ASN A 16 10.30 1.18 4.65
CA ASN A 16 10.54 2.35 5.52
C ASN A 16 11.50 3.30 4.79
N ALA A 17 11.26 4.62 4.88
CA ALA A 17 11.98 5.66 4.08
C ALA A 17 13.51 5.58 4.22
N LYS A 18 13.98 5.20 5.43
CA LYS A 18 15.43 5.15 5.77
C LYS A 18 15.84 3.72 6.23
N ASN A 19 15.19 2.69 5.65
CA ASN A 19 15.47 1.26 6.00
C ASN A 19 16.76 0.74 5.28
N SER A 20 16.91 -0.60 5.22
CA SER A 20 17.96 -1.28 4.44
C SER A 20 17.48 -1.53 2.99
N GLY A 21 17.06 -0.42 2.32
CA GLY A 21 16.63 -0.37 0.92
C GLY A 21 15.86 -1.59 0.40
N LEU A 22 16.37 -2.17 -0.69
CA LEU A 22 15.84 -3.39 -1.33
C LEU A 22 16.97 -4.42 -1.44
N TYR A 23 16.82 -5.54 -0.76
CA TYR A 23 17.71 -6.69 -0.90
C TYR A 23 17.51 -7.26 -2.33
N THR A 24 18.53 -7.07 -3.19
CA THR A 24 18.47 -7.46 -4.61
C THR A 24 18.17 -8.97 -4.75
N THR A 25 18.91 -9.77 -3.98
CA THR A 25 18.56 -11.16 -3.68
C THR A 25 18.38 -11.31 -2.16
N VAL A 26 17.98 -12.50 -1.71
CA VAL A 26 17.91 -12.82 -0.27
C VAL A 26 19.33 -12.84 0.36
N TYR A 27 20.37 -13.06 -0.47
CA TYR A 27 21.79 -13.07 -0.03
C TYR A 27 22.38 -11.65 0.12
N ASP A 28 21.60 -10.60 -0.22
CA ASP A 28 22.04 -9.19 -0.11
C ASP A 28 22.28 -8.84 1.38
N THR A 29 23.05 -7.77 1.64
CA THR A 29 23.59 -7.50 2.99
C THR A 29 22.77 -6.42 3.71
N LYS A 30 22.57 -5.25 3.05
CA LYS A 30 21.88 -4.08 3.64
C LYS A 30 21.04 -3.34 2.59
N GLY A 31 20.66 -4.07 1.52
CA GLY A 31 19.79 -3.55 0.46
C GLY A 31 20.43 -2.48 -0.40
N LYS A 32 19.65 -1.98 -1.39
CA LYS A 32 20.06 -0.90 -2.32
C LYS A 32 18.96 0.17 -2.42
N THR A 33 19.21 1.25 -3.19
CA THR A 33 18.32 2.41 -3.30
C THR A 33 16.88 2.02 -3.74
N THR A 34 15.86 2.64 -3.11
CA THR A 34 14.43 2.31 -3.30
C THR A 34 13.58 3.59 -3.50
N ASN A 35 12.63 3.51 -4.45
CA ASN A 35 11.68 4.61 -4.76
C ASN A 35 10.48 4.54 -3.79
N GLN A 36 9.96 3.32 -3.60
CA GLN A 36 8.85 3.06 -2.66
C GLN A 36 9.41 3.13 -1.23
N ILE A 37 8.94 4.13 -0.48
CA ILE A 37 9.54 4.58 0.80
C ILE A 37 8.44 4.88 1.84
N GLN A 38 7.47 3.92 1.90
CA GLN A 38 6.13 4.02 2.54
C GLN A 38 5.08 4.47 1.52
N ARG A 39 4.94 3.63 0.48
CA ARG A 39 3.83 3.61 -0.47
C ARG A 39 3.39 2.13 -0.60
N THR A 40 2.44 1.70 0.25
CA THR A 40 2.09 0.26 0.44
C THR A 40 1.73 -0.45 -0.88
N LEU A 41 2.35 -1.63 -1.13
CA LEU A 41 2.11 -2.37 -2.37
C LEU A 41 1.32 -3.68 -2.09
N SER A 42 2.04 -4.72 -1.62
CA SER A 42 1.48 -6.05 -1.28
C SER A 42 2.62 -7.05 -1.07
N VAL A 43 2.39 -8.05 -0.22
CA VAL A 43 3.29 -9.22 -0.07
C VAL A 43 2.65 -10.41 -0.80
N THR A 44 3.19 -10.72 -1.97
CA THR A 44 2.70 -11.83 -2.83
C THR A 44 3.52 -13.11 -2.58
N LYS A 45 4.80 -12.92 -2.24
CA LYS A 45 5.76 -14.02 -2.07
C LYS A 45 6.74 -13.71 -0.92
N ALA A 46 7.53 -14.72 -0.52
CA ALA A 46 8.52 -14.59 0.56
C ALA A 46 9.54 -15.76 0.49
N ALA A 47 10.56 -15.67 1.34
CA ALA A 47 11.58 -16.71 1.51
C ALA A 47 12.31 -16.47 2.84
N THR A 48 12.21 -17.44 3.75
CA THR A 48 12.89 -17.39 5.05
C THR A 48 14.28 -18.05 4.92
N LEU A 49 15.33 -17.21 4.87
CA LEU A 49 16.73 -17.68 4.84
C LEU A 49 17.18 -17.89 6.30
N GLY A 50 16.82 -19.04 6.85
CA GLY A 50 17.06 -19.35 8.26
C GLY A 50 16.13 -18.59 9.19
N ASP A 51 16.69 -17.65 9.97
CA ASP A 51 15.91 -16.79 10.89
C ASP A 51 15.63 -15.41 10.24
N LYS A 52 16.03 -15.25 8.97
CA LYS A 52 15.87 -13.99 8.23
C LYS A 52 14.68 -14.10 7.28
N LYS A 53 13.53 -13.52 7.67
CA LYS A 53 12.34 -13.45 6.78
C LYS A 53 12.54 -12.32 5.75
N PHE A 54 12.65 -12.71 4.48
CA PHE A 54 12.65 -11.79 3.34
C PHE A 54 11.30 -11.91 2.61
N TYR A 55 10.59 -10.79 2.46
CA TYR A 55 9.32 -10.74 1.73
C TYR A 55 9.60 -10.19 0.32
N LEU A 56 9.14 -10.91 -0.70
CA LEU A 56 9.10 -10.38 -2.07
C LEU A 56 7.82 -9.55 -2.19
N VAL A 57 7.99 -8.21 -2.12
CA VAL A 57 6.87 -7.28 -2.24
C VAL A 57 6.75 -6.85 -3.70
N GLY A 58 5.52 -6.51 -4.11
CA GLY A 58 5.22 -6.12 -5.49
C GLY A 58 4.01 -5.21 -5.55
N ASP A 59 3.96 -4.32 -6.56
CA ASP A 59 2.90 -3.30 -6.69
C ASP A 59 1.52 -3.95 -6.81
N TYR A 60 0.54 -3.44 -6.05
CA TYR A 60 -0.81 -4.00 -5.94
C TYR A 60 -1.58 -3.91 -7.27
N ASN A 61 -1.38 -2.79 -7.96
CA ASN A 61 -2.19 -2.41 -9.13
C ASN A 61 -1.71 -3.14 -10.39
N THR A 62 -0.39 -3.11 -10.62
CA THR A 62 0.24 -3.70 -11.82
C THR A 62 0.54 -5.19 -11.60
N GLY A 63 0.96 -5.53 -10.38
CA GLY A 63 1.36 -6.91 -10.03
C GLY A 63 2.85 -7.16 -10.22
N THR A 64 3.62 -6.09 -10.50
CA THR A 64 5.07 -6.18 -10.75
C THR A 64 5.85 -6.41 -9.45
N ASN A 65 6.58 -7.55 -9.35
CA ASN A 65 7.41 -7.86 -8.15
C ASN A 65 8.57 -6.84 -8.04
N TYR A 66 8.52 -6.04 -6.98
CA TYR A 66 9.37 -4.87 -6.77
C TYR A 66 10.76 -5.24 -6.21
N GLY A 67 10.82 -6.20 -5.27
CA GLY A 67 12.11 -6.67 -4.73
C GLY A 67 11.98 -7.34 -3.37
N TRP A 68 13.08 -8.01 -2.93
CA TRP A 68 13.16 -8.64 -1.59
C TRP A 68 13.46 -7.59 -0.53
N VAL A 69 12.81 -7.73 0.64
CA VAL A 69 12.89 -6.78 1.77
C VAL A 69 12.87 -7.59 3.08
N LYS A 70 13.37 -7.05 4.19
CA LYS A 70 13.31 -7.74 5.50
C LYS A 70 11.97 -7.49 6.20
N GLN A 71 11.66 -8.39 7.15
CA GLN A 71 10.50 -8.28 8.07
C GLN A 71 10.56 -6.99 8.90
N ASP A 72 11.77 -6.57 9.28
CA ASP A 72 12.02 -5.40 10.14
C ASP A 72 11.91 -4.09 9.34
N GLU A 73 12.29 -4.18 8.05
CA GLU A 73 12.50 -3.00 7.19
C GLU A 73 11.21 -2.57 6.44
N VAL A 74 10.15 -3.40 6.53
CA VAL A 74 8.80 -3.04 6.04
C VAL A 74 7.77 -3.13 7.17
N ILE A 75 6.65 -2.43 6.96
CA ILE A 75 5.49 -2.45 7.85
C ILE A 75 4.46 -3.42 7.24
N TYR A 76 4.39 -4.64 7.78
CA TYR A 76 3.53 -5.70 7.25
C TYR A 76 2.13 -5.63 7.91
N ASN A 77 1.11 -5.80 7.06
CA ASN A 77 -0.32 -5.68 7.40
C ASN A 77 -1.09 -6.77 6.61
N THR A 78 -2.41 -6.87 6.82
CA THR A 78 -3.25 -7.90 6.16
C THR A 78 -4.37 -7.22 5.32
N ALA A 79 -4.50 -7.64 4.05
CA ALA A 79 -5.52 -7.14 3.13
C ALA A 79 -6.78 -8.03 3.15
N LYS A 80 -7.98 -7.42 3.17
CA LYS A 80 -9.27 -8.17 3.12
C LYS A 80 -10.10 -7.72 1.89
N SER A 81 -10.92 -8.66 1.38
CA SER A 81 -11.77 -8.49 0.18
C SER A 81 -12.65 -7.20 0.26
N PRO A 82 -12.65 -6.35 -0.83
CA PRO A 82 -13.41 -5.08 -0.86
C PRO A 82 -14.95 -5.28 -0.81
N VAL A 83 -15.59 -4.49 0.06
CA VAL A 83 -17.05 -4.39 0.18
C VAL A 83 -17.61 -3.46 -0.91
N LYS A 84 -18.76 -3.84 -1.50
CA LYS A 84 -19.44 -3.04 -2.52
C LYS A 84 -20.22 -1.88 -1.85
N ILE A 85 -19.76 -0.64 -2.06
CA ILE A 85 -20.50 0.56 -1.65
C ILE A 85 -20.32 1.62 -2.76
N ASN A 86 -21.44 2.22 -3.21
CA ASN A 86 -21.48 3.13 -4.38
C ASN A 86 -22.08 4.49 -4.04
N GLN A 87 -22.33 4.74 -2.75
CA GLN A 87 -22.93 5.99 -2.26
C GLN A 87 -22.02 7.20 -2.56
N THR A 88 -22.64 8.26 -3.10
CA THR A 88 -21.96 9.49 -3.47
C THR A 88 -21.95 10.44 -2.25
N TYR A 89 -20.74 10.74 -1.75
CA TYR A 89 -20.51 11.67 -0.62
C TYR A 89 -19.87 12.97 -1.13
N ASN A 90 -19.62 13.89 -0.20
CA ASN A 90 -18.72 15.02 -0.40
C ASN A 90 -17.39 14.70 0.30
N VAL A 91 -16.26 15.01 -0.34
CA VAL A 91 -14.93 14.86 0.29
C VAL A 91 -14.54 16.17 0.98
N LYS A 92 -13.95 16.05 2.20
CA LYS A 92 -13.45 17.19 2.98
C LYS A 92 -12.42 18.03 2.17
N PRO A 93 -12.47 19.40 2.26
CA PRO A 93 -11.45 20.27 1.65
C PRO A 93 -10.01 19.97 2.15
N GLY A 94 -9.05 19.90 1.21
CA GLY A 94 -7.62 19.73 1.55
C GLY A 94 -7.17 18.29 1.72
N VAL A 95 -8.02 17.34 1.30
CA VAL A 95 -7.72 15.90 1.40
C VAL A 95 -6.83 15.40 0.25
N LYS A 96 -5.78 14.63 0.59
CA LYS A 96 -4.87 14.03 -0.40
C LYS A 96 -5.43 12.68 -0.88
N LEU A 97 -5.67 12.58 -2.20
CA LEU A 97 -6.07 11.32 -2.85
C LEU A 97 -4.87 10.38 -2.98
N HIS A 98 -5.14 9.08 -2.92
CA HIS A 98 -4.12 8.02 -3.04
C HIS A 98 -4.50 7.12 -4.25
N THR A 99 -3.57 6.32 -4.78
CA THR A 99 -3.84 5.39 -5.90
C THR A 99 -3.45 3.93 -5.54
N VAL A 100 -3.40 3.62 -4.24
CA VAL A 100 -3.09 2.26 -3.76
C VAL A 100 -3.71 2.09 -2.33
N PRO A 101 -4.22 0.86 -1.97
CA PRO A 101 -4.66 0.52 -0.58
C PRO A 101 -3.58 0.79 0.50
N TRP A 102 -4.08 1.09 1.73
CA TRP A 102 -3.30 1.57 2.91
C TRP A 102 -2.92 3.07 2.72
N GLY A 103 -2.50 3.46 1.49
CA GLY A 103 -2.45 4.86 1.08
C GLY A 103 -1.54 5.70 1.97
N THR A 104 -0.25 5.42 1.91
CA THR A 104 0.70 5.75 2.97
C THR A 104 1.33 7.16 2.74
N TYR A 105 2.30 7.53 3.59
CA TYR A 105 2.93 8.86 3.64
C TYR A 105 3.49 9.32 2.26
N ASN A 106 3.98 8.37 1.46
CA ASN A 106 4.56 8.66 0.12
C ASN A 106 3.48 8.67 -0.98
N GLN A 107 2.41 7.86 -0.81
CA GLN A 107 1.35 7.72 -1.83
C GLN A 107 0.45 8.97 -1.88
N VAL A 108 0.93 10.02 -2.54
CA VAL A 108 0.14 11.21 -2.86
C VAL A 108 -0.14 11.23 -4.38
N ALA A 109 -1.35 10.81 -4.77
CA ALA A 109 -1.81 10.86 -6.16
C ALA A 109 -2.25 12.29 -6.52
N GLY A 110 -3.07 12.88 -5.63
CA GLY A 110 -3.60 14.23 -5.82
C GLY A 110 -4.06 14.85 -4.51
N THR A 111 -4.79 15.98 -4.59
CA THR A 111 -5.31 16.71 -3.43
C THR A 111 -6.55 17.56 -3.84
N VAL A 112 -7.62 17.47 -3.03
CA VAL A 112 -8.81 18.35 -3.10
C VAL A 112 -8.43 19.77 -2.63
N SER A 113 -9.12 20.79 -3.17
CA SER A 113 -8.92 22.21 -2.80
C SER A 113 -9.04 22.41 -1.27
N GLY A 114 -8.03 23.04 -0.66
CA GLY A 114 -7.99 23.30 0.79
C GLY A 114 -9.17 24.12 1.29
N LYS A 115 -9.75 24.89 0.38
CA LYS A 115 -10.97 25.68 0.60
C LYS A 115 -11.97 25.28 -0.49
N GLY A 116 -13.09 24.65 -0.09
CA GLY A 116 -14.09 24.14 -1.04
C GLY A 116 -14.06 22.62 -1.13
N ASP A 117 -15.20 21.97 -0.81
CA ASP A 117 -15.37 20.51 -0.90
C ASP A 117 -15.70 20.10 -2.35
N GLN A 118 -15.61 18.80 -2.63
CA GLN A 118 -15.69 18.26 -4.00
C GLN A 118 -16.56 16.99 -4.01
N THR A 119 -17.08 16.61 -5.19
CA THR A 119 -17.94 15.42 -5.34
C THR A 119 -17.10 14.13 -5.29
N PHE A 120 -17.45 13.25 -4.33
CA PHE A 120 -16.90 11.90 -4.21
C PHE A 120 -18.01 10.89 -4.53
N LYS A 121 -17.77 9.96 -5.46
CA LYS A 121 -18.75 8.93 -5.84
C LYS A 121 -18.11 7.54 -5.67
N ALA A 122 -18.39 6.87 -4.54
CA ALA A 122 -17.80 5.55 -4.21
C ALA A 122 -18.18 4.46 -5.24
N THR A 123 -17.37 3.40 -5.31
CA THR A 123 -17.59 2.24 -6.22
C THR A 123 -17.39 0.93 -5.43
N LYS A 124 -16.29 0.90 -4.63
CA LYS A 124 -15.97 -0.18 -3.66
C LYS A 124 -15.37 0.47 -2.39
N GLN A 125 -15.07 -0.39 -1.39
CA GLN A 125 -14.30 -0.01 -0.19
C GLN A 125 -13.50 -1.23 0.26
N GLN A 126 -12.17 -1.12 0.26
CA GLN A 126 -11.26 -2.22 0.59
C GLN A 126 -10.65 -1.97 1.97
N GLN A 127 -11.07 -2.82 2.92
CA GLN A 127 -10.62 -2.76 4.30
C GLN A 127 -9.27 -3.50 4.41
N ILE A 128 -8.21 -2.73 4.67
CA ILE A 128 -6.90 -3.28 5.06
C ILE A 128 -6.80 -3.18 6.60
N ASP A 129 -5.88 -3.95 7.21
CA ASP A 129 -5.62 -3.89 8.66
C ASP A 129 -5.29 -2.46 9.09
N LYS A 130 -6.23 -1.88 9.88
CA LYS A 130 -6.16 -0.52 10.47
C LYS A 130 -6.59 0.58 9.47
N ALA A 131 -6.24 0.45 8.17
CA ALA A 131 -6.59 1.46 7.14
C ALA A 131 -7.72 0.95 6.23
N THR A 132 -8.90 1.58 6.30
CA THR A 132 -10.09 1.21 5.49
C THR A 132 -10.30 2.26 4.38
N TYR A 133 -9.82 1.95 3.16
CA TYR A 133 -9.82 2.89 2.02
C TYR A 133 -11.00 2.61 1.09
N LEU A 134 -11.52 3.69 0.48
CA LEU A 134 -12.64 3.63 -0.47
C LEU A 134 -12.13 3.86 -1.89
N TYR A 135 -12.77 3.16 -2.83
CA TYR A 135 -12.62 3.41 -4.27
C TYR A 135 -13.68 4.45 -4.63
N GLY A 136 -13.31 5.57 -5.25
CA GLY A 136 -14.28 6.61 -5.54
C GLY A 136 -13.89 7.52 -6.68
N THR A 137 -14.84 7.76 -7.59
CA THR A 137 -14.70 8.72 -8.67
C THR A 137 -14.87 10.15 -8.12
N VAL A 138 -13.80 10.96 -8.21
CA VAL A 138 -13.75 12.33 -7.66
C VAL A 138 -13.56 13.33 -8.82
N ASN A 139 -14.71 13.81 -9.35
CA ASN A 139 -14.80 14.72 -10.53
C ASN A 139 -14.10 14.10 -11.76
N GLY A 140 -14.53 12.88 -12.13
CA GLY A 140 -14.02 12.17 -13.33
C GLY A 140 -12.77 11.33 -13.04
N LYS A 141 -11.95 11.76 -12.06
CA LYS A 141 -10.76 11.01 -11.58
C LYS A 141 -11.20 9.89 -10.64
N SER A 142 -10.25 9.06 -10.19
CA SER A 142 -10.50 8.02 -9.19
C SER A 142 -9.38 8.02 -8.15
N GLY A 143 -9.75 7.87 -6.87
CA GLY A 143 -8.80 7.96 -5.78
C GLY A 143 -9.19 7.06 -4.59
N TRP A 144 -8.19 6.31 -4.10
CA TRP A 144 -8.27 5.58 -2.83
C TRP A 144 -8.21 6.60 -1.69
N ILE A 145 -9.23 6.60 -0.81
CA ILE A 145 -9.37 7.58 0.27
C ILE A 145 -10.10 6.95 1.46
N SER A 146 -9.48 7.02 2.64
CA SER A 146 -10.04 6.47 3.88
C SER A 146 -11.12 7.40 4.48
N LYS A 147 -11.93 6.84 5.39
CA LYS A 147 -12.98 7.59 6.11
C LYS A 147 -12.41 8.72 6.99
N TYR A 148 -11.12 8.61 7.36
CA TYR A 148 -10.41 9.61 8.18
C TYR A 148 -10.35 10.96 7.46
N TYR A 149 -10.27 10.89 6.13
CA TYR A 149 -10.23 12.06 5.24
C TYR A 149 -11.62 12.35 4.65
N LEU A 150 -12.39 11.29 4.38
CA LEU A 150 -13.69 11.39 3.67
C LEU A 150 -14.81 11.82 4.66
N THR A 151 -15.46 12.96 4.38
CA THR A 151 -16.61 13.43 5.16
C THR A 151 -17.92 12.74 4.70
N ALA A 152 -18.76 12.34 5.65
CA ALA A 152 -20.07 11.72 5.38
C ALA A 152 -21.19 12.77 5.61
N ASN A 1 22.57 -20.98 12.16
CA ASN A 1 21.68 -21.77 11.28
C ASN A 1 20.83 -20.83 10.41
N ASN A 2 20.39 -21.32 9.24
CA ASN A 2 19.49 -20.59 8.35
C ASN A 2 18.69 -21.58 7.49
N GLN A 3 17.35 -21.51 7.62
CA GLN A 3 16.40 -22.36 6.87
C GLN A 3 15.66 -21.52 5.81
N LEU A 4 15.79 -21.93 4.54
CA LEU A 4 15.14 -21.25 3.41
C LEU A 4 13.77 -21.91 3.14
N THR A 5 12.68 -21.20 3.48
CA THR A 5 11.31 -21.69 3.26
C THR A 5 10.46 -20.55 2.66
N VAL A 6 10.03 -20.73 1.40
CA VAL A 6 9.22 -19.75 0.68
C VAL A 6 7.78 -19.77 1.23
N THR A 7 7.34 -18.62 1.78
CA THR A 7 6.10 -18.48 2.53
C THR A 7 5.02 -17.76 1.69
N ASN A 8 3.76 -18.21 1.77
CA ASN A 8 2.65 -17.55 1.06
C ASN A 8 2.15 -16.33 1.86
N ASN A 9 2.20 -15.13 1.24
CA ASN A 9 1.73 -13.86 1.85
C ASN A 9 1.16 -12.94 0.77
N SER A 10 0.10 -12.21 1.13
CA SER A 10 -0.60 -11.31 0.22
C SER A 10 -1.15 -10.13 1.05
N GLY A 11 -0.64 -8.92 0.78
CA GLY A 11 -1.03 -7.72 1.51
C GLY A 11 -0.30 -6.49 1.00
N VAL A 12 -0.16 -5.49 1.89
CA VAL A 12 0.55 -4.22 1.60
C VAL A 12 1.63 -3.96 2.67
N ALA A 13 2.78 -3.41 2.26
CA ALA A 13 3.91 -3.09 3.16
C ALA A 13 4.86 -2.09 2.51
N GLN A 14 5.39 -1.15 3.32
CA GLN A 14 6.36 -0.13 2.87
C GLN A 14 7.60 -0.09 3.78
N ILE A 15 8.77 0.02 3.14
CA ILE A 15 10.05 0.34 3.80
C ILE A 15 10.01 1.82 4.24
N ASN A 16 10.70 2.20 5.31
CA ASN A 16 10.99 3.64 5.57
C ASN A 16 12.30 4.00 4.84
N ALA A 17 12.46 5.28 4.45
CA ALA A 17 13.66 5.74 3.69
C ALA A 17 14.98 5.49 4.46
N LYS A 18 14.88 5.47 5.81
CA LYS A 18 16.04 5.27 6.73
C LYS A 18 16.36 3.78 6.95
N ASN A 19 15.59 2.88 6.31
CA ASN A 19 15.77 1.41 6.41
C ASN A 19 16.48 0.85 5.17
N SER A 20 16.69 -0.48 5.20
CA SER A 20 17.32 -1.24 4.11
C SER A 20 16.33 -1.35 2.93
N GLY A 21 16.77 -0.89 1.75
CA GLY A 21 15.91 -0.80 0.56
C GLY A 21 15.60 -2.15 -0.09
N LEU A 22 15.41 -2.13 -1.41
CA LEU A 22 15.05 -3.31 -2.20
C LEU A 22 16.22 -4.32 -2.24
N TYR A 23 16.02 -5.47 -1.57
CA TYR A 23 16.95 -6.59 -1.63
C TYR A 23 16.93 -7.19 -3.04
N THR A 24 18.00 -6.89 -3.79
CA THR A 24 18.21 -7.30 -5.19
C THR A 24 18.18 -8.83 -5.32
N THR A 25 18.84 -9.50 -4.36
CA THR A 25 18.82 -10.97 -4.21
C THR A 25 18.51 -11.31 -2.73
N VAL A 26 18.54 -12.62 -2.39
CA VAL A 26 18.24 -13.09 -1.02
C VAL A 26 19.38 -12.73 -0.02
N TYR A 27 20.65 -12.85 -0.44
CA TYR A 27 21.78 -12.29 0.36
C TYR A 27 21.94 -10.79 0.10
N ASP A 28 21.48 -10.35 -1.10
CA ASP A 28 21.40 -8.94 -1.52
C ASP A 28 22.78 -8.27 -1.71
N THR A 29 22.84 -7.36 -2.69
CA THR A 29 24.05 -6.61 -3.05
C THR A 29 24.32 -5.47 -2.04
N LYS A 30 23.26 -4.73 -1.68
CA LYS A 30 23.39 -3.50 -0.85
C LYS A 30 22.01 -3.04 -0.33
N GLY A 31 20.95 -3.26 -1.13
CA GLY A 31 19.60 -2.79 -0.80
C GLY A 31 19.34 -1.43 -1.41
N LYS A 32 19.09 -1.45 -2.73
CA LYS A 32 18.96 -0.23 -3.55
C LYS A 32 17.70 0.57 -3.18
N THR A 33 17.83 1.91 -3.22
CA THR A 33 16.70 2.83 -3.02
C THR A 33 15.63 2.58 -4.09
N THR A 34 14.41 2.29 -3.62
CA THR A 34 13.26 1.89 -4.44
C THR A 34 12.10 2.87 -4.25
N ASN A 35 10.95 2.62 -4.93
CA ASN A 35 9.71 3.38 -4.71
C ASN A 35 9.14 3.09 -3.31
N GLN A 36 9.47 1.90 -2.76
CA GLN A 36 8.91 1.38 -1.49
C GLN A 36 9.49 2.10 -0.24
N ILE A 37 10.31 3.15 -0.44
CA ILE A 37 10.94 3.96 0.63
C ILE A 37 9.96 4.92 1.37
N GLN A 38 8.76 4.37 1.75
CA GLN A 38 7.55 5.07 2.24
C GLN A 38 6.57 5.38 1.08
N ARG A 39 6.40 4.33 0.23
CA ARG A 39 5.27 4.17 -0.74
C ARG A 39 5.12 2.67 -1.06
N THR A 40 4.09 1.99 -0.51
CA THR A 40 3.87 0.54 -0.75
C THR A 40 3.69 0.25 -2.24
N LEU A 41 4.47 -0.72 -2.74
CA LEU A 41 4.28 -1.29 -4.06
C LEU A 41 3.15 -2.35 -4.00
N SER A 42 3.45 -3.49 -3.35
CA SER A 42 2.50 -4.56 -2.95
C SER A 42 3.31 -5.76 -2.42
N VAL A 43 2.67 -6.68 -1.68
CA VAL A 43 3.29 -7.95 -1.25
C VAL A 43 2.59 -9.10 -1.97
N THR A 44 3.30 -9.72 -2.92
CA THR A 44 2.78 -10.80 -3.77
C THR A 44 3.11 -12.17 -3.17
N LYS A 45 4.28 -12.26 -2.51
CA LYS A 45 4.80 -13.50 -1.92
C LYS A 45 5.76 -13.16 -0.75
N ALA A 46 6.20 -14.20 -0.03
CA ALA A 46 7.20 -14.09 1.05
C ALA A 46 8.15 -15.31 1.03
N ALA A 47 9.14 -15.26 1.91
CA ALA A 47 10.15 -16.29 2.12
C ALA A 47 10.78 -16.10 3.49
N THR A 48 11.56 -17.09 3.91
CA THR A 48 12.30 -17.06 5.17
C THR A 48 13.73 -17.53 4.88
N LEU A 49 14.71 -16.89 5.53
CA LEU A 49 16.13 -17.25 5.41
C LEU A 49 16.73 -17.07 6.81
N GLY A 50 16.45 -18.05 7.70
CA GLY A 50 16.95 -18.01 9.08
C GLY A 50 16.45 -16.80 9.87
N ASP A 51 17.33 -15.80 10.05
CA ASP A 51 17.02 -14.57 10.80
C ASP A 51 16.25 -13.56 9.92
N LYS A 52 16.51 -13.58 8.61
CA LYS A 52 15.92 -12.61 7.65
C LYS A 52 14.74 -13.23 6.89
N LYS A 53 13.53 -12.85 7.27
CA LYS A 53 12.30 -13.22 6.58
C LYS A 53 11.99 -12.15 5.52
N PHE A 54 11.89 -12.55 4.26
CA PHE A 54 11.75 -11.61 3.12
C PHE A 54 10.32 -11.60 2.57
N TYR A 55 9.83 -10.42 2.19
CA TYR A 55 8.60 -10.25 1.41
C TYR A 55 8.97 -9.91 -0.04
N LEU A 56 8.54 -10.76 -0.98
CA LEU A 56 8.66 -10.51 -2.41
C LEU A 56 7.61 -9.47 -2.82
N VAL A 57 8.09 -8.26 -3.13
CA VAL A 57 7.24 -7.12 -3.41
C VAL A 57 7.09 -6.92 -4.94
N GLY A 58 5.88 -6.49 -5.34
CA GLY A 58 5.55 -6.31 -6.75
C GLY A 58 4.85 -5.00 -7.02
N ASP A 59 4.54 -4.74 -8.31
CA ASP A 59 3.89 -3.50 -8.78
C ASP A 59 2.52 -3.24 -8.11
N TYR A 60 2.15 -1.94 -8.03
CA TYR A 60 0.88 -1.44 -7.48
C TYR A 60 -0.35 -2.24 -7.96
N ASN A 61 -0.54 -2.29 -9.30
CA ASN A 61 -1.73 -2.92 -9.90
C ASN A 61 -1.49 -4.41 -10.21
N THR A 62 -0.44 -4.66 -11.01
CA THR A 62 -0.19 -5.96 -11.63
C THR A 62 0.49 -6.94 -10.65
N GLY A 63 1.37 -6.41 -9.81
CA GLY A 63 2.18 -7.21 -8.90
C GLY A 63 3.48 -7.70 -9.53
N THR A 64 3.95 -6.98 -10.58
CA THR A 64 5.24 -7.25 -11.24
C THR A 64 6.40 -7.16 -10.23
N ASN A 65 6.97 -8.32 -9.91
CA ASN A 65 7.98 -8.48 -8.84
C ASN A 65 9.27 -7.71 -9.17
N TYR A 66 9.81 -7.01 -8.16
CA TYR A 66 11.06 -6.24 -8.28
C TYR A 66 12.19 -6.96 -7.52
N GLY A 67 11.85 -7.43 -6.31
CA GLY A 67 12.81 -8.09 -5.43
C GLY A 67 12.25 -8.31 -4.04
N TRP A 68 13.12 -8.70 -3.12
CA TRP A 68 12.76 -9.02 -1.73
C TRP A 68 13.00 -7.79 -0.83
N VAL A 69 12.51 -7.87 0.41
CA VAL A 69 12.88 -6.92 1.50
C VAL A 69 12.68 -7.63 2.86
N LYS A 70 13.49 -7.28 3.89
CA LYS A 70 13.29 -7.84 5.26
C LYS A 70 11.96 -7.37 5.86
N GLN A 71 11.38 -8.25 6.67
CA GLN A 71 10.13 -8.02 7.40
C GLN A 71 10.27 -6.81 8.36
N ASP A 72 11.48 -6.62 8.90
CA ASP A 72 11.74 -5.64 9.96
C ASP A 72 11.86 -4.20 9.39
N GLU A 73 12.15 -4.10 8.08
CA GLU A 73 12.32 -2.81 7.39
C GLU A 73 10.97 -2.26 6.92
N VAL A 74 10.01 -3.19 6.70
CA VAL A 74 8.65 -2.84 6.26
C VAL A 74 7.64 -2.96 7.40
N ILE A 75 6.54 -2.22 7.29
CA ILE A 75 5.36 -2.36 8.16
C ILE A 75 4.30 -3.15 7.38
N TYR A 76 4.07 -4.41 7.75
CA TYR A 76 3.16 -5.28 7.00
C TYR A 76 1.73 -5.06 7.50
N ASN A 77 0.93 -4.44 6.64
CA ASN A 77 -0.48 -4.10 6.88
C ASN A 77 -1.38 -5.15 6.17
N THR A 78 -2.55 -5.43 6.75
CA THR A 78 -3.40 -6.57 6.36
C THR A 78 -4.50 -6.13 5.38
N ALA A 79 -4.39 -6.61 4.12
CA ALA A 79 -5.39 -6.36 3.06
C ALA A 79 -6.35 -7.57 2.96
N LYS A 80 -7.64 -7.32 3.24
CA LYS A 80 -8.69 -8.38 3.31
C LYS A 80 -9.57 -8.37 2.04
N SER A 81 -10.79 -8.94 2.13
CA SER A 81 -11.77 -8.98 1.04
C SER A 81 -12.34 -7.56 0.75
N PRO A 82 -12.49 -7.15 -0.55
CA PRO A 82 -13.16 -5.89 -0.94
C PRO A 82 -14.71 -6.03 -0.99
N VAL A 83 -15.37 -4.87 -0.97
CA VAL A 83 -16.83 -4.71 -1.11
C VAL A 83 -17.09 -3.56 -2.11
N LYS A 84 -18.13 -3.68 -2.95
CA LYS A 84 -18.54 -2.63 -3.90
C LYS A 84 -19.68 -1.79 -3.31
N ILE A 85 -19.44 -0.48 -3.16
CA ILE A 85 -20.49 0.51 -2.84
C ILE A 85 -20.42 1.63 -3.88
N ASN A 86 -21.59 2.05 -4.39
CA ASN A 86 -21.72 3.09 -5.44
C ASN A 86 -22.28 4.40 -4.85
N GLN A 87 -22.40 4.45 -3.51
CA GLN A 87 -23.01 5.57 -2.77
C GLN A 87 -22.21 6.88 -2.95
N THR A 88 -22.92 8.01 -3.08
CA THR A 88 -22.28 9.33 -3.25
C THR A 88 -22.05 9.97 -1.86
N TYR A 89 -20.78 10.29 -1.58
CA TYR A 89 -20.34 11.05 -0.40
C TYR A 89 -19.77 12.41 -0.86
N ASN A 90 -19.34 13.23 0.10
CA ASN A 90 -18.54 14.45 -0.17
C ASN A 90 -17.11 14.23 0.33
N VAL A 91 -16.18 15.11 -0.07
CA VAL A 91 -14.76 15.00 0.28
C VAL A 91 -14.21 16.39 0.68
N LYS A 92 -13.60 16.45 1.88
CA LYS A 92 -12.87 17.64 2.36
C LYS A 92 -11.74 18.05 1.37
N PRO A 93 -11.60 19.38 1.04
CA PRO A 93 -10.47 19.87 0.23
C PRO A 93 -9.14 19.74 1.02
N GLY A 94 -8.17 19.04 0.42
CA GLY A 94 -6.89 18.72 1.07
C GLY A 94 -6.69 17.22 1.25
N VAL A 95 -7.80 16.46 1.18
CA VAL A 95 -7.79 14.98 1.23
C VAL A 95 -7.16 14.41 -0.05
N LYS A 96 -6.28 13.41 0.12
CA LYS A 96 -5.55 12.78 -0.99
C LYS A 96 -5.95 11.31 -1.10
N LEU A 97 -6.35 10.91 -2.31
CA LEU A 97 -6.68 9.53 -2.65
C LEU A 97 -5.38 8.73 -2.88
N HIS A 98 -5.43 7.42 -2.55
CA HIS A 98 -4.25 6.53 -2.51
C HIS A 98 -4.29 5.55 -3.68
N THR A 99 -3.11 5.12 -4.17
CA THR A 99 -3.01 4.14 -5.27
C THR A 99 -3.44 2.73 -4.80
N VAL A 100 -2.88 2.31 -3.65
CA VAL A 100 -3.22 1.05 -2.96
C VAL A 100 -3.94 1.38 -1.63
N PRO A 101 -4.77 0.45 -1.04
CA PRO A 101 -5.46 0.70 0.25
C PRO A 101 -4.43 0.99 1.38
N TRP A 102 -4.50 2.23 1.90
CA TRP A 102 -3.43 2.85 2.71
C TRP A 102 -2.11 2.90 1.90
N GLY A 103 -1.30 1.86 2.07
CA GLY A 103 0.07 1.75 1.57
C GLY A 103 1.07 2.84 1.98
N THR A 104 0.63 4.05 2.35
CA THR A 104 1.42 4.97 3.15
C THR A 104 0.42 5.84 3.96
N TYR A 105 0.95 6.57 4.96
CA TYR A 105 0.22 7.66 5.62
C TYR A 105 -0.29 8.70 4.58
N ASN A 106 0.52 8.92 3.51
CA ASN A 106 0.17 9.89 2.45
C ASN A 106 -0.28 9.17 1.15
N GLN A 107 0.59 8.25 0.65
CA GLN A 107 0.48 7.54 -0.67
C GLN A 107 -0.40 8.31 -1.68
N VAL A 108 0.15 9.40 -2.23
CA VAL A 108 -0.62 10.32 -3.09
C VAL A 108 -0.88 9.68 -4.47
N ALA A 109 -2.11 9.86 -4.97
CA ALA A 109 -2.51 9.50 -6.34
C ALA A 109 -3.19 10.72 -6.97
N GLY A 110 -4.22 11.24 -6.26
CA GLY A 110 -4.92 12.45 -6.66
C GLY A 110 -5.33 13.28 -5.46
N THR A 111 -4.75 14.49 -5.34
CA THR A 111 -5.07 15.46 -4.28
C THR A 111 -6.34 16.25 -4.66
N VAL A 112 -7.34 16.21 -3.77
CA VAL A 112 -8.55 17.04 -3.88
C VAL A 112 -8.22 18.47 -3.43
N SER A 113 -8.52 19.46 -4.28
CA SER A 113 -8.32 20.88 -3.97
C SER A 113 -9.30 21.72 -4.78
N GLY A 114 -10.09 22.56 -4.10
CA GLY A 114 -11.08 23.41 -4.75
C GLY A 114 -11.82 24.28 -3.76
N LYS A 115 -12.75 25.09 -4.28
CA LYS A 115 -13.61 25.96 -3.48
C LYS A 115 -14.65 25.09 -2.73
N GLY A 116 -14.52 25.03 -1.40
CA GLY A 116 -15.38 24.19 -0.55
C GLY A 116 -15.12 22.69 -0.73
N ASP A 117 -16.02 21.87 -0.19
CA ASP A 117 -15.96 20.39 -0.33
C ASP A 117 -16.43 19.97 -1.72
N GLN A 118 -15.84 18.89 -2.23
CA GLN A 118 -16.11 18.38 -3.58
C GLN A 118 -16.91 17.06 -3.50
N THR A 119 -17.28 16.49 -4.65
CA THR A 119 -18.07 15.25 -4.71
C THR A 119 -17.13 14.01 -4.73
N PHE A 120 -17.35 13.12 -3.76
CA PHE A 120 -16.66 11.82 -3.68
C PHE A 120 -17.63 10.74 -4.14
N LYS A 121 -17.46 10.25 -5.37
CA LYS A 121 -18.31 9.19 -5.94
C LYS A 121 -17.65 7.84 -5.62
N ALA A 122 -18.24 7.07 -4.68
CA ALA A 122 -17.72 5.76 -4.25
C ALA A 122 -17.86 4.72 -5.38
N THR A 123 -16.91 3.79 -5.44
CA THR A 123 -16.88 2.73 -6.47
C THR A 123 -16.71 1.36 -5.79
N LYS A 124 -15.79 1.33 -4.82
CA LYS A 124 -15.43 0.13 -4.03
C LYS A 124 -14.94 0.56 -2.64
N GLN A 125 -14.60 -0.43 -1.83
CA GLN A 125 -13.97 -0.28 -0.52
C GLN A 125 -13.28 -1.60 -0.15
N GLN A 126 -12.40 -1.58 0.84
CA GLN A 126 -11.76 -2.79 1.38
C GLN A 126 -11.48 -2.56 2.86
N GLN A 127 -11.97 -3.49 3.70
CA GLN A 127 -11.78 -3.44 5.14
C GLN A 127 -10.32 -3.86 5.42
N ILE A 128 -9.48 -2.88 5.71
CA ILE A 128 -8.10 -3.12 6.15
C ILE A 128 -8.11 -3.21 7.69
N ASP A 129 -7.03 -3.79 8.27
CA ASP A 129 -6.86 -3.93 9.73
C ASP A 129 -7.16 -2.61 10.49
N LYS A 130 -8.35 -2.57 11.13
CA LYS A 130 -8.82 -1.47 12.02
C LYS A 130 -9.20 -0.17 11.27
N ALA A 131 -9.33 -0.24 9.92
CA ALA A 131 -9.69 0.93 9.08
C ALA A 131 -10.14 0.48 7.68
N THR A 132 -11.41 0.75 7.32
CA THR A 132 -11.93 0.49 5.97
C THR A 132 -11.54 1.66 5.04
N TYR A 133 -10.71 1.35 4.02
CA TYR A 133 -10.31 2.33 2.99
C TYR A 133 -11.28 2.25 1.81
N LEU A 134 -11.93 3.39 1.54
CA LEU A 134 -12.97 3.54 0.52
C LEU A 134 -12.33 4.00 -0.79
N TYR A 135 -12.53 3.21 -1.86
CA TYR A 135 -12.06 3.51 -3.21
C TYR A 135 -13.16 4.32 -3.93
N GLY A 136 -12.93 5.62 -4.09
CA GLY A 136 -13.86 6.50 -4.79
C GLY A 136 -13.20 7.24 -5.93
N THR A 137 -13.91 8.26 -6.46
CA THR A 137 -13.45 9.07 -7.59
C THR A 137 -13.89 10.53 -7.37
N VAL A 138 -12.91 11.44 -7.33
CA VAL A 138 -13.15 12.88 -7.19
C VAL A 138 -12.49 13.61 -8.36
N ASN A 139 -13.31 14.29 -9.21
CA ASN A 139 -12.84 15.15 -10.32
C ASN A 139 -12.03 14.33 -11.36
N GLY A 140 -12.30 13.01 -11.42
CA GLY A 140 -11.61 12.09 -12.34
C GLY A 140 -10.53 11.25 -11.66
N LYS A 141 -10.03 11.73 -10.51
CA LYS A 141 -8.96 11.05 -9.74
C LYS A 141 -9.57 9.92 -8.91
N SER A 142 -9.17 8.67 -9.20
CA SER A 142 -9.64 7.48 -8.47
C SER A 142 -8.57 7.02 -7.46
N GLY A 143 -9.04 6.56 -6.28
CA GLY A 143 -8.14 6.09 -5.24
C GLY A 143 -8.82 5.84 -3.90
N TRP A 144 -8.04 5.33 -2.94
CA TRP A 144 -8.50 4.88 -1.62
C TRP A 144 -8.32 6.00 -0.57
N ILE A 145 -9.23 6.07 0.40
CA ILE A 145 -9.11 6.99 1.55
C ILE A 145 -9.88 6.41 2.75
N SER A 146 -9.30 6.50 3.95
CA SER A 146 -9.96 6.05 5.18
C SER A 146 -11.14 6.97 5.51
N LYS A 147 -12.20 6.37 6.09
CA LYS A 147 -13.45 7.10 6.45
C LYS A 147 -13.20 8.13 7.56
N TYR A 148 -12.10 7.94 8.33
CA TYR A 148 -11.68 8.84 9.42
C TYR A 148 -11.19 10.20 8.86
N TYR A 149 -10.81 10.20 7.56
CA TYR A 149 -10.29 11.41 6.86
C TYR A 149 -11.30 11.90 5.80
N LEU A 150 -12.37 11.12 5.57
CA LEU A 150 -13.42 11.46 4.58
C LEU A 150 -14.57 12.20 5.30
N THR A 151 -15.13 13.24 4.65
CA THR A 151 -16.27 14.00 5.18
C THR A 151 -17.60 13.25 4.95
N ALA A 152 -18.59 13.57 5.79
CA ALA A 152 -19.96 13.04 5.70
C ALA A 152 -20.95 14.13 6.20
N ASN A 1 20.01 -24.51 11.16
CA ASN A 1 20.81 -23.93 10.04
C ASN A 1 19.98 -22.93 9.24
N ASN A 2 20.61 -22.35 8.21
CA ASN A 2 19.92 -21.52 7.21
C ASN A 2 19.21 -22.41 6.19
N GLN A 3 17.95 -22.10 5.90
CA GLN A 3 17.14 -22.77 4.88
C GLN A 3 16.14 -21.76 4.33
N LEU A 4 16.06 -21.65 2.99
CA LEU A 4 15.10 -20.77 2.32
C LEU A 4 13.68 -21.37 2.43
N THR A 5 12.99 -20.97 3.50
CA THR A 5 11.64 -21.39 3.83
C THR A 5 10.63 -20.42 3.19
N VAL A 6 10.03 -20.84 2.07
CA VAL A 6 9.12 -20.00 1.28
C VAL A 6 7.73 -19.92 1.94
N THR A 7 7.18 -18.69 2.02
CA THR A 7 5.91 -18.41 2.68
C THR A 7 4.92 -17.74 1.71
N ASN A 8 3.69 -18.25 1.65
CA ASN A 8 2.59 -17.59 0.92
C ASN A 8 1.94 -16.55 1.85
N ASN A 9 2.21 -15.25 1.56
CA ASN A 9 1.74 -14.13 2.40
C ASN A 9 0.63 -13.36 1.67
N SER A 10 -0.40 -12.95 2.42
CA SER A 10 -1.53 -12.16 1.89
C SER A 10 -1.65 -10.84 2.70
N GLY A 11 -1.02 -9.77 2.16
CA GLY A 11 -1.07 -8.45 2.79
C GLY A 11 -0.59 -7.34 1.86
N VAL A 12 -0.47 -6.10 2.41
CA VAL A 12 0.07 -4.92 1.70
C VAL A 12 1.09 -4.20 2.62
N ALA A 13 2.19 -3.71 2.03
CA ALA A 13 3.25 -2.99 2.77
C ALA A 13 4.10 -2.12 1.84
N GLN A 14 4.97 -1.32 2.47
CA GLN A 14 6.01 -0.51 1.82
C GLN A 14 7.27 -0.55 2.65
N ILE A 15 8.41 -0.30 1.99
CA ILE A 15 9.73 -0.24 2.62
C ILE A 15 9.91 1.19 3.19
N ASN A 16 10.66 1.35 4.29
CA ASN A 16 10.98 2.68 4.85
C ASN A 16 11.94 3.47 3.93
N ALA A 17 11.95 4.81 4.08
CA ALA A 17 12.87 5.71 3.34
C ALA A 17 14.33 5.54 3.82
N LYS A 18 14.46 5.13 5.09
CA LYS A 18 15.76 5.02 5.80
C LYS A 18 16.27 3.55 5.74
N ASN A 19 15.94 2.87 4.63
CA ASN A 19 16.20 1.44 4.44
C ASN A 19 17.68 1.12 4.19
N SER A 20 18.05 -0.15 4.47
CA SER A 20 19.34 -0.73 4.07
C SER A 20 19.45 -0.69 2.53
N GLY A 21 18.36 -1.14 1.90
CA GLY A 21 18.19 -1.12 0.47
C GLY A 21 17.04 -2.01 0.05
N LEU A 22 17.22 -2.73 -1.06
CA LEU A 22 16.25 -3.69 -1.57
C LEU A 22 17.04 -4.89 -2.10
N TYR A 23 16.77 -6.06 -1.52
CA TYR A 23 17.47 -7.30 -1.81
C TYR A 23 16.98 -7.87 -3.15
N THR A 24 17.82 -7.78 -4.18
CA THR A 24 17.50 -8.21 -5.56
C THR A 24 17.09 -9.71 -5.60
N THR A 25 17.85 -10.54 -4.88
CA THR A 25 17.46 -11.92 -4.53
C THR A 25 17.50 -12.07 -3.01
N VAL A 26 17.12 -13.24 -2.48
CA VAL A 26 17.21 -13.52 -1.03
C VAL A 26 18.70 -13.57 -0.56
N TYR A 27 19.62 -13.98 -1.46
CA TYR A 27 21.08 -13.88 -1.20
C TYR A 27 21.60 -12.46 -1.53
N ASP A 28 20.93 -11.80 -2.50
CA ASP A 28 21.16 -10.40 -2.94
C ASP A 28 22.60 -10.10 -3.47
N THR A 29 22.69 -9.06 -4.33
CA THR A 29 23.96 -8.57 -4.88
C THR A 29 24.55 -7.47 -3.94
N LYS A 30 23.84 -6.32 -3.82
CA LYS A 30 24.33 -5.12 -3.08
C LYS A 30 23.26 -4.59 -2.11
N GLY A 31 21.97 -4.75 -2.47
CA GLY A 31 20.85 -4.23 -1.66
C GLY A 31 20.72 -2.73 -1.82
N LYS A 32 20.18 -2.33 -2.97
CA LYS A 32 20.10 -0.91 -3.39
C LYS A 32 18.74 -0.31 -3.04
N THR A 33 18.77 0.97 -2.64
CA THR A 33 17.60 1.71 -2.12
C THR A 33 16.45 1.77 -3.15
N THR A 34 15.29 1.23 -2.75
CA THR A 34 14.09 1.08 -3.60
C THR A 34 13.37 2.43 -3.87
N ASN A 35 12.40 2.38 -4.81
CA ASN A 35 11.48 3.49 -5.11
C ASN A 35 10.33 3.51 -4.08
N GLN A 36 10.07 2.35 -3.44
CA GLN A 36 8.91 2.16 -2.54
C GLN A 36 9.30 2.51 -1.09
N ILE A 37 9.73 3.77 -0.95
CA ILE A 37 10.27 4.38 0.29
C ILE A 37 9.16 4.98 1.17
N GLN A 38 8.11 4.14 1.36
CA GLN A 38 6.77 4.47 1.90
C GLN A 38 5.80 4.88 0.77
N ARG A 39 6.14 4.41 -0.44
CA ARG A 39 5.19 4.26 -1.55
C ARG A 39 4.66 2.82 -1.46
N THR A 40 3.42 2.68 -0.96
CA THR A 40 2.82 1.37 -0.69
C THR A 40 2.54 0.61 -2.01
N LEU A 41 2.82 -0.70 -2.06
CA LEU A 41 2.39 -1.55 -3.21
C LEU A 41 1.50 -2.70 -2.72
N SER A 42 2.15 -3.74 -2.15
CA SER A 42 1.51 -5.01 -1.79
C SER A 42 2.59 -6.02 -1.37
N VAL A 43 2.17 -7.07 -0.64
CA VAL A 43 3.01 -8.24 -0.32
C VAL A 43 2.24 -9.50 -0.74
N THR A 44 2.54 -9.97 -1.95
CA THR A 44 1.85 -11.11 -2.58
C THR A 44 2.53 -12.45 -2.24
N LYS A 45 3.71 -12.38 -1.62
CA LYS A 45 4.53 -13.56 -1.29
C LYS A 45 5.54 -13.20 -0.17
N ALA A 46 6.21 -14.22 0.40
CA ALA A 46 7.22 -14.04 1.46
C ALA A 46 8.18 -15.25 1.47
N ALA A 47 9.20 -15.16 2.31
CA ALA A 47 10.23 -16.20 2.50
C ALA A 47 10.97 -15.94 3.82
N THR A 48 11.81 -16.89 4.22
CA THR A 48 12.68 -16.75 5.39
C THR A 48 13.96 -17.57 5.14
N LEU A 49 15.08 -16.89 4.82
CA LEU A 49 16.39 -17.54 4.63
C LEU A 49 17.02 -17.69 6.04
N GLY A 50 16.77 -18.84 6.67
CA GLY A 50 17.23 -19.08 8.04
C GLY A 50 16.34 -18.37 9.04
N ASP A 51 16.83 -17.22 9.54
CA ASP A 51 16.05 -16.32 10.42
C ASP A 51 15.74 -14.99 9.70
N LYS A 52 16.29 -14.82 8.48
CA LYS A 52 16.09 -13.60 7.67
C LYS A 52 14.72 -13.65 6.97
N LYS A 53 13.69 -13.10 7.64
CA LYS A 53 12.34 -13.04 7.08
C LYS A 53 12.27 -11.92 6.02
N PHE A 54 12.10 -12.33 4.76
CA PHE A 54 11.96 -11.42 3.62
C PHE A 54 10.50 -11.40 3.14
N TYR A 55 9.99 -10.19 2.88
CA TYR A 55 8.68 -9.99 2.23
C TYR A 55 8.90 -9.63 0.77
N LEU A 56 8.19 -10.35 -0.11
CA LEU A 56 8.20 -10.11 -1.56
C LEU A 56 7.17 -9.00 -1.86
N VAL A 57 7.70 -7.82 -2.18
CA VAL A 57 6.90 -6.64 -2.54
C VAL A 57 6.82 -6.52 -4.06
N GLY A 58 5.59 -6.26 -4.54
CA GLY A 58 5.29 -6.15 -5.97
C GLY A 58 4.13 -5.22 -6.23
N ASP A 59 4.04 -4.67 -7.44
CA ASP A 59 3.04 -3.64 -7.81
C ASP A 59 1.61 -4.15 -7.56
N TYR A 60 0.78 -3.27 -6.98
CA TYR A 60 -0.56 -3.60 -6.51
C TYR A 60 -1.49 -4.04 -7.66
N ASN A 61 -1.32 -3.43 -8.84
CA ASN A 61 -2.24 -3.57 -9.98
C ASN A 61 -1.86 -4.78 -10.84
N THR A 62 -0.57 -4.85 -11.21
CA THR A 62 -0.06 -5.87 -12.16
C THR A 62 0.41 -7.14 -11.43
N GLY A 63 1.05 -6.96 -10.27
CA GLY A 63 1.72 -8.05 -9.55
C GLY A 63 3.19 -8.20 -9.94
N THR A 64 3.73 -7.19 -10.65
CA THR A 64 5.13 -7.16 -11.09
C THR A 64 6.04 -6.84 -9.89
N ASN A 65 6.72 -7.87 -9.39
CA ASN A 65 7.70 -7.74 -8.29
C ASN A 65 9.11 -7.50 -8.85
N TYR A 66 9.95 -6.92 -8.00
CA TYR A 66 11.31 -6.45 -8.39
C TYR A 66 12.37 -6.94 -7.38
N GLY A 67 11.93 -7.65 -6.32
CA GLY A 67 12.85 -8.23 -5.34
C GLY A 67 12.28 -8.33 -3.93
N TRP A 68 13.12 -8.85 -3.02
CA TRP A 68 12.79 -9.10 -1.60
C TRP A 68 13.29 -7.94 -0.72
N VAL A 69 12.79 -7.88 0.52
CA VAL A 69 13.21 -6.89 1.53
C VAL A 69 13.04 -7.44 2.95
N LYS A 70 13.84 -6.94 3.91
CA LYS A 70 13.74 -7.32 5.34
C LYS A 70 12.35 -6.95 5.91
N GLN A 71 11.88 -7.79 6.85
CA GLN A 71 10.67 -7.49 7.65
C GLN A 71 10.89 -6.24 8.55
N ASP A 72 12.18 -5.97 8.83
CA ASP A 72 12.65 -4.84 9.65
C ASP A 72 12.38 -3.50 8.94
N GLU A 73 12.52 -3.49 7.60
CA GLU A 73 12.42 -2.25 6.80
C GLU A 73 10.95 -1.85 6.55
N VAL A 74 10.10 -2.86 6.23
CA VAL A 74 8.71 -2.62 5.83
C VAL A 74 7.79 -2.34 7.04
N ILE A 75 6.82 -1.43 6.83
CA ILE A 75 5.67 -1.27 7.73
C ILE A 75 4.52 -2.10 7.14
N TYR A 76 4.30 -3.30 7.69
CA TYR A 76 3.39 -4.29 7.14
C TYR A 76 1.95 -4.13 7.70
N ASN A 77 0.95 -4.37 6.82
CA ASN A 77 -0.49 -4.41 7.18
C ASN A 77 -1.16 -5.56 6.41
N THR A 78 -2.40 -5.88 6.81
CA THR A 78 -3.16 -7.00 6.24
C THR A 78 -4.20 -6.50 5.23
N ALA A 79 -4.24 -7.11 4.04
CA ALA A 79 -5.26 -6.82 3.02
C ALA A 79 -6.34 -7.89 3.08
N LYS A 80 -7.36 -7.62 3.91
CA LYS A 80 -8.53 -8.51 4.07
C LYS A 80 -9.44 -8.43 2.83
N SER A 81 -10.52 -9.24 2.82
CA SER A 81 -11.47 -9.29 1.70
C SER A 81 -12.17 -7.91 1.48
N PRO A 82 -12.01 -7.30 0.25
CA PRO A 82 -12.60 -5.97 -0.05
C PRO A 82 -14.13 -6.03 -0.32
N VAL A 83 -14.76 -4.86 -0.23
CA VAL A 83 -16.20 -4.64 -0.48
C VAL A 83 -16.37 -3.78 -1.75
N LYS A 84 -17.55 -3.82 -2.39
CA LYS A 84 -17.88 -2.95 -3.54
C LYS A 84 -19.09 -2.05 -3.18
N ILE A 85 -18.86 -0.73 -3.20
CA ILE A 85 -19.95 0.28 -3.23
C ILE A 85 -19.60 1.32 -4.30
N ASN A 86 -20.60 1.72 -5.09
CA ASN A 86 -20.43 2.72 -6.17
C ASN A 86 -21.37 3.94 -5.97
N GLN A 87 -21.98 4.02 -4.77
CA GLN A 87 -22.88 5.13 -4.37
C GLN A 87 -22.12 6.48 -4.32
N THR A 88 -22.84 7.58 -4.55
CA THR A 88 -22.25 8.94 -4.57
C THR A 88 -22.27 9.55 -3.15
N TYR A 89 -21.10 10.08 -2.76
CA TYR A 89 -20.85 10.76 -1.48
C TYR A 89 -20.16 12.11 -1.77
N ASN A 90 -19.84 12.84 -0.70
CA ASN A 90 -18.91 13.99 -0.76
C ASN A 90 -17.67 13.68 0.08
N VAL A 91 -16.55 14.34 -0.24
CA VAL A 91 -15.28 14.20 0.50
C VAL A 91 -14.97 15.51 1.26
N LYS A 92 -14.45 15.35 2.51
CA LYS A 92 -14.06 16.47 3.39
C LYS A 92 -13.01 17.37 2.65
N PRO A 93 -13.24 18.72 2.56
CA PRO A 93 -12.33 19.64 1.84
C PRO A 93 -10.89 19.62 2.39
N GLY A 94 -9.91 19.37 1.49
CA GLY A 94 -8.49 19.41 1.85
C GLY A 94 -7.88 18.06 2.22
N VAL A 95 -8.60 16.95 1.97
CA VAL A 95 -8.07 15.58 2.24
C VAL A 95 -7.12 15.13 1.12
N LYS A 96 -5.92 14.65 1.52
CA LYS A 96 -4.94 14.04 0.61
C LYS A 96 -5.35 12.58 0.32
N LEU A 97 -5.88 12.34 -0.90
CA LEU A 97 -6.09 10.97 -1.42
C LEU A 97 -4.75 10.39 -1.90
N HIS A 98 -4.67 9.05 -1.96
CA HIS A 98 -3.41 8.31 -2.27
C HIS A 98 -3.69 7.29 -3.40
N THR A 99 -2.67 6.95 -4.21
CA THR A 99 -2.81 6.03 -5.37
C THR A 99 -2.76 4.53 -4.97
N VAL A 100 -2.89 4.23 -3.66
CA VAL A 100 -2.72 2.86 -3.13
C VAL A 100 -3.36 2.72 -1.72
N PRO A 101 -3.93 1.51 -1.36
CA PRO A 101 -4.37 1.16 0.02
C PRO A 101 -3.30 1.40 1.12
N TRP A 102 -3.83 1.63 2.33
CA TRP A 102 -3.10 2.06 3.54
C TRP A 102 -2.60 3.53 3.42
N GLY A 103 -1.99 3.89 2.27
CA GLY A 103 -1.86 5.30 1.90
C GLY A 103 -0.89 6.08 2.79
N THR A 104 0.42 5.81 2.66
CA THR A 104 1.43 6.25 3.64
C THR A 104 1.90 7.69 3.31
N TYR A 105 2.54 8.34 4.31
CA TYR A 105 3.00 9.73 4.28
C TYR A 105 3.70 10.13 2.96
N ASN A 106 4.49 9.20 2.38
CA ASN A 106 5.23 9.47 1.13
C ASN A 106 4.30 9.47 -0.09
N GLN A 107 3.39 8.47 -0.18
CA GLN A 107 2.52 8.34 -1.36
C GLN A 107 1.25 9.21 -1.21
N VAL A 108 1.35 10.44 -1.72
CA VAL A 108 0.19 11.34 -1.90
C VAL A 108 -0.14 11.43 -3.40
N ALA A 109 -1.38 11.10 -3.77
CA ALA A 109 -1.89 11.25 -5.15
C ALA A 109 -2.21 12.72 -5.42
N GLY A 110 -3.18 13.22 -4.65
CA GLY A 110 -3.65 14.59 -4.79
C GLY A 110 -4.60 14.98 -3.68
N THR A 111 -4.64 16.28 -3.38
CA THR A 111 -5.48 16.85 -2.35
C THR A 111 -6.80 17.36 -2.98
N VAL A 112 -7.93 17.06 -2.31
CA VAL A 112 -9.25 17.63 -2.64
C VAL A 112 -9.26 19.13 -2.29
N SER A 113 -10.08 19.90 -3.03
CA SER A 113 -10.28 21.35 -2.86
C SER A 113 -10.38 21.75 -1.36
N GLY A 114 -9.34 22.46 -0.86
CA GLY A 114 -9.22 22.83 0.54
C GLY A 114 -10.36 23.71 1.06
N LYS A 115 -11.02 24.43 0.15
CA LYS A 115 -12.18 25.27 0.43
C LYS A 115 -13.42 24.67 -0.27
N GLY A 116 -14.41 24.24 0.55
CA GLY A 116 -15.66 23.67 0.03
C GLY A 116 -15.52 22.19 -0.37
N ASP A 117 -16.48 21.36 0.09
CA ASP A 117 -16.48 19.90 -0.18
C ASP A 117 -16.75 19.62 -1.67
N GLN A 118 -16.22 18.50 -2.17
CA GLN A 118 -16.30 18.14 -3.59
C GLN A 118 -16.89 16.72 -3.70
N THR A 119 -17.53 16.42 -4.83
CA THR A 119 -18.25 15.14 -5.03
C THR A 119 -17.26 13.96 -5.15
N PHE A 120 -17.46 12.95 -4.29
CA PHE A 120 -16.70 11.70 -4.27
C PHE A 120 -17.63 10.52 -4.63
N LYS A 121 -17.54 10.05 -5.87
CA LYS A 121 -18.33 8.91 -6.36
C LYS A 121 -17.54 7.62 -6.05
N ALA A 122 -18.05 6.80 -5.11
CA ALA A 122 -17.40 5.54 -4.67
C ALA A 122 -17.26 4.52 -5.82
N THR A 123 -16.29 3.60 -5.74
CA THR A 123 -16.05 2.59 -6.80
C THR A 123 -15.82 1.19 -6.16
N LYS A 124 -14.98 1.17 -5.10
CA LYS A 124 -14.69 -0.02 -4.26
C LYS A 124 -14.40 0.44 -2.82
N GLN A 125 -14.21 -0.54 -1.93
CA GLN A 125 -13.68 -0.38 -0.57
C GLN A 125 -12.63 -1.47 -0.37
N GLN A 126 -11.50 -1.13 0.25
CA GLN A 126 -10.42 -2.07 0.54
C GLN A 126 -10.23 -2.16 2.05
N GLN A 127 -10.52 -3.35 2.60
CA GLN A 127 -10.43 -3.58 4.03
C GLN A 127 -8.96 -3.90 4.40
N ILE A 128 -8.27 -2.88 4.93
CA ILE A 128 -6.91 -3.03 5.47
C ILE A 128 -7.05 -3.26 7.00
N ASP A 129 -5.98 -3.79 7.62
CA ASP A 129 -5.93 -4.12 9.07
C ASP A 129 -6.45 -2.95 9.96
N LYS A 130 -7.69 -3.13 10.48
CA LYS A 130 -8.38 -2.20 11.41
C LYS A 130 -8.85 -0.87 10.74
N ALA A 131 -8.53 -0.67 9.45
CA ALA A 131 -8.80 0.60 8.72
C ALA A 131 -9.30 0.34 7.29
N THR A 132 -10.53 0.79 6.99
CA THR A 132 -11.13 0.67 5.65
C THR A 132 -10.76 1.89 4.80
N TYR A 133 -10.12 1.65 3.64
CA TYR A 133 -9.83 2.71 2.66
C TYR A 133 -10.76 2.56 1.45
N LEU A 134 -11.63 3.57 1.29
CA LEU A 134 -12.63 3.60 0.22
C LEU A 134 -11.96 4.12 -1.08
N TYR A 135 -12.05 3.31 -2.14
CA TYR A 135 -11.58 3.66 -3.47
C TYR A 135 -12.73 4.34 -4.21
N GLY A 136 -12.55 5.60 -4.58
CA GLY A 136 -13.61 6.36 -5.27
C GLY A 136 -13.05 7.23 -6.37
N THR A 137 -13.86 8.20 -6.79
CA THR A 137 -13.57 9.06 -7.94
C THR A 137 -13.96 10.51 -7.61
N VAL A 138 -12.97 11.42 -7.63
CA VAL A 138 -13.18 12.86 -7.49
C VAL A 138 -12.90 13.53 -8.84
N ASN A 139 -13.98 13.77 -9.61
CA ASN A 139 -13.96 14.44 -10.93
C ASN A 139 -12.95 13.76 -11.89
N GLY A 140 -13.23 12.49 -12.19
CA GLY A 140 -12.45 11.70 -13.15
C GLY A 140 -11.25 10.97 -12.53
N LYS A 141 -10.61 11.59 -11.51
CA LYS A 141 -9.43 11.02 -10.84
C LYS A 141 -9.86 9.98 -9.80
N SER A 142 -9.21 8.81 -9.84
CA SER A 142 -9.50 7.71 -8.90
C SER A 142 -8.47 7.74 -7.76
N GLY A 143 -8.93 7.55 -6.50
CA GLY A 143 -8.07 7.71 -5.33
C GLY A 143 -8.60 6.93 -4.11
N TRP A 144 -7.65 6.35 -3.36
CA TRP A 144 -7.91 5.60 -2.13
C TRP A 144 -7.81 6.57 -0.93
N ILE A 145 -8.93 6.74 -0.22
CA ILE A 145 -9.07 7.61 0.97
C ILE A 145 -9.53 6.75 2.15
N SER A 146 -9.12 7.08 3.39
CA SER A 146 -9.66 6.40 4.58
C SER A 146 -11.09 6.91 4.87
N LYS A 147 -11.95 6.02 5.38
CA LYS A 147 -13.37 6.34 5.71
C LYS A 147 -13.44 7.50 6.75
N TYR A 148 -12.41 7.56 7.60
CA TYR A 148 -12.28 8.57 8.69
C TYR A 148 -12.11 9.98 8.09
N TYR A 149 -11.35 10.08 6.99
CA TYR A 149 -11.15 11.34 6.25
C TYR A 149 -12.43 11.74 5.46
N LEU A 150 -13.16 10.72 4.97
CA LEU A 150 -14.36 10.92 4.13
C LEU A 150 -15.54 11.43 4.97
N THR A 151 -16.25 12.46 4.46
CA THR A 151 -17.50 12.93 5.06
C THR A 151 -18.66 12.01 4.63
N ALA A 152 -19.46 11.58 5.61
CA ALA A 152 -20.63 10.71 5.41
C ALA A 152 -21.63 10.94 6.57
N ASN A 1 22.03 -25.08 8.91
CA ASN A 1 22.40 -23.80 9.58
C ASN A 1 21.62 -22.62 8.97
N ASN A 2 21.52 -22.61 7.62
CA ASN A 2 20.79 -21.58 6.87
C ASN A 2 20.10 -22.21 5.65
N GLN A 3 18.77 -22.36 5.73
CA GLN A 3 17.94 -22.90 4.63
C GLN A 3 16.87 -21.87 4.24
N LEU A 4 16.68 -21.73 2.93
CA LEU A 4 15.59 -20.93 2.37
C LEU A 4 14.27 -21.73 2.44
N THR A 5 13.55 -21.57 3.56
CA THR A 5 12.19 -22.10 3.70
C THR A 5 11.20 -21.08 3.14
N VAL A 6 10.65 -21.37 1.95
CA VAL A 6 9.80 -20.43 1.20
C VAL A 6 8.41 -20.30 1.90
N THR A 7 7.93 -19.05 2.05
CA THR A 7 6.76 -18.71 2.88
C THR A 7 5.59 -18.21 2.00
N ASN A 8 4.40 -18.79 2.14
CA ASN A 8 3.18 -18.31 1.42
C ASN A 8 2.40 -17.34 2.32
N ASN A 9 2.32 -16.06 1.91
CA ASN A 9 1.70 -15.00 2.71
C ASN A 9 1.38 -13.77 1.82
N SER A 10 0.25 -13.10 2.12
CA SER A 10 -0.22 -11.92 1.36
C SER A 10 -0.69 -10.82 2.34
N GLY A 11 -0.56 -9.57 1.87
CA GLY A 11 -0.85 -8.37 2.66
C GLY A 11 -0.52 -7.13 1.85
N VAL A 12 -0.19 -6.02 2.53
CA VAL A 12 0.41 -4.82 1.91
C VAL A 12 1.57 -4.33 2.79
N ALA A 13 2.58 -3.68 2.18
CA ALA A 13 3.74 -3.17 2.90
C ALA A 13 4.36 -1.94 2.21
N GLN A 14 4.97 -1.09 3.04
CA GLN A 14 5.71 0.12 2.62
C GLN A 14 7.03 0.16 3.37
N ILE A 15 8.09 0.68 2.74
CA ILE A 15 9.45 0.68 3.32
C ILE A 15 9.61 1.87 4.29
N ASN A 16 10.37 1.65 5.38
CA ASN A 16 10.73 2.73 6.33
C ASN A 16 12.09 3.35 5.90
N ALA A 17 12.30 4.64 6.26
CA ALA A 17 13.51 5.41 5.88
C ALA A 17 14.82 4.79 6.40
N LYS A 18 14.72 4.01 7.48
CA LYS A 18 15.88 3.37 8.14
C LYS A 18 16.00 1.91 7.67
N ASN A 19 15.82 1.70 6.35
CA ASN A 19 15.89 0.36 5.72
C ASN A 19 17.34 -0.07 5.43
N SER A 20 17.49 -1.38 5.18
CA SER A 20 18.74 -2.00 4.69
C SER A 20 18.69 -2.11 3.15
N GLY A 21 18.15 -1.06 2.50
CA GLY A 21 18.01 -1.01 1.05
C GLY A 21 16.88 -1.89 0.50
N LEU A 22 17.19 -2.55 -0.62
CA LEU A 22 16.27 -3.42 -1.37
C LEU A 22 17.07 -4.71 -1.66
N TYR A 23 16.64 -5.82 -1.06
CA TYR A 23 17.26 -7.12 -1.26
C TYR A 23 16.88 -7.66 -2.64
N THR A 24 17.88 -7.66 -3.55
CA THR A 24 17.69 -8.05 -4.96
C THR A 24 17.11 -9.47 -5.07
N THR A 25 17.68 -10.38 -4.29
CA THR A 25 17.17 -11.74 -4.05
C THR A 25 17.15 -12.01 -2.54
N VAL A 26 16.79 -13.23 -2.14
CA VAL A 26 16.87 -13.67 -0.73
C VAL A 26 18.34 -13.78 -0.27
N TYR A 27 19.25 -14.14 -1.20
CA TYR A 27 20.71 -14.11 -0.95
C TYR A 27 21.24 -12.67 -1.09
N ASP A 28 20.54 -11.87 -1.92
CA ASP A 28 20.83 -10.43 -2.17
C ASP A 28 22.22 -10.20 -2.84
N THR A 29 22.39 -9.00 -3.44
CA THR A 29 23.67 -8.53 -3.97
C THR A 29 24.36 -7.62 -2.92
N LYS A 30 23.68 -6.52 -2.52
CA LYS A 30 24.24 -5.49 -1.60
C LYS A 30 23.14 -4.84 -0.72
N GLY A 31 21.88 -4.88 -1.19
CA GLY A 31 20.78 -4.19 -0.52
C GLY A 31 20.82 -2.70 -0.81
N LYS A 32 20.47 -2.33 -2.04
CA LYS A 32 20.57 -0.95 -2.55
C LYS A 32 19.28 -0.17 -2.26
N THR A 33 19.42 1.14 -1.96
CA THR A 33 18.30 2.03 -1.55
C THR A 33 17.11 2.03 -2.55
N THR A 34 15.90 2.27 -2.02
CA THR A 34 14.64 2.15 -2.78
C THR A 34 13.89 3.50 -2.81
N ASN A 35 12.96 3.65 -3.77
CA ASN A 35 12.08 4.84 -3.91
C ASN A 35 10.81 4.71 -3.05
N GLN A 36 10.50 3.49 -2.59
CA GLN A 36 9.24 3.14 -1.90
C GLN A 36 9.34 3.35 -0.36
N ILE A 37 10.04 4.43 0.02
CA ILE A 37 10.31 4.89 1.40
C ILE A 37 9.02 5.43 2.13
N GLN A 38 7.98 4.56 2.18
CA GLN A 38 6.57 4.85 2.52
C GLN A 38 5.79 5.23 1.26
N ARG A 39 5.86 4.29 0.32
CA ARG A 39 4.99 4.21 -0.84
C ARG A 39 4.52 2.73 -0.85
N THR A 40 3.30 2.49 -0.32
CA THR A 40 2.73 1.14 -0.20
C THR A 40 2.53 0.51 -1.58
N LEU A 41 2.92 -0.76 -1.72
CA LEU A 41 2.76 -1.50 -2.97
C LEU A 41 1.71 -2.63 -2.76
N SER A 42 2.18 -3.77 -2.17
CA SER A 42 1.39 -4.94 -1.72
C SER A 42 2.37 -6.11 -1.52
N VAL A 43 2.02 -7.08 -0.67
CA VAL A 43 2.79 -8.33 -0.54
C VAL A 43 1.96 -9.48 -1.13
N THR A 44 2.55 -10.23 -2.05
CA THR A 44 1.88 -11.39 -2.70
C THR A 44 2.50 -12.71 -2.22
N LYS A 45 3.80 -12.66 -1.84
CA LYS A 45 4.58 -13.86 -1.50
C LYS A 45 5.70 -13.52 -0.51
N ALA A 46 6.39 -14.55 0.02
CA ALA A 46 7.52 -14.40 0.95
C ALA A 46 8.44 -15.64 0.88
N ALA A 47 9.59 -15.55 1.57
CA ALA A 47 10.55 -16.65 1.74
C ALA A 47 11.51 -16.32 2.90
N THR A 48 11.51 -17.17 3.92
CA THR A 48 12.38 -17.02 5.10
C THR A 48 13.69 -17.80 4.90
N LEU A 49 14.83 -17.08 4.83
CA LEU A 49 16.17 -17.71 4.75
C LEU A 49 16.80 -17.67 6.15
N GLY A 50 16.79 -18.83 6.84
CA GLY A 50 17.28 -18.95 8.21
C GLY A 50 16.29 -18.35 9.21
N ASP A 51 16.61 -17.15 9.72
CA ASP A 51 15.73 -16.38 10.61
C ASP A 51 15.16 -15.17 9.85
N LYS A 52 15.93 -14.69 8.86
CA LYS A 52 15.61 -13.47 8.10
C LYS A 52 14.41 -13.71 7.16
N LYS A 53 13.24 -13.22 7.57
CA LYS A 53 12.02 -13.25 6.75
C LYS A 53 12.08 -12.15 5.68
N PHE A 54 12.10 -12.55 4.42
CA PHE A 54 12.04 -11.64 3.27
C PHE A 54 10.65 -11.72 2.65
N TYR A 55 10.00 -10.58 2.43
CA TYR A 55 8.71 -10.50 1.77
C TYR A 55 8.90 -10.05 0.32
N LEU A 56 8.34 -10.84 -0.62
CA LEU A 56 8.26 -10.45 -2.02
C LEU A 56 7.14 -9.41 -2.13
N VAL A 57 7.56 -8.14 -2.16
CA VAL A 57 6.67 -7.00 -2.29
C VAL A 57 6.65 -6.59 -3.78
N GLY A 58 5.49 -6.11 -4.24
CA GLY A 58 5.28 -5.67 -5.62
C GLY A 58 4.08 -4.74 -5.69
N ASP A 59 4.08 -3.80 -6.65
CA ASP A 59 2.99 -2.81 -6.79
C ASP A 59 1.65 -3.48 -7.10
N TYR A 60 0.61 -3.07 -6.34
CA TYR A 60 -0.75 -3.59 -6.50
C TYR A 60 -1.41 -2.98 -7.76
N ASN A 61 -1.09 -1.69 -8.01
CA ASN A 61 -1.73 -0.88 -9.05
C ASN A 61 -1.42 -1.41 -10.46
N THR A 62 -0.12 -1.59 -10.76
CA THR A 62 0.35 -2.09 -12.05
C THR A 62 0.49 -3.63 -12.04
N GLY A 63 0.90 -4.18 -10.87
CA GLY A 63 1.22 -5.61 -10.73
C GLY A 63 2.71 -5.89 -10.92
N THR A 64 3.54 -4.83 -10.89
CA THR A 64 4.99 -4.94 -11.14
C THR A 64 5.74 -5.40 -9.88
N ASN A 65 6.52 -6.49 -10.00
CA ASN A 65 7.36 -7.03 -8.92
C ASN A 65 8.47 -6.01 -8.53
N TYR A 66 8.53 -5.71 -7.23
CA TYR A 66 9.46 -4.71 -6.66
C TYR A 66 10.78 -5.39 -6.24
N GLY A 67 10.66 -6.51 -5.51
CA GLY A 67 11.82 -7.27 -5.04
C GLY A 67 11.58 -7.85 -3.66
N TRP A 68 12.66 -8.35 -3.05
CA TRP A 68 12.66 -8.84 -1.67
C TRP A 68 13.11 -7.72 -0.73
N VAL A 69 12.57 -7.72 0.48
CA VAL A 69 13.00 -6.82 1.56
C VAL A 69 12.70 -7.52 2.90
N LYS A 70 13.50 -7.24 3.96
CA LYS A 70 13.25 -7.81 5.30
C LYS A 70 11.92 -7.31 5.88
N GLN A 71 11.36 -8.12 6.80
CA GLN A 71 10.17 -7.77 7.59
C GLN A 71 10.42 -6.49 8.42
N ASP A 72 11.63 -6.42 9.00
CA ASP A 72 12.01 -5.34 9.92
C ASP A 72 12.13 -3.99 9.19
N GLU A 73 12.54 -4.03 7.90
CA GLU A 73 12.81 -2.81 7.12
C GLU A 73 11.53 -2.20 6.52
N VAL A 74 10.39 -2.91 6.64
CA VAL A 74 9.06 -2.44 6.18
C VAL A 74 8.04 -2.37 7.32
N ILE A 75 6.93 -1.67 7.03
CA ILE A 75 5.71 -1.69 7.83
C ILE A 75 4.76 -2.68 7.13
N TYR A 76 4.63 -3.89 7.67
CA TYR A 76 3.77 -4.92 7.12
C TYR A 76 2.35 -4.78 7.71
N ASN A 77 1.37 -4.90 6.83
CA ASN A 77 -0.06 -4.79 7.17
C ASN A 77 -0.81 -5.95 6.50
N THR A 78 -1.92 -6.39 7.09
CA THR A 78 -2.68 -7.56 6.64
C THR A 78 -3.78 -7.16 5.63
N ALA A 79 -3.88 -7.87 4.50
CA ALA A 79 -4.98 -7.68 3.53
C ALA A 79 -6.23 -8.45 4.02
N LYS A 80 -7.42 -7.89 3.74
CA LYS A 80 -8.71 -8.49 4.15
C LYS A 80 -9.72 -8.35 2.97
N SER A 81 -10.89 -9.02 3.11
CA SER A 81 -11.95 -9.08 2.08
C SER A 81 -12.43 -7.67 1.60
N PRO A 82 -12.68 -7.48 0.25
CA PRO A 82 -13.26 -6.24 -0.30
C PRO A 82 -14.80 -6.14 -0.11
N VAL A 83 -15.29 -4.92 0.16
CA VAL A 83 -16.74 -4.61 0.29
C VAL A 83 -17.10 -3.45 -0.65
N LYS A 84 -17.91 -3.72 -1.67
CA LYS A 84 -18.31 -2.72 -2.67
C LYS A 84 -19.57 -1.95 -2.22
N ILE A 85 -19.52 -0.60 -2.35
CA ILE A 85 -20.69 0.28 -2.16
C ILE A 85 -20.73 1.27 -3.34
N ASN A 86 -21.91 1.50 -3.90
CA ASN A 86 -22.10 2.42 -5.06
C ASN A 86 -22.80 3.71 -4.60
N GLN A 87 -22.57 4.07 -3.34
CA GLN A 87 -23.14 5.28 -2.71
C GLN A 87 -22.21 6.49 -2.93
N THR A 88 -22.83 7.67 -3.11
CA THR A 88 -22.09 8.93 -3.24
C THR A 88 -21.87 9.55 -1.85
N TYR A 89 -20.60 9.69 -1.48
CA TYR A 89 -20.16 10.31 -0.22
C TYR A 89 -19.56 11.70 -0.50
N ASN A 90 -19.15 12.40 0.56
CA ASN A 90 -18.50 13.72 0.44
C ASN A 90 -17.13 13.67 1.13
N VAL A 91 -16.11 14.20 0.43
CA VAL A 91 -14.73 14.22 0.92
C VAL A 91 -14.37 15.62 1.46
N LYS A 92 -13.73 15.65 2.64
CA LYS A 92 -13.20 16.87 3.28
C LYS A 92 -12.17 17.60 2.35
N PRO A 93 -12.16 18.97 2.31
CA PRO A 93 -11.12 19.74 1.60
C PRO A 93 -9.73 19.60 2.27
N GLY A 94 -8.68 19.59 1.43
CA GLY A 94 -7.30 19.43 1.90
C GLY A 94 -6.85 17.98 1.92
N VAL A 95 -7.78 17.04 1.67
CA VAL A 95 -7.51 15.60 1.64
C VAL A 95 -6.68 15.21 0.40
N LYS A 96 -5.54 14.55 0.63
CA LYS A 96 -4.70 14.01 -0.43
C LYS A 96 -5.23 12.64 -0.85
N LEU A 97 -5.65 12.53 -2.11
CA LEU A 97 -6.06 11.26 -2.73
C LEU A 97 -4.80 10.42 -2.96
N HIS A 98 -4.87 9.13 -2.61
CA HIS A 98 -3.76 8.18 -2.80
C HIS A 98 -4.07 7.31 -4.03
N THR A 99 -3.02 6.74 -4.63
CA THR A 99 -3.14 6.00 -5.92
C THR A 99 -3.13 4.47 -5.69
N VAL A 100 -2.76 4.05 -4.47
CA VAL A 100 -2.63 2.62 -4.09
C VAL A 100 -3.22 2.43 -2.66
N PRO A 101 -3.84 1.22 -2.36
CA PRO A 101 -4.24 0.76 -1.00
C PRO A 101 -3.30 1.18 0.17
N TRP A 102 -3.90 1.17 1.38
CA TRP A 102 -3.32 1.65 2.66
C TRP A 102 -3.25 3.21 2.66
N GLY A 103 -2.49 3.80 1.70
CA GLY A 103 -2.48 5.26 1.53
C GLY A 103 -1.37 5.98 2.28
N THR A 104 -0.11 5.82 1.83
CA THR A 104 1.08 6.38 2.54
C THR A 104 1.44 7.79 2.02
N TYR A 105 2.48 8.37 2.66
CA TYR A 105 2.84 9.79 2.52
C TYR A 105 3.39 10.14 1.11
N ASN A 106 4.20 9.24 0.55
CA ASN A 106 4.77 9.38 -0.82
C ASN A 106 3.66 9.16 -1.86
N GLN A 107 2.66 8.35 -1.48
CA GLN A 107 1.61 7.84 -2.40
C GLN A 107 0.46 8.87 -2.57
N VAL A 108 0.75 10.09 -3.06
CA VAL A 108 -0.28 11.13 -3.30
C VAL A 108 -0.54 11.32 -4.81
N ALA A 109 -1.72 10.87 -5.28
CA ALA A 109 -2.23 11.14 -6.64
C ALA A 109 -2.57 12.63 -6.80
N GLY A 110 -3.48 13.12 -5.93
CA GLY A 110 -3.98 14.50 -6.00
C GLY A 110 -4.43 15.02 -4.64
N THR A 111 -5.11 16.19 -4.63
CA THR A 111 -5.60 16.81 -3.38
C THR A 111 -6.91 17.59 -3.67
N VAL A 112 -7.90 17.46 -2.75
CA VAL A 112 -9.17 18.20 -2.80
C VAL A 112 -8.94 19.66 -2.35
N SER A 113 -9.54 20.60 -3.11
CA SER A 113 -9.50 22.05 -2.80
C SER A 113 -10.50 22.81 -3.70
N GLY A 114 -11.30 23.70 -3.09
CA GLY A 114 -12.25 24.55 -3.83
C GLY A 114 -13.17 25.31 -2.90
N LYS A 115 -14.35 24.74 -2.64
CA LYS A 115 -15.37 25.32 -1.75
C LYS A 115 -15.99 24.19 -0.91
N GLY A 116 -15.63 24.15 0.39
CA GLY A 116 -16.13 23.12 1.32
C GLY A 116 -15.80 21.70 0.88
N ASP A 117 -16.76 20.78 1.06
CA ASP A 117 -16.62 19.36 0.68
C ASP A 117 -16.75 19.17 -0.85
N GLN A 118 -16.39 17.98 -1.33
CA GLN A 118 -16.40 17.63 -2.76
C GLN A 118 -17.16 16.29 -2.94
N THR A 119 -17.90 16.17 -4.05
CA THR A 119 -18.65 14.96 -4.42
C THR A 119 -17.68 13.80 -4.80
N PHE A 120 -17.59 12.80 -3.91
CA PHE A 120 -16.87 11.53 -4.17
C PHE A 120 -17.90 10.41 -4.32
N LYS A 121 -18.03 9.85 -5.54
CA LYS A 121 -18.92 8.70 -5.78
C LYS A 121 -18.07 7.42 -5.64
N ALA A 122 -18.38 6.61 -4.62
CA ALA A 122 -17.68 5.34 -4.35
C ALA A 122 -18.25 4.21 -5.21
N THR A 123 -17.39 3.23 -5.56
CA THR A 123 -17.78 2.00 -6.27
C THR A 123 -17.37 0.75 -5.46
N LYS A 124 -16.20 0.81 -4.82
CA LYS A 124 -15.59 -0.33 -4.11
C LYS A 124 -14.85 0.14 -2.84
N GLN A 125 -14.64 -0.78 -1.89
CA GLN A 125 -13.68 -0.66 -0.77
C GLN A 125 -12.97 -2.00 -0.59
N GLN A 126 -11.85 -1.97 0.14
CA GLN A 126 -11.20 -3.18 0.67
C GLN A 126 -10.53 -2.82 2.00
N GLN A 127 -10.52 -3.77 2.93
CA GLN A 127 -10.04 -3.55 4.29
C GLN A 127 -8.59 -4.04 4.43
N ILE A 128 -7.79 -3.24 5.16
CA ILE A 128 -6.43 -3.59 5.59
C ILE A 128 -6.42 -3.50 7.13
N ASP A 129 -5.44 -4.18 7.78
CA ASP A 129 -5.24 -4.10 9.23
C ASP A 129 -5.04 -2.62 9.66
N LYS A 130 -6.11 -2.07 10.28
CA LYS A 130 -6.16 -0.70 10.82
C LYS A 130 -6.08 0.39 9.70
N ALA A 131 -6.56 0.04 8.49
CA ALA A 131 -6.63 1.00 7.35
C ALA A 131 -7.78 0.63 6.40
N THR A 132 -8.80 1.51 6.33
CA THR A 132 -10.02 1.27 5.51
C THR A 132 -10.08 2.29 4.37
N TYR A 133 -9.72 1.87 3.14
CA TYR A 133 -9.71 2.75 1.95
C TYR A 133 -10.90 2.47 1.04
N LEU A 134 -11.18 3.46 0.16
CA LEU A 134 -12.23 3.43 -0.86
C LEU A 134 -11.59 3.47 -2.24
N TYR A 135 -12.40 3.14 -3.23
CA TYR A 135 -12.13 3.33 -4.64
C TYR A 135 -13.38 3.97 -5.27
N GLY A 136 -13.18 5.06 -6.01
CA GLY A 136 -14.27 5.73 -6.71
C GLY A 136 -13.76 6.79 -7.67
N THR A 137 -14.65 7.71 -8.07
CA THR A 137 -14.37 8.70 -9.12
C THR A 137 -14.69 10.13 -8.64
N VAL A 138 -13.84 11.10 -9.04
CA VAL A 138 -14.03 12.54 -8.83
C VAL A 138 -13.65 13.30 -10.13
N ASN A 139 -14.67 13.55 -10.97
CA ASN A 139 -14.53 14.22 -12.29
C ASN A 139 -13.48 13.51 -13.17
N GLY A 140 -13.78 12.25 -13.53
CA GLY A 140 -12.91 11.45 -14.41
C GLY A 140 -11.75 10.76 -13.71
N LYS A 141 -11.25 11.34 -12.60
CA LYS A 141 -10.08 10.82 -11.86
C LYS A 141 -10.49 9.67 -10.92
N SER A 142 -9.57 8.72 -10.72
CA SER A 142 -9.73 7.63 -9.75
C SER A 142 -8.99 7.99 -8.45
N GLY A 143 -9.64 7.74 -7.30
CA GLY A 143 -9.11 8.13 -6.00
C GLY A 143 -9.25 7.04 -4.95
N TRP A 144 -8.09 6.52 -4.49
CA TRP A 144 -8.03 5.56 -3.37
C TRP A 144 -7.87 6.36 -2.06
N ILE A 145 -9.00 6.72 -1.47
CA ILE A 145 -9.05 7.59 -0.28
C ILE A 145 -9.50 6.78 0.95
N SER A 146 -8.81 6.95 2.08
CA SER A 146 -9.18 6.28 3.33
C SER A 146 -10.35 7.02 4.03
N LYS A 147 -11.13 6.27 4.83
CA LYS A 147 -12.30 6.81 5.57
C LYS A 147 -11.88 7.85 6.61
N TYR A 148 -10.62 7.76 7.06
CA TYR A 148 -10.04 8.65 8.07
C TYR A 148 -9.81 10.06 7.49
N TYR A 149 -9.83 10.16 6.15
CA TYR A 149 -9.79 11.43 5.42
C TYR A 149 -11.21 11.89 5.02
N LEU A 150 -12.06 10.91 4.66
CA LEU A 150 -13.37 11.15 4.02
C LEU A 150 -14.43 11.48 5.09
N THR A 151 -15.16 12.59 4.88
CA THR A 151 -16.21 13.04 5.81
C THR A 151 -17.54 12.28 5.54
N ALA A 152 -17.86 11.33 6.43
CA ALA A 152 -19.12 10.56 6.37
C ALA A 152 -19.68 10.44 7.81
N ASN A 1 22.07 -23.56 9.45
CA ASN A 1 22.37 -23.69 8.00
C ASN A 1 21.36 -22.88 7.16
N ASN A 2 21.60 -22.85 5.85
CA ASN A 2 20.74 -22.15 4.87
C ASN A 2 19.75 -23.14 4.20
N GLN A 3 18.52 -22.67 3.97
CA GLN A 3 17.46 -23.45 3.28
C GLN A 3 16.33 -22.49 2.90
N LEU A 4 16.12 -22.27 1.60
CA LEU A 4 15.07 -21.38 1.10
C LEU A 4 13.69 -22.08 1.16
N THR A 5 13.02 -21.93 2.29
CA THR A 5 11.64 -22.37 2.47
C THR A 5 10.72 -21.16 2.24
N VAL A 6 10.11 -21.11 1.04
CA VAL A 6 9.26 -19.98 0.64
C VAL A 6 7.92 -20.05 1.38
N THR A 7 7.63 -18.99 2.12
CA THR A 7 6.50 -18.90 3.06
C THR A 7 5.30 -18.17 2.40
N ASN A 8 4.08 -18.71 2.61
CA ASN A 8 2.84 -18.10 2.10
C ASN A 8 2.29 -17.07 3.12
N ASN A 9 2.21 -15.79 2.69
CA ASN A 9 1.71 -14.69 3.55
C ASN A 9 1.14 -13.56 2.69
N SER A 10 -0.02 -13.01 3.11
CA SER A 10 -0.67 -11.88 2.43
C SER A 10 -0.84 -10.72 3.43
N GLY A 11 -0.71 -9.50 2.91
CA GLY A 11 -0.87 -8.29 3.70
C GLY A 11 -0.58 -7.06 2.88
N VAL A 12 -0.36 -5.93 3.57
CA VAL A 12 0.15 -4.69 2.97
C VAL A 12 1.40 -4.26 3.75
N ALA A 13 2.40 -3.73 3.02
CA ALA A 13 3.69 -3.34 3.61
C ALA A 13 4.44 -2.37 2.68
N GLN A 14 5.20 -1.48 3.32
CA GLN A 14 6.12 -0.55 2.65
C GLN A 14 7.49 -0.67 3.31
N ILE A 15 8.52 -0.36 2.53
CA ILE A 15 9.92 -0.38 2.98
C ILE A 15 10.28 1.03 3.49
N ASN A 16 11.18 1.15 4.50
CA ASN A 16 11.59 2.48 5.02
C ASN A 16 12.50 3.21 4.01
N ALA A 17 12.52 4.55 4.12
CA ALA A 17 13.21 5.42 3.15
C ALA A 17 14.74 5.26 3.20
N LYS A 18 15.27 5.05 4.41
CA LYS A 18 16.73 5.04 4.69
C LYS A 18 17.24 3.62 4.98
N ASN A 19 16.71 2.62 4.26
CA ASN A 19 17.03 1.19 4.49
C ASN A 19 18.26 0.73 3.65
N SER A 20 18.54 -0.59 3.65
CA SER A 20 19.56 -1.21 2.77
C SER A 20 19.15 -1.08 1.29
N GLY A 21 17.99 -1.66 0.95
CA GLY A 21 17.42 -1.61 -0.38
C GLY A 21 16.48 -2.77 -0.65
N LEU A 22 16.31 -3.10 -1.94
CA LEU A 22 15.45 -4.19 -2.42
C LEU A 22 16.34 -5.36 -2.87
N TYR A 23 16.06 -6.55 -2.33
CA TYR A 23 16.77 -7.78 -2.65
C TYR A 23 16.23 -8.38 -3.96
N THR A 24 17.01 -8.20 -5.04
CA THR A 24 16.66 -8.66 -6.40
C THR A 24 16.39 -10.18 -6.45
N THR A 25 17.23 -10.95 -5.74
CA THR A 25 17.00 -12.37 -5.41
C THR A 25 17.16 -12.54 -3.89
N VAL A 26 17.04 -13.79 -3.40
CA VAL A 26 17.27 -14.10 -1.97
C VAL A 26 18.76 -13.99 -1.62
N TYR A 27 19.65 -14.33 -2.60
CA TYR A 27 21.10 -14.05 -2.48
C TYR A 27 21.38 -12.57 -2.71
N ASP A 28 20.52 -11.94 -3.52
CA ASP A 28 20.54 -10.49 -3.85
C ASP A 28 21.85 -10.04 -4.59
N THR A 29 21.71 -9.02 -5.44
CA THR A 29 22.84 -8.42 -6.15
C THR A 29 23.61 -7.46 -5.22
N LYS A 30 22.87 -6.56 -4.52
CA LYS A 30 23.49 -5.46 -3.77
C LYS A 30 22.50 -4.91 -2.70
N GLY A 31 21.20 -4.85 -3.04
CA GLY A 31 20.19 -4.21 -2.20
C GLY A 31 19.97 -2.77 -2.64
N LYS A 32 19.01 -2.57 -3.57
CA LYS A 32 18.83 -1.29 -4.28
C LYS A 32 17.61 -0.51 -3.75
N THR A 33 17.85 0.68 -3.16
CA THR A 33 16.78 1.58 -2.69
C THR A 33 15.94 2.09 -3.88
N THR A 34 14.62 1.94 -3.78
CA THR A 34 13.68 2.08 -4.91
C THR A 34 12.38 2.80 -4.44
N ASN A 35 11.37 2.93 -5.33
CA ASN A 35 10.10 3.67 -5.07
C ASN A 35 9.25 3.05 -3.91
N GLN A 36 9.72 1.94 -3.34
CA GLN A 36 9.09 1.27 -2.18
C GLN A 36 9.41 1.95 -0.83
N ILE A 37 10.19 3.06 -0.90
CA ILE A 37 10.75 3.83 0.24
C ILE A 37 9.71 4.61 1.10
N GLN A 38 8.64 3.88 1.50
CA GLN A 38 7.40 4.36 2.13
C GLN A 38 6.36 4.71 1.07
N ARG A 39 6.11 3.67 0.24
CA ARG A 39 4.94 3.52 -0.63
C ARG A 39 4.40 2.09 -0.42
N THR A 40 3.22 1.97 0.22
CA THR A 40 2.60 0.68 0.54
C THR A 40 2.19 -0.11 -0.73
N LEU A 41 2.86 -1.24 -0.98
CA LEU A 41 2.52 -2.11 -2.12
C LEU A 41 1.62 -3.26 -1.66
N SER A 42 2.25 -4.25 -0.99
CA SER A 42 1.59 -5.46 -0.45
C SER A 42 2.65 -6.48 -0.05
N VAL A 43 2.30 -7.35 0.89
CA VAL A 43 3.00 -8.62 1.11
C VAL A 43 2.39 -9.63 0.13
N THR A 44 3.12 -9.89 -0.95
CA THR A 44 2.68 -10.80 -2.03
C THR A 44 3.11 -12.23 -1.70
N LYS A 45 4.25 -12.36 -1.00
CA LYS A 45 4.82 -13.65 -0.56
C LYS A 45 5.91 -13.38 0.50
N ALA A 46 6.42 -14.46 1.11
CA ALA A 46 7.55 -14.43 2.05
C ALA A 46 8.44 -15.66 1.80
N ALA A 47 9.59 -15.72 2.50
CA ALA A 47 10.54 -16.85 2.39
C ALA A 47 11.49 -16.87 3.57
N THR A 48 11.45 -17.93 4.37
CA THR A 48 12.39 -18.15 5.46
C THR A 48 13.64 -18.89 4.93
N LEU A 49 14.75 -18.15 4.73
CA LEU A 49 16.05 -18.72 4.35
C LEU A 49 16.96 -18.62 5.57
N GLY A 50 17.19 -19.78 6.22
CA GLY A 50 18.00 -19.86 7.43
C GLY A 50 17.37 -19.08 8.59
N ASP A 51 17.95 -17.91 8.91
CA ASP A 51 17.50 -17.04 10.01
C ASP A 51 16.70 -15.84 9.48
N LYS A 52 17.01 -15.40 8.25
CA LYS A 52 16.43 -14.18 7.66
C LYS A 52 15.17 -14.49 6.86
N LYS A 53 14.13 -13.66 7.07
CA LYS A 53 12.89 -13.69 6.28
C LYS A 53 12.98 -12.64 5.15
N PHE A 54 12.73 -13.11 3.93
CA PHE A 54 12.65 -12.30 2.72
C PHE A 54 11.20 -12.20 2.29
N TYR A 55 10.67 -10.99 2.19
CA TYR A 55 9.28 -10.75 1.78
C TYR A 55 9.24 -10.28 0.32
N LEU A 56 8.55 -11.08 -0.52
CA LEU A 56 8.30 -10.74 -1.92
C LEU A 56 7.22 -9.63 -1.94
N VAL A 57 7.64 -8.44 -2.36
CA VAL A 57 6.76 -7.28 -2.49
C VAL A 57 6.32 -7.12 -3.95
N GLY A 58 5.07 -6.68 -4.11
CA GLY A 58 4.47 -6.47 -5.43
C GLY A 58 3.47 -5.34 -5.38
N ASP A 59 3.38 -4.56 -6.46
CA ASP A 59 2.46 -3.41 -6.56
C ASP A 59 1.00 -3.89 -6.38
N TYR A 60 0.23 -3.15 -5.58
CA TYR A 60 -1.14 -3.54 -5.21
C TYR A 60 -2.08 -3.61 -6.43
N ASN A 61 -1.96 -2.61 -7.31
CA ASN A 61 -2.90 -2.41 -8.43
C ASN A 61 -2.47 -3.23 -9.66
N THR A 62 -1.23 -3.01 -10.13
CA THR A 62 -0.70 -3.66 -11.34
C THR A 62 -0.30 -5.12 -11.10
N GLY A 63 0.05 -5.45 -9.83
CA GLY A 63 0.49 -6.81 -9.47
C GLY A 63 1.92 -7.11 -9.92
N THR A 64 2.72 -6.04 -10.08
CA THR A 64 4.11 -6.15 -10.54
C THR A 64 5.03 -6.54 -9.36
N ASN A 65 5.57 -7.77 -9.38
CA ASN A 65 6.54 -8.21 -8.37
C ASN A 65 7.90 -7.52 -8.62
N TYR A 66 8.50 -6.97 -7.57
CA TYR A 66 9.79 -6.26 -7.66
C TYR A 66 10.93 -7.18 -7.22
N GLY A 67 10.72 -7.89 -6.11
CA GLY A 67 11.70 -8.80 -5.57
C GLY A 67 11.51 -9.02 -4.08
N TRP A 68 12.46 -9.74 -3.49
CA TRP A 68 12.51 -10.02 -2.05
C TRP A 68 13.03 -8.80 -1.29
N VAL A 69 12.79 -8.74 0.02
CA VAL A 69 13.35 -7.67 0.89
C VAL A 69 13.53 -8.21 2.31
N LYS A 70 14.48 -7.65 3.09
CA LYS A 70 14.66 -8.04 4.51
C LYS A 70 13.39 -7.68 5.30
N GLN A 71 12.98 -8.59 6.21
CA GLN A 71 11.82 -8.38 7.11
C GLN A 71 11.98 -7.10 7.96
N ASP A 72 13.25 -6.73 8.18
CA ASP A 72 13.65 -5.58 9.00
C ASP A 72 13.29 -4.24 8.33
N GLU A 73 13.23 -4.23 6.98
CA GLU A 73 13.02 -2.99 6.19
C GLU A 73 11.54 -2.60 6.16
N VAL A 74 10.64 -3.59 6.24
CA VAL A 74 9.19 -3.39 6.05
C VAL A 74 8.45 -3.11 7.37
N ILE A 75 7.49 -2.18 7.27
CA ILE A 75 6.45 -1.95 8.29
C ILE A 75 5.15 -2.59 7.77
N TYR A 76 4.66 -3.59 8.50
CA TYR A 76 3.58 -4.49 8.06
C TYR A 76 2.23 -4.14 8.72
N ASN A 77 1.15 -4.39 7.96
CA ASN A 77 -0.24 -4.37 8.46
C ASN A 77 -1.02 -5.44 7.68
N THR A 78 -2.04 -6.07 8.29
CA THR A 78 -2.66 -7.29 7.73
C THR A 78 -3.88 -6.95 6.87
N ALA A 79 -3.77 -7.20 5.55
CA ALA A 79 -4.87 -6.98 4.59
C ALA A 79 -5.98 -8.02 4.77
N LYS A 80 -7.23 -7.61 4.50
CA LYS A 80 -8.41 -8.52 4.43
C LYS A 80 -9.08 -8.36 3.04
N SER A 81 -10.28 -8.95 2.88
CA SER A 81 -11.04 -8.92 1.61
C SER A 81 -11.43 -7.46 1.21
N PRO A 82 -11.07 -7.00 -0.04
CA PRO A 82 -11.54 -5.71 -0.59
C PRO A 82 -13.00 -5.81 -1.06
N VAL A 83 -13.84 -4.85 -0.64
CA VAL A 83 -15.28 -4.82 -0.97
C VAL A 83 -15.54 -3.87 -2.15
N LYS A 84 -16.37 -4.32 -3.09
CA LYS A 84 -16.74 -3.55 -4.28
C LYS A 84 -18.03 -2.74 -4.00
N ILE A 85 -17.89 -1.41 -3.95
CA ILE A 85 -19.01 -0.47 -3.92
C ILE A 85 -18.84 0.53 -5.08
N ASN A 86 -19.91 0.78 -5.84
CA ASN A 86 -19.89 1.75 -6.97
C ASN A 86 -20.88 2.90 -6.72
N GLN A 87 -21.21 3.12 -5.43
CA GLN A 87 -22.15 4.16 -4.99
C GLN A 87 -21.45 5.52 -5.00
N THR A 88 -22.15 6.56 -5.48
CA THR A 88 -21.60 7.91 -5.59
C THR A 88 -21.89 8.70 -4.31
N TYR A 89 -20.82 9.26 -3.73
CA TYR A 89 -20.86 10.13 -2.55
C TYR A 89 -20.38 11.54 -2.95
N ASN A 90 -20.35 12.44 -1.97
CA ASN A 90 -19.68 13.75 -2.09
C ASN A 90 -18.51 13.80 -1.10
N VAL A 91 -17.66 14.83 -1.23
CA VAL A 91 -16.47 14.98 -0.39
C VAL A 91 -16.19 16.47 -0.12
N LYS A 92 -16.10 16.82 1.18
CA LYS A 92 -15.99 18.20 1.67
C LYS A 92 -14.61 18.84 1.31
N PRO A 93 -14.56 20.17 0.95
CA PRO A 93 -13.28 20.91 0.82
C PRO A 93 -12.47 20.88 2.14
N GLY A 94 -11.15 20.67 2.01
CA GLY A 94 -10.25 20.42 3.14
C GLY A 94 -9.80 18.96 3.18
N VAL A 95 -10.65 18.05 2.70
CA VAL A 95 -10.36 16.61 2.64
C VAL A 95 -9.37 16.30 1.50
N LYS A 96 -8.38 15.43 1.78
CA LYS A 96 -7.33 15.03 0.81
C LYS A 96 -7.49 13.57 0.37
N LEU A 97 -7.19 13.29 -0.90
CA LEU A 97 -7.15 11.92 -1.43
C LEU A 97 -5.71 11.39 -1.40
N HIS A 98 -5.57 10.05 -1.30
CA HIS A 98 -4.27 9.39 -1.15
C HIS A 98 -4.14 8.28 -2.21
N THR A 99 -3.12 8.39 -3.09
CA THR A 99 -2.97 7.50 -4.27
C THR A 99 -2.66 6.05 -3.87
N VAL A 100 -1.85 5.89 -2.83
CA VAL A 100 -1.31 4.59 -2.41
C VAL A 100 -2.12 4.06 -1.21
N PRO A 101 -2.65 2.78 -1.27
CA PRO A 101 -3.40 2.13 -0.15
C PRO A 101 -2.62 2.21 1.18
N TRP A 102 -3.34 2.38 2.31
CA TRP A 102 -2.76 2.60 3.67
C TRP A 102 -2.19 4.03 3.80
N GLY A 103 -1.39 4.49 2.82
CA GLY A 103 -1.11 5.92 2.68
C GLY A 103 0.08 6.39 3.49
N THR A 104 1.28 5.99 3.08
CA THR A 104 2.54 6.34 3.76
C THR A 104 3.08 7.64 3.13
N TYR A 105 4.32 8.04 3.44
CA TYR A 105 4.93 9.33 2.98
C TYR A 105 4.77 9.64 1.46
N ASN A 106 4.39 8.63 0.65
CA ASN A 106 4.07 8.82 -0.80
C ASN A 106 2.52 8.93 -1.02
N GLN A 107 1.79 9.50 -0.04
CA GLN A 107 0.30 9.47 -0.04
C GLN A 107 -0.34 10.52 -0.97
N VAL A 108 0.28 11.70 -1.12
CA VAL A 108 -0.36 12.87 -1.80
C VAL A 108 -0.83 12.52 -3.24
N ALA A 109 -2.16 12.38 -3.40
CA ALA A 109 -2.80 12.21 -4.72
C ALA A 109 -3.36 13.56 -5.17
N GLY A 110 -4.27 14.08 -4.34
CA GLY A 110 -4.92 15.36 -4.59
C GLY A 110 -5.56 15.89 -3.32
N THR A 111 -6.23 17.04 -3.45
CA THR A 111 -6.91 17.70 -2.33
C THR A 111 -8.20 18.34 -2.84
N VAL A 112 -9.33 17.85 -2.34
CA VAL A 112 -10.64 18.45 -2.58
C VAL A 112 -10.68 19.81 -1.88
N SER A 113 -10.73 20.88 -2.70
CA SER A 113 -10.71 22.26 -2.21
C SER A 113 -11.10 23.21 -3.37
N GLY A 114 -11.83 24.29 -3.04
CA GLY A 114 -12.36 25.23 -4.03
C GLY A 114 -13.75 25.69 -3.65
N LYS A 115 -14.55 26.09 -4.65
CA LYS A 115 -15.97 26.49 -4.42
C LYS A 115 -16.85 25.23 -4.42
N GLY A 116 -17.47 24.94 -3.28
CA GLY A 116 -18.33 23.77 -3.12
C GLY A 116 -17.55 22.47 -2.86
N ASP A 117 -18.28 21.39 -2.61
CA ASP A 117 -17.72 20.04 -2.41
C ASP A 117 -17.64 19.29 -3.76
N GLN A 118 -16.63 18.41 -3.89
CA GLN A 118 -16.48 17.54 -5.09
C GLN A 118 -17.41 16.32 -4.96
N THR A 119 -17.63 15.66 -6.09
CA THR A 119 -18.42 14.42 -6.15
C THR A 119 -17.46 13.22 -6.11
N PHE A 120 -17.34 12.58 -4.93
CA PHE A 120 -16.46 11.41 -4.75
C PHE A 120 -17.25 10.13 -5.02
N LYS A 121 -17.08 9.56 -6.20
CA LYS A 121 -17.71 8.29 -6.55
C LYS A 121 -16.87 7.15 -6.00
N ALA A 122 -17.45 6.40 -5.05
CA ALA A 122 -16.83 5.17 -4.53
C ALA A 122 -16.72 4.15 -5.66
N THR A 123 -15.53 3.57 -5.83
CA THR A 123 -15.26 2.58 -6.89
C THR A 123 -14.84 1.25 -6.24
N LYS A 124 -14.19 1.37 -5.08
CA LYS A 124 -13.54 0.26 -4.39
C LYS A 124 -13.34 0.67 -2.91
N GLN A 125 -13.27 -0.32 -2.02
CA GLN A 125 -12.81 -0.11 -0.63
C GLN A 125 -12.02 -1.36 -0.21
N GLN A 126 -11.13 -1.22 0.76
CA GLN A 126 -10.30 -2.34 1.23
C GLN A 126 -10.21 -2.33 2.75
N GLN A 127 -10.79 -3.38 3.35
CA GLN A 127 -10.70 -3.61 4.79
C GLN A 127 -9.30 -4.14 5.10
N ILE A 128 -8.44 -3.29 5.68
CA ILE A 128 -7.13 -3.69 6.21
C ILE A 128 -7.25 -3.70 7.75
N ASP A 129 -6.25 -4.28 8.44
CA ASP A 129 -6.29 -4.54 9.90
C ASP A 129 -6.55 -3.24 10.72
N LYS A 130 -7.83 -3.09 11.13
CA LYS A 130 -8.35 -1.96 11.94
C LYS A 130 -8.34 -0.61 11.18
N ALA A 131 -8.40 -0.66 9.84
CA ALA A 131 -8.44 0.55 8.99
C ALA A 131 -8.95 0.22 7.57
N THR A 132 -10.11 0.80 7.18
CA THR A 132 -10.69 0.65 5.84
C THR A 132 -10.38 1.88 4.99
N TYR A 133 -9.76 1.67 3.82
CA TYR A 133 -9.39 2.75 2.88
C TYR A 133 -10.33 2.70 1.67
N LEU A 134 -11.13 3.77 1.49
CA LEU A 134 -12.19 3.80 0.47
C LEU A 134 -11.66 4.51 -0.78
N TYR A 135 -11.39 3.73 -1.83
CA TYR A 135 -10.75 4.20 -3.05
C TYR A 135 -11.82 4.65 -4.07
N GLY A 136 -11.72 5.91 -4.52
CA GLY A 136 -12.61 6.47 -5.54
C GLY A 136 -11.89 7.49 -6.40
N THR A 137 -12.65 8.33 -7.12
CA THR A 137 -12.09 9.27 -8.11
C THR A 137 -12.88 10.59 -8.17
N VAL A 138 -12.15 11.74 -8.26
CA VAL A 138 -12.73 13.07 -8.54
C VAL A 138 -11.91 13.76 -9.65
N ASN A 139 -12.60 14.37 -10.64
CA ASN A 139 -11.99 15.21 -11.71
C ASN A 139 -11.00 14.39 -12.59
N GLY A 140 -11.19 13.06 -12.62
CA GLY A 140 -10.34 12.16 -13.41
C GLY A 140 -9.15 11.58 -12.63
N LYS A 141 -8.88 12.13 -11.43
CA LYS A 141 -7.73 11.71 -10.58
C LYS A 141 -8.26 10.85 -9.40
N SER A 142 -7.69 9.64 -9.25
CA SER A 142 -8.15 8.66 -8.24
C SER A 142 -7.25 8.64 -6.98
N GLY A 143 -7.89 8.38 -5.82
CA GLY A 143 -7.20 8.23 -4.53
C GLY A 143 -8.18 7.86 -3.42
N TRP A 144 -7.70 7.12 -2.38
CA TRP A 144 -8.54 6.70 -1.24
C TRP A 144 -8.73 7.85 -0.24
N ILE A 145 -9.86 7.78 0.48
CA ILE A 145 -10.11 8.59 1.68
C ILE A 145 -10.73 7.67 2.77
N SER A 146 -10.32 7.92 4.04
CA SER A 146 -10.86 7.22 5.20
C SER A 146 -12.36 7.53 5.34
N LYS A 147 -13.14 6.51 5.72
CA LYS A 147 -14.61 6.58 5.72
C LYS A 147 -15.16 7.54 6.79
N TYR A 148 -14.27 8.01 7.70
CA TYR A 148 -14.60 9.03 8.71
C TYR A 148 -14.64 10.44 8.08
N TYR A 149 -13.70 10.69 7.14
CA TYR A 149 -13.62 11.97 6.39
C TYR A 149 -14.56 11.94 5.15
N LEU A 150 -14.97 10.72 4.74
CA LEU A 150 -15.93 10.53 3.64
C LEU A 150 -17.25 11.24 4.00
N THR A 151 -17.62 12.23 3.17
CA THR A 151 -18.77 13.10 3.42
C THR A 151 -20.06 12.41 2.93
N ALA A 152 -21.12 12.49 3.75
CA ALA A 152 -22.36 11.72 3.53
C ALA A 152 -23.56 12.48 4.13
#